data_9R3L
#
_entry.id   9R3L
#
_cell.length_a   110.88
_cell.length_b   111.312
_cell.length_c   118.978
_cell.angle_alpha   103.6
_cell.angle_beta   104.13
_cell.angle_gamma   118.12
#
_symmetry.space_group_name_H-M   'P 1'
#
loop_
_entity.id
_entity.type
_entity.pdbx_description
1 polymer 'Isoform L-type of Pyruvate kinase PKLR'
2 non-polymer 'OXALATE ION'
3 non-polymer 4-[4-[[7-(azetidin-1-yl)-2,1,3-benzoxadiazol-4-yl]sulfonyl]piperazin-1-yl]sulfonylbenzene-1,2-diol
4 non-polymer 1,6-di-O-phosphono-beta-D-fructofuranose
5 non-polymer 'MAGNESIUM ION'
6 non-polymer 'POTASSIUM ION'
7 water water
#
_entity_poly.entity_id   1
_entity_poly.type   'polypeptide(L)'
_entity_poly.pdbx_seq_one_letter_code
;GSMEGPAGYLRRADVAQLTQELGTAFFQQQQLPAAMADTFLEHLCLLDIDSEPVAARSTSIIATIGPASRSVERLKEMIK
AGMNIARLNFSHGSHEYHAESIANVREAVESFAGSPLSYRPVAIALDTKGPGSGPGLSEQDVRDLRFGVEHGVDIVFASF
VRKASDVAAVRAALGPEGHGIKIISKIENHEGVKRFDEILEVSDGIMVARGDLGIEIPAEKVFLAQKMMIGRCNLAGKPV
VCATQMLESMITKPRPTRAETSDVANAVLDGADCIMLSGETAKGNFPVEAVKMQHAIAREAEAAVYHRQLFEELRRAAPL
SRDPTEVTAIGAVEAAFKCCAAAIIVLTTTGRSAQLLSRYRPRAAVIAVTRSAQAARQVHLCRGVFPLLYREPPEAIWAD
DVDRRVQFGIESGKLRGFLRVGDLVIVVTGWRPGSGYTNIMRVLSIS
;
_entity_poly.pdbx_strand_id   A,B,C,D,E,F,G,H
#
loop_
_chem_comp.id
_chem_comp.type
_chem_comp.name
_chem_comp.formula
A1JB0 non-polymer 4-[4-[[7-(azetidin-1-yl)-2,1,3-benzoxadiazol-4-yl]sulfonyl]piperazin-1-yl]sulfonylbenzene-1,2-diol 'C19 H21 N5 O7 S2'
FBP D-saccharide, beta linking 1,6-di-O-phosphono-beta-D-fructofuranose 'C6 H14 O12 P2'
K non-polymer 'POTASSIUM ION' 'K 1'
MG non-polymer 'MAGNESIUM ION' 'Mg 2'
OXL non-polymer 'OXALATE ION' 'C2 O4 -2'
#
# COMPACT_ATOMS: atom_id res chain seq x y z
N GLY A 23 11.16 26.98 37.40
CA GLY A 23 10.74 26.33 36.16
C GLY A 23 11.22 27.08 34.93
N THR A 24 10.51 28.17 34.56
CA THR A 24 10.83 29.02 33.40
C THR A 24 10.38 30.49 33.67
N ALA A 25 10.83 31.05 34.81
CA ALA A 25 10.53 32.35 35.45
C ALA A 25 10.42 33.62 34.55
N PHE A 26 9.57 34.58 35.01
CA PHE A 26 9.28 35.92 34.48
C PHE A 26 8.65 35.92 33.06
N PHE A 27 7.48 35.29 32.92
N PHE A 27 7.48 35.26 32.92
CA PHE A 27 6.78 35.22 31.64
CA PHE A 27 6.77 35.20 31.63
C PHE A 27 5.52 36.07 31.62
C PHE A 27 5.51 36.09 31.66
N GLN A 28 5.72 37.40 31.71
CA GLN A 28 4.64 38.39 31.66
C GLN A 28 4.34 38.81 30.17
N GLN A 29 5.21 38.39 29.22
CA GLN A 29 5.20 38.64 27.79
C GLN A 29 4.17 37.82 27.02
N GLN A 30 3.92 38.25 25.75
CA GLN A 30 2.99 37.76 24.74
C GLN A 30 1.56 37.66 25.24
N GLN A 31 1.18 38.65 26.07
CA GLN A 31 -0.16 38.83 26.66
C GLN A 31 -0.67 37.60 27.37
N LEU A 32 0.23 36.82 27.99
CA LEU A 32 -0.17 35.62 28.70
C LEU A 32 -1.10 35.89 29.90
N PRO A 33 -0.96 36.99 30.69
CA PRO A 33 -1.95 37.25 31.75
C PRO A 33 -3.36 37.47 31.18
N ALA A 34 -3.46 38.15 30.03
CA ALA A 34 -4.74 38.41 29.37
C ALA A 34 -5.31 37.13 28.75
N ALA A 35 -4.44 36.23 28.26
CA ALA A 35 -4.88 34.96 27.65
C ALA A 35 -5.41 33.95 28.67
N MET A 36 -4.97 34.08 29.93
CA MET A 36 -5.41 33.20 31.00
C MET A 36 -6.67 33.69 31.73
N ALA A 37 -7.26 34.83 31.30
CA ALA A 37 -8.46 35.37 31.92
C ALA A 37 -9.66 34.47 31.74
N ASP A 38 -10.59 34.51 32.68
CA ASP A 38 -11.77 33.67 32.63
C ASP A 38 -12.91 34.25 31.79
N THR A 39 -12.90 35.58 31.56
CA THR A 39 -13.89 36.21 30.68
C THR A 39 -13.22 37.08 29.63
N PHE A 40 -13.93 37.41 28.56
CA PHE A 40 -13.43 38.32 27.54
C PHE A 40 -13.26 39.74 28.10
N LEU A 41 -14.17 40.15 29.01
CA LEU A 41 -14.08 41.47 29.64
C LEU A 41 -12.84 41.51 30.54
N GLU A 42 -12.57 40.44 31.28
CA GLU A 42 -11.36 40.33 32.12
C GLU A 42 -10.10 40.29 31.24
N HIS A 43 -10.21 39.66 30.06
CA HIS A 43 -9.16 39.56 29.06
C HIS A 43 -8.80 40.95 28.55
N LEU A 44 -9.80 41.77 28.22
CA LEU A 44 -9.57 43.15 27.75
C LEU A 44 -8.87 43.96 28.83
N CYS A 45 -9.33 43.84 30.09
CA CYS A 45 -8.77 44.54 31.24
C CYS A 45 -7.32 44.14 31.54
N LEU A 46 -6.90 42.94 31.13
CA LEU A 46 -5.54 42.47 31.37
C LEU A 46 -4.57 42.70 30.18
N LEU A 47 -4.99 43.40 29.13
CA LEU A 47 -4.11 43.68 28.01
C LEU A 47 -3.06 44.70 28.47
N ASP A 48 -1.79 44.42 28.21
CA ASP A 48 -0.70 45.26 28.70
C ASP A 48 0.19 45.75 27.55
N ILE A 49 0.40 47.07 27.45
CA ILE A 49 1.28 47.63 26.42
C ILE A 49 2.76 47.22 26.63
N ASP A 50 3.14 46.92 27.88
CA ASP A 50 4.49 46.46 28.20
C ASP A 50 4.70 44.94 28.03
N SER A 51 3.66 44.20 27.66
CA SER A 51 3.75 42.77 27.43
C SER A 51 4.20 42.61 25.97
N GLU A 52 5.50 42.44 25.74
CA GLU A 52 6.01 42.36 24.38
C GLU A 52 5.76 41.01 23.69
N PRO A 53 5.27 41.06 22.43
CA PRO A 53 5.03 39.81 21.70
C PRO A 53 6.32 39.07 21.40
N VAL A 54 6.36 37.76 21.67
CA VAL A 54 7.57 36.99 21.44
C VAL A 54 7.45 36.02 20.27
N ALA A 55 6.25 35.49 20.03
CA ALA A 55 6.03 34.57 18.94
C ALA A 55 6.20 35.23 17.55
N ALA A 56 6.44 34.40 16.51
CA ALA A 56 6.59 34.87 15.14
C ALA A 56 5.22 35.32 14.64
N ARG A 57 5.20 36.33 13.76
CA ARG A 57 4.00 36.86 13.15
C ARG A 57 3.33 35.83 12.24
N SER A 58 2.11 35.46 12.59
CA SER A 58 1.33 34.43 11.90
C SER A 58 0.42 34.89 10.72
N THR A 59 -0.17 36.10 10.79
CA THR A 59 -1.01 36.61 9.69
C THR A 59 -0.15 37.01 8.52
N SER A 60 -0.34 36.38 7.35
CA SER A 60 0.48 36.70 6.18
C SER A 60 0.21 38.06 5.59
N ILE A 61 1.24 38.63 4.98
CA ILE A 61 1.16 39.93 4.37
C ILE A 61 1.22 39.77 2.85
N ILE A 62 0.20 40.31 2.16
CA ILE A 62 0.15 40.31 0.69
C ILE A 62 0.57 41.73 0.23
N ALA A 63 1.60 41.82 -0.61
CA ALA A 63 2.11 43.11 -1.05
C ALA A 63 1.93 43.15 -2.54
N THR A 64 1.25 44.20 -3.04
CA THR A 64 1.01 44.37 -4.48
C THR A 64 2.22 44.91 -5.12
N ILE A 65 2.63 44.31 -6.23
CA ILE A 65 3.85 44.74 -6.90
C ILE A 65 3.56 45.74 -7.98
N GLY A 66 4.23 46.90 -7.89
CA GLY A 66 4.09 47.99 -8.85
C GLY A 66 5.39 48.73 -9.08
N PRO A 67 5.32 49.94 -9.66
CA PRO A 67 6.53 50.73 -9.92
C PRO A 67 7.40 50.97 -8.69
N ALA A 68 6.78 51.18 -7.54
CA ALA A 68 7.50 51.44 -6.29
C ALA A 68 8.14 50.20 -5.66
N SER A 69 7.85 49.01 -6.20
CA SER A 69 8.32 47.80 -5.59
C SER A 69 8.87 46.73 -6.50
N ARG A 70 8.96 46.93 -7.84
CA ARG A 70 9.47 45.82 -8.66
C ARG A 70 11.03 45.81 -8.76
N SER A 71 11.74 46.74 -8.12
CA SER A 71 13.22 46.70 -8.10
C SER A 71 13.64 45.41 -7.37
N VAL A 72 14.57 44.62 -7.92
CA VAL A 72 15.04 43.39 -7.27
C VAL A 72 15.59 43.67 -5.87
N GLU A 73 16.36 44.73 -5.67
CA GLU A 73 16.91 45.05 -4.35
C GLU A 73 15.84 45.51 -3.36
N ARG A 74 14.78 46.16 -3.88
CA ARG A 74 13.66 46.60 -3.07
C ARG A 74 12.84 45.38 -2.64
N LEU A 75 12.62 44.43 -3.55
CA LEU A 75 11.88 43.19 -3.26
C LEU A 75 12.58 42.38 -2.20
N LYS A 76 13.94 42.38 -2.20
CA LYS A 76 14.73 41.69 -1.18
C LYS A 76 14.47 42.29 0.17
N GLU A 77 14.38 43.63 0.25
CA GLU A 77 14.09 44.41 1.47
C GLU A 77 12.69 44.07 1.99
N MET A 78 11.72 43.87 1.09
CA MET A 78 10.34 43.54 1.44
C MET A 78 10.16 42.11 1.90
N ILE A 79 10.99 41.20 1.40
CA ILE A 79 10.97 39.83 1.87
C ILE A 79 11.53 39.82 3.29
N LYS A 80 12.59 40.59 3.57
CA LYS A 80 13.14 40.67 4.91
C LYS A 80 12.14 41.32 5.90
N ALA A 81 11.42 42.35 5.44
CA ALA A 81 10.40 43.06 6.22
C ALA A 81 9.19 42.16 6.59
N GLY A 82 8.93 41.14 5.78
CA GLY A 82 7.83 40.20 6.01
C GLY A 82 6.78 39.98 4.93
N MET A 83 7.05 40.33 3.66
CA MET A 83 6.08 40.07 2.57
C MET A 83 6.06 38.56 2.35
N ASN A 84 4.88 37.96 2.31
CA ASN A 84 4.73 36.51 2.13
C ASN A 84 4.18 36.18 0.76
N ILE A 85 3.28 37.03 0.24
CA ILE A 85 2.63 36.83 -1.06
C ILE A 85 2.68 38.13 -1.84
N ALA A 86 3.13 38.06 -3.11
CA ALA A 86 3.22 39.12 -4.12
C ALA A 86 1.92 39.14 -4.95
N ARG A 87 1.12 40.21 -4.85
CA ARG A 87 -0.08 40.32 -5.67
C ARG A 87 0.29 41.09 -6.92
N LEU A 88 -0.25 40.64 -8.05
CA LEU A 88 -0.07 41.25 -9.36
C LEU A 88 -1.47 41.71 -9.78
N ASN A 89 -1.68 43.01 -9.87
CA ASN A 89 -2.98 43.57 -10.19
C ASN A 89 -3.14 43.64 -11.72
N PHE A 90 -3.85 42.66 -12.29
CA PHE A 90 -4.05 42.63 -13.74
C PHE A 90 -5.05 43.68 -14.25
N SER A 91 -5.37 44.68 -13.40
CA SER A 91 -6.19 45.84 -13.73
C SER A 91 -5.32 46.95 -14.41
N HIS A 92 -4.01 46.94 -14.13
CA HIS A 92 -3.01 47.81 -14.73
C HIS A 92 -1.90 46.91 -15.31
N GLY A 93 -1.08 47.45 -16.19
CA GLY A 93 0.05 46.73 -16.74
C GLY A 93 -0.23 45.70 -17.82
N SER A 94 0.76 45.49 -18.69
CA SER A 94 0.69 44.54 -19.78
C SER A 94 1.21 43.15 -19.36
N HIS A 95 1.03 42.13 -20.20
CA HIS A 95 1.54 40.79 -19.90
C HIS A 95 3.08 40.83 -19.77
N GLU A 96 3.75 41.67 -20.57
CA GLU A 96 5.20 41.83 -20.54
C GLU A 96 5.67 42.43 -19.19
N TYR A 97 4.88 43.38 -18.69
CA TYR A 97 5.14 44.05 -17.44
C TYR A 97 5.01 43.09 -16.27
N HIS A 98 3.96 42.26 -16.30
CA HIS A 98 3.70 41.32 -15.24
C HIS A 98 4.66 40.15 -15.24
N ALA A 99 5.11 39.72 -16.41
CA ALA A 99 6.11 38.66 -16.49
C ALA A 99 7.44 39.14 -15.89
N GLU A 100 7.78 40.43 -16.11
CA GLU A 100 8.99 41.03 -15.58
C GLU A 100 8.86 41.20 -14.06
N SER A 101 7.67 41.55 -13.55
CA SER A 101 7.40 41.66 -12.12
C SER A 101 7.60 40.31 -11.44
N ILE A 102 7.02 39.24 -12.03
CA ILE A 102 7.16 37.85 -11.56
C ILE A 102 8.64 37.45 -11.49
N ALA A 103 9.41 37.71 -12.56
CA ALA A 103 10.84 37.40 -12.67
C ALA A 103 11.65 38.13 -11.66
N ASN A 104 11.27 39.39 -11.36
CA ASN A 104 11.96 40.19 -10.34
C ASN A 104 11.69 39.69 -8.95
N VAL A 105 10.47 39.24 -8.72
CA VAL A 105 10.10 38.64 -7.46
C VAL A 105 10.87 37.33 -7.26
N ARG A 106 10.79 36.41 -8.21
CA ARG A 106 11.51 35.16 -8.14
C ARG A 106 13.02 35.31 -7.98
N GLU A 107 13.62 36.34 -8.63
CA GLU A 107 15.05 36.61 -8.49
C GLU A 107 15.40 37.02 -7.05
N ALA A 108 14.58 37.89 -6.45
CA ALA A 108 14.78 38.33 -5.08
C ALA A 108 14.50 37.23 -4.07
N VAL A 109 13.56 36.32 -4.38
CA VAL A 109 13.22 35.21 -3.50
C VAL A 109 14.32 34.16 -3.54
N GLU A 110 14.78 33.80 -4.72
CA GLU A 110 15.83 32.80 -4.88
C GLU A 110 17.21 33.27 -4.46
N SER A 111 17.41 34.58 -4.23
CA SER A 111 18.72 35.07 -3.79
C SER A 111 19.07 34.58 -2.38
N PHE A 112 18.04 34.18 -1.59
CA PHE A 112 18.19 33.65 -0.25
C PHE A 112 18.21 32.12 -0.20
N ALA A 113 18.04 31.43 -1.34
CA ALA A 113 18.05 29.97 -1.39
C ALA A 113 19.41 29.32 -1.13
N GLY A 114 20.45 30.12 -0.97
CA GLY A 114 21.79 29.59 -0.71
C GLY A 114 21.93 29.01 0.68
N SER A 115 21.13 29.54 1.65
CA SER A 115 21.07 29.09 3.04
C SER A 115 19.67 28.55 3.24
N PRO A 116 19.47 27.24 3.02
CA PRO A 116 18.11 26.68 3.09
C PRO A 116 17.43 26.71 4.46
N LEU A 117 18.22 26.87 5.54
CA LEU A 117 17.65 26.95 6.88
C LEU A 117 16.97 28.30 7.16
N SER A 118 17.26 29.32 6.32
CA SER A 118 16.68 30.66 6.48
C SER A 118 15.84 31.12 5.28
N TYR A 119 15.81 30.33 4.18
CA TYR A 119 15.05 30.62 2.97
C TYR A 119 13.56 30.81 3.24
N ARG A 120 13.00 31.92 2.78
CA ARG A 120 11.56 32.18 2.93
C ARG A 120 10.82 32.08 1.61
N PRO A 121 9.97 31.05 1.42
CA PRO A 121 9.18 30.99 0.17
C PRO A 121 8.21 32.18 0.05
N VAL A 122 7.94 32.66 -1.17
CA VAL A 122 7.03 33.80 -1.36
C VAL A 122 6.08 33.40 -2.45
N ALA A 123 4.78 33.41 -2.19
CA ALA A 123 3.78 33.04 -3.19
C ALA A 123 3.54 34.16 -4.19
N ILE A 124 3.14 33.81 -5.43
CA ILE A 124 2.82 34.83 -6.41
C ILE A 124 1.34 34.71 -6.74
N ALA A 125 0.53 35.73 -6.40
CA ALA A 125 -0.90 35.69 -6.67
C ALA A 125 -1.26 36.64 -7.79
N LEU A 126 -2.18 36.22 -8.69
CA LEU A 126 -2.65 37.01 -9.83
C LEU A 126 -4.05 37.54 -9.50
N ASP A 127 -4.23 38.85 -9.45
CA ASP A 127 -5.53 39.44 -9.17
C ASP A 127 -6.11 39.83 -10.49
N THR A 128 -7.18 39.15 -10.93
CA THR A 128 -7.83 39.41 -12.22
C THR A 128 -8.43 40.83 -12.28
N LYS A 129 -8.67 41.34 -13.50
CA LYS A 129 -9.23 42.67 -13.69
C LYS A 129 -10.71 42.67 -13.32
N GLY A 130 -11.43 41.65 -13.74
CA GLY A 130 -12.85 41.51 -13.44
C GLY A 130 -13.78 41.55 -14.62
N PRO A 131 -15.03 41.07 -14.41
CA PRO A 131 -16.02 41.06 -15.50
C PRO A 131 -16.48 42.46 -15.97
N GLY A 132 -16.16 43.51 -15.19
CA GLY A 132 -16.35 44.93 -15.50
C GLY A 132 -17.73 45.51 -15.77
N SER A 133 -18.38 45.04 -16.84
CA SER A 133 -19.71 45.41 -17.35
C SER A 133 -20.02 44.29 -18.35
N GLY A 134 -20.44 43.15 -17.82
CA GLY A 134 -20.74 41.99 -18.64
C GLY A 134 -20.83 40.72 -17.82
N PRO A 135 -21.75 39.81 -18.19
CA PRO A 135 -21.88 38.56 -17.42
C PRO A 135 -20.84 37.50 -17.79
N GLY A 136 -20.41 36.72 -16.80
CA GLY A 136 -19.41 35.67 -17.00
C GLY A 136 -18.01 36.21 -17.12
N LEU A 137 -17.04 35.32 -17.43
CA LEU A 137 -15.64 35.71 -17.56
C LEU A 137 -15.40 36.59 -18.77
N SER A 138 -14.70 37.71 -18.58
CA SER A 138 -14.36 38.59 -19.70
C SER A 138 -13.22 37.96 -20.52
N GLU A 139 -13.10 38.30 -21.81
CA GLU A 139 -12.06 37.77 -22.70
C GLU A 139 -10.66 38.00 -22.15
N GLN A 140 -10.42 39.20 -21.58
CA GLN A 140 -9.10 39.51 -21.03
C GLN A 140 -8.78 38.61 -19.86
N ASP A 141 -9.76 38.37 -18.99
CA ASP A 141 -9.59 37.49 -17.85
C ASP A 141 -9.17 36.08 -18.24
N VAL A 142 -9.72 35.55 -19.35
CA VAL A 142 -9.33 34.22 -19.83
C VAL A 142 -7.88 34.20 -20.29
N ARG A 143 -7.42 35.28 -20.94
CA ARG A 143 -6.05 35.43 -21.41
C ARG A 143 -5.09 35.56 -20.23
N ASP A 144 -5.51 36.33 -19.20
CA ASP A 144 -4.74 36.62 -17.99
C ASP A 144 -4.61 35.37 -17.12
N LEU A 145 -5.67 34.54 -17.07
CA LEU A 145 -5.64 33.28 -16.34
C LEU A 145 -4.73 32.27 -17.03
N ARG A 146 -4.70 32.27 -18.37
CA ARG A 146 -3.77 31.42 -19.13
C ARG A 146 -2.33 31.86 -18.88
N PHE A 147 -2.11 33.18 -18.79
CA PHE A 147 -0.81 33.77 -18.48
C PHE A 147 -0.32 33.25 -17.10
N GLY A 148 -1.22 33.22 -16.13
CA GLY A 148 -0.90 32.73 -14.79
C GLY A 148 -0.45 31.28 -14.79
N VAL A 149 -1.13 30.43 -15.55
CA VAL A 149 -0.79 29.02 -15.66
C VAL A 149 0.58 28.87 -16.33
N GLU A 150 0.81 29.63 -17.41
CA GLU A 150 2.07 29.61 -18.14
C GLU A 150 3.23 30.12 -17.31
N HIS A 151 2.96 31.08 -16.42
CA HIS A 151 4.01 31.66 -15.57
C HIS A 151 4.16 30.97 -14.20
N GLY A 152 3.24 30.08 -13.86
CA GLY A 152 3.32 29.30 -12.63
C GLY A 152 2.88 30.00 -11.36
N VAL A 153 1.80 30.81 -11.45
CA VAL A 153 1.32 31.51 -10.27
C VAL A 153 0.74 30.50 -9.30
N ASP A 154 0.83 30.81 -8.00
CA ASP A 154 0.32 29.92 -6.99
C ASP A 154 -1.12 30.21 -6.66
N ILE A 155 -1.51 31.49 -6.64
CA ILE A 155 -2.86 31.87 -6.24
C ILE A 155 -3.51 32.76 -7.28
N VAL A 156 -4.84 32.75 -7.34
CA VAL A 156 -5.60 33.63 -8.21
C VAL A 156 -6.67 34.29 -7.36
N PHE A 157 -6.71 35.64 -7.35
CA PHE A 157 -7.76 36.37 -6.66
C PHE A 157 -8.80 36.68 -7.72
N ALA A 158 -9.83 35.84 -7.82
CA ALA A 158 -10.87 36.00 -8.83
C ALA A 158 -11.76 37.18 -8.50
N SER A 159 -11.74 38.22 -9.36
CA SER A 159 -12.53 39.43 -9.14
C SER A 159 -13.99 39.24 -9.42
N PHE A 160 -14.85 39.90 -8.61
CA PHE A 160 -16.32 39.96 -8.69
C PHE A 160 -17.00 38.61 -8.85
N VAL A 161 -16.73 37.72 -7.88
CA VAL A 161 -17.36 36.43 -7.83
C VAL A 161 -18.77 36.68 -7.23
N ARG A 162 -19.83 36.26 -7.94
CA ARG A 162 -21.20 36.47 -7.49
C ARG A 162 -21.94 35.17 -7.19
N LYS A 163 -21.48 34.05 -7.75
CA LYS A 163 -22.11 32.74 -7.59
C LYS A 163 -21.06 31.63 -7.74
N ALA A 164 -21.46 30.36 -7.47
CA ALA A 164 -20.54 29.22 -7.59
C ALA A 164 -20.10 28.95 -9.03
N SER A 165 -20.95 29.31 -10.01
CA SER A 165 -20.64 29.11 -11.43
C SER A 165 -19.52 30.03 -11.93
N ASP A 166 -19.26 31.16 -11.21
CA ASP A 166 -18.17 32.09 -11.52
C ASP A 166 -16.84 31.45 -11.15
N VAL A 167 -16.79 30.76 -10.00
CA VAL A 167 -15.58 30.06 -9.57
C VAL A 167 -15.27 28.94 -10.57
N ALA A 168 -16.30 28.24 -11.07
CA ALA A 168 -16.17 27.16 -12.03
C ALA A 168 -15.58 27.67 -13.32
N ALA A 169 -15.99 28.88 -13.76
CA ALA A 169 -15.48 29.51 -14.98
C ALA A 169 -13.98 29.82 -14.87
N VAL A 170 -13.54 30.33 -13.70
CA VAL A 170 -12.13 30.63 -13.44
C VAL A 170 -11.32 29.33 -13.39
N ARG A 171 -11.88 28.29 -12.77
CA ARG A 171 -11.25 26.99 -12.67
C ARG A 171 -11.07 26.37 -14.06
N ALA A 172 -12.07 26.53 -14.95
CA ALA A 172 -12.03 26.02 -16.32
C ALA A 172 -10.98 26.77 -17.16
N ALA A 173 -10.90 28.10 -16.99
CA ALA A 173 -9.92 28.92 -17.70
C ALA A 173 -8.48 28.56 -17.31
N LEU A 174 -8.26 28.07 -16.08
CA LEU A 174 -6.93 27.62 -15.68
C LEU A 174 -6.53 26.28 -16.37
N GLY A 175 -7.50 25.56 -16.91
CA GLY A 175 -7.26 24.33 -17.64
C GLY A 175 -6.89 23.15 -16.77
N PRO A 176 -6.28 22.14 -17.39
CA PRO A 176 -5.87 20.95 -16.61
C PRO A 176 -4.63 21.17 -15.73
N GLU A 177 -3.66 21.97 -16.22
CA GLU A 177 -2.39 22.30 -15.55
C GLU A 177 -2.60 23.21 -14.33
N GLY A 178 -3.56 24.12 -14.43
CA GLY A 178 -3.87 25.04 -13.34
C GLY A 178 -4.80 24.46 -12.29
N HIS A 179 -4.80 23.13 -12.13
CA HIS A 179 -5.67 22.49 -11.13
C HIS A 179 -5.11 22.62 -9.69
N GLY A 180 -3.81 22.90 -9.56
CA GLY A 180 -3.17 23.10 -8.28
C GLY A 180 -3.16 24.54 -7.79
N ILE A 181 -3.51 25.49 -8.67
CA ILE A 181 -3.57 26.92 -8.33
C ILE A 181 -4.75 27.16 -7.39
N LYS A 182 -4.51 27.84 -6.26
CA LYS A 182 -5.55 28.14 -5.29
C LYS A 182 -6.43 29.30 -5.78
N ILE A 183 -7.73 29.14 -5.69
CA ILE A 183 -8.66 30.18 -6.11
C ILE A 183 -9.29 30.86 -4.89
N ILE A 184 -9.00 32.14 -4.72
CA ILE A 184 -9.55 32.96 -3.65
C ILE A 184 -10.59 33.86 -4.30
N SER A 185 -11.86 33.64 -3.98
CA SER A 185 -12.94 34.43 -4.55
C SER A 185 -13.05 35.79 -3.88
N LYS A 186 -13.06 36.87 -4.68
CA LYS A 186 -13.19 38.20 -4.13
C LYS A 186 -14.65 38.55 -4.07
N ILE A 187 -15.14 38.85 -2.86
CA ILE A 187 -16.52 39.27 -2.68
C ILE A 187 -16.52 40.80 -2.68
N GLU A 188 -17.12 41.40 -3.71
CA GLU A 188 -17.11 42.86 -3.81
C GLU A 188 -18.44 43.48 -4.19
N ASN A 189 -19.54 42.76 -4.04
CA ASN A 189 -20.87 43.28 -4.35
C ASN A 189 -21.94 42.61 -3.48
N HIS A 190 -23.18 43.14 -3.47
CA HIS A 190 -24.25 42.59 -2.65
C HIS A 190 -24.55 41.13 -2.94
N GLU A 191 -24.63 40.77 -4.22
CA GLU A 191 -24.93 39.40 -4.63
C GLU A 191 -23.92 38.38 -4.12
N GLY A 192 -22.65 38.75 -4.15
CA GLY A 192 -21.57 37.90 -3.65
C GLY A 192 -21.67 37.65 -2.15
N VAL A 193 -22.17 38.63 -1.42
CA VAL A 193 -22.37 38.53 0.02
C VAL A 193 -23.57 37.60 0.31
N LYS A 194 -24.67 37.75 -0.46
CA LYS A 194 -25.84 36.91 -0.24
C LYS A 194 -25.62 35.47 -0.65
N ARG A 195 -24.87 35.26 -1.73
CA ARG A 195 -24.57 33.90 -2.21
C ARG A 195 -23.22 33.41 -1.67
N PHE A 196 -22.79 33.92 -0.49
CA PHE A 196 -21.51 33.60 0.11
C PHE A 196 -21.28 32.12 0.35
N ASP A 197 -22.22 31.43 1.00
CA ASP A 197 -22.05 30.03 1.35
C ASP A 197 -21.80 29.13 0.15
N GLU A 198 -22.44 29.42 -1.00
CA GLU A 198 -22.25 28.61 -2.20
C GLU A 198 -20.89 28.88 -2.85
N ILE A 199 -20.39 30.12 -2.72
CA ILE A 199 -19.10 30.54 -3.25
C ILE A 199 -17.98 29.91 -2.42
N LEU A 200 -18.06 30.00 -1.10
CA LEU A 200 -17.05 29.44 -0.19
C LEU A 200 -16.90 27.93 -0.34
N GLU A 201 -17.99 27.23 -0.64
CA GLU A 201 -17.99 25.78 -0.82
C GLU A 201 -17.11 25.36 -1.99
N VAL A 202 -17.14 26.12 -3.11
CA VAL A 202 -16.35 25.83 -4.32
C VAL A 202 -15.02 26.58 -4.41
N SER A 203 -14.78 27.56 -3.52
CA SER A 203 -13.53 28.32 -3.54
C SER A 203 -12.53 27.77 -2.54
N ASP A 204 -11.25 28.04 -2.76
CA ASP A 204 -10.20 27.64 -1.81
C ASP A 204 -10.13 28.59 -0.60
N GLY A 205 -10.58 29.84 -0.79
CA GLY A 205 -10.61 30.89 0.22
C GLY A 205 -11.42 32.09 -0.26
N ILE A 206 -11.46 33.14 0.57
CA ILE A 206 -12.21 34.36 0.24
C ILE A 206 -11.37 35.62 0.48
N MET A 207 -11.56 36.66 -0.34
CA MET A 207 -10.94 37.95 -0.09
C MET A 207 -12.07 38.96 0.10
N VAL A 208 -12.05 39.68 1.23
CA VAL A 208 -13.04 40.70 1.51
C VAL A 208 -12.50 41.92 0.79
N ALA A 209 -12.91 42.08 -0.49
CA ALA A 209 -12.50 43.16 -1.39
C ALA A 209 -13.30 44.40 -1.01
N ARG A 210 -12.86 45.07 0.10
CA ARG A 210 -13.53 46.20 0.72
C ARG A 210 -13.73 47.45 -0.15
N GLY A 211 -12.86 47.68 -1.11
CA GLY A 211 -12.97 48.84 -1.98
C GLY A 211 -14.26 48.86 -2.77
N ASP A 212 -14.44 47.88 -3.66
CA ASP A 212 -15.65 47.77 -4.47
C ASP A 212 -16.86 47.47 -3.61
N LEU A 213 -16.69 46.66 -2.54
CA LEU A 213 -17.77 46.32 -1.62
C LEU A 213 -18.36 47.59 -0.98
N GLY A 214 -17.48 48.51 -0.59
CA GLY A 214 -17.86 49.80 -0.01
C GLY A 214 -18.58 50.75 -0.96
N ILE A 215 -18.61 50.40 -2.26
CA ILE A 215 -19.23 51.15 -3.34
C ILE A 215 -20.55 50.48 -3.70
N GLU A 216 -20.59 49.14 -3.74
CA GLU A 216 -21.81 48.38 -4.05
C GLU A 216 -22.83 48.41 -2.91
N ILE A 217 -22.37 48.14 -1.69
CA ILE A 217 -23.21 48.17 -0.49
C ILE A 217 -22.88 49.46 0.30
N PRO A 218 -23.77 49.97 1.18
CA PRO A 218 -23.43 51.18 1.96
C PRO A 218 -22.11 51.05 2.72
N ALA A 219 -21.30 52.12 2.78
CA ALA A 219 -20.00 52.06 3.45
C ALA A 219 -20.08 51.66 4.92
N GLU A 220 -21.17 52.08 5.60
CA GLU A 220 -21.37 51.77 7.00
C GLU A 220 -21.80 50.30 7.24
N LYS A 221 -22.00 49.50 6.18
CA LYS A 221 -22.38 48.10 6.33
C LYS A 221 -21.24 47.13 6.00
N VAL A 222 -20.11 47.63 5.45
CA VAL A 222 -18.98 46.79 5.04
C VAL A 222 -18.37 46.00 6.20
N PHE A 223 -18.27 46.60 7.39
CA PHE A 223 -17.71 45.90 8.55
C PHE A 223 -18.54 44.66 8.94
N LEU A 224 -19.85 44.70 8.71
CA LEU A 224 -20.72 43.57 9.00
C LEU A 224 -20.37 42.43 8.04
N ALA A 225 -20.21 42.76 6.74
CA ALA A 225 -19.86 41.80 5.71
C ALA A 225 -18.49 41.20 5.99
N GLN A 226 -17.50 42.05 6.39
CA GLN A 226 -16.14 41.60 6.70
C GLN A 226 -16.17 40.61 7.85
N LYS A 227 -16.75 41.02 8.99
CA LYS A 227 -16.80 40.18 10.17
C LYS A 227 -17.58 38.87 9.93
N MET A 228 -18.69 38.93 9.16
CA MET A 228 -19.47 37.74 8.87
C MET A 228 -18.65 36.75 8.04
N MET A 229 -18.04 37.23 6.93
CA MET A 229 -17.27 36.39 6.04
C MET A 229 -16.05 35.79 6.69
N ILE A 230 -15.34 36.57 7.52
CA ILE A 230 -14.17 36.04 8.24
C ILE A 230 -14.59 34.90 9.18
N GLY A 231 -15.67 35.11 9.94
CA GLY A 231 -16.24 34.11 10.85
C GLY A 231 -16.61 32.81 10.16
N ARG A 232 -17.32 32.92 9.03
CA ARG A 232 -17.73 31.73 8.27
C ARG A 232 -16.52 31.00 7.68
N CYS A 233 -15.47 31.75 7.30
CA CYS A 233 -14.24 31.17 6.76
C CYS A 233 -13.50 30.44 7.82
N ASN A 234 -13.42 31.02 9.04
CA ASN A 234 -12.75 30.41 10.20
C ASN A 234 -13.37 29.05 10.53
N LEU A 235 -14.73 29.01 10.47
CA LEU A 235 -15.53 27.83 10.73
C LEU A 235 -15.23 26.78 9.67
N ALA A 236 -15.26 27.19 8.39
CA ALA A 236 -15.00 26.29 7.26
C ALA A 236 -13.55 25.79 7.20
N GLY A 237 -12.64 26.48 7.86
CA GLY A 237 -11.23 26.15 7.81
C GLY A 237 -10.56 26.62 6.52
N LYS A 238 -11.22 27.52 5.78
CA LYS A 238 -10.66 28.06 4.54
C LYS A 238 -10.07 29.48 4.75
N PRO A 239 -8.94 29.80 4.10
CA PRO A 239 -8.34 31.12 4.27
C PRO A 239 -9.21 32.33 3.94
N VAL A 240 -9.00 33.43 4.66
CA VAL A 240 -9.75 34.65 4.45
C VAL A 240 -8.78 35.81 4.43
N VAL A 241 -8.90 36.70 3.46
CA VAL A 241 -8.00 37.85 3.30
C VAL A 241 -8.71 39.16 3.59
N CYS A 242 -8.15 40.05 4.44
CA CYS A 242 -8.75 41.38 4.58
C CYS A 242 -8.01 42.35 3.70
N ALA A 243 -8.65 42.79 2.61
CA ALA A 243 -8.03 43.68 1.63
C ALA A 243 -8.48 45.15 1.71
N THR A 244 -7.67 46.04 1.13
CA THR A 244 -7.86 47.44 0.74
C THR A 244 -7.87 48.47 1.86
N GLN A 245 -7.21 49.62 1.56
CA GLN A 245 -6.99 50.89 2.29
C GLN A 245 -6.59 50.74 3.74
N MET A 246 -5.94 49.63 4.10
CA MET A 246 -5.52 49.35 5.46
C MET A 246 -4.49 50.33 6.00
N LEU A 247 -3.51 50.74 5.21
CA LEU A 247 -2.52 51.74 5.63
C LEU A 247 -2.39 52.81 4.52
N GLU A 248 -3.54 53.23 3.95
CA GLU A 248 -3.64 54.18 2.84
C GLU A 248 -2.75 55.42 2.95
N SER A 249 -2.73 56.07 4.11
CA SER A 249 -1.91 57.27 4.33
C SER A 249 -0.41 57.04 4.20
N MET A 250 0.02 55.78 4.22
CA MET A 250 1.44 55.45 4.05
C MET A 250 1.91 55.51 2.59
N ILE A 251 1.00 55.79 1.64
CA ILE A 251 1.40 56.00 0.26
C ILE A 251 2.25 57.30 0.19
N THR A 252 1.84 58.35 0.95
CA THR A 252 2.56 59.62 0.97
C THR A 252 3.26 59.92 2.30
N LYS A 253 2.81 59.34 3.42
CA LYS A 253 3.40 59.62 4.74
C LYS A 253 4.18 58.46 5.36
N PRO A 254 5.27 58.74 6.11
CA PRO A 254 6.05 57.63 6.68
C PRO A 254 5.38 56.87 7.83
N ARG A 255 4.29 57.44 8.40
CA ARG A 255 3.54 56.85 9.51
C ARG A 255 2.03 56.85 9.22
N PRO A 256 1.33 55.77 9.61
CA PRO A 256 -0.12 55.69 9.34
C PRO A 256 -0.98 56.44 10.38
N THR A 257 -2.29 56.55 10.10
CA THR A 257 -3.22 57.19 11.02
C THR A 257 -3.65 56.21 12.11
N ARG A 258 -4.28 56.73 13.18
CA ARG A 258 -4.76 55.92 14.27
C ARG A 258 -5.85 54.96 13.80
N ALA A 259 -6.65 55.36 12.80
CA ALA A 259 -7.69 54.51 12.26
C ALA A 259 -7.09 53.35 11.49
N GLU A 260 -5.96 53.59 10.80
CA GLU A 260 -5.27 52.59 10.00
C GLU A 260 -4.65 51.49 10.82
N THR A 261 -3.90 51.85 11.87
CA THR A 261 -3.32 50.85 12.75
C THR A 261 -4.40 50.05 13.45
N SER A 262 -5.54 50.69 13.76
CA SER A 262 -6.65 50.06 14.41
C SER A 262 -7.28 49.06 13.44
N ASP A 263 -7.45 49.45 12.17
CA ASP A 263 -8.04 48.58 11.16
C ASP A 263 -7.25 47.29 10.96
N VAL A 264 -5.91 47.40 10.86
CA VAL A 264 -5.03 46.25 10.66
C VAL A 264 -5.15 45.35 11.87
N ALA A 265 -5.03 45.90 13.08
CA ALA A 265 -5.16 45.13 14.32
C ALA A 265 -6.51 44.43 14.43
N ASN A 266 -7.58 45.12 14.05
CA ASN A 266 -8.91 44.56 14.12
C ASN A 266 -9.17 43.51 13.07
N ALA A 267 -8.50 43.58 11.91
CA ALA A 267 -8.65 42.54 10.89
C ALA A 267 -8.08 41.22 11.42
N VAL A 268 -6.92 41.28 12.12
CA VAL A 268 -6.27 40.14 12.75
C VAL A 268 -7.15 39.59 13.86
N LEU A 269 -7.68 40.47 14.73
CA LEU A 269 -8.56 40.07 15.82
C LEU A 269 -9.85 39.47 15.30
N ASP A 270 -10.33 39.90 14.14
CA ASP A 270 -11.53 39.32 13.54
C ASP A 270 -11.31 37.85 13.18
N GLY A 271 -10.10 37.51 12.78
CA GLY A 271 -9.72 36.15 12.45
C GLY A 271 -9.20 36.00 11.04
N ALA A 272 -8.75 37.10 10.41
CA ALA A 272 -8.24 37.07 9.04
C ALA A 272 -6.89 36.35 8.95
N ASP A 273 -6.76 35.47 7.97
CA ASP A 273 -5.51 34.74 7.74
C ASP A 273 -4.46 35.62 7.07
N CYS A 274 -4.92 36.58 6.22
CA CYS A 274 -4.01 37.45 5.48
C CYS A 274 -4.48 38.89 5.48
N ILE A 275 -3.51 39.83 5.46
CA ILE A 275 -3.75 41.26 5.37
C ILE A 275 -3.02 41.78 4.12
N MET A 276 -3.57 42.78 3.44
CA MET A 276 -3.01 43.24 2.19
C MET A 276 -2.64 44.72 2.10
N LEU A 277 -1.64 44.97 1.25
CA LEU A 277 -1.14 46.28 0.88
C LEU A 277 -1.30 46.38 -0.61
N SER A 278 -2.00 47.40 -1.07
CA SER A 278 -2.21 47.57 -2.52
C SER A 278 -2.16 49.04 -2.88
N GLY A 279 -0.99 49.54 -3.17
CA GLY A 279 -0.85 50.98 -3.42
C GLY A 279 0.14 51.53 -2.44
N GLU A 280 0.03 51.08 -1.16
CA GLU A 280 1.00 51.36 -0.11
C GLU A 280 2.35 50.79 -0.53
N THR A 281 2.35 49.60 -1.21
CA THR A 281 3.54 48.91 -1.71
C THR A 281 3.69 49.05 -3.25
N ALA A 282 2.57 49.13 -3.96
CA ALA A 282 2.59 49.23 -5.41
C ALA A 282 3.10 50.57 -5.94
N LYS A 283 2.65 51.71 -5.40
CA LYS A 283 3.05 53.01 -5.94
C LYS A 283 3.52 54.05 -4.92
N GLY A 284 3.45 53.73 -3.65
CA GLY A 284 3.78 54.69 -2.60
C GLY A 284 5.23 55.05 -2.47
N ASN A 285 5.51 55.97 -1.56
CA ASN A 285 6.87 56.39 -1.24
C ASN A 285 7.48 55.53 -0.12
N PHE A 286 6.66 54.79 0.66
CA PHE A 286 7.14 53.99 1.78
C PHE A 286 6.66 52.53 1.67
N PRO A 287 7.07 51.75 0.63
CA PRO A 287 6.55 50.38 0.51
C PRO A 287 7.07 49.41 1.57
N VAL A 288 8.38 49.49 1.89
CA VAL A 288 8.99 48.63 2.89
C VAL A 288 8.51 48.99 4.29
N GLU A 289 8.27 50.29 4.53
CA GLU A 289 7.78 50.78 5.81
C GLU A 289 6.36 50.31 6.08
N ALA A 290 5.53 50.20 5.03
CA ALA A 290 4.16 49.71 5.14
C ALA A 290 4.16 48.20 5.48
N VAL A 291 5.13 47.43 4.93
CA VAL A 291 5.27 46.00 5.20
C VAL A 291 5.71 45.85 6.66
N LYS A 292 6.74 46.60 7.07
CA LYS A 292 7.24 46.58 8.44
C LYS A 292 6.14 46.96 9.46
N MET A 293 5.30 47.96 9.11
CA MET A 293 4.23 48.42 9.95
C MET A 293 3.14 47.34 10.11
N GLN A 294 2.71 46.74 9.00
CA GLN A 294 1.72 45.66 9.05
C GLN A 294 2.26 44.47 9.85
N HIS A 295 3.56 44.18 9.75
CA HIS A 295 4.18 43.10 10.50
C HIS A 295 4.10 43.41 12.00
N ALA A 296 4.51 44.63 12.39
CA ALA A 296 4.54 45.10 13.77
C ALA A 296 3.16 45.06 14.44
N ILE A 297 2.12 45.52 13.73
CA ILE A 297 0.76 45.53 14.26
C ILE A 297 0.23 44.10 14.38
N ALA A 298 0.47 43.26 13.36
CA ALA A 298 0.00 41.87 13.39
C ALA A 298 0.55 41.10 14.56
N ARG A 299 1.83 41.29 14.92
CA ARG A 299 2.41 40.60 16.08
C ARG A 299 1.70 40.98 17.37
N GLU A 300 1.37 42.28 17.52
CA GLU A 300 0.67 42.76 18.69
C GLU A 300 -0.74 42.23 18.76
N ALA A 301 -1.44 42.24 17.65
CA ALA A 301 -2.81 41.80 17.60
C ALA A 301 -2.95 40.29 17.79
N GLU A 302 -1.98 39.51 17.29
CA GLU A 302 -2.03 38.06 17.45
C GLU A 302 -1.83 37.63 18.86
N ALA A 303 -0.98 38.32 19.62
CA ALA A 303 -0.77 38.02 21.03
C ALA A 303 -2.02 38.37 21.88
N ALA A 304 -2.81 39.38 21.45
CA ALA A 304 -4.03 39.80 22.12
C ALA A 304 -5.29 38.99 21.71
N VAL A 305 -5.11 37.89 20.96
CA VAL A 305 -6.24 37.03 20.59
C VAL A 305 -6.64 36.22 21.84
N TYR A 306 -7.94 36.17 22.17
CA TYR A 306 -8.42 35.43 23.33
C TYR A 306 -8.58 33.95 22.97
N HIS A 307 -7.46 33.21 22.95
CA HIS A 307 -7.39 31.81 22.56
C HIS A 307 -8.34 30.90 23.34
N ARG A 308 -8.63 31.25 24.61
CA ARG A 308 -9.51 30.46 25.47
C ARG A 308 -10.88 30.23 24.86
N GLN A 309 -11.55 31.30 24.45
CA GLN A 309 -12.87 31.25 23.85
C GLN A 309 -12.82 30.86 22.38
N LEU A 310 -11.79 31.34 21.67
CA LEU A 310 -11.60 31.03 20.27
C LEU A 310 -11.48 29.52 20.04
N PHE A 311 -10.62 28.83 20.82
CA PHE A 311 -10.42 27.38 20.71
C PHE A 311 -11.65 26.57 21.09
N GLU A 312 -12.28 26.95 22.21
CA GLU A 312 -13.49 26.31 22.72
C GLU A 312 -14.61 26.40 21.72
N GLU A 313 -14.82 27.58 21.12
CA GLU A 313 -15.86 27.77 20.12
C GLU A 313 -15.57 27.04 18.83
N LEU A 314 -14.30 27.03 18.41
CA LEU A 314 -13.85 26.32 17.22
C LEU A 314 -14.17 24.84 17.31
N ARG A 315 -13.93 24.22 18.47
CA ARG A 315 -14.24 22.81 18.68
C ARG A 315 -15.74 22.54 18.76
N ARG A 316 -16.48 23.37 19.52
CA ARG A 316 -17.92 23.16 19.63
C ARG A 316 -18.64 23.28 18.28
N ALA A 317 -18.07 24.04 17.34
CA ALA A 317 -18.66 24.21 16.02
C ALA A 317 -18.16 23.15 15.04
N ALA A 318 -16.89 22.72 15.18
CA ALA A 318 -16.32 21.71 14.29
C ALA A 318 -16.96 20.36 14.56
N PRO A 319 -17.52 19.75 13.52
CA PRO A 319 -18.17 18.45 13.71
C PRO A 319 -17.17 17.32 14.00
N LEU A 320 -17.68 16.18 14.52
CA LEU A 320 -16.85 15.00 14.76
C LEU A 320 -16.24 14.52 13.45
N SER A 321 -15.02 14.00 13.48
CA SER A 321 -14.38 13.56 12.26
C SER A 321 -13.76 12.21 12.42
N ARG A 322 -13.90 11.31 11.42
CA ARG A 322 -13.18 10.04 11.43
C ARG A 322 -11.90 10.11 10.53
N ASP A 323 -11.47 11.34 10.13
CA ASP A 323 -10.27 11.55 9.33
C ASP A 323 -9.12 11.66 10.29
N PRO A 324 -8.13 10.76 10.20
CA PRO A 324 -7.01 10.80 11.14
C PRO A 324 -6.22 12.08 11.13
N THR A 325 -6.18 12.80 10.02
CA THR A 325 -5.45 14.06 9.92
C THR A 325 -6.15 15.10 10.79
N GLU A 326 -7.46 15.17 10.69
CA GLU A 326 -8.27 16.11 11.45
C GLU A 326 -8.27 15.78 12.97
N VAL A 327 -8.30 14.48 13.31
CA VAL A 327 -8.27 13.99 14.69
C VAL A 327 -6.89 14.26 15.32
N THR A 328 -5.80 14.05 14.57
CA THR A 328 -4.46 14.35 15.03
C THR A 328 -4.27 15.88 15.19
N ALA A 329 -4.88 16.68 14.32
CA ALA A 329 -4.79 18.13 14.39
C ALA A 329 -5.28 18.67 15.74
N ILE A 330 -6.53 18.33 16.22
CA ILE A 330 -6.95 18.83 17.54
C ILE A 330 -6.08 18.27 18.66
N GLY A 331 -5.75 16.99 18.62
CA GLY A 331 -4.89 16.38 19.63
C GLY A 331 -3.56 17.09 19.78
N ALA A 332 -2.94 17.50 18.66
CA ALA A 332 -1.68 18.25 18.65
C ALA A 332 -1.87 19.67 19.14
N VAL A 333 -2.93 20.37 18.71
CA VAL A 333 -3.22 21.75 19.12
C VAL A 333 -3.52 21.79 20.64
N GLU A 334 -4.28 20.83 21.17
CA GLU A 334 -4.58 20.70 22.60
C GLU A 334 -3.30 20.45 23.41
N ALA A 335 -2.43 19.57 22.91
CA ALA A 335 -1.14 19.23 23.50
C ALA A 335 -0.21 20.44 23.50
N ALA A 336 -0.26 21.27 22.45
CA ALA A 336 0.56 22.46 22.37
C ALA A 336 0.12 23.51 23.39
N PHE A 337 -1.19 23.64 23.62
CA PHE A 337 -1.71 24.59 24.59
C PHE A 337 -1.37 24.15 26.01
N LYS A 338 -1.42 22.84 26.29
CA LYS A 338 -1.10 22.26 27.58
C LYS A 338 0.30 22.54 28.08
N CYS A 339 1.28 22.52 27.20
CA CYS A 339 2.67 22.72 27.60
C CYS A 339 3.27 24.04 27.15
N CYS A 340 2.49 24.92 26.46
CA CYS A 340 2.99 26.17 25.87
C CYS A 340 4.09 25.84 24.92
N ALA A 341 3.79 24.93 23.98
CA ALA A 341 4.73 24.47 22.95
C ALA A 341 5.16 25.64 22.10
N ALA A 342 6.47 25.74 21.83
CA ALA A 342 7.04 26.80 21.01
C ALA A 342 6.51 26.67 19.57
N ALA A 343 6.37 25.44 19.09
CA ALA A 343 5.89 25.17 17.74
C ALA A 343 5.22 23.76 17.66
N ILE A 344 4.53 23.50 16.54
CA ILE A 344 3.98 22.25 16.10
C ILE A 344 4.63 22.06 14.76
N ILE A 345 5.62 21.18 14.66
CA ILE A 345 6.30 20.89 13.39
C ILE A 345 5.54 19.76 12.65
N VAL A 346 5.07 20.02 11.44
CA VAL A 346 4.31 19.04 10.70
C VAL A 346 4.90 18.80 9.34
N LEU A 347 4.98 17.54 8.94
CA LEU A 347 5.51 17.20 7.62
C LEU A 347 4.32 17.14 6.70
N THR A 348 4.34 17.93 5.62
CA THR A 348 3.22 17.96 4.70
C THR A 348 3.67 17.89 3.24
N THR A 349 2.84 17.29 2.37
CA THR A 349 3.14 17.14 0.95
C THR A 349 2.31 18.17 0.15
N THR A 350 1.01 18.22 0.46
CA THR A 350 0.04 19.12 -0.15
C THR A 350 -0.27 20.35 0.71
N GLY A 351 0.17 20.36 1.98
CA GLY A 351 -0.08 21.43 2.93
C GLY A 351 -1.34 21.21 3.76
N ARG A 352 -2.14 20.17 3.43
CA ARG A 352 -3.40 19.89 4.11
C ARG A 352 -3.25 19.66 5.59
N SER A 353 -2.22 18.90 6.03
CA SER A 353 -2.00 18.65 7.46
C SER A 353 -1.78 19.94 8.22
N ALA A 354 -0.96 20.84 7.66
CA ALA A 354 -0.68 22.13 8.27
C ALA A 354 -1.93 23.01 8.30
N GLN A 355 -2.77 22.94 7.25
CA GLN A 355 -4.00 23.70 7.14
C GLN A 355 -5.00 23.31 8.22
N LEU A 356 -5.10 21.98 8.51
CA LEU A 356 -5.98 21.47 9.55
C LEU A 356 -5.52 21.87 10.94
N LEU A 357 -4.22 21.95 11.17
CA LEU A 357 -3.69 22.41 12.45
C LEU A 357 -4.05 23.91 12.63
N SER A 358 -3.89 24.69 11.53
CA SER A 358 -4.15 26.12 11.42
C SER A 358 -5.58 26.49 11.76
N ARG A 359 -6.54 25.63 11.40
CA ARG A 359 -7.96 25.85 11.62
C ARG A 359 -8.24 26.01 13.11
N TYR A 360 -7.51 25.28 13.99
CA TYR A 360 -7.70 25.35 15.43
C TYR A 360 -7.01 26.55 16.09
N ARG A 361 -6.39 27.42 15.30
CA ARG A 361 -5.72 28.63 15.75
C ARG A 361 -4.85 28.45 17.00
N PRO A 362 -3.82 27.60 16.93
CA PRO A 362 -2.97 27.43 18.11
C PRO A 362 -2.08 28.64 18.35
N ARG A 363 -1.66 28.84 19.60
CA ARG A 363 -0.72 29.91 19.90
C ARG A 363 0.69 29.47 19.39
N ALA A 364 0.95 28.15 19.23
CA ALA A 364 2.21 27.59 18.75
C ALA A 364 2.34 27.70 17.19
N ALA A 365 3.57 27.89 16.70
CA ALA A 365 3.84 28.06 15.28
C ALA A 365 3.71 26.76 14.56
N VAL A 366 3.04 26.74 13.41
CA VAL A 366 2.90 25.50 12.64
C VAL A 366 4.04 25.50 11.65
N ILE A 367 5.16 24.87 12.01
CA ILE A 367 6.30 24.83 11.10
C ILE A 367 5.98 23.75 10.10
N ALA A 368 5.83 24.08 8.80
CA ALA A 368 5.41 23.07 7.83
C ALA A 368 6.51 22.74 6.87
N VAL A 369 7.20 21.61 7.07
CA VAL A 369 8.31 21.17 6.20
C VAL A 369 7.72 20.40 5.04
N THR A 370 8.07 20.79 3.83
CA THR A 370 7.55 20.18 2.61
C THR A 370 8.58 20.16 1.52
N ARG A 371 8.48 19.19 0.60
CA ARG A 371 9.37 19.14 -0.56
C ARG A 371 8.72 19.86 -1.76
N SER A 372 7.39 20.13 -1.70
CA SER A 372 6.67 20.81 -2.74
C SER A 372 6.88 22.31 -2.63
N ALA A 373 7.58 22.91 -3.60
CA ALA A 373 7.81 24.35 -3.61
C ALA A 373 6.47 25.12 -3.75
N GLN A 374 5.49 24.56 -4.45
CA GLN A 374 4.19 25.21 -4.60
C GLN A 374 3.40 25.19 -3.31
N ALA A 375 3.38 24.03 -2.58
CA ALA A 375 2.71 23.90 -1.29
C ALA A 375 3.31 24.87 -0.28
N ALA A 376 4.63 24.99 -0.26
CA ALA A 376 5.38 25.88 0.63
C ALA A 376 4.90 27.33 0.44
N ARG A 377 4.66 27.75 -0.81
CA ARG A 377 4.23 29.10 -1.12
C ARG A 377 2.78 29.27 -0.78
N GLN A 378 1.94 28.30 -1.17
CA GLN A 378 0.50 28.37 -0.95
C GLN A 378 0.04 28.31 0.50
N VAL A 379 0.81 27.65 1.40
CA VAL A 379 0.42 27.58 2.83
C VAL A 379 0.50 28.94 3.54
N HIS A 380 1.06 29.99 2.90
CA HIS A 380 1.05 31.34 3.47
C HIS A 380 -0.39 31.85 3.60
N LEU A 381 -1.35 31.32 2.81
CA LEU A 381 -2.77 31.66 2.93
C LEU A 381 -3.37 31.20 4.26
N CYS A 382 -2.72 30.26 4.98
CA CYS A 382 -3.19 29.72 6.24
C CYS A 382 -2.45 30.35 7.39
N ARG A 383 -3.19 30.97 8.32
CA ARG A 383 -2.62 31.67 9.47
C ARG A 383 -1.83 30.75 10.40
N GLY A 384 -0.61 31.17 10.70
CA GLY A 384 0.24 30.48 11.65
C GLY A 384 1.09 29.39 11.06
N VAL A 385 1.04 29.22 9.73
CA VAL A 385 1.82 28.19 9.04
C VAL A 385 3.15 28.74 8.48
N PHE A 386 4.31 28.40 9.11
CA PHE A 386 5.65 28.84 8.69
C PHE A 386 6.27 27.81 7.81
N PRO A 387 6.21 28.00 6.49
CA PRO A 387 6.67 26.95 5.58
C PRO A 387 8.17 26.79 5.48
N LEU A 388 8.63 25.56 5.28
CA LEU A 388 10.04 25.31 5.06
C LEU A 388 10.17 24.44 3.84
N LEU A 389 11.06 24.79 2.91
CA LEU A 389 11.26 23.96 1.72
C LEU A 389 12.46 23.05 1.91
N TYR A 390 12.21 21.76 2.02
CA TYR A 390 13.24 20.76 2.18
C TYR A 390 13.70 20.38 0.80
N ARG A 391 14.99 20.51 0.53
CA ARG A 391 15.57 20.27 -0.78
C ARG A 391 16.19 18.90 -0.94
N GLU A 392 16.71 18.30 0.16
CA GLU A 392 17.41 17.02 0.16
C GLU A 392 16.66 15.88 -0.51
N PRO A 393 17.38 15.03 -1.25
CA PRO A 393 16.71 13.88 -1.88
C PRO A 393 16.32 12.81 -0.84
N PRO A 394 15.33 11.98 -1.15
CA PRO A 394 14.87 10.98 -0.18
C PRO A 394 15.92 9.98 0.30
N GLU A 395 15.95 9.75 1.63
CA GLU A 395 16.80 8.78 2.29
C GLU A 395 16.30 7.35 1.96
N ALA A 396 17.19 6.36 2.06
CA ALA A 396 16.82 4.98 1.76
C ALA A 396 15.82 4.47 2.81
N ILE A 397 16.08 4.74 4.10
CA ILE A 397 15.15 4.34 5.15
C ILE A 397 14.11 5.45 5.39
N TRP A 398 12.87 5.15 5.12
CA TRP A 398 11.74 6.04 5.29
C TRP A 398 11.71 6.76 6.65
N ALA A 399 11.86 6.04 7.76
CA ALA A 399 11.86 6.64 9.08
C ALA A 399 13.01 7.61 9.29
N ASP A 400 14.14 7.37 8.62
CA ASP A 400 15.32 8.26 8.69
C ASP A 400 15.05 9.55 7.91
N ASP A 401 14.34 9.46 6.78
CA ASP A 401 13.97 10.61 5.96
C ASP A 401 13.03 11.52 6.74
N VAL A 402 12.09 10.92 7.47
CA VAL A 402 11.14 11.64 8.30
C VAL A 402 11.88 12.38 9.40
N ASP A 403 12.77 11.69 10.11
CA ASP A 403 13.57 12.27 11.18
C ASP A 403 14.49 13.38 10.73
N ARG A 404 14.98 13.29 9.49
CA ARG A 404 15.83 14.34 8.92
C ARG A 404 15.00 15.57 8.61
N ARG A 405 13.77 15.39 8.13
CA ARG A 405 12.89 16.49 7.86
C ARG A 405 12.45 17.17 9.15
N VAL A 406 12.25 16.40 10.23
CA VAL A 406 11.88 16.91 11.54
C VAL A 406 13.06 17.72 12.11
N GLN A 407 14.28 17.21 11.95
CA GLN A 407 15.46 17.92 12.39
C GLN A 407 15.70 19.19 11.57
N PHE A 408 15.29 19.19 10.30
CA PHE A 408 15.37 20.35 9.42
C PHE A 408 14.47 21.47 9.93
N GLY A 409 13.29 21.12 10.42
CA GLY A 409 12.37 22.07 11.03
C GLY A 409 12.92 22.62 12.33
N ILE A 410 13.52 21.77 13.16
CA ILE A 410 14.13 22.19 14.42
C ILE A 410 15.29 23.14 14.16
N GLU A 411 16.15 22.83 13.16
CA GLU A 411 17.31 23.68 12.86
C GLU A 411 16.91 25.02 12.29
N SER A 412 15.92 25.03 11.38
CA SER A 412 15.40 26.28 10.82
C SER A 412 14.73 27.09 11.92
N GLY A 413 13.96 26.41 12.77
CA GLY A 413 13.25 27.03 13.87
C GLY A 413 14.18 27.69 14.85
N LYS A 414 15.34 27.06 15.15
CA LYS A 414 16.36 27.57 16.07
C LYS A 414 17.02 28.80 15.46
N LEU A 415 17.39 28.70 14.18
CA LEU A 415 18.06 29.76 13.41
C LEU A 415 17.19 31.02 13.34
N ARG A 416 15.89 30.83 13.13
CA ARG A 416 14.94 31.92 13.01
C ARG A 416 14.43 32.48 14.36
N GLY A 417 14.92 31.95 15.47
CA GLY A 417 14.49 32.40 16.78
C GLY A 417 13.19 31.86 17.33
N PHE A 418 12.50 30.98 16.59
CA PHE A 418 11.25 30.39 17.03
C PHE A 418 11.49 29.37 18.16
N LEU A 419 12.61 28.66 18.09
CA LEU A 419 12.90 27.61 19.05
C LEU A 419 14.18 27.86 19.80
N ARG A 420 14.20 27.45 21.07
CA ARG A 420 15.38 27.47 21.93
C ARG A 420 15.54 26.08 22.58
N VAL A 421 16.77 25.76 22.99
CA VAL A 421 17.05 24.48 23.66
C VAL A 421 16.30 24.45 24.99
N GLY A 422 15.57 23.39 25.23
CA GLY A 422 14.75 23.27 26.44
C GLY A 422 13.26 23.37 26.14
N ASP A 423 12.89 24.01 25.03
CA ASP A 423 11.50 24.15 24.58
C ASP A 423 10.84 22.79 24.31
N LEU A 424 9.51 22.78 24.31
CA LEU A 424 8.76 21.58 23.96
C LEU A 424 8.10 21.85 22.62
N VAL A 425 8.14 20.87 21.70
CA VAL A 425 7.48 21.00 20.41
C VAL A 425 6.59 19.80 20.17
N ILE A 426 5.55 19.98 19.36
CA ILE A 426 4.64 18.89 19.03
C ILE A 426 5.00 18.51 17.62
N VAL A 427 5.17 17.21 17.34
CA VAL A 427 5.60 16.77 16.01
C VAL A 427 4.53 15.90 15.34
N VAL A 428 3.88 16.46 14.33
CA VAL A 428 2.82 15.77 13.62
C VAL A 428 3.34 15.11 12.36
N THR A 429 3.26 13.77 12.31
CA THR A 429 3.76 12.93 11.19
C THR A 429 2.74 11.83 10.78
N GLY A 430 3.05 11.03 9.78
CA GLY A 430 2.17 9.96 9.30
C GLY A 430 2.81 8.60 9.38
N TRP A 431 2.04 7.55 9.15
CA TRP A 431 2.53 6.18 9.27
C TRP A 431 3.14 5.59 7.98
N ARG A 432 2.96 6.28 6.85
CA ARG A 432 3.50 5.81 5.58
C ARG A 432 3.72 6.97 4.60
N PRO A 433 4.52 6.79 3.54
CA PRO A 433 4.71 7.88 2.56
C PRO A 433 3.42 8.22 1.80
N GLY A 434 3.45 9.36 1.15
CA GLY A 434 2.31 9.85 0.40
C GLY A 434 1.44 10.71 1.27
N SER A 435 0.75 11.67 0.68
CA SER A 435 -0.17 12.52 1.44
C SER A 435 -1.43 11.77 1.91
N GLY A 436 -2.04 12.28 2.96
CA GLY A 436 -3.28 11.77 3.49
C GLY A 436 -3.15 10.73 4.57
N TYR A 437 -1.93 10.48 5.07
CA TYR A 437 -1.75 9.46 6.11
C TYR A 437 -1.25 10.01 7.43
N THR A 438 -1.47 11.31 7.69
CA THR A 438 -1.04 11.90 8.97
C THR A 438 -1.87 11.26 10.10
N ASN A 439 -1.22 10.77 11.16
CA ASN A 439 -1.93 10.12 12.25
C ASN A 439 -1.15 10.11 13.57
N ILE A 440 0.09 10.64 13.59
CA ILE A 440 0.92 10.58 14.78
C ILE A 440 1.21 11.96 15.32
N MET A 441 1.25 12.08 16.63
CA MET A 441 1.58 13.31 17.34
C MET A 441 2.63 12.96 18.40
N ARG A 442 3.75 13.69 18.45
CA ARG A 442 4.77 13.42 19.47
C ARG A 442 5.16 14.67 20.25
N VAL A 443 5.51 14.51 21.51
CA VAL A 443 6.00 15.60 22.35
C VAL A 443 7.52 15.48 22.37
N LEU A 444 8.23 16.51 21.91
CA LEU A 444 9.69 16.49 21.91
C LEU A 444 10.28 17.60 22.74
N SER A 445 11.45 17.35 23.33
CA SER A 445 12.19 18.37 24.04
C SER A 445 13.35 18.79 23.15
N ILE A 446 13.48 20.11 22.90
CA ILE A 446 14.54 20.63 22.04
C ILE A 446 15.92 20.50 22.70
N SER A 447 16.82 19.79 22.01
CA SER A 447 18.17 19.55 22.48
C SER A 447 19.20 20.30 21.62
N LEU B 22 -10.04 -21.66 -33.37
CA LEU B 22 -8.91 -20.77 -33.10
C LEU B 22 -9.37 -19.42 -32.48
N GLY B 23 -8.41 -18.56 -32.14
CA GLY B 23 -8.64 -17.20 -31.64
C GLY B 23 -8.06 -16.17 -32.60
N THR B 24 -7.98 -14.90 -32.16
CA THR B 24 -7.40 -13.84 -33.00
C THR B 24 -6.25 -13.18 -32.22
N ALA B 25 -6.43 -12.96 -30.91
CA ALA B 25 -5.39 -12.36 -30.06
C ALA B 25 -4.88 -13.30 -28.96
N PHE B 26 -5.20 -14.61 -29.04
CA PHE B 26 -4.78 -15.64 -28.08
C PHE B 26 -3.27 -15.83 -28.12
N PHE B 27 -2.70 -15.82 -29.33
CA PHE B 27 -1.27 -16.01 -29.51
C PHE B 27 -0.42 -14.74 -29.26
N GLN B 28 -1.06 -13.65 -28.82
CA GLN B 28 -0.40 -12.39 -28.49
C GLN B 28 -0.14 -12.38 -26.98
N GLN B 29 -1.17 -12.71 -26.19
CA GLN B 29 -1.16 -12.80 -24.72
C GLN B 29 -0.40 -14.06 -24.23
N GLN B 30 -0.10 -14.14 -22.90
CA GLN B 30 0.51 -15.29 -22.24
C GLN B 30 1.95 -15.53 -22.66
N GLN B 31 2.64 -14.50 -23.21
CA GLN B 31 4.01 -14.60 -23.77
C GLN B 31 4.14 -15.75 -24.77
N LEU B 32 3.05 -16.05 -25.50
CA LEU B 32 3.06 -17.14 -26.47
C LEU B 32 4.06 -16.91 -27.63
N PRO B 33 4.31 -15.67 -28.15
CA PRO B 33 5.35 -15.51 -29.17
C PRO B 33 6.74 -15.88 -28.65
N ALA B 34 7.03 -15.54 -27.38
CA ALA B 34 8.30 -15.84 -26.75
C ALA B 34 8.42 -17.35 -26.42
N ALA B 35 7.30 -18.01 -26.09
CA ALA B 35 7.30 -19.45 -25.79
C ALA B 35 7.51 -20.33 -27.04
N MET B 36 7.16 -19.80 -28.22
CA MET B 36 7.33 -20.51 -29.49
C MET B 36 8.71 -20.29 -30.13
N ALA B 37 9.62 -19.55 -29.48
CA ALA B 37 10.94 -19.30 -30.03
C ALA B 37 11.79 -20.57 -30.07
N ASP B 38 12.73 -20.63 -31.01
CA ASP B 38 13.58 -21.79 -31.19
C ASP B 38 14.80 -21.78 -30.28
N THR B 39 15.20 -20.61 -29.76
CA THR B 39 16.31 -20.53 -28.82
C THR B 39 15.93 -19.71 -27.61
N PHE B 40 16.69 -19.85 -26.53
CA PHE B 40 16.47 -19.07 -25.33
C PHE B 40 16.79 -17.58 -25.58
N LEU B 41 17.80 -17.29 -26.42
CA LEU B 41 18.14 -15.90 -26.75
C LEU B 41 16.98 -15.29 -27.56
N GLU B 42 16.43 -16.05 -28.51
CA GLU B 42 15.29 -15.59 -29.30
C GLU B 42 14.05 -15.40 -28.41
N HIS B 43 13.90 -16.28 -27.38
CA HIS B 43 12.84 -16.25 -26.38
C HIS B 43 12.94 -14.94 -25.59
N LEU B 44 14.14 -14.54 -25.14
CA LEU B 44 14.29 -13.29 -24.40
C LEU B 44 13.90 -12.10 -25.27
N CYS B 45 14.40 -12.08 -26.51
CA CYS B 45 14.11 -11.02 -27.47
C CYS B 45 12.62 -10.89 -27.80
N LEU B 46 11.84 -11.96 -27.62
CA LEU B 46 10.40 -11.93 -27.90
C LEU B 46 9.51 -11.67 -26.66
N LEU B 47 10.12 -11.37 -25.51
CA LEU B 47 9.34 -11.07 -24.30
C LEU B 47 8.69 -9.69 -24.50
N ASP B 48 7.39 -9.61 -24.25
CA ASP B 48 6.63 -8.38 -24.45
C ASP B 48 5.95 -7.91 -23.16
N ILE B 49 6.18 -6.65 -22.74
CA ILE B 49 5.54 -6.09 -21.56
C ILE B 49 4.01 -5.94 -21.74
N ASP B 50 3.54 -5.81 -22.99
CA ASP B 50 2.12 -5.72 -23.30
C ASP B 50 1.43 -7.08 -23.48
N SER B 51 2.17 -8.18 -23.35
CA SER B 51 1.61 -9.52 -23.46
C SER B 51 1.13 -9.87 -22.06
N GLU B 52 -0.17 -9.63 -21.79
CA GLU B 52 -0.70 -9.85 -20.46
C GLU B 52 -0.93 -11.32 -20.10
N PRO B 53 -0.45 -11.74 -18.91
CA PRO B 53 -0.65 -13.13 -18.50
C PRO B 53 -2.12 -13.45 -18.33
N VAL B 54 -2.55 -14.58 -18.88
CA VAL B 54 -3.96 -15.00 -18.78
C VAL B 54 -4.13 -16.21 -17.86
N ALA B 55 -3.13 -17.10 -17.82
CA ALA B 55 -3.18 -18.28 -16.96
C ALA B 55 -3.22 -17.93 -15.45
N ALA B 56 -3.76 -18.86 -14.62
CA ALA B 56 -3.84 -18.64 -13.17
C ALA B 56 -2.46 -18.76 -12.57
N ARG B 57 -2.19 -18.02 -11.48
CA ARG B 57 -0.88 -18.04 -10.82
C ARG B 57 -0.61 -19.39 -10.16
N SER B 58 0.43 -20.07 -10.62
CA SER B 58 0.80 -21.41 -10.21
C SER B 58 1.78 -21.52 -9.00
N THR B 59 2.74 -20.60 -8.83
CA THR B 59 3.70 -20.63 -7.71
C THR B 59 2.99 -20.20 -6.46
N SER B 60 2.93 -21.06 -5.46
CA SER B 60 2.21 -20.76 -4.23
C SER B 60 2.90 -19.73 -3.37
N ILE B 61 2.09 -18.98 -2.63
CA ILE B 61 2.58 -17.98 -1.73
C ILE B 61 2.43 -18.46 -0.30
N ILE B 62 3.53 -18.46 0.45
CA ILE B 62 3.56 -18.82 1.87
C ILE B 62 3.66 -17.52 2.63
N ALA B 63 2.65 -17.19 3.44
CA ALA B 63 2.64 -15.95 4.18
C ALA B 63 2.81 -16.24 5.64
N THR B 64 3.77 -15.57 6.31
CA THR B 64 4.00 -15.78 7.73
C THR B 64 3.01 -15.01 8.54
N ILE B 65 2.33 -15.70 9.46
CA ILE B 65 1.31 -15.10 10.31
C ILE B 65 1.91 -14.56 11.58
N GLY B 66 1.77 -13.26 11.79
CA GLY B 66 2.22 -12.59 13.00
C GLY B 66 1.20 -11.55 13.42
N PRO B 67 1.63 -10.56 14.21
CA PRO B 67 0.72 -9.51 14.69
C PRO B 67 -0.03 -8.75 13.61
N ALA B 68 0.66 -8.46 12.50
CA ALA B 68 0.10 -7.71 11.38
C ALA B 68 -0.88 -8.50 10.53
N SER B 69 -0.99 -9.82 10.73
CA SER B 69 -1.83 -10.63 9.89
C SER B 69 -2.72 -11.65 10.60
N ARG B 70 -2.82 -11.68 11.95
CA ARG B 70 -3.68 -12.70 12.56
C ARG B 70 -5.14 -12.23 12.77
N SER B 71 -5.48 -11.01 12.34
CA SER B 71 -6.86 -10.56 12.40
C SER B 71 -7.69 -11.45 11.43
N VAL B 72 -8.86 -11.94 11.85
CA VAL B 72 -9.71 -12.78 11.00
C VAL B 72 -10.07 -12.06 9.70
N GLU B 73 -10.44 -10.79 9.80
CA GLU B 73 -10.79 -10.01 8.60
C GLU B 73 -9.62 -9.76 7.67
N ARG B 74 -8.42 -9.63 8.25
CA ARG B 74 -7.18 -9.42 7.49
C ARG B 74 -6.83 -10.71 6.75
N LEU B 75 -6.93 -11.86 7.43
CA LEU B 75 -6.68 -13.17 6.85
C LEU B 75 -7.62 -13.43 5.68
N LYS B 76 -8.88 -13.00 5.77
CA LYS B 76 -9.82 -13.15 4.65
C LYS B 76 -9.35 -12.38 3.42
N GLU B 77 -8.83 -11.16 3.64
CA GLU B 77 -8.29 -10.27 2.61
C GLU B 77 -7.05 -10.92 1.94
N MET B 78 -6.20 -11.57 2.74
CA MET B 78 -4.99 -12.26 2.27
C MET B 78 -5.28 -13.53 1.49
N ILE B 79 -6.36 -14.24 1.85
CA ILE B 79 -6.78 -15.42 1.11
C ILE B 79 -7.27 -14.95 -0.26
N LYS B 80 -8.01 -13.83 -0.34
CA LYS B 80 -8.47 -13.27 -1.61
C LYS B 80 -7.27 -12.82 -2.46
N ALA B 81 -6.28 -12.18 -1.82
CA ALA B 81 -5.04 -11.70 -2.46
C ALA B 81 -4.19 -12.82 -3.04
N GLY B 82 -4.30 -14.03 -2.49
CA GLY B 82 -3.58 -15.20 -2.99
C GLY B 82 -2.73 -15.99 -2.00
N MET B 83 -2.97 -15.87 -0.68
CA MET B 83 -2.19 -16.67 0.27
C MET B 83 -2.64 -18.15 0.13
N ASN B 84 -1.68 -19.06 0.03
CA ASN B 84 -1.98 -20.47 -0.11
C ASN B 84 -1.56 -21.25 1.12
N ILE B 85 -0.48 -20.86 1.78
CA ILE B 85 0.05 -21.54 2.97
C ILE B 85 0.35 -20.49 4.02
N ALA B 86 -0.17 -20.69 5.25
CA ALA B 86 0.04 -19.83 6.41
C ALA B 86 1.18 -20.39 7.23
N ARG B 87 2.26 -19.63 7.40
CA ARG B 87 3.42 -20.07 8.14
C ARG B 87 3.38 -19.56 9.58
N LEU B 88 3.67 -20.44 10.54
CA LEU B 88 3.73 -20.11 11.98
C LEU B 88 5.19 -20.26 12.37
N ASN B 89 5.87 -19.16 12.63
CA ASN B 89 7.27 -19.20 13.01
C ASN B 89 7.37 -19.53 14.49
N PHE B 90 7.81 -20.75 14.82
CA PHE B 90 7.92 -21.16 16.22
C PHE B 90 9.17 -20.62 16.93
N SER B 91 9.88 -19.61 16.35
CA SER B 91 11.01 -18.90 16.96
C SER B 91 10.46 -17.80 17.90
N HIS B 92 9.33 -17.19 17.54
CA HIS B 92 8.62 -16.19 18.32
C HIS B 92 7.26 -16.76 18.74
N GLY B 93 6.66 -16.14 19.74
CA GLY B 93 5.35 -16.55 20.22
C GLY B 93 5.38 -17.79 21.08
N SER B 94 4.28 -18.00 21.80
CA SER B 94 4.07 -19.14 22.68
C SER B 94 3.11 -20.15 22.03
N HIS B 95 2.90 -21.31 22.67
CA HIS B 95 1.96 -22.30 22.16
C HIS B 95 0.55 -21.73 22.13
N GLU B 96 0.19 -20.90 23.11
CA GLU B 96 -1.12 -20.24 23.19
C GLU B 96 -1.32 -19.29 22.01
N TYR B 97 -0.26 -18.57 21.66
CA TYR B 97 -0.25 -17.61 20.58
C TYR B 97 -0.36 -18.31 19.23
N HIS B 98 0.30 -19.46 19.06
CA HIS B 98 0.23 -20.15 17.77
C HIS B 98 -1.13 -20.82 17.60
N ALA B 99 -1.69 -21.34 18.66
CA ALA B 99 -3.03 -21.89 18.64
C ALA B 99 -4.07 -20.82 18.27
N GLU B 100 -3.93 -19.52 18.68
CA GLU B 100 -4.92 -18.52 18.23
C GLU B 100 -4.72 -18.22 16.75
N SER B 101 -3.46 -18.21 16.25
CA SER B 101 -3.16 -17.93 14.85
C SER B 101 -3.82 -18.96 13.97
N ILE B 102 -3.64 -20.27 14.30
CA ILE B 102 -4.20 -21.43 13.60
C ILE B 102 -5.71 -21.30 13.57
N ALA B 103 -6.31 -21.01 14.73
CA ALA B 103 -7.73 -20.83 14.86
C ALA B 103 -8.23 -19.68 14.03
N ASN B 104 -7.48 -18.58 13.94
CA ASN B 104 -7.89 -17.41 13.16
C ASN B 104 -7.81 -17.69 11.69
N VAL B 105 -6.80 -18.43 11.27
CA VAL B 105 -6.63 -18.85 9.90
C VAL B 105 -7.79 -19.74 9.50
N ARG B 106 -8.08 -20.77 10.30
CA ARG B 106 -9.17 -21.68 10.00
C ARG B 106 -10.55 -21.00 9.93
N GLU B 107 -10.84 -20.06 10.84
CA GLU B 107 -12.08 -19.30 10.79
C GLU B 107 -12.21 -18.51 9.47
N ALA B 108 -11.12 -17.83 9.02
CA ALA B 108 -11.11 -17.05 7.78
C ALA B 108 -11.16 -17.94 6.55
N VAL B 109 -10.59 -19.15 6.62
CA VAL B 109 -10.60 -20.10 5.51
C VAL B 109 -11.98 -20.71 5.36
N GLU B 110 -12.56 -21.16 6.46
CA GLU B 110 -13.88 -21.76 6.43
C GLU B 110 -15.02 -20.78 6.18
N SER B 111 -14.79 -19.46 6.27
CA SER B 111 -15.83 -18.48 5.98
C SER B 111 -16.26 -18.51 4.50
N PHE B 112 -15.41 -19.04 3.61
CA PHE B 112 -15.69 -19.20 2.18
C PHE B 112 -16.20 -20.60 1.81
N ALA B 113 -16.32 -21.53 2.76
CA ALA B 113 -16.80 -22.88 2.50
C ALA B 113 -18.30 -22.96 2.16
N GLY B 114 -19.01 -21.84 2.18
CA GLY B 114 -20.43 -21.79 1.84
C GLY B 114 -20.68 -21.95 0.36
N SER B 115 -19.70 -21.56 -0.47
CA SER B 115 -19.75 -21.70 -1.92
C SER B 115 -18.62 -22.64 -2.29
N PRO B 116 -18.87 -23.97 -2.33
CA PRO B 116 -17.77 -24.93 -2.55
C PRO B 116 -17.08 -24.85 -3.94
N LEU B 117 -17.72 -24.21 -4.92
CA LEU B 117 -17.12 -24.03 -6.24
C LEU B 117 -16.04 -22.95 -6.24
N SER B 118 -16.01 -22.07 -5.20
CA SER B 118 -15.02 -21.00 -5.10
C SER B 118 -14.13 -21.09 -3.84
N TYR B 119 -14.39 -22.07 -2.95
CA TYR B 119 -13.61 -22.30 -1.72
C TYR B 119 -12.14 -22.57 -2.01
N ARG B 120 -11.25 -21.81 -1.36
CA ARG B 120 -9.82 -21.99 -1.52
C ARG B 120 -9.19 -22.62 -0.28
N PRO B 121 -8.71 -23.88 -0.36
CA PRO B 121 -8.03 -24.46 0.81
C PRO B 121 -6.74 -23.71 1.14
N VAL B 122 -6.36 -23.62 2.41
CA VAL B 122 -5.13 -22.93 2.82
C VAL B 122 -4.38 -23.86 3.74
N ALA B 123 -3.15 -24.22 3.42
CA ALA B 123 -2.35 -25.10 4.27
C ALA B 123 -1.77 -24.37 5.49
N ILE B 124 -1.54 -25.08 6.60
CA ILE B 124 -0.92 -24.51 7.78
C ILE B 124 0.43 -25.16 7.97
N ALA B 125 1.50 -24.37 7.93
CA ALA B 125 2.86 -24.88 8.05
C ALA B 125 3.53 -24.41 9.32
N LEU B 126 4.18 -25.32 10.06
CA LEU B 126 4.86 -24.98 11.31
C LEU B 126 6.35 -24.88 11.03
N ASP B 127 6.95 -23.71 11.25
CA ASP B 127 8.38 -23.54 11.03
C ASP B 127 9.04 -23.67 12.38
N THR B 128 9.81 -24.76 12.61
CA THR B 128 10.47 -24.99 13.89
C THR B 128 11.49 -23.92 14.24
N LYS B 129 11.82 -23.77 15.53
CA LYS B 129 12.78 -22.78 15.99
C LYS B 129 14.21 -23.16 15.56
N GLY B 130 14.54 -24.45 15.72
CA GLY B 130 15.83 -24.97 15.33
C GLY B 130 16.65 -25.50 16.49
N PRO B 131 17.60 -26.41 16.22
CA PRO B 131 18.45 -26.94 17.30
C PRO B 131 19.35 -25.86 17.91
N GLY B 132 19.83 -24.94 17.07
CA GLY B 132 20.72 -23.87 17.49
C GLY B 132 22.11 -24.38 17.77
N SER B 133 22.63 -24.07 18.96
CA SER B 133 23.95 -24.53 19.40
C SER B 133 23.80 -25.85 20.17
N GLY B 134 23.37 -26.88 19.45
CA GLY B 134 23.15 -28.20 20.03
C GLY B 134 23.32 -29.33 19.03
N PRO B 135 23.18 -30.58 19.52
CA PRO B 135 23.35 -31.74 18.62
C PRO B 135 22.16 -31.99 17.66
N GLY B 136 21.13 -32.73 18.10
CA GLY B 136 19.97 -33.05 17.28
C GLY B 136 18.74 -32.24 17.61
N LEU B 137 17.59 -32.92 17.75
CA LEU B 137 16.31 -32.24 18.01
C LEU B 137 16.22 -31.65 19.39
N SER B 138 16.24 -30.30 19.47
CA SER B 138 16.11 -29.60 20.74
C SER B 138 14.82 -29.97 21.47
N GLU B 139 14.81 -29.88 22.82
CA GLU B 139 13.64 -30.21 23.63
C GLU B 139 12.41 -29.40 23.22
N GLN B 140 12.60 -28.10 22.92
CA GLN B 140 11.49 -27.25 22.51
C GLN B 140 10.93 -27.71 21.19
N ASP B 141 11.81 -28.08 20.24
CA ASP B 141 11.38 -28.59 18.95
C ASP B 141 10.51 -29.83 19.07
N VAL B 142 10.81 -30.73 20.01
CA VAL B 142 9.98 -31.93 20.21
C VAL B 142 8.58 -31.56 20.72
N ARG B 143 8.51 -30.54 21.60
CA ARG B 143 7.25 -30.05 22.14
C ARG B 143 6.43 -29.35 21.04
N ASP B 144 7.12 -28.56 20.18
CA ASP B 144 6.53 -27.80 19.08
C ASP B 144 6.02 -28.71 17.99
N LEU B 145 6.74 -29.82 17.72
CA LEU B 145 6.32 -30.82 16.74
C LEU B 145 5.11 -31.59 17.25
N ARG B 146 5.03 -31.87 18.57
CA ARG B 146 3.85 -32.51 19.15
C ARG B 146 2.65 -31.58 19.07
N PHE B 147 2.88 -30.27 19.27
CA PHE B 147 1.86 -29.23 19.15
C PHE B 147 1.27 -29.26 17.71
N GLY B 148 2.13 -29.37 16.73
CA GLY B 148 1.71 -29.42 15.34
C GLY B 148 0.82 -30.61 15.04
N VAL B 149 1.16 -31.78 15.56
CA VAL B 149 0.36 -32.99 15.38
C VAL B 149 -1.00 -32.81 16.06
N GLU B 150 -1.01 -32.28 17.30
CA GLU B 150 -2.23 -32.05 18.05
C GLU B 150 -3.13 -31.00 17.40
N HIS B 151 -2.54 -30.02 16.74
CA HIS B 151 -3.30 -28.95 16.08
C HIS B 151 -3.61 -29.22 14.60
N GLY B 152 -3.04 -30.28 14.04
CA GLY B 152 -3.34 -30.68 12.68
C GLY B 152 -2.67 -29.88 11.60
N VAL B 153 -1.39 -29.53 11.80
CA VAL B 153 -0.66 -28.81 10.77
C VAL B 153 -0.43 -29.72 9.58
N ASP B 154 -0.37 -29.14 8.38
CA ASP B 154 -0.18 -29.91 7.16
C ASP B 154 1.29 -30.06 6.83
N ILE B 155 2.08 -29.01 7.07
CA ILE B 155 3.48 -29.01 6.70
C ILE B 155 4.35 -28.64 7.88
N VAL B 156 5.60 -29.09 7.88
CA VAL B 156 6.59 -28.73 8.89
C VAL B 156 7.84 -28.28 8.15
N PHE B 157 8.32 -27.07 8.43
CA PHE B 157 9.55 -26.57 7.85
C PHE B 157 10.61 -26.86 8.91
N ALA B 158 11.30 -27.99 8.78
CA ALA B 158 12.31 -28.39 9.76
C ALA B 158 13.56 -27.51 9.65
N SER B 159 13.85 -26.73 10.70
CA SER B 159 15.00 -25.82 10.69
C SER B 159 16.32 -26.54 10.85
N PHE B 160 17.36 -26.02 10.16
CA PHE B 160 18.76 -26.46 10.18
C PHE B 160 18.95 -27.97 9.99
N VAL B 161 18.44 -28.48 8.88
CA VAL B 161 18.62 -29.87 8.54
C VAL B 161 20.02 -29.97 7.93
N ARG B 162 20.88 -30.86 8.49
CA ARG B 162 22.27 -31.01 8.03
C ARG B 162 22.56 -32.39 7.43
N LYS B 163 21.74 -33.39 7.76
CA LYS B 163 21.90 -34.77 7.31
C LYS B 163 20.55 -35.49 7.26
N ALA B 164 20.51 -36.72 6.72
CA ALA B 164 19.28 -37.49 6.64
C ALA B 164 18.74 -37.93 8.01
N SER B 165 19.62 -38.07 9.00
CA SER B 165 19.23 -38.46 10.36
C SER B 165 18.43 -37.37 11.08
N ASP B 166 18.58 -36.09 10.64
CA ASP B 166 17.85 -34.96 11.18
C ASP B 166 16.39 -35.04 10.75
N VAL B 167 16.15 -35.41 9.49
CA VAL B 167 14.80 -35.57 8.97
C VAL B 167 14.10 -36.71 9.71
N ALA B 168 14.83 -37.82 9.98
CA ALA B 168 14.33 -38.97 10.71
C ALA B 168 13.90 -38.59 12.11
N ALA B 169 14.67 -37.71 12.77
CA ALA B 169 14.35 -37.23 14.13
C ALA B 169 13.03 -36.43 14.14
N VAL B 170 12.82 -35.57 13.14
CA VAL B 170 11.59 -34.77 13.01
C VAL B 170 10.41 -35.68 12.72
N ARG B 171 10.62 -36.70 11.87
CA ARG B 171 9.60 -37.67 11.52
C ARG B 171 9.18 -38.49 12.74
N ALA B 172 10.16 -38.86 13.59
CA ALA B 172 9.92 -39.62 14.82
C ALA B 172 9.15 -38.77 15.84
N ALA B 173 9.53 -37.49 15.98
CA ALA B 173 8.85 -36.57 16.89
C ALA B 173 7.39 -36.34 16.52
N LEU B 174 7.03 -36.46 15.24
CA LEU B 174 5.64 -36.35 14.80
C LEU B 174 4.79 -37.58 15.22
N GLY B 175 5.45 -38.69 15.53
CA GLY B 175 4.79 -39.90 16.00
C GLY B 175 4.03 -40.66 14.94
N PRO B 176 3.08 -41.48 15.39
CA PRO B 176 2.30 -42.28 14.41
C PRO B 176 1.25 -41.48 13.64
N GLU B 177 0.58 -40.54 14.32
CA GLU B 177 -0.46 -39.67 13.78
C GLU B 177 0.09 -38.63 12.77
N GLY B 178 1.29 -38.15 13.03
CA GLY B 178 1.92 -37.17 12.16
C GLY B 178 2.63 -37.77 10.97
N HIS B 179 2.18 -38.94 10.52
CA HIS B 179 2.79 -39.60 9.38
C HIS B 179 2.36 -38.97 8.04
N GLY B 180 1.24 -38.24 8.03
CA GLY B 180 0.73 -37.56 6.84
C GLY B 180 1.24 -36.13 6.70
N ILE B 181 1.88 -35.58 7.73
CA ILE B 181 2.45 -34.24 7.69
C ILE B 181 3.67 -34.20 6.76
N LYS B 182 3.68 -33.26 5.81
CA LYS B 182 4.79 -33.12 4.87
C LYS B 182 5.99 -32.45 5.55
N ILE B 183 7.18 -33.00 5.35
CA ILE B 183 8.39 -32.45 5.93
C ILE B 183 9.23 -31.76 4.86
N ILE B 184 9.38 -30.45 5.00
CA ILE B 184 10.19 -29.64 4.11
C ILE B 184 11.46 -29.30 4.89
N SER B 185 12.59 -29.85 4.48
CA SER B 185 13.86 -29.59 5.16
C SER B 185 14.42 -28.23 4.79
N LYS B 186 14.75 -27.41 5.78
CA LYS B 186 15.33 -26.10 5.51
C LYS B 186 16.84 -26.22 5.45
N ILE B 187 17.43 -25.85 4.30
CA ILE B 187 18.88 -25.88 4.15
C ILE B 187 19.38 -24.46 4.46
N GLU B 188 20.11 -24.32 5.58
CA GLU B 188 20.56 -22.99 5.98
C GLU B 188 22.03 -22.93 6.44
N ASN B 189 22.83 -23.92 6.08
CA ASN B 189 24.25 -23.95 6.43
C ASN B 189 25.07 -24.72 5.37
N HIS B 190 26.42 -24.63 5.44
CA HIS B 190 27.26 -25.29 4.45
C HIS B 190 27.06 -26.80 4.43
N GLU B 191 26.98 -27.44 5.60
CA GLU B 191 26.82 -28.88 5.70
C GLU B 191 25.54 -29.38 5.04
N GLY B 192 24.46 -28.63 5.20
CA GLY B 192 23.17 -28.96 4.59
C GLY B 192 23.21 -28.91 3.07
N VAL B 193 24.03 -28.01 2.54
CA VAL B 193 24.24 -27.86 1.10
C VAL B 193 25.07 -29.04 0.58
N LYS B 194 26.13 -29.41 1.30
CA LYS B 194 26.98 -30.53 0.86
C LYS B 194 26.28 -31.87 0.98
N ARG B 195 25.47 -32.05 2.02
CA ARG B 195 24.73 -33.29 2.21
C ARG B 195 23.30 -33.21 1.64
N PHE B 196 23.09 -32.34 0.64
CA PHE B 196 21.80 -32.09 0.02
C PHE B 196 21.11 -33.33 -0.54
N ASP B 197 21.82 -34.13 -1.35
CA ASP B 197 21.21 -35.30 -1.99
C ASP B 197 20.65 -36.31 -1.01
N GLU B 198 21.32 -36.51 0.14
CA GLU B 198 20.83 -37.46 1.15
C GLU B 198 19.62 -36.91 1.92
N ILE B 199 19.54 -35.58 2.06
CA ILE B 199 18.44 -34.89 2.74
C ILE B 199 17.20 -34.93 1.86
N LEU B 200 17.34 -34.59 0.57
CA LEU B 200 16.23 -34.55 -0.39
C LEU B 200 15.58 -35.91 -0.55
N GLU B 201 16.39 -36.99 -0.49
CA GLU B 201 15.92 -38.36 -0.61
C GLU B 201 14.91 -38.71 0.46
N VAL B 202 15.15 -38.27 1.74
CA VAL B 202 14.27 -38.56 2.88
C VAL B 202 13.25 -37.46 3.20
N SER B 203 13.36 -36.29 2.55
CA SER B 203 12.44 -35.17 2.79
C SER B 203 11.34 -35.12 1.73
N ASP B 204 10.21 -34.50 2.06
CA ASP B 204 9.11 -34.33 1.11
C ASP B 204 9.37 -33.16 0.14
N GLY B 205 10.22 -32.22 0.56
CA GLY B 205 10.63 -31.03 -0.16
C GLY B 205 11.76 -30.30 0.53
N ILE B 206 12.18 -29.18 -0.06
CA ILE B 206 13.28 -28.37 0.49
C ILE B 206 12.90 -26.89 0.57
N MET B 207 13.43 -26.17 1.57
CA MET B 207 13.26 -24.73 1.63
C MET B 207 14.66 -24.13 1.58
N VAL B 208 14.90 -23.22 0.62
CA VAL B 208 16.16 -22.50 0.51
C VAL B 208 16.02 -21.37 1.53
N ALA B 209 16.46 -21.64 2.77
CA ALA B 209 16.40 -20.70 3.90
C ALA B 209 17.56 -19.74 3.76
N ARG B 210 17.38 -18.73 2.89
CA ARG B 210 18.39 -17.78 2.48
C ARG B 210 18.99 -16.92 3.60
N GLY B 211 18.19 -16.59 4.61
CA GLY B 211 18.66 -15.77 5.72
C GLY B 211 19.87 -16.33 6.43
N ASP B 212 19.70 -17.50 7.06
CA ASP B 212 20.79 -18.15 7.77
C ASP B 212 21.86 -18.63 6.81
N LEU B 213 21.47 -19.06 5.60
CA LEU B 213 22.40 -19.53 4.57
C LEU B 213 23.39 -18.42 4.21
N GLY B 214 22.88 -17.19 4.08
CA GLY B 214 23.67 -16.01 3.78
C GLY B 214 24.62 -15.58 4.89
N ILE B 215 24.51 -16.19 6.07
CA ILE B 215 25.33 -15.96 7.26
C ILE B 215 26.35 -17.10 7.39
N GLU B 216 25.94 -18.35 7.12
CA GLU B 216 26.83 -19.52 7.21
C GLU B 216 27.81 -19.59 6.05
N ILE B 217 27.32 -19.40 4.83
CA ILE B 217 28.16 -19.37 3.63
C ILE B 217 28.30 -17.90 3.18
N PRO B 218 29.34 -17.53 2.39
CA PRO B 218 29.45 -16.13 1.93
C PRO B 218 28.17 -15.65 1.22
N ALA B 219 27.78 -14.39 1.45
CA ALA B 219 26.56 -13.83 0.85
C ALA B 219 26.52 -13.92 -0.67
N GLU B 220 27.68 -13.76 -1.31
CA GLU B 220 27.79 -13.82 -2.76
C GLU B 220 27.71 -15.24 -3.32
N LYS B 221 27.65 -16.27 -2.47
CA LYS B 221 27.55 -17.65 -2.93
C LYS B 221 26.15 -18.26 -2.78
N VAL B 222 25.22 -17.55 -2.10
CA VAL B 222 23.86 -18.03 -1.85
C VAL B 222 23.08 -18.32 -3.12
N PHE B 223 23.23 -17.49 -4.17
CA PHE B 223 22.52 -17.72 -5.42
C PHE B 223 22.91 -19.05 -6.09
N LEU B 224 24.15 -19.49 -5.88
CA LEU B 224 24.61 -20.75 -6.45
C LEU B 224 23.88 -21.89 -5.75
N ALA B 225 23.77 -21.80 -4.40
CA ALA B 225 23.09 -22.79 -3.59
C ALA B 225 21.61 -22.83 -3.95
N GLN B 226 20.97 -21.65 -4.12
CA GLN B 226 19.55 -21.55 -4.49
C GLN B 226 19.30 -22.21 -5.82
N LYS B 227 20.03 -21.77 -6.86
CA LYS B 227 19.86 -22.32 -8.19
C LYS B 227 20.17 -23.84 -8.27
N MET B 228 21.21 -24.32 -7.54
CA MET B 228 21.53 -25.73 -7.54
C MET B 228 20.39 -26.54 -6.90
N MET B 229 19.94 -26.13 -5.71
CA MET B 229 18.90 -26.86 -4.98
C MET B 229 17.58 -26.86 -5.71
N ILE B 230 17.20 -25.74 -6.33
CA ILE B 230 15.96 -25.67 -7.10
C ILE B 230 16.01 -26.65 -8.27
N GLY B 231 17.11 -26.65 -9.02
CA GLY B 231 17.35 -27.55 -10.14
C GLY B 231 17.27 -29.02 -9.77
N ARG B 232 17.93 -29.41 -8.66
CA ARG B 232 17.90 -30.79 -8.16
C ARG B 232 16.50 -31.19 -7.69
N CYS B 233 15.74 -30.23 -7.12
CA CYS B 233 14.38 -30.49 -6.66
C CYS B 233 13.46 -30.69 -7.85
N ASN B 234 13.63 -29.88 -8.91
CA ASN B 234 12.82 -29.98 -10.14
C ASN B 234 13.00 -31.36 -10.78
N LEU B 235 14.24 -31.86 -10.76
CA LEU B 235 14.63 -33.16 -11.29
C LEU B 235 13.99 -34.24 -10.44
N ALA B 236 14.10 -34.13 -9.12
CA ALA B 236 13.52 -35.11 -8.20
C ALA B 236 12.00 -35.10 -8.18
N GLY B 237 11.37 -34.03 -8.67
CA GLY B 237 9.93 -33.86 -8.63
C GLY B 237 9.40 -33.51 -7.25
N LYS B 238 10.30 -33.03 -6.35
CA LYS B 238 9.92 -32.66 -4.99
C LYS B 238 9.85 -31.15 -4.84
N PRO B 239 8.84 -30.64 -4.10
CA PRO B 239 8.69 -29.19 -3.97
C PRO B 239 9.92 -28.45 -3.42
N VAL B 240 10.10 -27.20 -3.89
CA VAL B 240 11.17 -26.36 -3.42
C VAL B 240 10.62 -24.96 -3.13
N VAL B 241 11.03 -24.37 -2.01
CA VAL B 241 10.57 -23.05 -1.58
C VAL B 241 11.68 -22.02 -1.53
N CYS B 242 11.47 -20.81 -2.11
CA CYS B 242 12.43 -19.70 -1.99
C CYS B 242 11.93 -18.89 -0.81
N ALA B 243 12.78 -18.62 0.22
CA ALA B 243 12.25 -18.10 1.46
C ALA B 243 12.51 -16.64 1.96
N THR B 244 13.76 -16.13 2.01
CA THR B 244 13.97 -14.91 2.80
C THR B 244 14.26 -13.59 2.07
N GLN B 245 13.67 -12.47 2.61
CA GLN B 245 13.83 -11.06 2.24
C GLN B 245 13.44 -10.72 0.82
N MET B 246 12.50 -11.48 0.26
CA MET B 246 12.04 -11.31 -1.12
C MET B 246 11.43 -9.93 -1.41
N LEU B 247 10.62 -9.38 -0.50
CA LEU B 247 10.02 -8.04 -0.65
C LEU B 247 10.22 -7.27 0.68
N GLU B 248 11.41 -7.39 1.27
CA GLU B 248 11.78 -6.80 2.55
C GLU B 248 11.36 -5.32 2.76
N SER B 249 11.60 -4.45 1.79
CA SER B 249 11.22 -3.05 1.89
C SER B 249 9.73 -2.81 2.04
N MET B 250 8.90 -3.82 1.73
CA MET B 250 7.44 -3.69 1.89
C MET B 250 6.98 -3.80 3.36
N ILE B 251 7.90 -4.07 4.30
CA ILE B 251 7.56 -4.04 5.71
C ILE B 251 7.19 -2.58 6.10
N THR B 252 7.99 -1.64 5.61
CA THR B 252 7.97 -0.22 5.86
C THR B 252 7.31 0.59 4.77
N LYS B 253 7.46 0.20 3.48
CA LYS B 253 7.01 0.95 2.31
C LYS B 253 5.92 0.27 1.45
N PRO B 254 5.02 1.07 0.82
CA PRO B 254 3.92 0.45 0.05
C PRO B 254 4.33 -0.24 -1.24
N ARG B 255 5.56 0.04 -1.72
CA ARG B 255 6.07 -0.52 -2.96
C ARG B 255 7.47 -1.08 -2.76
N PRO B 256 7.78 -2.21 -3.41
CA PRO B 256 9.13 -2.81 -3.27
C PRO B 256 10.21 -2.19 -4.15
N THR B 257 11.47 -2.56 -3.93
CA THR B 257 12.58 -2.07 -4.71
C THR B 257 12.69 -2.85 -6.03
N ARG B 258 13.48 -2.32 -6.98
CA ARG B 258 13.67 -2.98 -8.27
C ARG B 258 14.37 -4.33 -8.11
N ALA B 259 15.24 -4.45 -7.09
CA ALA B 259 15.92 -5.70 -6.78
C ALA B 259 14.95 -6.73 -6.24
N GLU B 260 13.95 -6.29 -5.49
CA GLU B 260 12.98 -7.17 -4.86
C GLU B 260 12.04 -7.80 -5.85
N THR B 261 11.46 -6.99 -6.76
CA THR B 261 10.58 -7.53 -7.80
C THR B 261 11.35 -8.46 -8.72
N SER B 262 12.65 -8.18 -8.95
CA SER B 262 13.53 -8.98 -9.76
C SER B 262 13.77 -10.32 -9.06
N ASP B 263 14.03 -10.29 -7.76
CA ASP B 263 14.28 -11.50 -6.98
C ASP B 263 13.11 -12.48 -7.01
N VAL B 264 11.88 -11.96 -6.81
CA VAL B 264 10.67 -12.78 -6.85
C VAL B 264 10.52 -13.41 -8.23
N ALA B 265 10.62 -12.60 -9.27
CA ALA B 265 10.52 -13.07 -10.65
C ALA B 265 11.57 -14.13 -10.97
N ASN B 266 12.80 -13.92 -10.52
CA ASN B 266 13.88 -14.87 -10.75
C ASN B 266 13.75 -16.15 -9.96
N ALA B 267 13.10 -16.11 -8.78
CA ALA B 267 12.88 -17.34 -8.01
C ALA B 267 11.94 -18.27 -8.79
N VAL B 268 10.88 -17.69 -9.41
CA VAL B 268 9.91 -18.38 -10.23
C VAL B 268 10.60 -18.93 -11.47
N LEU B 269 11.40 -18.09 -12.15
CA LEU B 269 12.14 -18.51 -13.35
C LEU B 269 13.16 -19.59 -13.04
N ASP B 270 13.71 -19.60 -11.83
CA ASP B 270 14.66 -20.65 -11.43
C ASP B 270 13.95 -22.02 -11.40
N GLY B 271 12.69 -22.04 -10.98
CA GLY B 271 11.88 -23.25 -10.91
C GLY B 271 11.30 -23.52 -9.56
N ALA B 272 11.21 -22.48 -8.69
CA ALA B 272 10.68 -22.65 -7.33
C ALA B 272 9.17 -22.89 -7.33
N ASP B 273 8.73 -23.85 -6.52
CA ASP B 273 7.31 -24.18 -6.41
C ASP B 273 6.57 -23.17 -5.53
N CYS B 274 7.27 -22.63 -4.52
CA CYS B 274 6.70 -21.69 -3.57
C CYS B 274 7.60 -20.52 -3.33
N ILE B 275 6.99 -19.34 -3.11
CA ILE B 275 7.69 -18.11 -2.72
C ILE B 275 7.15 -17.69 -1.34
N MET B 276 8.02 -17.15 -0.47
CA MET B 276 7.63 -16.82 0.89
C MET B 276 7.73 -15.37 1.32
N LEU B 277 6.82 -14.97 2.21
CA LEU B 277 6.79 -13.67 2.87
C LEU B 277 6.93 -13.95 4.36
N SER B 278 7.92 -13.34 5.01
CA SER B 278 8.16 -13.58 6.43
C SER B 278 8.55 -12.31 7.11
N GLY B 279 7.58 -11.52 7.55
CA GLY B 279 7.91 -10.21 8.13
C GLY B 279 7.22 -9.15 7.32
N GLU B 280 7.22 -9.31 5.97
CA GLU B 280 6.44 -8.51 5.04
C GLU B 280 4.93 -8.70 5.37
N THR B 281 4.53 -9.95 5.78
CA THR B 281 3.16 -10.29 6.17
C THR B 281 3.01 -10.46 7.69
N ALA B 282 4.04 -10.97 8.36
CA ALA B 282 3.96 -11.14 9.82
C ALA B 282 3.90 -9.83 10.62
N LYS B 283 4.78 -8.84 10.34
CA LYS B 283 4.80 -7.63 11.17
C LYS B 283 4.77 -6.30 10.40
N GLY B 284 4.77 -6.34 9.10
CA GLY B 284 4.84 -5.11 8.32
C GLY B 284 3.58 -4.30 8.33
N ASN B 285 3.63 -3.12 7.67
CA ASN B 285 2.47 -2.23 7.52
C ASN B 285 1.64 -2.56 6.26
N PHE B 286 2.20 -3.34 5.32
CA PHE B 286 1.51 -3.67 4.09
C PHE B 286 1.49 -5.19 3.85
N PRO B 287 0.81 -6.00 4.70
CA PRO B 287 0.85 -7.46 4.50
C PRO B 287 0.05 -7.93 3.29
N VAL B 288 -1.16 -7.38 3.08
CA VAL B 288 -2.01 -7.76 1.95
C VAL B 288 -1.39 -7.28 0.64
N GLU B 289 -0.72 -6.11 0.67
CA GLU B 289 -0.07 -5.53 -0.49
C GLU B 289 1.09 -6.39 -0.93
N ALA B 290 1.83 -6.99 0.02
CA ALA B 290 2.97 -7.86 -0.26
C ALA B 290 2.49 -9.17 -0.92
N VAL B 291 1.32 -9.68 -0.51
CA VAL B 291 0.71 -10.89 -1.06
C VAL B 291 0.29 -10.57 -2.49
N LYS B 292 -0.42 -9.44 -2.68
CA LYS B 292 -0.87 -9.00 -4.01
C LYS B 292 0.30 -8.80 -4.96
N MET B 293 1.41 -8.22 -4.46
CA MET B 293 2.63 -7.99 -5.22
C MET B 293 3.29 -9.29 -5.67
N GLN B 294 3.48 -10.22 -4.75
CA GLN B 294 4.04 -11.53 -5.07
C GLN B 294 3.17 -12.29 -6.08
N HIS B 295 1.85 -12.14 -5.98
CA HIS B 295 0.94 -12.77 -6.92
C HIS B 295 1.15 -12.18 -8.33
N ALA B 296 1.16 -10.84 -8.42
CA ALA B 296 1.34 -10.09 -9.66
C ALA B 296 2.62 -10.45 -10.38
N ILE B 297 3.75 -10.53 -9.64
CA ILE B 297 5.05 -10.84 -10.22
C ILE B 297 5.09 -12.29 -10.68
N ALA B 298 4.58 -13.21 -9.84
CA ALA B 298 4.56 -14.65 -10.18
C ALA B 298 3.81 -14.93 -11.46
N ARG B 299 2.67 -14.27 -11.69
CA ARG B 299 1.93 -14.47 -12.94
C ARG B 299 2.74 -14.06 -14.16
N GLU B 300 3.48 -12.95 -14.05
CA GLU B 300 4.31 -12.45 -15.14
C GLU B 300 5.47 -13.39 -15.39
N ALA B 301 6.12 -13.85 -14.31
CA ALA B 301 7.28 -14.72 -14.43
C ALA B 301 6.93 -16.10 -14.96
N GLU B 302 5.75 -16.62 -14.59
CA GLU B 302 5.33 -17.94 -15.05
C GLU B 302 5.03 -17.96 -16.52
N ALA B 303 4.47 -16.87 -17.07
CA ALA B 303 4.21 -16.77 -18.50
C ALA B 303 5.53 -16.66 -19.30
N ALA B 304 6.58 -16.08 -18.71
CA ALA B 304 7.90 -15.93 -19.32
C ALA B 304 8.81 -17.14 -19.17
N VAL B 305 8.30 -18.26 -18.65
CA VAL B 305 9.08 -19.50 -18.51
C VAL B 305 9.23 -20.10 -19.91
N TYR B 306 10.46 -20.50 -20.27
CA TYR B 306 10.70 -21.09 -21.57
C TYR B 306 10.38 -22.58 -21.52
N HIS B 307 9.08 -22.91 -21.63
CA HIS B 307 8.55 -24.27 -21.54
C HIS B 307 9.17 -25.26 -22.51
N ARG B 308 9.58 -24.80 -23.74
CA ARG B 308 10.13 -25.74 -24.70
C ARG B 308 11.37 -26.45 -24.21
N GLN B 309 12.34 -25.68 -23.70
CA GLN B 309 13.57 -26.27 -23.19
C GLN B 309 13.36 -26.93 -21.85
N LEU B 310 12.51 -26.33 -21.00
CA LEU B 310 12.22 -26.87 -19.68
C LEU B 310 11.60 -28.28 -19.78
N PHE B 311 10.59 -28.46 -20.65
CA PHE B 311 9.93 -29.76 -20.86
C PHE B 311 10.85 -30.79 -21.49
N GLU B 312 11.59 -30.41 -22.53
CA GLU B 312 12.54 -31.28 -23.23
C GLU B 312 13.60 -31.78 -22.29
N GLU B 313 14.16 -30.90 -21.46
CA GLU B 313 15.19 -31.30 -20.50
C GLU B 313 14.63 -32.17 -19.40
N LEU B 314 13.40 -31.86 -18.92
CA LEU B 314 12.72 -32.63 -17.87
C LEU B 314 12.54 -34.06 -18.32
N ARG B 315 12.13 -34.27 -19.58
CA ARG B 315 11.91 -35.58 -20.16
C ARG B 315 13.23 -36.35 -20.32
N ARG B 316 14.26 -35.69 -20.87
CA ARG B 316 15.54 -36.34 -21.09
C ARG B 316 16.22 -36.77 -19.80
N ALA B 317 15.96 -36.06 -18.69
CA ALA B 317 16.55 -36.38 -17.39
C ALA B 317 15.71 -37.39 -16.63
N ALA B 318 14.36 -37.32 -16.75
CA ALA B 318 13.48 -38.26 -16.05
C ALA B 318 13.62 -39.66 -16.62
N PRO B 319 13.95 -40.65 -15.77
CA PRO B 319 14.13 -42.02 -16.27
C PRO B 319 12.82 -42.68 -16.69
N LEU B 320 12.92 -43.78 -17.47
CA LEU B 320 11.76 -44.52 -17.90
C LEU B 320 11.02 -45.07 -16.70
N SER B 321 9.68 -45.12 -16.77
CA SER B 321 8.89 -45.59 -15.66
C SER B 321 7.85 -46.61 -16.09
N ARG B 322 7.69 -47.67 -15.30
CA ARG B 322 6.63 -48.64 -15.50
C ARG B 322 5.41 -48.36 -14.55
N ASP B 323 5.37 -47.17 -13.90
CA ASP B 323 4.25 -46.76 -13.06
C ASP B 323 3.23 -46.07 -13.94
N PRO B 324 2.00 -46.62 -14.01
CA PRO B 324 0.97 -46.02 -14.86
C PRO B 324 0.62 -44.58 -14.52
N THR B 325 0.77 -44.16 -13.27
CA THR B 325 0.49 -42.79 -12.88
C THR B 325 1.49 -41.84 -13.52
N GLU B 326 2.76 -42.22 -13.50
CA GLU B 326 3.86 -41.45 -14.07
C GLU B 326 3.78 -41.43 -15.61
N VAL B 327 3.39 -42.57 -16.23
CA VAL B 327 3.26 -42.70 -17.67
C VAL B 327 2.08 -41.87 -18.17
N THR B 328 0.96 -41.88 -17.44
CA THR B 328 -0.20 -41.07 -17.77
C THR B 328 0.14 -39.57 -17.62
N ALA B 329 0.94 -39.21 -16.59
CA ALA B 329 1.38 -37.82 -16.37
C ALA B 329 2.07 -37.20 -17.60
N ILE B 330 3.15 -37.82 -18.17
CA ILE B 330 3.75 -37.24 -19.39
C ILE B 330 2.81 -37.22 -20.55
N GLY B 331 2.06 -38.29 -20.77
CA GLY B 331 1.08 -38.35 -21.85
C GLY B 331 0.07 -37.23 -21.80
N ALA B 332 -0.44 -36.91 -20.60
CA ALA B 332 -1.37 -35.81 -20.37
C ALA B 332 -0.72 -34.45 -20.57
N VAL B 333 0.50 -34.24 -20.02
CA VAL B 333 1.24 -32.98 -20.16
C VAL B 333 1.58 -32.70 -21.63
N GLU B 334 2.03 -33.72 -22.39
CA GLU B 334 2.32 -33.63 -23.82
C GLU B 334 1.04 -33.28 -24.61
N ALA B 335 -0.08 -33.93 -24.28
CA ALA B 335 -1.38 -33.69 -24.89
C ALA B 335 -1.87 -32.29 -24.61
N ALA B 336 -1.61 -31.77 -23.41
CA ALA B 336 -2.03 -30.42 -23.05
C ALA B 336 -1.25 -29.37 -23.80
N PHE B 337 0.06 -29.62 -24.04
CA PHE B 337 0.87 -28.68 -24.79
C PHE B 337 0.43 -28.65 -26.27
N LYS B 338 0.07 -29.82 -26.81
CA LYS B 338 -0.34 -29.97 -28.21
C LYS B 338 -1.56 -29.14 -28.59
N CYS B 339 -2.52 -29.02 -27.69
CA CYS B 339 -3.77 -28.34 -27.99
C CYS B 339 -3.99 -27.05 -27.27
N CYS B 340 -3.01 -26.57 -26.47
CA CYS B 340 -3.15 -25.36 -25.63
C CYS B 340 -4.32 -25.57 -24.70
N ALA B 341 -4.27 -26.72 -23.96
CA ALA B 341 -5.32 -27.10 -23.00
C ALA B 341 -5.36 -26.07 -21.91
N ALA B 342 -6.55 -25.59 -21.56
CA ALA B 342 -6.74 -24.61 -20.50
C ALA B 342 -6.34 -25.24 -19.15
N ALA B 343 -6.64 -26.53 -18.98
CA ALA B 343 -6.40 -27.24 -17.76
C ALA B 343 -6.26 -28.74 -18.04
N ILE B 344 -5.69 -29.45 -17.04
CA ILE B 344 -5.59 -30.87 -16.84
C ILE B 344 -6.31 -31.03 -15.52
N ILE B 345 -7.46 -31.67 -15.54
CA ILE B 345 -8.24 -31.93 -14.34
C ILE B 345 -7.87 -33.33 -13.87
N VAL B 346 -7.56 -33.53 -12.59
CA VAL B 346 -7.15 -34.84 -12.12
C VAL B 346 -7.81 -35.21 -10.80
N LEU B 347 -8.37 -36.43 -10.71
CA LEU B 347 -8.93 -36.88 -9.47
C LEU B 347 -7.78 -37.42 -8.68
N THR B 348 -7.56 -36.88 -7.48
CA THR B 348 -6.48 -37.36 -6.62
C THR B 348 -6.96 -37.62 -5.20
N THR B 349 -6.40 -38.62 -4.52
CA THR B 349 -6.80 -38.98 -3.16
C THR B 349 -5.71 -38.50 -2.19
N THR B 350 -4.46 -38.81 -2.55
CA THR B 350 -3.27 -38.41 -1.78
C THR B 350 -2.57 -37.17 -2.37
N GLY B 351 -2.93 -36.78 -3.59
CA GLY B 351 -2.29 -35.66 -4.28
C GLY B 351 -1.16 -36.10 -5.20
N ARG B 352 -0.78 -37.39 -5.14
CA ARG B 352 0.33 -37.92 -5.92
C ARG B 352 0.15 -37.79 -7.42
N SER B 353 -1.05 -38.05 -7.95
CA SER B 353 -1.31 -37.91 -9.38
C SER B 353 -1.08 -36.48 -9.85
N ALA B 354 -1.56 -35.50 -9.08
CA ALA B 354 -1.38 -34.08 -9.39
C ALA B 354 0.07 -33.67 -9.31
N GLN B 355 0.82 -34.24 -8.34
CA GLN B 355 2.24 -33.97 -8.12
C GLN B 355 3.07 -34.45 -9.30
N LEU B 356 2.72 -35.61 -9.86
CA LEU B 356 3.42 -36.18 -11.01
C LEU B 356 3.16 -35.37 -12.27
N LEU B 357 1.97 -34.80 -12.42
CA LEU B 357 1.70 -33.94 -13.56
C LEU B 357 2.53 -32.65 -13.43
N SER B 358 2.59 -32.10 -12.20
CA SER B 358 3.31 -30.89 -11.81
C SER B 358 4.83 -30.97 -12.10
N ARG B 359 5.42 -32.16 -11.97
CA ARG B 359 6.85 -32.39 -12.20
C ARG B 359 7.24 -32.07 -13.62
N TYR B 360 6.32 -32.24 -14.60
CA TYR B 360 6.58 -31.93 -16.00
C TYR B 360 6.34 -30.47 -16.37
N ARG B 361 5.99 -29.62 -15.38
CA ARG B 361 5.78 -28.19 -15.55
C ARG B 361 4.93 -27.81 -16.77
N PRO B 362 3.68 -28.28 -16.85
CA PRO B 362 2.85 -27.90 -17.99
C PRO B 362 2.41 -26.43 -17.91
N ARG B 363 2.12 -25.84 -19.06
CA ARG B 363 1.56 -24.50 -19.09
C ARG B 363 0.07 -24.57 -18.61
N ALA B 364 -0.63 -25.73 -18.83
CA ALA B 364 -2.02 -25.98 -18.42
C ALA B 364 -2.17 -26.14 -16.90
N ALA B 365 -3.27 -25.62 -16.34
CA ALA B 365 -3.53 -25.64 -14.90
C ALA B 365 -3.84 -27.01 -14.46
N VAL B 366 -3.22 -27.47 -13.36
CA VAL B 366 -3.56 -28.80 -12.84
C VAL B 366 -4.65 -28.63 -11.76
N ILE B 367 -5.90 -28.74 -12.16
CA ILE B 367 -7.01 -28.64 -11.22
C ILE B 367 -7.08 -30.05 -10.54
N ALA B 368 -6.84 -30.14 -9.23
CA ALA B 368 -6.85 -31.44 -8.53
C ALA B 368 -8.07 -31.58 -7.67
N VAL B 369 -8.99 -32.50 -8.02
CA VAL B 369 -10.24 -32.67 -7.28
C VAL B 369 -10.04 -33.78 -6.26
N THR B 370 -10.20 -33.45 -4.98
CA THR B 370 -9.97 -34.41 -3.92
C THR B 370 -11.00 -34.33 -2.83
N ARG B 371 -11.23 -35.44 -2.15
CA ARG B 371 -12.13 -35.45 -1.00
C ARG B 371 -11.33 -35.24 0.30
N SER B 372 -9.98 -35.46 0.27
CA SER B 372 -9.12 -35.31 1.41
C SER B 372 -8.80 -33.83 1.63
N ALA B 373 -9.28 -33.25 2.75
CA ALA B 373 -9.01 -31.84 3.06
C ALA B 373 -7.52 -31.59 3.29
N GLN B 374 -6.78 -32.59 3.81
CA GLN B 374 -5.35 -32.45 4.02
C GLN B 374 -4.59 -32.45 2.72
N ALA B 375 -4.95 -33.35 1.78
CA ALA B 375 -4.32 -33.42 0.45
C ALA B 375 -4.55 -32.11 -0.32
N ALA B 376 -5.73 -31.57 -0.24
CA ALA B 376 -6.12 -30.31 -0.89
C ALA B 376 -5.21 -29.17 -0.41
N ARG B 377 -4.88 -29.15 0.88
CA ARG B 377 -4.03 -28.12 1.44
C ARG B 377 -2.59 -28.35 1.07
N GLN B 378 -2.12 -29.60 1.21
CA GLN B 378 -0.72 -29.98 0.93
C GLN B 378 -0.29 -29.87 -0.54
N VAL B 379 -1.23 -29.99 -1.50
CA VAL B 379 -0.85 -29.87 -2.92
C VAL B 379 -0.48 -28.43 -3.34
N HIS B 380 -0.63 -27.45 -2.45
CA HIS B 380 -0.16 -26.09 -2.70
C HIS B 380 1.40 -26.09 -2.80
N LEU B 381 2.08 -27.09 -2.23
CA LEU B 381 3.55 -27.24 -2.31
C LEU B 381 4.01 -27.56 -3.72
N CYS B 382 3.12 -28.16 -4.60
CA CYS B 382 3.50 -28.51 -5.99
C CYS B 382 2.98 -27.48 -6.96
N ARG B 383 3.90 -26.79 -7.67
CA ARG B 383 3.61 -25.72 -8.63
C ARG B 383 2.63 -26.11 -9.68
N GLY B 384 1.59 -25.31 -9.81
CA GLY B 384 0.59 -25.52 -10.85
C GLY B 384 -0.56 -26.38 -10.45
N VAL B 385 -0.63 -26.81 -9.18
CA VAL B 385 -1.75 -27.60 -8.72
C VAL B 385 -2.80 -26.72 -7.98
N PHE B 386 -4.02 -26.62 -8.53
CA PHE B 386 -5.13 -25.84 -8.00
C PHE B 386 -6.10 -26.78 -7.32
N PRO B 387 -6.02 -26.91 -5.99
CA PRO B 387 -6.87 -27.88 -5.29
C PRO B 387 -8.34 -27.54 -5.14
N LEU B 388 -9.18 -28.54 -5.33
CA LEU B 388 -10.59 -28.38 -5.13
C LEU B 388 -11.01 -29.41 -4.11
N LEU B 389 -11.77 -28.98 -3.09
CA LEU B 389 -12.23 -29.93 -2.10
C LEU B 389 -13.67 -30.32 -2.40
N TYR B 390 -13.86 -31.56 -2.83
CA TYR B 390 -15.17 -32.11 -3.17
C TYR B 390 -15.76 -32.60 -1.88
N ARG B 391 -16.95 -32.11 -1.51
CA ARG B 391 -17.58 -32.48 -0.24
C ARG B 391 -18.61 -33.59 -0.33
N GLU B 392 -19.30 -33.72 -1.50
CA GLU B 392 -20.37 -34.70 -1.71
C GLU B 392 -20.02 -36.14 -1.40
N PRO B 393 -20.95 -36.88 -0.76
CA PRO B 393 -20.67 -38.29 -0.44
C PRO B 393 -20.63 -39.17 -1.71
N PRO B 394 -19.95 -40.31 -1.64
CA PRO B 394 -19.83 -41.16 -2.83
C PRO B 394 -21.12 -41.69 -3.38
N GLU B 395 -21.31 -41.53 -4.70
CA GLU B 395 -22.44 -42.00 -5.51
C GLU B 395 -22.40 -43.51 -5.58
N ALA B 396 -23.58 -44.13 -5.78
CA ALA B 396 -23.73 -45.56 -5.87
C ALA B 396 -22.91 -46.11 -7.03
N ILE B 397 -23.01 -45.49 -8.22
CA ILE B 397 -22.23 -45.94 -9.38
C ILE B 397 -20.90 -45.21 -9.48
N TRP B 398 -19.80 -45.95 -9.39
CA TRP B 398 -18.43 -45.44 -9.44
C TRP B 398 -18.16 -44.50 -10.64
N ALA B 399 -18.48 -44.92 -11.86
CA ALA B 399 -18.30 -44.08 -13.03
C ALA B 399 -19.09 -42.77 -12.94
N ASP B 400 -20.23 -42.76 -12.23
CA ASP B 400 -21.02 -41.54 -12.06
C ASP B 400 -20.37 -40.62 -11.02
N ASP B 401 -19.76 -41.19 -9.98
CA ASP B 401 -19.05 -40.43 -8.95
C ASP B 401 -17.82 -39.75 -9.57
N VAL B 402 -17.13 -40.45 -10.45
CA VAL B 402 -15.98 -39.91 -11.14
C VAL B 402 -16.41 -38.73 -12.02
N ASP B 403 -17.47 -38.94 -12.81
CA ASP B 403 -17.99 -37.90 -13.68
C ASP B 403 -18.49 -36.67 -12.95
N ARG B 404 -19.02 -36.86 -11.74
CA ARG B 404 -19.49 -35.75 -10.92
C ARG B 404 -18.34 -34.92 -10.43
N ARG B 405 -17.24 -35.55 -10.02
CA ARG B 405 -16.07 -34.82 -9.57
C ARG B 405 -15.42 -34.09 -10.75
N VAL B 406 -15.40 -34.72 -11.92
CA VAL B 406 -14.84 -34.09 -13.12
C VAL B 406 -15.67 -32.83 -13.47
N GLN B 407 -17.00 -32.95 -13.36
CA GLN B 407 -17.87 -31.83 -13.62
C GLN B 407 -17.71 -30.75 -12.56
N PHE B 408 -17.42 -31.13 -11.32
CA PHE B 408 -17.15 -30.20 -10.24
C PHE B 408 -15.91 -29.36 -10.56
N GLY B 409 -14.89 -29.98 -11.15
CA GLY B 409 -13.68 -29.28 -11.57
C GLY B 409 -13.95 -28.34 -12.72
N ILE B 410 -14.81 -28.74 -13.66
CA ILE B 410 -15.20 -27.90 -14.77
C ILE B 410 -15.97 -26.70 -14.25
N GLU B 411 -16.91 -26.91 -13.32
CA GLU B 411 -17.72 -25.82 -12.80
C GLU B 411 -16.91 -24.84 -11.97
N SER B 412 -15.99 -25.34 -11.13
CA SER B 412 -15.10 -24.50 -10.33
C SER B 412 -14.18 -23.74 -11.24
N GLY B 413 -13.62 -24.40 -12.24
CA GLY B 413 -12.75 -23.80 -13.21
C GLY B 413 -13.43 -22.70 -13.97
N LYS B 414 -14.69 -22.90 -14.40
CA LYS B 414 -15.47 -21.89 -15.14
C LYS B 414 -15.72 -20.66 -14.28
N LEU B 415 -16.16 -20.88 -13.02
CA LEU B 415 -16.45 -19.86 -12.03
C LEU B 415 -15.21 -19.01 -11.74
N ARG B 416 -14.04 -19.67 -11.61
CA ARG B 416 -12.79 -19.00 -11.29
C ARG B 416 -12.07 -18.39 -12.50
N GLY B 417 -12.64 -18.51 -13.69
CA GLY B 417 -12.05 -17.96 -14.90
C GLY B 417 -10.95 -18.78 -15.55
N PHE B 418 -10.66 -19.97 -15.03
CA PHE B 418 -9.64 -20.86 -15.62
C PHE B 418 -10.16 -21.46 -16.94
N LEU B 419 -11.46 -21.77 -16.99
CA LEU B 419 -12.05 -22.40 -18.15
C LEU B 419 -13.14 -21.57 -18.77
N ARG B 420 -13.25 -21.67 -20.08
CA ARG B 420 -14.32 -21.05 -20.85
C ARG B 420 -14.93 -22.11 -21.77
N VAL B 421 -16.17 -21.90 -22.21
CA VAL B 421 -16.83 -22.82 -23.14
C VAL B 421 -16.06 -22.79 -24.46
N GLY B 422 -15.73 -23.97 -24.98
CA GLY B 422 -14.95 -24.08 -26.20
C GLY B 422 -13.54 -24.57 -25.94
N ASP B 423 -13.04 -24.38 -24.72
CA ASP B 423 -11.70 -24.82 -24.31
C ASP B 423 -11.57 -26.35 -24.34
N LEU B 424 -10.33 -26.83 -24.42
CA LEU B 424 -10.02 -28.24 -24.38
C LEU B 424 -9.34 -28.50 -23.05
N VAL B 425 -9.67 -29.61 -22.41
CA VAL B 425 -9.03 -30.01 -21.17
C VAL B 425 -8.58 -31.47 -21.32
N ILE B 426 -7.62 -31.82 -20.50
CA ILE B 426 -7.12 -33.17 -20.42
C ILE B 426 -7.61 -33.66 -19.08
N VAL B 427 -8.29 -34.81 -19.05
CA VAL B 427 -8.85 -35.33 -17.81
C VAL B 427 -8.07 -36.59 -17.39
N VAL B 428 -7.70 -36.68 -16.10
CA VAL B 428 -6.90 -37.78 -15.61
C VAL B 428 -7.57 -38.45 -14.43
N THR B 429 -7.99 -39.68 -14.67
CA THR B 429 -8.72 -40.57 -13.78
C THR B 429 -8.07 -41.97 -13.79
N GLY B 430 -8.60 -42.90 -12.99
CA GLY B 430 -8.11 -44.25 -12.88
C GLY B 430 -9.15 -45.28 -13.23
N TRP B 431 -8.76 -46.54 -13.27
CA TRP B 431 -9.64 -47.65 -13.64
C TRP B 431 -10.43 -48.26 -12.47
N ARG B 432 -10.11 -47.88 -11.24
CA ARG B 432 -10.79 -48.41 -10.07
C ARG B 432 -10.66 -47.45 -8.87
N PRO B 433 -11.50 -47.58 -7.82
CA PRO B 433 -11.34 -46.69 -6.64
C PRO B 433 -10.04 -46.92 -5.88
N GLY B 434 -9.72 -45.96 -5.03
CA GLY B 434 -8.49 -46.01 -4.24
C GLY B 434 -7.34 -45.38 -4.98
N SER B 435 -6.37 -44.86 -4.23
CA SER B 435 -5.23 -44.22 -4.83
C SER B 435 -4.29 -45.24 -5.48
N GLY B 436 -3.50 -44.77 -6.42
CA GLY B 436 -2.48 -45.57 -7.07
C GLY B 436 -2.89 -46.23 -8.36
N TYR B 437 -4.12 -45.98 -8.83
CA TYR B 437 -4.61 -46.62 -10.05
C TYR B 437 -4.90 -45.65 -11.18
N THR B 438 -4.26 -44.47 -11.18
CA THR B 438 -4.45 -43.50 -12.29
C THR B 438 -3.81 -44.13 -13.56
N ASN B 439 -4.57 -44.15 -14.65
CA ASN B 439 -4.09 -44.75 -15.89
C ASN B 439 -4.81 -44.22 -17.13
N ILE B 440 -5.76 -43.30 -16.99
CA ILE B 440 -6.55 -42.82 -18.11
C ILE B 440 -6.38 -41.33 -18.26
N MET B 441 -6.28 -40.88 -19.54
CA MET B 441 -6.16 -39.51 -19.97
C MET B 441 -7.21 -39.30 -21.07
N ARG B 442 -8.03 -38.25 -20.98
CA ARG B 442 -9.05 -37.98 -22.00
C ARG B 442 -8.99 -36.54 -22.48
N VAL B 443 -9.33 -36.31 -23.75
CA VAL B 443 -9.43 -34.96 -24.32
C VAL B 443 -10.91 -34.56 -24.30
N LEU B 444 -11.27 -33.49 -23.59
CA LEU B 444 -12.66 -33.04 -23.53
C LEU B 444 -12.83 -31.64 -24.02
N SER B 445 -13.99 -31.35 -24.60
CA SER B 445 -14.32 -30.01 -25.04
C SER B 445 -15.31 -29.43 -24.03
N ILE B 446 -15.02 -28.23 -23.50
CA ILE B 446 -15.88 -27.58 -22.51
C ILE B 446 -17.17 -27.08 -23.16
N SER B 447 -18.29 -27.58 -22.66
CA SER B 447 -19.61 -27.21 -23.14
C SER B 447 -20.34 -26.39 -22.05
N THR C 24 -26.68 6.74 11.33
CA THR C 24 -26.56 5.40 11.93
C THR C 24 -27.41 5.28 13.23
N ALA C 25 -27.63 4.04 13.71
CA ALA C 25 -28.28 3.77 15.00
C ALA C 25 -27.32 4.18 16.16
N PHE C 26 -26.00 4.16 15.89
CA PHE C 26 -24.86 4.54 16.71
C PHE C 26 -25.10 5.81 17.54
N PHE C 27 -25.71 6.84 16.95
CA PHE C 27 -25.93 8.11 17.62
C PHE C 27 -27.18 8.16 18.51
N GLN C 28 -27.69 7.00 18.92
CA GLN C 28 -28.82 6.88 19.86
C GLN C 28 -28.57 5.64 20.76
N GLN C 29 -27.29 5.36 21.11
CA GLN C 29 -27.00 4.19 21.92
C GLN C 29 -26.44 4.56 23.29
N GLN C 30 -25.22 5.10 23.38
CA GLN C 30 -24.65 5.44 24.70
C GLN C 30 -25.01 6.86 25.15
N GLN C 31 -26.32 7.20 25.14
CA GLN C 31 -26.82 8.54 25.47
C GLN C 31 -26.16 9.63 24.64
N LEU C 32 -25.79 9.31 23.38
CA LEU C 32 -25.12 10.28 22.53
C LEU C 32 -25.95 11.54 22.23
N PRO C 33 -27.28 11.50 22.06
CA PRO C 33 -28.03 12.76 21.89
C PRO C 33 -27.91 13.68 23.10
N ALA C 34 -27.91 13.09 24.31
CA ALA C 34 -27.78 13.83 25.56
C ALA C 34 -26.35 14.36 25.76
N ALA C 35 -25.35 13.60 25.29
CA ALA C 35 -23.95 14.02 25.43
C ALA C 35 -23.58 15.19 24.49
N MET C 36 -24.33 15.35 23.38
CA MET C 36 -24.10 16.44 22.44
C MET C 36 -24.86 17.73 22.77
N ALA C 37 -25.63 17.75 23.88
CA ALA C 37 -26.41 18.93 24.26
C ALA C 37 -25.53 20.12 24.62
N ASP C 38 -26.04 21.33 24.42
CA ASP C 38 -25.27 22.54 24.70
C ASP C 38 -25.33 22.99 26.15
N THR C 39 -26.34 22.54 26.90
CA THR C 39 -26.44 22.87 28.32
C THR C 39 -26.69 21.59 29.15
N PHE C 40 -26.44 21.66 30.46
CA PHE C 40 -26.71 20.54 31.34
C PHE C 40 -28.22 20.30 31.46
N LEU C 41 -29.02 21.37 31.43
CA LEU C 41 -30.48 21.25 31.47
C LEU C 41 -30.96 20.55 30.21
N GLU C 42 -30.42 20.93 29.05
CA GLU C 42 -30.76 20.30 27.77
C GLU C 42 -30.30 18.83 27.76
N HIS C 43 -29.16 18.55 28.40
CA HIS C 43 -28.57 17.21 28.56
C HIS C 43 -29.53 16.33 29.36
N LEU C 44 -30.06 16.84 30.48
CA LEU C 44 -31.02 16.10 31.29
C LEU C 44 -32.27 15.78 30.49
N CYS C 45 -32.78 16.76 29.76
CA CYS C 45 -33.98 16.62 28.94
C CYS C 45 -33.79 15.61 27.80
N LEU C 46 -32.54 15.35 27.37
CA LEU C 46 -32.28 14.41 26.28
C LEU C 46 -31.93 12.99 26.74
N LEU C 47 -31.98 12.71 28.05
CA LEU C 47 -31.69 11.38 28.57
C LEU C 47 -32.79 10.44 28.14
N ASP C 48 -32.43 9.29 27.57
CA ASP C 48 -33.37 8.32 27.04
C ASP C 48 -33.23 6.95 27.70
N ILE C 49 -34.33 6.41 28.25
CA ILE C 49 -34.32 5.07 28.86
C ILE C 49 -34.08 3.95 27.81
N ASP C 50 -34.42 4.20 26.55
CA ASP C 50 -34.21 3.26 25.48
C ASP C 50 -32.80 3.35 24.84
N SER C 51 -31.98 4.30 25.28
CA SER C 51 -30.62 4.46 24.77
C SER C 51 -29.75 3.50 25.60
N GLU C 52 -29.55 2.30 25.05
CA GLU C 52 -28.80 1.18 25.66
C GLU C 52 -27.32 1.48 25.78
N PRO C 53 -26.70 1.34 26.97
CA PRO C 53 -25.25 1.56 27.07
C PRO C 53 -24.50 0.48 26.28
N VAL C 54 -23.52 0.90 25.49
CA VAL C 54 -22.74 -0.05 24.69
C VAL C 54 -21.33 -0.21 25.23
N ALA C 55 -20.74 0.87 25.74
CA ALA C 55 -19.37 0.83 26.26
C ALA C 55 -19.23 -0.07 27.51
N ALA C 56 -17.99 -0.53 27.78
CA ALA C 56 -17.70 -1.39 28.93
C ALA C 56 -17.82 -0.58 30.22
N ARG C 57 -18.18 -1.24 31.33
CA ARG C 57 -18.33 -0.58 32.61
C ARG C 57 -16.99 -0.16 33.16
N SER C 58 -16.79 1.16 33.34
CA SER C 58 -15.55 1.81 33.77
C SER C 58 -15.33 1.95 35.32
N THR C 59 -16.40 2.21 36.10
CA THR C 59 -16.29 2.35 37.57
C THR C 59 -16.05 0.99 38.19
N SER C 60 -14.90 0.80 38.88
CA SER C 60 -14.59 -0.50 39.46
C SER C 60 -15.43 -0.86 40.64
N ILE C 61 -15.63 -2.15 40.82
CA ILE C 61 -16.41 -2.66 41.91
C ILE C 61 -15.49 -3.32 42.92
N ILE C 62 -15.58 -2.90 44.19
CA ILE C 62 -14.81 -3.47 45.29
C ILE C 62 -15.79 -4.33 46.08
N ALA C 63 -15.56 -5.64 46.15
CA ALA C 63 -16.44 -6.55 46.88
C ALA C 63 -15.76 -7.05 48.14
N THR C 64 -16.42 -6.95 49.30
CA THR C 64 -15.84 -7.43 50.56
C THR C 64 -16.00 -8.92 50.68
N ILE C 65 -14.88 -9.62 50.90
CA ILE C 65 -14.87 -11.05 51.02
C ILE C 65 -15.14 -11.50 52.46
N GLY C 66 -16.20 -12.27 52.64
CA GLY C 66 -16.58 -12.81 53.95
C GLY C 66 -17.12 -14.23 53.84
N PRO C 67 -17.88 -14.68 54.84
CA PRO C 67 -18.43 -16.05 54.80
C PRO C 67 -19.28 -16.36 53.57
N ALA C 68 -20.07 -15.37 53.13
CA ALA C 68 -20.94 -15.52 51.95
C ALA C 68 -20.20 -15.50 50.62
N SER C 69 -18.89 -15.20 50.61
CA SER C 69 -18.18 -15.04 49.35
C SER C 69 -16.78 -15.63 49.26
N ARG C 70 -16.28 -16.32 50.29
CA ARG C 70 -14.91 -16.86 50.23
C ARG C 70 -14.79 -18.23 49.54
N SER C 71 -15.88 -18.78 49.04
CA SER C 71 -15.86 -20.06 48.31
C SER C 71 -15.17 -19.83 46.95
N VAL C 72 -14.25 -20.72 46.51
CA VAL C 72 -13.58 -20.56 45.22
C VAL C 72 -14.57 -20.49 44.07
N GLU C 73 -15.61 -21.35 44.07
CA GLU C 73 -16.61 -21.35 43.01
C GLU C 73 -17.47 -20.09 43.01
N ARG C 74 -17.71 -19.53 44.20
CA ARG C 74 -18.48 -18.31 44.38
C ARG C 74 -17.66 -17.12 43.87
N LEU C 75 -16.36 -17.09 44.19
CA LEU C 75 -15.45 -16.04 43.75
C LEU C 75 -15.35 -16.00 42.25
N LYS C 76 -15.38 -17.18 41.58
CA LYS C 76 -15.35 -17.27 40.11
C LYS C 76 -16.60 -16.58 39.54
N GLU C 77 -17.75 -16.78 40.17
CA GLU C 77 -19.03 -16.18 39.80
C GLU C 77 -18.99 -14.64 39.95
N MET C 78 -18.33 -14.17 41.00
CA MET C 78 -18.18 -12.75 41.30
C MET C 78 -17.25 -12.05 40.31
N ILE C 79 -16.20 -12.76 39.86
CA ILE C 79 -15.29 -12.23 38.87
C ILE C 79 -16.03 -12.09 37.52
N LYS C 80 -16.88 -13.08 37.17
CA LYS C 80 -17.68 -13.02 35.96
C LYS C 80 -18.69 -11.87 36.06
N ALA C 81 -19.30 -11.67 37.22
CA ALA C 81 -20.26 -10.61 37.50
C ALA C 81 -19.65 -9.19 37.39
N GLY C 82 -18.34 -9.07 37.61
CA GLY C 82 -17.63 -7.80 37.50
C GLY C 82 -16.84 -7.33 38.72
N MET C 83 -16.47 -8.23 39.64
CA MET C 83 -15.67 -7.82 40.79
C MET C 83 -14.25 -7.49 40.27
N ASN C 84 -13.72 -6.35 40.68
CA ASN C 84 -12.38 -5.92 40.25
C ASN C 84 -11.39 -5.93 41.38
N ILE C 85 -11.86 -5.62 42.61
CA ILE C 85 -11.03 -5.58 43.80
C ILE C 85 -11.73 -6.34 44.92
N ALA C 86 -10.99 -7.26 45.57
CA ALA C 86 -11.48 -8.05 46.69
C ALA C 86 -11.02 -7.38 47.98
N ARG C 87 -11.96 -6.99 48.85
CA ARG C 87 -11.64 -6.32 50.09
C ARG C 87 -11.62 -7.31 51.26
N LEU C 88 -10.59 -7.22 52.12
CA LEU C 88 -10.46 -8.06 53.30
C LEU C 88 -10.56 -7.16 54.51
N ASN C 89 -11.68 -7.21 55.24
CA ASN C 89 -11.89 -6.38 56.41
C ASN C 89 -11.15 -6.95 57.60
N PHE C 90 -10.06 -6.29 57.99
CA PHE C 90 -9.25 -6.72 59.13
C PHE C 90 -9.82 -6.28 60.51
N SER C 91 -11.07 -5.85 60.55
CA SER C 91 -11.75 -5.57 61.80
C SER C 91 -12.11 -6.93 62.44
N HIS C 92 -12.57 -7.88 61.62
CA HIS C 92 -12.94 -9.25 62.01
C HIS C 92 -11.99 -10.27 61.35
N GLY C 93 -12.02 -11.51 61.79
CA GLY C 93 -11.22 -12.58 61.19
C GLY C 93 -9.76 -12.58 61.60
N SER C 94 -9.17 -13.78 61.64
CA SER C 94 -7.80 -14.00 62.03
C SER C 94 -6.86 -13.92 60.82
N HIS C 95 -5.54 -13.89 61.04
CA HIS C 95 -4.58 -13.89 59.94
C HIS C 95 -4.72 -15.15 59.09
N GLU C 96 -4.99 -16.29 59.72
N GLU C 96 -4.99 -16.30 59.73
CA GLU C 96 -5.16 -17.56 59.01
CA GLU C 96 -5.17 -17.58 59.06
C GLU C 96 -6.40 -17.52 58.11
C GLU C 96 -6.40 -17.51 58.13
N TYR C 97 -7.48 -16.88 58.59
CA TYR C 97 -8.73 -16.70 57.85
C TYR C 97 -8.52 -15.85 56.62
N HIS C 98 -7.76 -14.75 56.78
CA HIS C 98 -7.53 -13.83 55.69
C HIS C 98 -6.57 -14.38 54.66
N ALA C 99 -5.56 -15.14 55.08
CA ALA C 99 -4.64 -15.79 54.17
C ALA C 99 -5.37 -16.82 53.28
N GLU C 100 -6.33 -17.53 53.87
CA GLU C 100 -7.15 -18.52 53.19
C GLU C 100 -8.08 -17.83 52.18
N SER C 101 -8.68 -16.69 52.56
CA SER C 101 -9.51 -15.89 51.67
C SER C 101 -8.68 -15.42 50.43
N ILE C 102 -7.45 -14.89 50.68
CA ILE C 102 -6.52 -14.45 49.64
C ILE C 102 -6.20 -15.57 48.64
N ALA C 103 -5.90 -16.77 49.16
CA ALA C 103 -5.56 -17.95 48.37
C ALA C 103 -6.75 -18.37 47.49
N ASN C 104 -7.96 -18.26 48.03
CA ASN C 104 -9.16 -18.62 47.31
C ASN C 104 -9.42 -17.61 46.18
N VAL C 105 -9.14 -16.32 46.44
CA VAL C 105 -9.28 -15.26 45.44
C VAL C 105 -8.30 -15.53 44.31
N ARG C 106 -7.01 -15.70 44.61
CA ARG C 106 -6.00 -15.98 43.60
C ARG C 106 -6.27 -17.24 42.79
N GLU C 107 -6.82 -18.29 43.42
CA GLU C 107 -7.17 -19.53 42.73
C GLU C 107 -8.30 -19.29 41.72
N ALA C 108 -9.34 -18.53 42.13
CA ALA C 108 -10.45 -18.20 41.25
C ALA C 108 -10.03 -17.25 40.14
N VAL C 109 -9.06 -16.35 40.39
CA VAL C 109 -8.58 -15.41 39.38
C VAL C 109 -7.72 -16.14 38.35
N GLU C 110 -6.81 -17.00 38.80
CA GLU C 110 -5.94 -17.74 37.90
C GLU C 110 -6.63 -18.85 37.11
N SER C 111 -7.85 -19.24 37.49
CA SER C 111 -8.59 -20.25 36.73
C SER C 111 -8.96 -19.77 35.30
N PHE C 112 -8.96 -18.43 35.08
CA PHE C 112 -9.23 -17.81 33.78
C PHE C 112 -7.95 -17.45 32.98
N ALA C 113 -6.76 -17.69 33.55
CA ALA C 113 -5.50 -17.39 32.88
C ALA C 113 -5.16 -18.31 31.68
N GLY C 114 -6.04 -19.26 31.37
CA GLY C 114 -5.86 -20.18 30.24
C GLY C 114 -6.10 -19.50 28.91
N SER C 115 -6.93 -18.45 28.90
CA SER C 115 -7.21 -17.65 27.71
C SER C 115 -6.73 -16.24 28.05
N PRO C 116 -5.49 -15.91 27.70
CA PRO C 116 -4.94 -14.58 28.07
C PRO C 116 -5.63 -13.33 27.47
N LEU C 117 -6.35 -13.53 26.35
CA LEU C 117 -7.11 -12.46 25.70
C LEU C 117 -8.36 -12.07 26.47
N SER C 118 -8.83 -12.94 27.41
CA SER C 118 -10.02 -12.69 28.22
C SER C 118 -9.75 -12.66 29.74
N TYR C 119 -8.51 -12.93 30.18
CA TYR C 119 -8.12 -12.93 31.59
C TYR C 119 -8.31 -11.55 32.23
N ARG C 120 -9.00 -11.54 33.40
CA ARG C 120 -9.26 -10.33 34.14
C ARG C 120 -8.47 -10.31 35.44
N PRO C 121 -7.46 -9.41 35.57
CA PRO C 121 -6.75 -9.29 36.86
C PRO C 121 -7.68 -8.79 37.98
N VAL C 122 -7.47 -9.22 39.23
CA VAL C 122 -8.32 -8.78 40.35
C VAL C 122 -7.42 -8.34 41.48
N ALA C 123 -7.56 -7.10 41.97
CA ALA C 123 -6.69 -6.61 43.06
C ALA C 123 -7.14 -7.13 44.43
N ILE C 124 -6.20 -7.26 45.39
CA ILE C 124 -6.44 -7.64 46.79
C ILE C 124 -6.20 -6.39 47.64
N ALA C 125 -7.22 -5.95 48.38
CA ALA C 125 -7.10 -4.77 49.23
C ALA C 125 -7.31 -5.12 50.68
N LEU C 126 -6.43 -4.61 51.54
CA LEU C 126 -6.52 -4.87 52.97
C LEU C 126 -7.15 -3.65 53.66
N ASP C 127 -8.30 -3.83 54.32
CA ASP C 127 -8.92 -2.73 55.05
C ASP C 127 -8.51 -2.88 56.49
N THR C 128 -7.67 -1.97 57.01
CA THR C 128 -7.19 -2.02 58.39
C THR C 128 -8.32 -1.87 59.44
N LYS C 129 -8.03 -2.26 60.72
CA LYS C 129 -8.96 -2.14 61.83
C LYS C 129 -9.11 -0.66 62.26
N GLY C 130 -8.00 -0.02 62.60
CA GLY C 130 -8.03 1.38 62.98
C GLY C 130 -7.29 1.68 64.26
N PRO C 131 -7.04 2.96 64.51
CA PRO C 131 -6.32 3.36 65.74
C PRO C 131 -7.09 3.03 67.03
N GLY C 132 -8.41 3.15 66.97
CA GLY C 132 -9.35 2.83 68.05
C GLY C 132 -9.03 3.38 69.43
N SER C 133 -9.06 4.73 69.57
CA SER C 133 -8.81 5.46 70.82
C SER C 133 -7.34 5.33 71.28
N GLY C 134 -6.42 5.76 70.44
CA GLY C 134 -5.01 5.69 70.77
C GLY C 134 -4.12 6.48 69.84
N PRO C 135 -2.93 6.87 70.35
CA PRO C 135 -1.98 7.62 69.50
C PRO C 135 -1.22 6.72 68.51
N GLY C 136 -0.91 7.25 67.31
CA GLY C 136 -0.20 6.53 66.27
C GLY C 136 -0.87 5.26 65.77
N LEU C 137 -0.10 4.40 65.09
CA LEU C 137 -0.61 3.11 64.59
C LEU C 137 -0.85 2.15 65.73
N SER C 138 -1.98 1.47 65.74
CA SER C 138 -2.24 0.46 66.77
C SER C 138 -1.39 -0.79 66.52
N GLU C 139 -1.06 -1.56 67.59
CA GLU C 139 -0.20 -2.76 67.47
C GLU C 139 -0.74 -3.75 66.46
N GLN C 140 -2.07 -3.94 66.41
CA GLN C 140 -2.66 -4.88 65.47
C GLN C 140 -2.46 -4.40 64.07
N ASP C 141 -2.64 -3.10 63.82
CA ASP C 141 -2.44 -2.52 62.47
C ASP C 141 -1.05 -2.74 61.94
N VAL C 142 -0.03 -2.61 62.78
CA VAL C 142 1.37 -2.87 62.43
C VAL C 142 1.53 -4.33 61.98
N ARG C 143 0.88 -5.29 62.69
CA ARG C 143 0.95 -6.72 62.40
C ARG C 143 0.21 -7.04 61.11
N ASP C 144 -0.97 -6.39 60.91
CA ASP C 144 -1.84 -6.55 59.76
C ASP C 144 -1.22 -6.00 58.49
N LEU C 145 -0.53 -4.84 58.57
CA LEU C 145 0.15 -4.25 57.44
C LEU C 145 1.33 -5.12 57.04
N ARG C 146 2.05 -5.74 58.01
CA ARG C 146 3.15 -6.68 57.69
C ARG C 146 2.60 -7.92 57.03
N PHE C 147 1.41 -8.34 57.43
CA PHE C 147 0.71 -9.46 56.81
C PHE C 147 0.40 -9.11 55.32
N GLY C 148 -0.03 -7.86 55.08
CA GLY C 148 -0.34 -7.39 53.74
C GLY C 148 0.86 -7.42 52.83
N VAL C 149 2.00 -6.98 53.38
CA VAL C 149 3.28 -6.98 52.68
C VAL C 149 3.65 -8.45 52.41
N GLU C 150 3.68 -9.29 53.43
CA GLU C 150 4.01 -10.70 53.26
C GLU C 150 3.08 -11.49 52.33
N HIS C 151 1.82 -11.09 52.20
CA HIS C 151 0.87 -11.75 51.31
C HIS C 151 0.64 -11.06 49.97
N GLY C 152 1.30 -9.92 49.74
CA GLY C 152 1.25 -9.20 48.47
C GLY C 152 -0.03 -8.48 48.11
N VAL C 153 -0.58 -7.76 49.09
CA VAL C 153 -1.77 -6.97 48.83
C VAL C 153 -1.38 -5.78 47.91
N ASP C 154 -2.30 -5.45 47.01
CA ASP C 154 -2.14 -4.39 46.04
C ASP C 154 -2.56 -3.05 46.59
N ILE C 155 -3.57 -3.01 47.46
CA ILE C 155 -4.10 -1.75 48.00
C ILE C 155 -4.27 -1.87 49.50
N VAL C 156 -4.22 -0.75 50.23
CA VAL C 156 -4.45 -0.69 51.68
C VAL C 156 -5.52 0.39 51.90
N PHE C 157 -6.62 0.07 52.58
CA PHE C 157 -7.61 1.07 52.91
C PHE C 157 -7.32 1.44 54.36
N ALA C 158 -6.55 2.50 54.56
CA ALA C 158 -6.16 2.92 55.90
C ALA C 158 -7.33 3.52 56.64
N SER C 159 -7.76 2.86 57.73
CA SER C 159 -8.90 3.31 58.53
C SER C 159 -8.60 4.52 59.38
N PHE C 160 -9.58 5.41 59.54
CA PHE C 160 -9.58 6.62 60.35
C PHE C 160 -8.32 7.49 60.18
N VAL C 161 -8.07 7.93 58.97
CA VAL C 161 -6.99 8.83 58.68
C VAL C 161 -7.52 10.22 59.05
N ARG C 162 -6.81 10.94 59.92
CA ARG C 162 -7.22 12.27 60.39
C ARG C 162 -6.24 13.37 60.00
N LYS C 163 -4.97 13.01 59.81
CA LYS C 163 -3.91 13.93 59.41
C LYS C 163 -2.88 13.21 58.53
N ALA C 164 -1.96 13.97 57.89
CA ALA C 164 -0.92 13.44 57.00
C ALA C 164 -0.01 12.47 57.71
N SER C 165 0.28 12.72 59.00
CA SER C 165 1.14 11.84 59.83
C SER C 165 0.59 10.43 59.94
N ASP C 166 -0.76 10.30 59.89
CA ASP C 166 -1.48 9.04 59.91
C ASP C 166 -1.10 8.24 58.65
N VAL C 167 -1.11 8.91 57.48
CA VAL C 167 -0.74 8.33 56.21
C VAL C 167 0.72 7.93 56.28
N ALA C 168 1.58 8.84 56.80
CA ALA C 168 2.99 8.56 56.93
C ALA C 168 3.25 7.34 57.80
N ALA C 169 2.42 7.12 58.81
CA ALA C 169 2.54 5.97 59.70
C ALA C 169 2.16 4.67 58.98
N VAL C 170 1.04 4.65 58.26
CA VAL C 170 0.66 3.50 57.45
C VAL C 170 1.73 3.15 56.37
N ARG C 171 2.48 4.14 55.89
CA ARG C 171 3.49 3.95 54.83
C ARG C 171 4.83 3.48 55.39
N ALA C 172 5.19 3.96 56.60
CA ALA C 172 6.41 3.50 57.25
C ALA C 172 6.24 2.01 57.69
N ALA C 173 4.97 1.61 57.96
CA ALA C 173 4.56 0.26 58.34
C ALA C 173 4.69 -0.73 57.19
N LEU C 174 4.49 -0.26 55.97
CA LEU C 174 4.67 -1.13 54.81
C LEU C 174 6.18 -1.42 54.55
N GLY C 175 7.00 -1.33 55.62
CA GLY C 175 8.42 -1.61 55.75
C GLY C 175 9.24 -1.36 54.51
N PRO C 176 10.24 -2.23 54.28
CA PRO C 176 11.07 -2.04 53.08
C PRO C 176 10.38 -2.55 51.78
N GLU C 177 9.83 -3.75 51.87
CA GLU C 177 9.25 -4.53 50.79
C GLU C 177 7.88 -4.08 50.28
N GLY C 178 7.29 -3.03 50.85
CA GLY C 178 5.94 -2.65 50.48
C GLY C 178 5.66 -1.23 50.06
N HIS C 179 6.70 -0.47 49.60
CA HIS C 179 6.46 0.91 49.14
C HIS C 179 5.59 0.98 47.82
N GLY C 180 5.40 -0.17 47.16
CA GLY C 180 4.56 -0.23 45.98
C GLY C 180 3.07 -0.39 46.27
N ILE C 181 2.67 -0.61 47.56
CA ILE C 181 1.25 -0.79 47.90
C ILE C 181 0.54 0.56 47.94
N LYS C 182 -0.60 0.70 47.23
CA LYS C 182 -1.38 1.95 47.13
C LYS C 182 -2.21 2.21 48.36
N ILE C 183 -1.90 3.29 49.09
CA ILE C 183 -2.62 3.62 50.31
C ILE C 183 -3.75 4.53 49.99
N ILE C 184 -4.97 4.07 50.24
CA ILE C 184 -6.23 4.80 50.07
C ILE C 184 -6.67 5.19 51.48
N SER C 185 -6.62 6.48 51.80
CA SER C 185 -7.01 6.97 53.12
C SER C 185 -8.51 7.01 53.28
N LYS C 186 -9.04 6.39 54.36
CA LYS C 186 -10.46 6.41 54.64
C LYS C 186 -10.78 7.61 55.49
N ILE C 187 -11.63 8.49 54.98
CA ILE C 187 -12.08 9.66 55.72
C ILE C 187 -13.40 9.26 56.40
N GLU C 188 -13.39 9.16 57.74
CA GLU C 188 -14.60 8.74 58.46
C GLU C 188 -14.92 9.55 59.69
N ASN C 189 -14.39 10.75 59.80
CA ASN C 189 -14.68 11.63 60.94
C ASN C 189 -14.52 13.11 60.52
N HIS C 190 -15.01 14.04 61.35
CA HIS C 190 -14.93 15.47 61.06
C HIS C 190 -13.51 15.96 60.80
N GLU C 191 -12.54 15.53 61.62
CA GLU C 191 -11.16 15.98 61.48
C GLU C 191 -10.56 15.58 60.14
N GLY C 192 -10.88 14.39 59.66
CA GLY C 192 -10.39 13.89 58.38
C GLY C 192 -10.92 14.70 57.20
N VAL C 193 -12.16 15.20 57.35
CA VAL C 193 -12.79 16.05 56.36
C VAL C 193 -12.13 17.44 56.35
N LYS C 194 -11.87 18.01 57.54
CA LYS C 194 -11.25 19.33 57.60
C LYS C 194 -9.80 19.33 57.16
N ARG C 195 -9.07 18.27 57.48
CA ARG C 195 -7.67 18.17 57.08
C ARG C 195 -7.52 17.37 55.77
N PHE C 196 -8.57 17.36 54.92
CA PHE C 196 -8.63 16.65 53.65
C PHE C 196 -7.49 16.95 52.69
N ASP C 197 -7.25 18.23 52.37
CA ASP C 197 -6.21 18.59 51.41
C ASP C 197 -4.83 18.11 51.81
N GLU C 198 -4.56 18.13 53.11
CA GLU C 198 -3.28 17.68 53.62
C GLU C 198 -3.19 16.15 53.55
N ILE C 199 -4.32 15.43 53.67
CA ILE C 199 -4.37 13.96 53.58
C ILE C 199 -4.20 13.50 52.14
N LEU C 200 -4.97 14.09 51.20
CA LEU C 200 -4.96 13.75 49.78
C LEU C 200 -3.58 13.93 49.16
N GLU C 201 -2.83 14.92 49.62
CA GLU C 201 -1.48 15.21 49.11
C GLU C 201 -0.55 14.05 49.32
N VAL C 202 -0.64 13.39 50.50
CA VAL C 202 0.22 12.27 50.87
C VAL C 202 -0.39 10.88 50.58
N SER C 203 -1.68 10.82 50.25
CA SER C 203 -2.32 9.54 49.97
C SER C 203 -2.34 9.22 48.49
N ASP C 204 -2.52 7.94 48.16
CA ASP C 204 -2.65 7.48 46.78
C ASP C 204 -4.09 7.64 46.23
N GLY C 205 -5.04 7.77 47.14
CA GLY C 205 -6.46 7.95 46.87
C GLY C 205 -7.23 8.13 48.15
N ILE C 206 -8.56 8.27 48.05
CA ILE C 206 -9.43 8.48 49.21
C ILE C 206 -10.63 7.57 49.16
N MET C 207 -11.11 7.11 50.33
CA MET C 207 -12.35 6.35 50.42
C MET C 207 -13.29 7.15 51.30
N VAL C 208 -14.48 7.47 50.78
CA VAL C 208 -15.51 8.18 51.52
C VAL C 208 -16.19 7.06 52.31
N ALA C 209 -15.67 6.80 53.53
CA ALA C 209 -16.15 5.78 54.47
C ALA C 209 -17.40 6.34 55.16
N ARG C 210 -18.51 6.28 54.44
CA ARG C 210 -19.81 6.84 54.81
C ARG C 210 -20.41 6.33 56.12
N GLY C 211 -20.19 5.07 56.48
CA GLY C 211 -20.73 4.51 57.70
C GLY C 211 -20.33 5.26 58.96
N ASP C 212 -19.03 5.28 59.26
CA ASP C 212 -18.51 5.99 60.43
C ASP C 212 -18.69 7.50 60.26
N LEU C 213 -18.55 8.01 59.02
CA LEU C 213 -18.72 9.45 58.73
C LEU C 213 -20.13 9.89 59.12
N GLY C 214 -21.13 9.08 58.81
CA GLY C 214 -22.53 9.33 59.14
C GLY C 214 -22.87 9.28 60.62
N ILE C 215 -21.91 8.81 61.45
CA ILE C 215 -21.97 8.71 62.90
C ILE C 215 -21.21 9.90 63.53
N GLU C 216 -20.03 10.25 62.97
CA GLU C 216 -19.22 11.36 63.47
C GLU C 216 -19.85 12.72 63.12
N ILE C 217 -20.23 12.91 61.87
CA ILE C 217 -20.88 14.14 61.41
C ILE C 217 -22.39 13.87 61.23
N PRO C 218 -23.27 14.90 61.24
CA PRO C 218 -24.72 14.63 61.04
C PRO C 218 -25.00 13.86 59.75
N ALA C 219 -25.95 12.93 59.78
CA ALA C 219 -26.28 12.11 58.60
C ALA C 219 -26.68 12.92 57.36
N GLU C 220 -27.35 14.05 57.58
CA GLU C 220 -27.78 14.92 56.50
C GLU C 220 -26.64 15.75 55.89
N LYS C 221 -25.42 15.68 56.44
CA LYS C 221 -24.28 16.42 55.91
C LYS C 221 -23.29 15.54 55.15
N VAL C 222 -23.45 14.19 55.20
CA VAL C 222 -22.54 13.24 54.55
C VAL C 222 -22.43 13.42 53.02
N PHE C 223 -23.54 13.71 52.34
CA PHE C 223 -23.51 13.94 50.90
C PHE C 223 -22.63 15.15 50.52
N LEU C 224 -22.55 16.16 51.40
CA LEU C 224 -21.73 17.33 51.12
C LEU C 224 -20.26 16.91 51.15
N ALA C 225 -19.89 16.10 52.16
CA ALA C 225 -18.54 15.58 52.32
C ALA C 225 -18.17 14.70 51.14
N GLN C 226 -19.10 13.80 50.72
CA GLN C 226 -18.88 12.91 49.59
C GLN C 226 -18.63 13.70 48.31
N LYS C 227 -19.57 14.60 47.95
CA LYS C 227 -19.43 15.40 46.75
C LYS C 227 -18.19 16.30 46.75
N MET C 228 -17.85 16.90 47.91
CA MET C 228 -16.66 17.73 47.99
C MET C 228 -15.39 16.90 47.75
N MET C 229 -15.24 15.77 48.46
CA MET C 229 -14.07 14.91 48.37
C MET C 229 -13.91 14.30 47.00
N ILE C 230 -15.02 13.89 46.36
CA ILE C 230 -14.95 13.33 45.00
C ILE C 230 -14.45 14.37 44.01
N GLY C 231 -15.00 15.59 44.09
CA GLY C 231 -14.58 16.72 43.27
C GLY C 231 -13.10 17.06 43.42
N ARG C 232 -12.61 17.12 44.66
CA ARG C 232 -11.19 17.41 44.90
C ARG C 232 -10.27 16.30 44.40
N CYS C 233 -10.75 15.05 44.47
CA CYS C 233 -10.01 13.89 43.99
C CYS C 233 -9.93 13.90 42.48
N ASN C 234 -11.04 14.26 41.80
CA ASN C 234 -11.10 14.35 40.35
C ASN C 234 -10.09 15.40 39.85
N LEU C 235 -10.01 16.53 40.54
CA LEU C 235 -9.08 17.62 40.24
C LEU C 235 -7.64 17.13 40.43
N ALA C 236 -7.36 16.46 41.54
CA ALA C 236 -6.03 15.93 41.85
C ALA C 236 -5.62 14.76 40.95
N GLY C 237 -6.58 14.11 40.30
CA GLY C 237 -6.33 12.95 39.47
C GLY C 237 -6.09 11.69 40.29
N LYS C 238 -6.51 11.69 41.56
CA LYS C 238 -6.30 10.56 42.46
C LYS C 238 -7.58 9.80 42.67
N PRO C 239 -7.52 8.46 42.71
CA PRO C 239 -8.75 7.67 42.85
C PRO C 239 -9.61 8.00 44.06
N VAL C 240 -10.93 7.89 43.89
CA VAL C 240 -11.86 8.12 44.98
C VAL C 240 -12.89 6.99 45.01
N VAL C 241 -13.17 6.45 46.21
CA VAL C 241 -14.10 5.34 46.39
C VAL C 241 -15.33 5.74 47.19
N CYS C 242 -16.54 5.36 46.72
CA CYS C 242 -17.76 5.56 47.50
C CYS C 242 -17.96 4.22 48.20
N ALA C 243 -18.14 4.22 49.54
CA ALA C 243 -18.05 2.94 50.25
C ALA C 243 -19.25 2.29 50.94
N THR C 244 -20.05 2.98 51.77
CA THR C 244 -20.98 2.21 52.63
C THR C 244 -22.50 2.29 52.34
N GLN C 245 -23.18 1.15 52.53
CA GLN C 245 -24.63 0.95 52.46
C GLN C 245 -25.25 1.25 51.11
N MET C 246 -24.47 1.10 50.03
CA MET C 246 -24.92 1.39 48.67
C MET C 246 -26.12 0.53 48.21
N LEU C 247 -26.11 -0.77 48.51
CA LEU C 247 -27.20 -1.67 48.16
C LEU C 247 -27.55 -2.51 49.43
N GLU C 248 -27.59 -1.85 50.61
CA GLU C 248 -27.82 -2.47 51.91
C GLU C 248 -28.97 -3.50 51.98
N SER C 249 -30.14 -3.18 51.40
CA SER C 249 -31.29 -4.08 51.40
C SER C 249 -31.02 -5.40 50.65
N MET C 250 -29.96 -5.47 49.83
CA MET C 250 -29.60 -6.69 49.11
C MET C 250 -28.91 -7.74 49.99
N ILE C 251 -28.66 -7.42 51.28
CA ILE C 251 -28.13 -8.40 52.22
C ILE C 251 -29.21 -9.49 52.44
N THR C 252 -30.48 -9.07 52.58
CA THR C 252 -31.58 -10.00 52.77
C THR C 252 -32.53 -10.12 51.55
N LYS C 253 -32.60 -9.09 50.69
CA LYS C 253 -33.55 -9.10 49.57
C LYS C 253 -32.88 -9.24 48.19
N PRO C 254 -33.55 -9.92 47.23
CA PRO C 254 -32.95 -10.11 45.90
C PRO C 254 -32.90 -8.85 45.03
N ARG C 255 -33.61 -7.79 45.43
CA ARG C 255 -33.66 -6.54 44.69
C ARG C 255 -33.44 -5.35 45.64
N PRO C 256 -32.71 -4.33 45.19
CA PRO C 256 -32.48 -3.16 46.04
C PRO C 256 -33.63 -2.15 46.01
N THR C 257 -33.58 -1.15 46.90
CA THR C 257 -34.60 -0.10 46.92
C THR C 257 -34.31 0.96 45.84
N ARG C 258 -35.30 1.83 45.57
CA ARG C 258 -35.16 2.92 44.61
C ARG C 258 -34.09 3.91 45.06
N ALA C 259 -33.93 4.10 46.38
CA ALA C 259 -32.92 4.98 46.93
C ALA C 259 -31.51 4.40 46.71
N GLU C 260 -31.39 3.07 46.78
CA GLU C 260 -30.12 2.38 46.62
C GLU C 260 -29.59 2.41 45.21
N THR C 261 -30.44 2.11 44.22
CA THR C 261 -30.02 2.19 42.82
C THR C 261 -29.67 3.65 42.45
N SER C 262 -30.38 4.63 43.05
CA SER C 262 -30.15 6.05 42.85
C SER C 262 -28.80 6.42 43.43
N ASP C 263 -28.49 5.96 44.65
CA ASP C 263 -27.22 6.23 45.31
C ASP C 263 -26.01 5.75 44.48
N VAL C 264 -26.07 4.53 43.93
CA VAL C 264 -25.00 3.95 43.13
C VAL C 264 -24.82 4.80 41.87
N ALA C 265 -25.92 5.09 41.18
CA ALA C 265 -25.89 5.92 39.98
C ALA C 265 -25.34 7.32 40.25
N ASN C 266 -25.70 7.91 41.38
CA ASN C 266 -25.24 9.24 41.75
C ASN C 266 -23.80 9.26 42.20
N ALA C 267 -23.28 8.15 42.74
CA ALA C 267 -21.87 8.09 43.12
C ALA C 267 -21.02 8.18 41.82
N VAL C 268 -21.46 7.46 40.76
CA VAL C 268 -20.81 7.44 39.46
C VAL C 268 -20.89 8.82 38.83
N LEU C 269 -22.08 9.44 38.85
CA LEU C 269 -22.26 10.79 38.30
C LEU C 269 -21.46 11.84 39.06
N ASP C 270 -21.23 11.63 40.36
CA ASP C 270 -20.41 12.57 41.15
C ASP C 270 -18.97 12.57 40.63
N GLY C 271 -18.48 11.40 40.19
CA GLY C 271 -17.15 11.25 39.66
C GLY C 271 -16.32 10.21 40.39
N ALA C 272 -16.97 9.27 41.10
CA ALA C 272 -16.25 8.24 41.86
C ALA C 272 -15.61 7.19 40.94
N ASP C 273 -14.36 6.85 41.22
CA ASP C 273 -13.63 5.85 40.45
C ASP C 273 -14.07 4.43 40.78
N CYS C 274 -14.43 4.20 42.08
CA CYS C 274 -14.82 2.89 42.59
C CYS C 274 -16.07 2.96 43.42
N ILE C 275 -16.87 1.92 43.34
CA ILE C 275 -18.05 1.72 44.18
C ILE C 275 -17.84 0.43 45.01
N MET C 276 -18.31 0.41 46.27
CA MET C 276 -18.05 -0.72 47.14
C MET C 276 -19.26 -1.47 47.67
N LEU C 277 -19.09 -2.77 47.91
CA LEU C 277 -20.06 -3.65 48.53
C LEU C 277 -19.38 -4.21 49.79
N SER C 278 -20.01 -4.05 50.95
CA SER C 278 -19.42 -4.51 52.21
C SER C 278 -20.49 -5.04 53.09
N GLY C 279 -20.76 -6.33 52.99
CA GLY C 279 -21.87 -6.89 53.75
C GLY C 279 -22.89 -7.44 52.78
N GLU C 280 -23.14 -6.70 51.69
CA GLU C 280 -23.96 -7.14 50.57
C GLU C 280 -23.26 -8.37 49.92
N THR C 281 -21.90 -8.39 49.89
CA THR C 281 -21.10 -9.49 49.36
C THR C 281 -20.44 -10.31 50.49
N ALA C 282 -20.09 -9.65 51.60
CA ALA C 282 -19.44 -10.33 52.73
C ALA C 282 -20.31 -11.33 53.48
N LYS C 283 -21.56 -10.97 53.81
CA LYS C 283 -22.42 -11.86 54.60
C LYS C 283 -23.84 -12.04 54.07
N GLY C 284 -24.22 -11.29 53.04
CA GLY C 284 -25.58 -11.35 52.51
C GLY C 284 -25.93 -12.60 51.73
N ASN C 285 -27.25 -12.78 51.51
CA ASN C 285 -27.81 -13.92 50.78
C ASN C 285 -27.65 -13.79 49.27
N PHE C 286 -27.38 -12.57 48.77
CA PHE C 286 -27.28 -12.35 47.33
C PHE C 286 -25.96 -11.62 46.97
N PRO C 287 -24.78 -12.25 47.17
CA PRO C 287 -23.52 -11.54 46.90
C PRO C 287 -23.25 -11.32 45.41
N VAL C 288 -23.50 -12.34 44.58
CA VAL C 288 -23.32 -12.25 43.13
C VAL C 288 -24.33 -11.29 42.49
N GLU C 289 -25.55 -11.29 43.00
CA GLU C 289 -26.63 -10.43 42.55
C GLU C 289 -26.34 -8.95 42.83
N ALA C 290 -25.67 -8.66 43.96
CA ALA C 290 -25.27 -7.30 44.32
C ALA C 290 -24.17 -6.78 43.39
N VAL C 291 -23.25 -7.68 42.99
CA VAL C 291 -22.17 -7.32 42.07
C VAL C 291 -22.79 -7.04 40.71
N LYS C 292 -23.67 -7.94 40.23
CA LYS C 292 -24.34 -7.78 38.94
C LYS C 292 -25.15 -6.50 38.89
N MET C 293 -25.82 -6.15 40.01
CA MET C 293 -26.63 -4.95 40.14
C MET C 293 -25.78 -3.70 40.04
N GLN C 294 -24.68 -3.65 40.80
CA GLN C 294 -23.77 -2.51 40.75
C GLN C 294 -23.17 -2.34 39.35
N HIS C 295 -22.90 -3.45 38.65
CA HIS C 295 -22.37 -3.39 37.30
C HIS C 295 -23.39 -2.75 36.36
N ALA C 296 -24.63 -3.23 36.43
CA ALA C 296 -25.75 -2.77 35.60
C ALA C 296 -26.02 -1.27 35.76
N ILE C 297 -26.04 -0.77 37.01
CA ILE C 297 -26.29 0.64 37.30
C ILE C 297 -25.12 1.49 36.81
N ALA C 298 -23.89 1.04 37.08
CA ALA C 298 -22.71 1.81 36.68
C ALA C 298 -22.64 2.03 35.17
N ARG C 299 -23.00 1.02 34.36
CA ARG C 299 -23.01 1.18 32.90
C ARG C 299 -23.98 2.26 32.47
N GLU C 300 -25.16 2.31 33.09
CA GLU C 300 -26.18 3.28 32.77
C GLU C 300 -25.75 4.69 33.18
N ALA C 301 -25.17 4.81 34.39
CA ALA C 301 -24.74 6.09 34.91
C ALA C 301 -23.56 6.67 34.14
N GLU C 302 -22.65 5.81 33.68
CA GLU C 302 -21.48 6.27 32.94
C GLU C 302 -21.85 6.84 31.58
N ALA C 303 -22.86 6.25 30.93
CA ALA C 303 -23.32 6.77 29.65
C ALA C 303 -24.01 8.14 29.81
N ALA C 304 -24.64 8.38 30.97
CA ALA C 304 -25.34 9.64 31.28
C ALA C 304 -24.43 10.75 31.84
N VAL C 305 -23.11 10.54 31.85
CA VAL C 305 -22.18 11.56 32.32
C VAL C 305 -22.11 12.69 31.26
N TYR C 306 -22.19 13.97 31.69
CA TYR C 306 -22.14 15.08 30.74
C TYR C 306 -20.69 15.42 30.45
N HIS C 307 -20.07 14.63 29.56
CA HIS C 307 -18.67 14.77 29.18
C HIS C 307 -18.23 16.15 28.70
N ARG C 308 -19.10 16.90 27.98
CA ARG C 308 -18.69 18.21 27.48
C ARG C 308 -18.29 19.16 28.59
N GLN C 309 -19.10 19.29 29.64
CA GLN C 309 -18.77 20.17 30.75
C GLN C 309 -17.70 19.58 31.64
N LEU C 310 -17.76 18.28 31.86
CA LEU C 310 -16.78 17.57 32.68
C LEU C 310 -15.36 17.75 32.13
N PHE C 311 -15.15 17.53 30.82
CA PHE C 311 -13.86 17.69 30.16
C PHE C 311 -13.39 19.14 30.13
N GLU C 312 -14.28 20.08 29.78
CA GLU C 312 -13.98 21.51 29.72
C GLU C 312 -13.52 22.01 31.08
N GLU C 313 -14.21 21.62 32.15
CA GLU C 313 -13.86 22.03 33.50
C GLU C 313 -12.57 21.40 33.97
N LEU C 314 -12.34 20.12 33.62
CA LEU C 314 -11.14 19.37 33.97
C LEU C 314 -9.93 20.07 33.38
N ARG C 315 -10.02 20.52 32.12
CA ARG C 315 -8.95 21.21 31.42
C ARG C 315 -8.67 22.59 32.02
N ARG C 316 -9.73 23.38 32.28
CA ARG C 316 -9.59 24.73 32.83
C ARG C 316 -8.95 24.73 34.20
N ALA C 317 -9.18 23.66 34.99
CA ALA C 317 -8.65 23.54 36.33
C ALA C 317 -7.25 22.92 36.33
N ALA C 318 -6.99 21.95 35.43
CA ALA C 318 -5.70 21.28 35.40
C ALA C 318 -4.63 22.27 34.95
N PRO C 319 -3.55 22.39 35.76
CA PRO C 319 -2.49 23.35 35.41
C PRO C 319 -1.68 22.92 34.21
N LEU C 320 -0.96 23.90 33.60
CA LEU C 320 -0.09 23.62 32.47
C LEU C 320 0.99 22.65 32.89
N SER C 321 1.36 21.74 31.99
CA SER C 321 2.37 20.76 32.34
C SER C 321 3.41 20.65 31.30
N ARG C 322 4.69 20.54 31.71
CA ARG C 322 5.76 20.29 30.77
C ARG C 322 6.17 18.80 30.75
N ASP C 323 5.36 17.92 31.38
CA ASP C 323 5.56 16.48 31.45
C ASP C 323 4.96 15.87 30.21
N PRO C 324 5.78 15.21 29.38
CA PRO C 324 5.26 14.65 28.14
C PRO C 324 4.16 13.62 28.31
N THR C 325 4.14 12.90 29.44
CA THR C 325 3.10 11.91 29.71
C THR C 325 1.75 12.63 29.88
N GLU C 326 1.74 13.71 30.66
CA GLU C 326 0.55 14.51 30.92
C GLU C 326 0.06 15.25 29.64
N VAL C 327 1.01 15.77 28.82
CA VAL C 327 0.74 16.48 27.56
C VAL C 327 0.14 15.53 26.56
N THR C 328 0.70 14.29 26.46
CA THR C 328 0.18 13.23 25.58
C THR C 328 -1.22 12.79 26.05
N ALA C 329 -1.45 12.72 27.37
CA ALA C 329 -2.77 12.35 27.90
C ALA C 329 -3.90 13.25 27.39
N ILE C 330 -3.82 14.61 27.52
CA ILE C 330 -4.93 15.45 26.99
C ILE C 330 -5.05 15.34 25.49
N GLY C 331 -3.92 15.34 24.77
CA GLY C 331 -3.92 15.22 23.33
C GLY C 331 -4.66 13.98 22.85
N ALA C 332 -4.43 12.84 23.55
CA ALA C 332 -5.08 11.56 23.25
C ALA C 332 -6.55 11.57 23.61
N VAL C 333 -6.90 12.12 24.79
CA VAL C 333 -8.31 12.23 25.22
C VAL C 333 -9.13 13.14 24.28
N GLU C 334 -8.55 14.28 23.85
CA GLU C 334 -9.17 15.22 22.92
C GLU C 334 -9.42 14.54 21.56
N ALA C 335 -8.39 13.79 21.08
CA ALA C 335 -8.42 13.02 19.83
C ALA C 335 -9.49 11.94 19.89
N ALA C 336 -9.64 11.29 21.05
CA ALA C 336 -10.63 10.23 21.22
C ALA C 336 -12.05 10.78 21.17
N PHE C 337 -12.26 11.98 21.70
CA PHE C 337 -13.58 12.60 21.68
C PHE C 337 -13.94 13.03 20.26
N LYS C 338 -12.97 13.58 19.53
CA LYS C 338 -13.16 14.05 18.16
C LYS C 338 -13.68 12.99 17.19
N CYS C 339 -13.22 11.74 17.33
CA CYS C 339 -13.58 10.66 16.41
C CYS C 339 -14.45 9.60 17.02
N CYS C 340 -14.85 9.74 18.31
CA CYS C 340 -15.63 8.75 19.03
C CYS C 340 -14.84 7.45 19.09
N ALA C 341 -13.57 7.54 19.53
CA ALA C 341 -12.68 6.40 19.59
C ALA C 341 -13.27 5.31 20.47
N ALA C 342 -13.26 4.06 19.96
CA ALA C 342 -13.78 2.89 20.67
C ALA C 342 -12.98 2.65 21.95
N ALA C 343 -11.67 2.92 21.90
CA ALA C 343 -10.80 2.78 23.04
C ALA C 343 -9.54 3.66 22.86
N ILE C 344 -8.80 3.91 23.99
CA ILE C 344 -7.47 4.49 24.00
C ILE C 344 -6.61 3.36 24.54
N ILE C 345 -5.69 2.79 23.73
CA ILE C 345 -4.84 1.67 24.14
C ILE C 345 -3.48 2.26 24.55
N VAL C 346 -3.11 2.13 25.82
CA VAL C 346 -1.82 2.66 26.32
C VAL C 346 -0.93 1.57 26.93
N LEU C 347 0.34 1.51 26.51
CA LEU C 347 1.31 0.59 27.14
C LEU C 347 1.68 1.24 28.49
N THR C 348 1.85 0.46 29.57
CA THR C 348 2.20 1.04 30.87
C THR C 348 2.96 0.04 31.78
N THR C 349 3.94 0.52 32.52
CA THR C 349 4.76 -0.31 33.39
C THR C 349 4.28 -0.15 34.85
N THR C 350 4.14 1.09 35.29
CA THR C 350 3.68 1.47 36.63
C THR C 350 2.20 1.84 36.66
N GLY C 351 1.58 2.01 35.48
CA GLY C 351 0.17 2.39 35.36
C GLY C 351 -0.03 3.89 35.25
N ARG C 352 1.03 4.69 35.45
CA ARG C 352 0.94 6.14 35.46
C ARG C 352 0.36 6.73 34.20
N SER C 353 0.77 6.22 33.01
CA SER C 353 0.26 6.71 31.74
C SER C 353 -1.25 6.52 31.67
N ALA C 354 -1.74 5.35 32.03
CA ALA C 354 -3.16 5.06 32.02
C ALA C 354 -3.92 5.92 33.01
N GLN C 355 -3.32 6.19 34.18
CA GLN C 355 -3.91 7.01 35.24
C GLN C 355 -4.12 8.44 34.77
N LEU C 356 -3.13 8.99 34.02
CA LEU C 356 -3.20 10.35 33.49
C LEU C 356 -4.26 10.48 32.42
N LEU C 357 -4.47 9.44 31.61
CA LEU C 357 -5.53 9.46 30.60
C LEU C 357 -6.89 9.45 31.30
N SER C 358 -7.01 8.64 32.36
CA SER C 358 -8.19 8.45 33.21
C SER C 358 -8.65 9.74 33.88
N ARG C 359 -7.70 10.60 34.27
CA ARG C 359 -7.97 11.90 34.89
C ARG C 359 -8.87 12.77 34.03
N TYR C 360 -8.69 12.71 32.69
CA TYR C 360 -9.50 13.52 31.77
C TYR C 360 -10.87 12.93 31.46
N ARG C 361 -11.23 11.82 32.12
CA ARG C 361 -12.51 11.14 31.98
C ARG C 361 -13.01 11.01 30.52
N PRO C 362 -12.25 10.30 29.66
CA PRO C 362 -12.72 10.13 28.28
C PRO C 362 -13.90 9.16 28.21
N ARG C 363 -14.73 9.30 27.18
CA ARG C 363 -15.81 8.33 26.96
C ARG C 363 -15.17 7.01 26.44
N ALA C 364 -13.94 7.05 25.87
CA ALA C 364 -13.26 5.88 25.36
C ALA C 364 -12.62 5.04 26.48
N ALA C 365 -12.75 3.70 26.39
CA ALA C 365 -12.14 2.78 27.36
C ALA C 365 -10.60 2.94 27.31
N VAL C 366 -9.95 2.97 28.48
CA VAL C 366 -8.49 3.03 28.53
C VAL C 366 -7.97 1.60 28.66
N ILE C 367 -7.71 0.93 27.52
CA ILE C 367 -7.17 -0.42 27.52
C ILE C 367 -5.68 -0.32 27.90
N ALA C 368 -5.33 -0.68 29.14
CA ALA C 368 -3.95 -0.62 29.63
C ALA C 368 -3.24 -1.92 29.47
N VAL C 369 -2.29 -1.99 28.57
CA VAL C 369 -1.47 -3.19 28.37
C VAL C 369 -0.18 -3.12 29.23
N THR C 370 -0.03 -4.10 30.14
CA THR C 370 1.11 -4.09 31.04
C THR C 370 1.66 -5.45 31.28
N ARG C 371 2.93 -5.51 31.63
CA ARG C 371 3.63 -6.73 32.00
C ARG C 371 3.78 -6.86 33.52
N SER C 372 3.18 -5.94 34.28
CA SER C 372 3.33 -5.88 35.70
C SER C 372 2.05 -6.34 36.24
N ALA C 373 2.06 -7.54 36.81
CA ALA C 373 0.86 -8.11 37.37
C ALA C 373 0.29 -7.26 38.49
N GLN C 374 1.16 -6.56 39.26
CA GLN C 374 0.74 -5.69 40.34
C GLN C 374 0.09 -4.45 39.81
N ALA C 375 0.70 -3.81 38.80
CA ALA C 375 0.20 -2.59 38.17
C ALA C 375 -1.14 -2.87 37.50
N ALA C 376 -1.27 -4.05 36.86
CA ALA C 376 -2.50 -4.48 36.21
C ALA C 376 -3.65 -4.55 37.24
N ARG C 377 -3.37 -5.00 38.46
CA ARG C 377 -4.39 -5.10 39.50
C ARG C 377 -4.67 -3.71 40.10
N GLN C 378 -3.62 -2.91 40.34
CA GLN C 378 -3.76 -1.58 40.93
C GLN C 378 -4.38 -0.50 40.07
N VAL C 379 -4.39 -0.68 38.73
CA VAL C 379 -5.05 0.31 37.88
C VAL C 379 -6.58 0.22 37.95
N HIS C 380 -7.14 -0.78 38.65
CA HIS C 380 -8.58 -0.87 38.86
C HIS C 380 -9.07 0.33 39.69
N LEU C 381 -8.18 0.96 40.48
CA LEU C 381 -8.52 2.14 41.28
C LEU C 381 -8.81 3.37 40.38
N CYS C 382 -8.35 3.36 39.11
CA CYS C 382 -8.58 4.44 38.18
C CYS C 382 -9.73 4.12 37.23
N ARG C 383 -10.72 5.03 37.18
CA ARG C 383 -11.92 4.89 36.35
C ARG C 383 -11.63 4.85 34.85
N GLY C 384 -12.23 3.86 34.19
CA GLY C 384 -12.12 3.67 32.77
C GLY C 384 -10.90 2.93 32.33
N VAL C 385 -10.04 2.50 33.26
CA VAL C 385 -8.84 1.76 32.90
C VAL C 385 -9.15 0.27 32.98
N PHE C 386 -8.95 -0.45 31.86
CA PHE C 386 -9.21 -1.87 31.64
C PHE C 386 -7.87 -2.57 31.50
N PRO C 387 -7.33 -3.14 32.59
CA PRO C 387 -5.98 -3.74 32.52
C PRO C 387 -5.88 -5.10 31.83
N LEU C 388 -4.80 -5.26 31.04
CA LEU C 388 -4.50 -6.50 30.37
C LEU C 388 -3.08 -6.89 30.78
N LEU C 389 -2.89 -8.13 31.26
CA LEU C 389 -1.55 -8.57 31.64
C LEU C 389 -0.88 -9.34 30.47
N TYR C 390 0.19 -8.78 29.92
CA TYR C 390 0.91 -9.37 28.80
C TYR C 390 1.84 -10.43 29.32
N ARG C 391 1.52 -11.65 28.95
CA ARG C 391 2.22 -12.81 29.43
C ARG C 391 3.30 -13.32 28.49
N GLU C 392 3.31 -12.88 27.23
CA GLU C 392 4.19 -13.40 26.20
C GLU C 392 5.70 -13.12 26.34
N PRO C 393 6.51 -14.02 25.74
CA PRO C 393 7.96 -13.79 25.70
C PRO C 393 8.34 -12.57 24.84
N PRO C 394 9.40 -11.85 25.24
CA PRO C 394 9.78 -10.63 24.52
C PRO C 394 10.43 -10.77 23.15
N GLU C 395 10.23 -9.77 22.30
CA GLU C 395 10.86 -9.72 21.00
C GLU C 395 12.23 -9.07 21.16
N ALA C 396 13.18 -9.43 20.26
CA ALA C 396 14.54 -8.90 20.28
C ALA C 396 14.55 -7.42 19.94
N ILE C 397 13.70 -7.02 18.99
CA ILE C 397 13.56 -5.63 18.61
C ILE C 397 12.47 -5.01 19.46
N TRP C 398 12.82 -3.98 20.24
CA TRP C 398 11.88 -3.32 21.14
C TRP C 398 10.67 -2.79 20.42
N ALA C 399 10.88 -2.24 19.22
CA ALA C 399 9.80 -1.72 18.38
C ALA C 399 8.81 -2.84 18.03
N ASP C 400 9.34 -4.05 17.77
CA ASP C 400 8.53 -5.22 17.43
C ASP C 400 7.69 -5.63 18.63
N ASP C 401 8.30 -5.61 19.84
CA ASP C 401 7.68 -5.90 21.13
C ASP C 401 6.54 -4.93 21.51
N VAL C 402 6.68 -3.66 21.17
CA VAL C 402 5.70 -2.61 21.42
C VAL C 402 4.46 -2.85 20.53
N ASP C 403 4.70 -3.16 19.26
CA ASP C 403 3.63 -3.43 18.31
C ASP C 403 2.87 -4.70 18.63
N ARG C 404 3.55 -5.70 19.18
CA ARG C 404 2.90 -6.94 19.60
C ARG C 404 2.01 -6.69 20.81
N ARG C 405 2.43 -5.80 21.73
CA ARG C 405 1.62 -5.46 22.90
C ARG C 405 0.42 -4.62 22.49
N VAL C 406 0.58 -3.74 21.50
CA VAL C 406 -0.52 -2.94 20.97
C VAL C 406 -1.55 -3.86 20.30
N GLN C 407 -1.07 -4.84 19.54
CA GLN C 407 -1.92 -5.82 18.89
C GLN C 407 -2.62 -6.69 19.92
N PHE C 408 -1.98 -6.95 21.08
CA PHE C 408 -2.56 -7.73 22.18
C PHE C 408 -3.80 -6.99 22.72
N GLY C 409 -3.70 -5.68 22.88
CA GLY C 409 -4.81 -4.84 23.35
C GLY C 409 -5.94 -4.81 22.36
N ILE C 410 -5.64 -4.83 21.03
CA ILE C 410 -6.64 -4.86 19.96
C ILE C 410 -7.34 -6.21 19.93
N GLU C 411 -6.56 -7.32 19.96
CA GLU C 411 -7.09 -8.70 20.00
C GLU C 411 -8.01 -8.89 21.22
N SER C 412 -7.61 -8.43 22.45
CA SER C 412 -8.42 -8.55 23.67
C SER C 412 -9.68 -7.69 23.58
N GLY C 413 -9.54 -6.47 23.09
CA GLY C 413 -10.66 -5.55 22.93
C GLY C 413 -11.71 -6.10 21.99
N LYS C 414 -11.29 -6.72 20.87
CA LYS C 414 -12.18 -7.32 19.89
C LYS C 414 -12.96 -8.46 20.53
N LEU C 415 -12.25 -9.36 21.25
CA LEU C 415 -12.81 -10.51 21.93
C LEU C 415 -13.85 -10.08 23.00
N ARG C 416 -13.50 -9.03 23.78
CA ARG C 416 -14.38 -8.57 24.84
C ARG C 416 -15.48 -7.61 24.37
N GLY C 417 -15.53 -7.29 23.08
CA GLY C 417 -16.58 -6.46 22.54
C GLY C 417 -16.35 -4.96 22.57
N PHE C 418 -15.16 -4.55 23.08
CA PHE C 418 -14.73 -3.15 23.14
C PHE C 418 -14.48 -2.57 21.75
N LEU C 419 -13.96 -3.39 20.82
CA LEU C 419 -13.57 -2.96 19.49
C LEU C 419 -14.17 -3.81 18.40
N ARG C 420 -14.36 -3.17 17.22
CA ARG C 420 -14.82 -3.80 15.99
C ARG C 420 -13.92 -3.35 14.84
N VAL C 421 -13.83 -4.14 13.77
CA VAL C 421 -13.05 -3.78 12.59
C VAL C 421 -13.69 -2.54 11.96
N GLY C 422 -12.88 -1.53 11.67
CA GLY C 422 -13.39 -0.28 11.14
C GLY C 422 -13.35 0.84 12.15
N ASP C 423 -13.33 0.51 13.44
CA ASP C 423 -13.27 1.47 14.52
C ASP C 423 -11.97 2.25 14.52
N LEU C 424 -11.96 3.39 15.23
CA LEU C 424 -10.77 4.19 15.39
C LEU C 424 -10.33 4.08 16.84
N VAL C 425 -9.01 3.91 17.05
CA VAL C 425 -8.45 3.84 18.41
C VAL C 425 -7.27 4.80 18.53
N ILE C 426 -7.01 5.29 19.75
CA ILE C 426 -5.87 6.17 19.99
C ILE C 426 -4.84 5.29 20.68
N VAL C 427 -3.58 5.27 20.22
CA VAL C 427 -2.56 4.40 20.82
C VAL C 427 -1.43 5.21 21.47
N VAL C 428 -1.44 5.28 22.81
CA VAL C 428 -0.46 6.04 23.57
C VAL C 428 0.72 5.18 23.96
N THR C 429 1.93 5.52 23.47
CA THR C 429 3.20 4.81 23.65
C THR C 429 4.38 5.79 23.97
N GLY C 430 5.58 5.26 24.24
CA GLY C 430 6.76 6.07 24.51
C GLY C 430 7.86 5.89 23.47
N TRP C 431 8.89 6.73 23.51
CA TRP C 431 9.98 6.68 22.53
C TRP C 431 11.12 5.74 22.86
N ARG C 432 11.16 5.24 24.09
CA ARG C 432 12.22 4.36 24.54
C ARG C 432 11.70 3.46 25.66
N PRO C 433 12.34 2.30 25.93
CA PRO C 433 11.84 1.40 27.00
C PRO C 433 11.97 1.97 28.40
N GLY C 434 11.26 1.37 29.34
CA GLY C 434 11.26 1.86 30.71
C GLY C 434 10.09 2.82 30.93
N SER C 435 9.60 2.93 32.15
CA SER C 435 8.50 3.83 32.46
C SER C 435 8.97 5.30 32.46
N GLY C 436 8.02 6.22 32.34
CA GLY C 436 8.30 7.64 32.38
C GLY C 436 8.65 8.34 31.08
N TYR C 437 8.59 7.61 29.94
CA TYR C 437 8.90 8.23 28.65
C TYR C 437 7.73 8.25 27.69
N THR C 438 6.47 8.12 28.15
CA THR C 438 5.31 8.22 27.23
C THR C 438 5.31 9.60 26.53
N ASN C 439 5.19 9.64 25.20
CA ASN C 439 5.21 10.89 24.45
C ASN C 439 4.54 10.79 23.08
N ILE C 440 4.03 9.61 22.68
CA ILE C 440 3.46 9.41 21.35
C ILE C 440 2.01 9.09 21.41
N MET C 441 1.24 9.66 20.50
CA MET C 441 -0.19 9.40 20.37
C MET C 441 -0.44 9.07 18.87
N ARG C 442 -1.17 7.98 18.56
CA ARG C 442 -1.46 7.62 17.17
C ARG C 442 -2.93 7.36 16.96
N VAL C 443 -3.46 7.72 15.75
CA VAL C 443 -4.85 7.42 15.38
C VAL C 443 -4.81 6.17 14.49
N LEU C 444 -5.40 5.06 14.93
CA LEU C 444 -5.37 3.82 14.17
C LEU C 444 -6.73 3.38 13.76
N SER C 445 -6.79 2.71 12.61
CA SER C 445 -8.02 2.11 12.13
C SER C 445 -7.90 0.61 12.41
N ILE C 446 -8.89 0.05 13.10
CA ILE C 446 -8.90 -1.38 13.43
C ILE C 446 -9.09 -2.25 12.17
N SER C 447 -8.13 -3.11 11.92
CA SER C 447 -8.17 -4.00 10.76
C SER C 447 -8.45 -5.46 11.16
N THR D 24 18.71 -57.37 -16.98
CA THR D 24 19.46 -56.28 -17.62
C THR D 24 19.69 -56.49 -19.14
N ALA D 25 19.34 -57.68 -19.68
CA ALA D 25 19.51 -58.00 -21.10
C ALA D 25 18.59 -57.19 -22.01
N PHE D 26 17.44 -56.73 -21.47
CA PHE D 26 16.43 -55.93 -22.16
C PHE D 26 17.00 -54.65 -22.77
N PHE D 27 17.86 -53.96 -22.01
CA PHE D 27 18.41 -52.68 -22.46
C PHE D 27 19.61 -52.77 -23.38
N GLN D 28 20.00 -53.98 -23.78
CA GLN D 28 21.12 -54.16 -24.70
C GLN D 28 20.58 -54.45 -26.10
N GLN D 29 19.54 -55.29 -26.17
CA GLN D 29 18.87 -55.69 -27.41
C GLN D 29 18.10 -54.54 -28.07
N GLN D 30 17.86 -54.67 -29.40
CA GLN D 30 17.17 -53.74 -30.29
C GLN D 30 17.73 -52.32 -30.25
N GLN D 31 19.06 -52.22 -30.15
CA GLN D 31 19.86 -50.99 -30.18
C GLN D 31 19.46 -49.96 -29.14
N LEU D 32 18.97 -50.42 -27.98
CA LEU D 32 18.57 -49.53 -26.90
C LEU D 32 19.72 -48.64 -26.38
N PRO D 33 20.99 -49.12 -26.27
CA PRO D 33 22.08 -48.21 -25.83
C PRO D 33 22.31 -47.07 -26.83
N ALA D 34 22.21 -47.34 -28.15
CA ALA D 34 22.38 -46.30 -29.16
C ALA D 34 21.18 -45.36 -29.16
N ALA D 35 19.96 -45.88 -28.92
CA ALA D 35 18.76 -45.03 -28.89
C ALA D 35 18.77 -44.03 -27.73
N MET D 36 19.51 -44.33 -26.66
CA MET D 36 19.60 -43.44 -25.50
C MET D 36 20.73 -42.42 -25.62
N ALA D 37 21.53 -42.42 -26.72
CA ALA D 37 22.64 -41.49 -26.89
C ALA D 37 22.20 -40.04 -26.97
N ASP D 38 23.06 -39.11 -26.54
CA ASP D 38 22.74 -37.69 -26.52
C ASP D 38 22.95 -37.00 -27.87
N THR D 39 23.80 -37.57 -28.74
CA THR D 39 24.01 -37.03 -30.07
C THR D 39 23.86 -38.11 -31.14
N PHE D 40 23.66 -37.69 -32.40
CA PHE D 40 23.59 -38.63 -33.51
C PHE D 40 24.96 -39.29 -33.75
N LEU D 41 26.06 -38.55 -33.54
CA LEU D 41 27.40 -39.09 -33.67
C LEU D 41 27.62 -40.16 -32.62
N GLU D 42 27.19 -39.89 -31.36
CA GLU D 42 27.29 -40.86 -30.25
C GLU D 42 26.39 -42.08 -30.53
N HIS D 43 25.23 -41.83 -31.16
CA HIS D 43 24.27 -42.85 -31.56
C HIS D 43 24.91 -43.80 -32.56
N LEU D 44 25.60 -43.25 -33.59
CA LEU D 44 26.29 -44.07 -34.58
C LEU D 44 27.36 -44.93 -33.93
N CYS D 45 28.15 -44.33 -33.05
CA CYS D 45 29.23 -45.00 -32.33
C CYS D 45 28.74 -46.11 -31.42
N LEU D 46 27.47 -46.04 -30.98
CA LEU D 46 26.85 -47.01 -30.08
C LEU D 46 26.06 -48.13 -30.79
N LEU D 47 26.08 -48.17 -32.13
CA LEU D 47 25.39 -49.22 -32.89
C LEU D 47 26.14 -50.53 -32.72
N ASP D 48 25.44 -51.59 -32.34
CA ASP D 48 26.07 -52.87 -32.07
C ASP D 48 25.53 -53.99 -32.98
N ILE D 49 26.42 -54.71 -33.67
CA ILE D 49 26.00 -55.84 -34.52
C ILE D 49 25.43 -57.01 -33.69
N ASP D 50 25.83 -57.13 -32.42
CA ASP D 50 25.32 -58.16 -31.52
C ASP D 50 24.02 -57.76 -30.82
N SER D 51 23.51 -56.55 -31.05
CA SER D 51 22.26 -56.10 -30.48
C SER D 51 21.15 -56.54 -31.43
N GLU D 52 20.55 -57.71 -31.13
CA GLU D 52 19.54 -58.28 -31.98
C GLU D 52 18.17 -57.59 -31.88
N PRO D 53 17.56 -57.29 -33.05
CA PRO D 53 16.24 -56.65 -33.04
C PRO D 53 15.19 -57.59 -32.48
N VAL D 54 14.34 -57.08 -31.58
CA VAL D 54 13.31 -57.89 -30.97
C VAL D 54 11.91 -57.52 -31.47
N ALA D 55 11.69 -56.23 -31.75
CA ALA D 55 10.42 -55.72 -32.24
C ALA D 55 10.03 -56.27 -33.61
N ALA D 56 8.71 -56.27 -33.89
CA ALA D 56 8.17 -56.74 -35.16
C ALA D 56 8.56 -55.75 -36.27
N ARG D 57 8.76 -56.26 -37.50
CA ARG D 57 9.13 -55.44 -38.64
C ARG D 57 7.98 -54.52 -39.02
N SER D 58 8.22 -53.19 -38.92
CA SER D 58 7.23 -52.14 -39.15
C SER D 58 7.13 -51.62 -40.62
N THR D 59 8.24 -51.56 -41.40
CA THR D 59 8.20 -51.08 -42.80
C THR D 59 7.56 -52.14 -43.67
N SER D 60 6.41 -51.83 -44.31
CA SER D 60 5.73 -52.84 -45.13
C SER D 60 6.45 -53.17 -46.41
N ILE D 61 6.24 -54.40 -46.87
CA ILE D 61 6.87 -54.88 -48.06
C ILE D 61 5.83 -55.00 -49.14
N ILE D 62 6.07 -54.36 -50.28
CA ILE D 62 5.20 -54.43 -51.46
C ILE D 62 5.90 -55.37 -52.43
N ALA D 63 5.27 -56.50 -52.77
CA ALA D 63 5.88 -57.46 -53.70
C ALA D 63 5.10 -57.45 -55.01
N THR D 64 5.79 -57.32 -56.14
CA THR D 64 5.12 -57.34 -57.44
C THR D 64 4.81 -58.77 -57.88
N ILE D 65 3.55 -59.02 -58.19
CA ILE D 65 3.11 -60.35 -58.60
C ILE D 65 3.26 -60.53 -60.09
N GLY D 66 4.04 -61.55 -60.47
CA GLY D 66 4.30 -61.89 -61.86
C GLY D 66 4.37 -63.40 -62.06
N PRO D 67 4.97 -63.84 -63.18
CA PRO D 67 5.06 -65.29 -63.43
C PRO D 67 5.76 -66.08 -62.31
N ALA D 68 6.80 -65.49 -61.72
CA ALA D 68 7.56 -66.11 -60.63
C ALA D 68 6.84 -66.15 -59.30
N SER D 69 5.68 -65.48 -59.16
CA SER D 69 5.01 -65.39 -57.87
C SER D 69 3.49 -65.54 -57.87
N ARG D 70 2.83 -65.85 -59.00
CA ARG D 70 1.36 -65.95 -58.99
C ARG D 70 0.80 -67.33 -58.58
N SER D 71 1.67 -68.28 -58.24
CA SER D 71 1.23 -69.60 -57.79
C SER D 71 0.59 -69.46 -56.39
N VAL D 72 -0.56 -70.11 -56.11
CA VAL D 72 -1.21 -70.00 -54.79
C VAL D 72 -0.26 -70.46 -53.67
N GLU D 73 0.45 -71.57 -53.87
CA GLU D 73 1.37 -72.08 -52.85
C GLU D 73 2.59 -71.18 -52.66
N ARG D 74 3.02 -70.50 -53.72
CA ARG D 74 4.14 -69.55 -53.68
C ARG D 74 3.70 -68.29 -52.92
N LEU D 75 2.48 -67.80 -53.18
CA LEU D 75 1.91 -66.65 -52.52
C LEU D 75 1.77 -66.89 -51.03
N LYS D 76 1.43 -68.13 -50.61
CA LYS D 76 1.33 -68.49 -49.20
C LYS D 76 2.70 -68.36 -48.53
N GLU D 77 3.77 -68.78 -49.23
CA GLU D 77 5.15 -68.71 -48.79
C GLU D 77 5.59 -67.24 -48.63
N MET D 78 5.16 -66.37 -49.55
CA MET D 78 5.50 -64.96 -49.52
C MET D 78 4.75 -64.20 -48.44
N ILE D 79 3.54 -64.65 -48.07
CA ILE D 79 2.80 -64.05 -46.98
C ILE D 79 3.52 -64.40 -45.66
N LYS D 80 4.02 -65.65 -45.54
CA LYS D 80 4.76 -66.09 -44.36
C LYS D 80 6.07 -65.31 -44.25
N ALA D 81 6.75 -65.09 -45.40
CA ALA D 81 8.01 -64.34 -45.51
C ALA D 81 7.88 -62.84 -45.09
N GLY D 82 6.67 -62.29 -45.24
CA GLY D 82 6.38 -60.93 -44.85
C GLY D 82 5.79 -60.00 -45.90
N MET D 83 5.19 -60.54 -46.98
CA MET D 83 4.57 -59.67 -47.99
C MET D 83 3.32 -59.05 -47.37
N ASN D 84 3.17 -57.73 -47.49
CA ASN D 84 2.02 -57.02 -46.93
C ASN D 84 1.10 -56.48 -48.01
N ILE D 85 1.68 -56.09 -49.16
CA ILE D 85 0.93 -55.56 -50.29
C ILE D 85 1.39 -56.26 -51.56
N ALA D 86 0.42 -56.75 -52.36
CA ALA D 86 0.67 -57.42 -53.65
C ALA D 86 0.46 -56.40 -54.76
N ARG D 87 1.49 -56.13 -55.56
CA ARG D 87 1.41 -55.16 -56.65
C ARG D 87 1.14 -55.84 -57.99
N LEU D 88 0.21 -55.27 -58.76
CA LEU D 88 -0.15 -55.77 -60.09
C LEU D 88 0.24 -54.71 -61.11
N ASN D 89 1.34 -54.96 -61.86
CA ASN D 89 1.82 -54.00 -62.86
C ASN D 89 0.97 -54.07 -64.12
N PHE D 90 0.15 -53.04 -64.33
CA PHE D 90 -0.73 -53.00 -65.48
C PHE D 90 -0.05 -52.51 -66.79
N SER D 91 1.29 -52.47 -66.82
CA SER D 91 2.05 -52.19 -68.04
C SER D 91 2.08 -53.47 -68.91
N HIS D 92 2.16 -54.64 -68.26
CA HIS D 92 2.15 -55.96 -68.88
C HIS D 92 0.91 -56.73 -68.41
N GLY D 93 0.59 -57.82 -69.09
CA GLY D 93 -0.53 -58.67 -68.71
C GLY D 93 -1.89 -58.15 -69.10
N SER D 94 -2.81 -59.09 -69.36
CA SER D 94 -4.20 -58.79 -69.74
C SER D 94 -5.09 -58.67 -68.50
N HIS D 95 -6.34 -58.19 -68.67
CA HIS D 95 -7.27 -58.10 -67.54
C HIS D 95 -7.56 -59.48 -66.97
N GLU D 96 -7.62 -60.50 -67.82
CA GLU D 96 -7.86 -61.89 -67.41
C GLU D 96 -6.70 -62.41 -66.55
N TYR D 97 -5.47 -62.04 -66.91
CA TYR D 97 -4.25 -62.41 -66.21
C TYR D 97 -4.23 -61.78 -64.81
N HIS D 98 -4.61 -60.49 -64.72
CA HIS D 98 -4.60 -59.77 -63.47
C HIS D 98 -5.72 -60.20 -62.54
N ALA D 99 -6.89 -60.55 -63.09
CA ALA D 99 -8.01 -61.04 -62.29
C ALA D 99 -7.63 -62.39 -61.65
N GLU D 100 -6.91 -63.23 -62.40
CA GLU D 100 -6.46 -64.54 -61.95
C GLU D 100 -5.41 -64.38 -60.86
N SER D 101 -4.49 -63.42 -61.02
CA SER D 101 -3.47 -63.11 -60.01
C SER D 101 -4.18 -62.68 -58.69
N ILE D 102 -5.16 -61.76 -58.77
CA ILE D 102 -5.98 -61.27 -57.64
C ILE D 102 -6.63 -62.42 -56.89
N ALA D 103 -7.25 -63.34 -57.64
CA ALA D 103 -7.95 -64.52 -57.08
C ALA D 103 -6.99 -65.44 -56.35
N ASN D 104 -5.78 -65.60 -56.90
CA ASN D 104 -4.76 -66.44 -56.29
C ASN D 104 -4.24 -65.80 -55.01
N VAL D 105 -4.10 -64.45 -55.00
CA VAL D 105 -3.66 -63.70 -53.83
C VAL D 105 -4.71 -63.87 -52.73
N ARG D 106 -5.98 -63.57 -53.03
CA ARG D 106 -7.04 -63.72 -52.06
C ARG D 106 -7.20 -65.15 -51.54
N GLU D 107 -6.97 -66.17 -52.38
CA GLU D 107 -7.05 -67.56 -51.95
C GLU D 107 -5.93 -67.89 -50.93
N ALA D 108 -4.71 -67.43 -51.22
CA ALA D 108 -3.58 -67.64 -50.33
C ALA D 108 -3.73 -66.84 -49.02
N VAL D 109 -4.37 -65.67 -49.07
CA VAL D 109 -4.57 -64.83 -47.89
C VAL D 109 -5.64 -65.44 -47.00
N GLU D 110 -6.76 -65.87 -47.60
CA GLU D 110 -7.85 -66.46 -46.85
C GLU D 110 -7.59 -67.86 -46.34
N SER D 111 -6.52 -68.53 -46.79
CA SER D 111 -6.17 -69.85 -46.26
C SER D 111 -5.74 -69.79 -44.78
N PHE D 112 -5.32 -68.60 -44.30
CA PHE D 112 -4.94 -68.36 -42.90
C PHE D 112 -6.10 -67.78 -42.03
N ALA D 113 -7.27 -67.51 -42.63
CA ALA D 113 -8.42 -66.95 -41.92
C ALA D 113 -9.11 -67.91 -40.95
N GLY D 114 -8.59 -69.15 -40.84
CA GLY D 114 -9.12 -70.16 -39.93
C GLY D 114 -8.81 -69.87 -38.48
N SER D 115 -7.69 -69.18 -38.24
CA SER D 115 -7.28 -68.76 -36.90
C SER D 115 -7.25 -67.24 -36.94
N PRO D 116 -8.36 -66.58 -36.56
CA PRO D 116 -8.40 -65.11 -36.68
C PRO D 116 -7.42 -64.31 -35.79
N LEU D 117 -6.90 -64.92 -34.68
CA LEU D 117 -5.88 -64.24 -33.84
C LEU D 117 -4.50 -64.23 -34.55
N SER D 118 -4.32 -65.04 -35.64
CA SER D 118 -3.10 -65.25 -36.44
C SER D 118 -3.21 -64.81 -37.92
N TYR D 119 -4.38 -64.32 -38.35
CA TYR D 119 -4.62 -63.92 -39.74
C TYR D 119 -3.94 -62.61 -40.09
N ARG D 120 -3.22 -62.61 -41.22
CA ARG D 120 -2.53 -61.42 -41.71
C ARG D 120 -3.21 -60.85 -42.97
N PRO D 121 -3.86 -59.66 -42.89
CA PRO D 121 -4.44 -59.07 -44.10
C PRO D 121 -3.38 -58.69 -45.12
N VAL D 122 -3.69 -58.77 -46.44
CA VAL D 122 -2.72 -58.40 -47.47
C VAL D 122 -3.43 -57.47 -48.44
N ALA D 123 -2.91 -56.25 -48.65
CA ALA D 123 -3.53 -55.31 -49.59
C ALA D 123 -3.23 -55.65 -51.04
N ILE D 124 -4.11 -55.23 -51.96
CA ILE D 124 -3.93 -55.42 -53.39
C ILE D 124 -3.82 -54.05 -54.05
N ALA D 125 -2.67 -53.81 -54.67
CA ALA D 125 -2.41 -52.52 -55.29
C ALA D 125 -2.31 -52.63 -56.80
N LEU D 126 -2.96 -51.72 -57.52
CA LEU D 126 -2.92 -51.70 -58.98
C LEU D 126 -1.95 -50.63 -59.43
N ASP D 127 -0.89 -50.98 -60.16
CA ASP D 127 0.06 -49.99 -60.66
C ASP D 127 -0.33 -49.72 -62.10
N THR D 128 -0.85 -48.52 -62.38
CA THR D 128 -1.29 -48.14 -63.74
C THR D 128 -0.13 -48.07 -64.74
N LYS D 129 -0.43 -48.28 -66.05
CA LYS D 129 0.55 -48.24 -67.14
C LYS D 129 1.15 -46.85 -67.33
N GLY D 130 0.31 -45.82 -67.32
CA GLY D 130 0.80 -44.46 -67.44
C GLY D 130 0.13 -43.67 -68.55
N PRO D 131 0.36 -42.35 -68.58
CA PRO D 131 -0.32 -41.53 -69.61
C PRO D 131 0.23 -41.62 -71.03
N GLY D 132 1.51 -42.00 -71.19
CA GLY D 132 2.17 -42.14 -72.49
C GLY D 132 2.23 -40.87 -73.31
N SER D 133 1.19 -40.65 -74.17
CA SER D 133 1.05 -39.47 -75.02
C SER D 133 1.01 -38.19 -74.17
N GLY D 134 0.36 -38.24 -73.01
CA GLY D 134 0.31 -37.09 -72.11
C GLY D 134 -1.04 -36.44 -71.84
N PRO D 135 -1.90 -36.13 -72.86
CA PRO D 135 -3.19 -35.48 -72.56
C PRO D 135 -4.12 -36.35 -71.69
N GLY D 136 -4.40 -35.87 -70.48
CA GLY D 136 -5.24 -36.58 -69.52
C GLY D 136 -4.81 -38.01 -69.26
N LEU D 137 -5.76 -38.83 -68.86
CA LEU D 137 -5.59 -40.25 -68.60
C LEU D 137 -5.66 -41.00 -69.90
N SER D 138 -4.90 -42.09 -70.03
CA SER D 138 -4.99 -42.89 -71.26
C SER D 138 -6.27 -43.74 -71.31
N GLU D 139 -6.72 -44.15 -72.52
CA GLU D 139 -7.94 -44.99 -72.62
C GLU D 139 -7.75 -46.27 -71.85
N GLN D 140 -6.52 -46.85 -71.89
CA GLN D 140 -6.25 -48.08 -71.17
C GLN D 140 -6.33 -47.86 -69.69
N ASP D 141 -5.77 -46.75 -69.20
CA ASP D 141 -5.80 -46.40 -67.78
C ASP D 141 -7.21 -46.29 -67.26
N VAL D 142 -8.15 -45.73 -68.04
CA VAL D 142 -9.54 -45.62 -67.61
C VAL D 142 -10.17 -47.00 -67.46
N ARG D 143 -9.83 -47.93 -68.37
CA ARG D 143 -10.34 -49.31 -68.36
C ARG D 143 -9.76 -50.06 -67.18
N ASP D 144 -8.45 -49.86 -66.90
CA ASP D 144 -7.70 -50.50 -65.84
C ASP D 144 -8.16 -50.02 -64.46
N LEU D 145 -8.47 -48.71 -64.34
CA LEU D 145 -8.98 -48.14 -63.11
C LEU D 145 -10.38 -48.66 -62.82
N ARG D 146 -11.22 -48.87 -63.87
CA ARG D 146 -12.54 -49.45 -63.69
C ARG D 146 -12.44 -50.91 -63.28
N PHE D 147 -11.42 -51.62 -63.79
CA PHE D 147 -11.12 -53.01 -63.44
C PHE D 147 -10.82 -53.08 -61.94
N GLY D 148 -10.02 -52.14 -61.44
CA GLY D 148 -9.65 -52.08 -60.05
C GLY D 148 -10.84 -51.90 -59.13
N VAL D 149 -11.76 -51.02 -59.50
CA VAL D 149 -12.98 -50.78 -58.75
C VAL D 149 -13.84 -52.05 -58.76
N GLU D 150 -14.00 -52.68 -59.91
CA GLU D 150 -14.79 -53.91 -60.03
C GLU D 150 -14.19 -55.08 -59.29
N HIS D 151 -12.87 -55.13 -59.18
CA HIS D 151 -12.19 -56.21 -58.48
C HIS D 151 -11.90 -55.92 -57.01
N GLY D 152 -12.07 -54.67 -56.58
CA GLY D 152 -11.92 -54.32 -55.19
C GLY D 152 -10.50 -54.10 -54.71
N VAL D 153 -9.71 -53.44 -55.53
CA VAL D 153 -8.34 -53.12 -55.14
C VAL D 153 -8.35 -52.08 -54.01
N ASP D 154 -7.34 -52.14 -53.16
CA ASP D 154 -7.25 -51.23 -52.04
C ASP D 154 -6.44 -50.01 -52.38
N ILE D 155 -5.36 -50.18 -53.17
CA ILE D 155 -4.47 -49.07 -53.50
C ILE D 155 -4.24 -48.94 -54.99
N VAL D 156 -3.97 -47.73 -55.46
CA VAL D 156 -3.65 -47.48 -56.86
C VAL D 156 -2.35 -46.71 -56.89
N PHE D 157 -1.34 -47.20 -57.61
CA PHE D 157 -0.08 -46.49 -57.78
C PHE D 157 -0.23 -45.76 -59.12
N ALA D 158 -0.61 -44.49 -59.08
CA ALA D 158 -0.79 -43.72 -60.29
C ALA D 158 0.55 -43.36 -60.93
N SER D 159 0.88 -43.92 -62.11
CA SER D 159 2.16 -43.65 -62.79
C SER D 159 2.21 -42.27 -63.38
N PHE D 160 3.40 -41.67 -63.40
CA PHE D 160 3.77 -40.37 -63.97
C PHE D 160 2.84 -39.23 -63.59
N VAL D 161 2.71 -39.01 -62.29
CA VAL D 161 1.93 -37.89 -61.77
C VAL D 161 2.85 -36.67 -61.89
N ARG D 162 2.40 -35.60 -62.56
CA ARG D 162 3.21 -34.39 -62.75
C ARG D 162 2.63 -33.15 -62.09
N LYS D 163 1.32 -33.18 -61.79
CA LYS D 163 0.60 -32.05 -61.20
C LYS D 163 -0.61 -32.56 -60.42
N ALA D 164 -1.30 -31.67 -59.66
CA ALA D 164 -2.49 -32.04 -58.88
C ALA D 164 -3.66 -32.45 -59.75
N SER D 165 -3.74 -31.93 -60.99
CA SER D 165 -4.82 -32.27 -61.92
C SER D 165 -4.76 -33.74 -62.43
N ASP D 166 -3.56 -34.35 -62.37
CA ASP D 166 -3.35 -35.74 -62.73
C ASP D 166 -3.97 -36.64 -61.66
N VAL D 167 -3.82 -36.27 -60.38
CA VAL D 167 -4.40 -37.04 -59.28
C VAL D 167 -5.92 -36.97 -59.37
N ALA D 168 -6.45 -35.78 -59.73
CA ALA D 168 -7.88 -35.55 -59.88
C ALA D 168 -8.47 -36.45 -60.97
N ALA D 169 -7.72 -36.64 -62.06
CA ALA D 169 -8.13 -37.51 -63.18
C ALA D 169 -8.24 -38.95 -62.74
N VAL D 170 -7.26 -39.45 -61.98
CA VAL D 170 -7.28 -40.82 -61.44
C VAL D 170 -8.39 -41.01 -60.42
N ARG D 171 -8.65 -39.99 -59.61
CA ARG D 171 -9.73 -40.01 -58.61
C ARG D 171 -11.10 -40.12 -59.29
N ALA D 172 -11.28 -39.36 -60.40
CA ALA D 172 -12.49 -39.37 -61.20
C ALA D 172 -12.71 -40.73 -61.88
N ALA D 173 -11.62 -41.34 -62.32
CA ALA D 173 -11.61 -42.67 -62.94
C ALA D 173 -12.03 -43.77 -61.94
N LEU D 174 -11.82 -43.54 -60.63
CA LEU D 174 -12.26 -44.49 -59.62
C LEU D 174 -13.78 -44.38 -59.34
N GLY D 175 -14.45 -43.49 -60.09
CA GLY D 175 -15.89 -43.38 -60.22
C GLY D 175 -16.67 -43.26 -58.95
N PRO D 176 -17.93 -43.76 -58.96
CA PRO D 176 -18.75 -43.60 -57.75
C PRO D 176 -18.41 -44.61 -56.66
N GLU D 177 -18.20 -45.85 -57.08
CA GLU D 177 -17.92 -46.95 -56.17
C GLU D 177 -16.48 -46.96 -55.62
N GLY D 178 -15.60 -46.06 -56.07
CA GLY D 178 -14.20 -46.14 -55.65
C GLY D 178 -13.46 -45.04 -54.94
N HIS D 179 -14.11 -44.15 -54.17
CA HIS D 179 -13.34 -43.12 -53.40
C HIS D 179 -12.59 -43.74 -52.17
N GLY D 180 -12.96 -44.95 -51.78
CA GLY D 180 -12.30 -45.63 -50.68
C GLY D 180 -10.92 -46.13 -51.02
N ILE D 181 -10.56 -46.18 -52.31
CA ILE D 181 -9.25 -46.61 -52.81
C ILE D 181 -8.19 -45.55 -52.56
N LYS D 182 -7.06 -45.93 -51.94
CA LYS D 182 -5.97 -45.00 -51.66
C LYS D 182 -5.16 -44.74 -52.93
N ILE D 183 -4.87 -43.47 -53.20
CA ILE D 183 -4.09 -43.11 -54.36
C ILE D 183 -2.70 -42.69 -53.99
N ILE D 184 -1.72 -43.48 -54.41
CA ILE D 184 -0.31 -43.20 -54.18
C ILE D 184 0.25 -42.68 -55.50
N SER D 185 0.64 -41.40 -55.55
CA SER D 185 1.17 -40.79 -56.75
C SER D 185 2.61 -41.17 -56.94
N LYS D 186 2.95 -41.67 -58.12
CA LYS D 186 4.34 -42.03 -58.45
C LYS D 186 5.04 -40.84 -59.04
N ILE D 187 6.12 -40.39 -58.39
CA ILE D 187 6.91 -39.28 -58.90
C ILE D 187 8.07 -39.89 -59.68
N GLU D 188 8.08 -39.70 -61.02
CA GLU D 188 9.11 -40.31 -61.86
C GLU D 188 9.71 -39.39 -62.92
N ASN D 189 9.58 -38.09 -62.76
CA ASN D 189 10.14 -37.13 -63.69
C ASN D 189 10.45 -35.79 -62.99
N HIS D 190 11.21 -34.89 -63.65
CA HIS D 190 11.56 -33.60 -63.06
C HIS D 190 10.36 -32.77 -62.64
N GLU D 191 9.32 -32.71 -63.49
CA GLU D 191 8.14 -31.91 -63.21
C GLU D 191 7.42 -32.39 -61.96
N GLY D 192 7.35 -33.70 -61.76
CA GLY D 192 6.71 -34.28 -60.58
C GLY D 192 7.43 -33.93 -59.29
N VAL D 193 8.75 -33.81 -59.37
CA VAL D 193 9.58 -33.41 -58.25
C VAL D 193 9.37 -31.93 -57.92
N LYS D 194 9.34 -31.07 -58.95
CA LYS D 194 9.13 -29.64 -58.72
C LYS D 194 7.75 -29.32 -58.24
N ARG D 195 6.74 -30.02 -58.75
CA ARG D 195 5.36 -29.79 -58.34
C ARG D 195 4.93 -30.76 -57.22
N PHE D 196 5.90 -31.25 -56.42
CA PHE D 196 5.68 -32.19 -55.34
C PHE D 196 4.65 -31.75 -54.30
N ASP D 197 4.79 -30.55 -53.75
CA ASP D 197 3.90 -30.10 -52.69
C ASP D 197 2.43 -30.07 -53.11
N GLU D 198 2.14 -29.73 -54.37
CA GLU D 198 0.76 -29.70 -54.83
C GLU D 198 0.19 -31.11 -55.07
N ILE D 199 1.07 -32.07 -55.43
CA ILE D 199 0.71 -33.46 -55.65
C ILE D 199 0.43 -34.13 -54.31
N LEU D 200 1.32 -33.96 -53.31
CA LEU D 200 1.17 -34.56 -51.99
C LEU D 200 -0.11 -34.09 -51.28
N GLU D 201 -0.52 -32.85 -51.51
CA GLU D 201 -1.72 -32.28 -50.92
C GLU D 201 -2.97 -33.04 -51.34
N VAL D 202 -3.04 -33.45 -52.61
CA VAL D 202 -4.20 -34.15 -53.15
C VAL D 202 -4.05 -35.69 -53.18
N SER D 203 -2.86 -36.22 -52.92
CA SER D 203 -2.64 -37.65 -52.94
C SER D 203 -2.72 -38.25 -51.55
N ASP D 204 -2.99 -39.56 -51.46
CA ASP D 204 -3.00 -40.26 -50.17
C ASP D 204 -1.58 -40.61 -49.68
N GLY D 205 -0.64 -40.69 -50.62
CA GLY D 205 0.76 -41.00 -50.38
C GLY D 205 1.58 -40.82 -51.63
N ILE D 206 2.89 -41.10 -51.54
CA ILE D 206 3.82 -40.92 -52.65
C ILE D 206 4.69 -42.15 -52.85
N MET D 207 5.04 -42.46 -54.11
CA MET D 207 5.99 -43.52 -54.40
C MET D 207 7.17 -42.88 -55.12
N VAL D 208 8.38 -43.07 -54.59
CA VAL D 208 9.60 -42.56 -55.20
C VAL D 208 9.93 -43.61 -56.23
N ALA D 209 9.39 -43.43 -57.45
CA ALA D 209 9.56 -44.34 -58.60
C ALA D 209 10.94 -44.06 -59.19
N ARG D 210 11.97 -44.63 -58.56
CA ARG D 210 13.37 -44.39 -58.87
C ARG D 210 13.83 -44.77 -60.28
N GLY D 211 13.25 -45.81 -60.87
CA GLY D 211 13.64 -46.26 -62.21
C GLY D 211 13.53 -45.18 -63.27
N ASP D 212 12.29 -44.70 -63.51
CA ASP D 212 12.05 -43.64 -64.48
C ASP D 212 12.67 -42.34 -64.03
N LEU D 213 12.66 -42.07 -62.71
CA LEU D 213 13.26 -40.85 -62.14
C LEU D 213 14.74 -40.77 -62.49
N GLY D 214 15.44 -41.90 -62.39
CA GLY D 214 16.85 -42.01 -62.72
C GLY D 214 17.19 -41.83 -64.19
N ILE D 215 16.15 -41.82 -65.05
CA ILE D 215 16.24 -41.63 -66.50
C ILE D 215 15.88 -40.18 -66.84
N GLU D 216 14.86 -39.62 -66.18
CA GLU D 216 14.42 -38.23 -66.42
C GLU D 216 15.40 -37.21 -65.82
N ILE D 217 15.80 -37.41 -64.57
CA ILE D 217 16.78 -36.54 -63.90
C ILE D 217 18.13 -37.29 -63.83
N PRO D 218 19.27 -36.59 -63.68
CA PRO D 218 20.57 -37.32 -63.57
C PRO D 218 20.57 -38.39 -62.48
N ALA D 219 21.20 -39.54 -62.72
CA ALA D 219 21.22 -40.64 -61.75
C ALA D 219 21.84 -40.24 -60.39
N GLU D 220 22.81 -39.35 -60.40
CA GLU D 220 23.46 -38.88 -59.19
C GLU D 220 22.60 -37.88 -58.39
N LYS D 221 21.43 -37.48 -58.89
CA LYS D 221 20.55 -36.56 -58.18
C LYS D 221 19.31 -37.23 -57.58
N VAL D 222 19.07 -38.53 -57.90
CA VAL D 222 17.90 -39.27 -57.43
C VAL D 222 17.81 -39.39 -55.89
N PHE D 223 18.95 -39.57 -55.21
CA PHE D 223 18.95 -39.65 -53.75
C PHE D 223 18.45 -38.34 -53.09
N LEU D 224 18.69 -37.20 -53.74
CA LEU D 224 18.23 -35.92 -53.23
C LEU D 224 16.71 -35.87 -53.29
N ALA D 225 16.15 -36.32 -54.41
CA ALA D 225 14.72 -36.39 -54.63
C ALA D 225 14.07 -37.36 -53.63
N GLN D 226 14.69 -38.54 -53.43
CA GLN D 226 14.19 -39.54 -52.48
C GLN D 226 14.16 -38.97 -51.08
N LYS D 227 15.30 -38.48 -50.59
CA LYS D 227 15.39 -37.94 -49.24
C LYS D 227 14.46 -36.75 -49.01
N MET D 228 14.34 -35.86 -50.00
CA MET D 228 13.45 -34.71 -49.86
C MET D 228 11.99 -35.16 -49.76
N MET D 229 11.54 -36.02 -50.69
CA MET D 229 10.16 -36.51 -50.72
C MET D 229 9.78 -37.33 -49.49
N ILE D 230 10.71 -38.18 -48.99
CA ILE D 230 10.45 -38.94 -47.78
C ILE D 230 10.24 -38.00 -46.58
N GLY D 231 11.14 -37.03 -46.43
CA GLY D 231 11.05 -36.02 -45.38
C GLY D 231 9.75 -35.25 -45.39
N ARG D 232 9.32 -34.78 -46.57
CA ARG D 232 8.07 -34.03 -46.71
C ARG D 232 6.84 -34.90 -46.42
N CYS D 233 6.93 -36.20 -46.76
CA CYS D 233 5.85 -37.14 -46.48
C CYS D 233 5.76 -37.41 -45.00
N ASN D 234 6.91 -37.56 -44.31
CA ASN D 234 6.94 -37.79 -42.86
C ASN D 234 6.29 -36.61 -42.12
N LEU D 235 6.55 -35.37 -42.59
CA LEU D 235 6.01 -34.13 -42.05
C LEU D 235 4.50 -34.12 -42.25
N ALA D 236 4.03 -34.43 -43.46
CA ALA D 236 2.62 -34.47 -43.80
C ALA D 236 1.86 -35.63 -43.15
N GLY D 237 2.58 -36.64 -42.67
CA GLY D 237 1.97 -37.82 -42.08
C GLY D 237 1.41 -38.76 -43.14
N LYS D 238 1.82 -38.61 -44.43
CA LYS D 238 1.30 -39.41 -45.51
C LYS D 238 2.29 -40.48 -45.91
N PRO D 239 1.82 -41.71 -46.23
CA PRO D 239 2.75 -42.78 -46.56
C PRO D 239 3.70 -42.50 -47.73
N VAL D 240 4.92 -43.05 -47.63
CA VAL D 240 5.89 -42.88 -48.69
C VAL D 240 6.53 -44.24 -48.99
N VAL D 241 6.67 -44.57 -50.27
CA VAL D 241 7.22 -45.84 -50.71
C VAL D 241 8.55 -45.68 -51.48
N CYS D 242 9.57 -46.46 -51.13
CA CYS D 242 10.83 -46.49 -51.89
C CYS D 242 10.61 -47.66 -52.87
N ALA D 243 10.82 -47.45 -54.18
CA ALA D 243 10.37 -48.46 -55.14
C ALA D 243 11.36 -49.29 -55.99
N THR D 244 12.35 -48.69 -56.70
CA THR D 244 13.03 -49.49 -57.73
C THR D 244 14.49 -49.91 -57.49
N GLN D 245 14.81 -51.15 -57.94
CA GLN D 245 16.14 -51.79 -57.94
C GLN D 245 16.77 -51.97 -56.59
N MET D 246 15.94 -52.09 -55.53
CA MET D 246 16.42 -52.24 -54.16
C MET D 246 17.28 -53.50 -53.93
N LEU D 247 16.88 -54.65 -54.48
CA LEU D 247 17.63 -55.90 -54.37
C LEU D 247 17.74 -56.51 -55.79
N GLU D 248 18.00 -55.67 -56.81
CA GLU D 248 18.07 -56.07 -58.21
C GLU D 248 18.86 -57.34 -58.52
N SER D 249 20.05 -57.51 -57.95
CA SER D 249 20.86 -58.71 -58.17
C SER D 249 20.20 -60.00 -57.70
N MET D 250 19.15 -59.91 -56.87
CA MET D 250 18.43 -61.09 -56.40
C MET D 250 17.47 -61.68 -57.45
N ILE D 251 17.35 -61.05 -58.64
CA ILE D 251 16.58 -61.60 -59.75
C ILE D 251 17.29 -62.89 -60.22
N THR D 252 18.63 -62.86 -60.32
CA THR D 252 19.41 -64.02 -60.75
C THR D 252 20.25 -64.66 -59.63
N LYS D 253 20.62 -63.90 -58.57
CA LYS D 253 21.48 -64.43 -57.51
C LYS D 253 20.76 -64.64 -56.15
N PRO D 254 21.15 -65.67 -55.38
CA PRO D 254 20.48 -65.93 -54.09
C PRO D 254 20.80 -64.91 -52.99
N ARG D 255 21.82 -64.07 -53.18
CA ARG D 255 22.22 -63.06 -52.22
C ARG D 255 22.41 -61.70 -52.90
N PRO D 256 22.00 -60.61 -52.22
CA PRO D 256 22.17 -59.27 -52.81
C PRO D 256 23.57 -58.68 -52.61
N THR D 257 23.86 -57.57 -53.28
CA THR D 257 25.15 -56.90 -53.13
C THR D 257 25.18 -56.04 -51.87
N ARG D 258 26.37 -55.60 -51.47
CA ARG D 258 26.54 -54.73 -50.31
C ARG D 258 25.85 -53.38 -50.50
N ALA D 259 25.78 -52.89 -51.76
CA ALA D 259 25.10 -51.65 -52.08
C ALA D 259 23.59 -51.81 -51.93
N GLU D 260 23.06 -53.00 -52.27
CA GLU D 260 21.63 -53.29 -52.20
C GLU D 260 21.11 -53.38 -50.78
N THR D 261 21.80 -54.13 -49.90
CA THR D 261 21.39 -54.20 -48.50
C THR D 261 21.50 -52.82 -47.84
N SER D 262 22.48 -52.00 -48.26
CA SER D 262 22.68 -50.66 -47.77
C SER D 262 21.53 -49.77 -48.22
N ASP D 263 21.12 -49.88 -49.49
CA ASP D 263 20.00 -49.11 -50.03
C ASP D 263 18.68 -49.35 -49.27
N VAL D 264 18.35 -50.63 -48.99
CA VAL D 264 17.14 -51.01 -48.27
C VAL D 264 17.22 -50.43 -46.86
N ALA D 265 18.34 -50.62 -46.18
CA ALA D 265 18.53 -50.11 -44.84
C ALA D 265 18.43 -48.58 -44.79
N ASN D 266 19.00 -47.91 -45.78
CA ASN D 266 18.96 -46.45 -45.85
C ASN D 266 17.60 -45.92 -46.23
N ALA D 267 16.79 -46.67 -46.97
CA ALA D 267 15.44 -46.23 -47.28
C ALA D 267 14.60 -46.19 -45.97
N VAL D 268 14.78 -47.20 -45.11
CA VAL D 268 14.12 -47.30 -43.82
C VAL D 268 14.60 -46.16 -42.92
N LEU D 269 15.91 -45.94 -42.84
CA LEU D 269 16.48 -44.87 -42.03
C LEU D 269 16.07 -43.48 -42.53
N ASP D 270 15.81 -43.33 -43.83
CA ASP D 270 15.35 -42.06 -44.38
C ASP D 270 13.96 -41.74 -43.83
N GLY D 271 13.13 -42.77 -43.62
CA GLY D 271 11.79 -42.63 -43.07
C GLY D 271 10.69 -43.19 -43.96
N ALA D 272 11.05 -44.11 -44.89
CA ALA D 272 10.06 -44.71 -45.80
C ALA D 272 9.12 -45.69 -45.09
N ASP D 273 7.82 -45.58 -45.39
CA ASP D 273 6.81 -46.43 -44.79
C ASP D 273 6.78 -47.82 -45.43
N CYS D 274 7.07 -47.87 -46.76
CA CYS D 274 7.06 -49.11 -47.54
C CYS D 274 8.28 -49.24 -48.38
N ILE D 275 8.75 -50.47 -48.54
CA ILE D 275 9.83 -50.81 -49.45
C ILE D 275 9.27 -51.79 -50.51
N MET D 276 9.73 -51.68 -51.77
CA MET D 276 9.17 -52.48 -52.84
C MET D 276 10.12 -53.42 -53.55
N LEU D 277 9.56 -54.53 -54.04
CA LEU D 277 10.24 -55.50 -54.88
C LEU D 277 9.44 -55.55 -56.18
N SER D 278 10.11 -55.35 -57.31
CA SER D 278 9.44 -55.33 -58.61
C SER D 278 10.33 -55.97 -59.65
N GLY D 279 10.21 -57.28 -59.81
CA GLY D 279 11.10 -58.00 -60.71
C GLY D 279 11.87 -59.02 -59.91
N GLU D 280 12.31 -58.62 -58.69
CA GLU D 280 12.93 -59.50 -57.72
C GLU D 280 11.88 -60.56 -57.32
N THR D 281 10.59 -60.19 -57.22
CA THR D 281 9.48 -61.08 -56.90
C THR D 281 8.62 -61.41 -58.14
N ALA D 282 8.54 -60.48 -59.10
CA ALA D 282 7.73 -60.68 -60.29
C ALA D 282 8.27 -61.72 -61.27
N LYS D 283 9.58 -61.68 -61.59
CA LYS D 283 10.14 -62.61 -62.56
C LYS D 283 11.43 -63.33 -62.15
N GLY D 284 12.01 -62.94 -61.02
CA GLY D 284 13.27 -63.49 -60.57
C GLY D 284 13.22 -64.91 -60.06
N ASN D 285 14.40 -65.54 -59.96
CA ASN D 285 14.56 -66.91 -59.47
C ASN D 285 14.42 -67.06 -57.96
N PHE D 286 14.52 -65.95 -57.20
CA PHE D 286 14.45 -66.00 -55.75
C PHE D 286 13.40 -65.01 -55.21
N PRO D 287 12.09 -65.21 -55.48
CA PRO D 287 11.10 -64.22 -55.01
C PRO D 287 10.87 -64.24 -53.50
N VAL D 288 10.77 -65.44 -52.91
CA VAL D 288 10.57 -65.59 -51.46
C VAL D 288 11.81 -65.14 -50.68
N GLU D 289 13.00 -65.40 -51.23
CA GLU D 289 14.28 -65.03 -50.64
C GLU D 289 14.45 -63.51 -50.61
N ALA D 290 13.95 -62.80 -51.63
CA ALA D 290 14.00 -61.33 -51.71
C ALA D 290 13.07 -60.71 -50.64
N VAL D 291 11.91 -61.34 -50.39
CA VAL D 291 10.97 -60.88 -49.37
C VAL D 291 11.62 -61.09 -48.00
N LYS D 292 12.17 -62.29 -47.75
CA LYS D 292 12.82 -62.62 -46.50
C LYS D 292 14.00 -61.68 -46.24
N MET D 293 14.76 -61.34 -47.28
CA MET D 293 15.90 -60.43 -47.18
C MET D 293 15.47 -59.01 -46.81
N GLN D 294 14.45 -58.48 -47.50
CA GLN D 294 13.93 -57.16 -47.18
C GLN D 294 13.38 -57.10 -45.76
N HIS D 295 12.76 -58.19 -45.30
CA HIS D 295 12.24 -58.27 -43.95
C HIS D 295 13.40 -58.18 -42.94
N ALA D 296 14.44 -59.00 -43.14
CA ALA D 296 15.62 -59.07 -42.28
C ALA D 296 16.33 -57.73 -42.16
N ILE D 297 16.52 -57.00 -43.28
CA ILE D 297 17.20 -55.71 -43.29
C ILE D 297 16.34 -54.67 -42.59
N ALA D 298 15.03 -54.67 -42.88
CA ALA D 298 14.13 -53.68 -42.29
C ALA D 298 14.10 -53.76 -40.78
N ARG D 299 14.13 -54.97 -40.19
CA ARG D 299 14.15 -55.14 -38.74
C ARG D 299 15.40 -54.51 -38.13
N GLU D 300 16.55 -54.70 -38.80
CA GLU D 300 17.81 -54.16 -38.32
C GLU D 300 17.84 -52.63 -38.43
N ALA D 301 17.33 -52.10 -39.55
CA ALA D 301 17.32 -50.67 -39.78
C ALA D 301 16.35 -49.94 -38.86
N GLU D 302 15.22 -50.57 -38.54
CA GLU D 302 14.22 -49.95 -37.67
C GLU D 302 14.72 -49.81 -36.24
N ALA D 303 15.49 -50.80 -35.76
CA ALA D 303 16.06 -50.73 -34.42
C ALA D 303 17.15 -49.63 -34.33
N ALA D 304 17.84 -49.36 -35.44
CA ALA D 304 18.89 -48.34 -35.52
C ALA D 304 18.38 -46.92 -35.80
N VAL D 305 17.05 -46.71 -35.75
CA VAL D 305 16.48 -45.39 -35.97
C VAL D 305 16.75 -44.55 -34.71
N TYR D 306 17.22 -43.31 -34.89
CA TYR D 306 17.51 -42.44 -33.75
C TYR D 306 16.22 -41.74 -33.34
N HIS D 307 15.36 -42.47 -32.60
CA HIS D 307 14.06 -42.01 -32.14
C HIS D 307 14.07 -40.68 -31.39
N ARG D 308 15.13 -40.39 -30.60
CA ARG D 308 15.14 -39.15 -29.82
C ARG D 308 15.06 -37.92 -30.67
N GLN D 309 15.89 -37.83 -31.72
CA GLN D 309 15.88 -36.68 -32.61
C GLN D 309 14.70 -36.72 -33.54
N LEU D 310 14.35 -37.90 -34.02
CA LEU D 310 13.23 -38.08 -34.93
C LEU D 310 11.90 -37.57 -34.28
N PHE D 311 11.61 -38.00 -33.02
CA PHE D 311 10.42 -37.59 -32.28
C PHE D 311 10.44 -36.11 -31.92
N GLU D 312 11.57 -35.60 -31.42
CA GLU D 312 11.73 -34.18 -31.05
C GLU D 312 11.49 -33.28 -32.25
N GLU D 313 12.05 -33.64 -33.42
CA GLU D 313 11.88 -32.85 -34.64
C GLU D 313 10.46 -32.96 -35.17
N LEU D 314 9.84 -34.15 -35.09
CA LEU D 314 8.47 -34.39 -35.53
C LEU D 314 7.52 -33.49 -34.77
N ARG D 315 7.73 -33.36 -33.44
CA ARG D 315 6.92 -32.51 -32.58
C ARG D 315 7.10 -31.03 -32.88
N ARG D 316 8.36 -30.58 -33.04
CA ARG D 316 8.64 -29.18 -33.30
C ARG D 316 8.09 -28.71 -34.64
N ALA D 317 7.99 -29.63 -35.63
CA ALA D 317 7.48 -29.31 -36.96
C ALA D 317 5.97 -29.44 -37.02
N ALA D 318 5.40 -30.44 -36.32
CA ALA D 318 3.96 -30.68 -36.34
C ALA D 318 3.24 -29.53 -35.67
N PRO D 319 2.25 -28.95 -36.39
CA PRO D 319 1.53 -27.82 -35.81
C PRO D 319 0.63 -28.22 -34.66
N LEU D 320 0.26 -27.22 -33.82
CA LEU D 320 -0.66 -27.44 -32.71
C LEU D 320 -2.00 -27.89 -33.27
N SER D 321 -2.66 -28.79 -32.56
CA SER D 321 -3.90 -29.34 -33.05
C SER D 321 -4.98 -29.31 -32.02
N ARG D 322 -6.21 -28.91 -32.40
CA ARG D 322 -7.33 -29.01 -31.48
C ARG D 322 -8.20 -30.26 -31.81
N ASP D 323 -7.66 -31.18 -32.67
CA ASP D 323 -8.30 -32.43 -33.06
C ASP D 323 -7.98 -33.45 -31.99
N PRO D 324 -9.01 -33.98 -31.30
CA PRO D 324 -8.77 -34.93 -30.24
C PRO D 324 -8.03 -36.19 -30.65
N THR D 325 -8.14 -36.62 -31.92
CA THR D 325 -7.45 -37.79 -32.43
C THR D 325 -5.94 -37.52 -32.46
N GLU D 326 -5.52 -36.35 -32.97
CA GLU D 326 -4.10 -36.01 -32.99
C GLU D 326 -3.55 -35.74 -31.55
N VAL D 327 -4.34 -35.09 -30.70
CA VAL D 327 -3.93 -34.80 -29.32
C VAL D 327 -3.73 -36.08 -28.55
N THR D 328 -4.64 -37.07 -28.74
CA THR D 328 -4.50 -38.40 -28.14
C THR D 328 -3.26 -39.11 -28.73
N ALA D 329 -3.00 -38.99 -30.07
CA ALA D 329 -1.87 -39.62 -30.70
C ALA D 329 -0.52 -39.29 -30.02
N ILE D 330 -0.08 -37.95 -29.91
CA ILE D 330 1.21 -37.57 -29.27
C ILE D 330 1.24 -38.04 -27.88
N GLY D 331 0.12 -37.87 -27.13
CA GLY D 331 0.00 -38.28 -25.74
C GLY D 331 0.28 -39.76 -25.55
N ALA D 332 -0.28 -40.61 -26.45
CA ALA D 332 -0.08 -42.05 -26.44
C ALA D 332 1.35 -42.41 -26.86
N VAL D 333 1.91 -41.78 -27.90
CA VAL D 333 3.27 -42.04 -28.34
C VAL D 333 4.30 -41.63 -27.26
N GLU D 334 4.09 -40.50 -26.60
CA GLU D 334 4.95 -40.01 -25.52
C GLU D 334 4.90 -40.98 -24.33
N ALA D 335 3.69 -41.45 -23.98
CA ALA D 335 3.44 -42.42 -22.90
C ALA D 335 4.10 -43.76 -23.20
N ALA D 336 4.11 -44.19 -24.48
CA ALA D 336 4.73 -45.42 -24.89
C ALA D 336 6.23 -45.33 -24.74
N PHE D 337 6.82 -44.19 -25.13
CA PHE D 337 8.26 -44.01 -25.00
C PHE D 337 8.68 -44.06 -23.54
N LYS D 338 7.95 -43.39 -22.68
CA LYS D 338 8.20 -43.35 -21.24
C LYS D 338 8.28 -44.71 -20.57
N CYS D 339 7.37 -45.64 -20.90
CA CYS D 339 7.35 -46.95 -20.27
C CYS D 339 7.83 -48.08 -21.14
N CYS D 340 8.38 -47.76 -22.31
CA CYS D 340 8.84 -48.73 -23.30
C CYS D 340 7.77 -49.79 -23.63
N ALA D 341 6.55 -49.28 -23.93
CA ALA D 341 5.32 -50.02 -24.22
C ALA D 341 5.55 -51.07 -25.23
N ALA D 342 5.09 -52.32 -24.97
CA ALA D 342 5.20 -53.46 -25.90
C ALA D 342 4.51 -53.08 -27.25
N ALA D 343 3.35 -52.39 -27.10
CA ALA D 343 2.49 -52.01 -28.18
C ALA D 343 1.56 -50.88 -27.74
N ILE D 344 0.98 -50.18 -28.73
CA ILE D 344 -0.13 -49.24 -28.61
C ILE D 344 -1.29 -49.98 -29.31
N ILE D 345 -2.43 -50.29 -28.63
CA ILE D 345 -3.55 -50.94 -29.29
C ILE D 345 -4.67 -49.91 -29.60
N VAL D 346 -5.00 -49.63 -30.88
CA VAL D 346 -6.02 -48.63 -31.23
C VAL D 346 -7.19 -49.21 -32.02
N LEU D 347 -8.41 -48.90 -31.63
CA LEU D 347 -9.58 -49.32 -32.38
C LEU D 347 -9.76 -48.28 -33.49
N THR D 348 -9.81 -48.73 -34.75
CA THR D 348 -9.99 -47.82 -35.86
C THR D 348 -11.05 -48.34 -36.86
N THR D 349 -11.77 -47.44 -37.49
CA THR D 349 -12.81 -47.77 -38.44
C THR D 349 -12.30 -47.51 -39.87
N THR D 350 -11.71 -46.32 -40.08
CA THR D 350 -11.11 -45.86 -41.33
C THR D 350 -9.59 -46.00 -41.35
N GLY D 351 -8.96 -46.26 -40.19
CA GLY D 351 -7.52 -46.37 -40.08
C GLY D 351 -6.84 -45.08 -39.67
N ARG D 352 -7.59 -43.95 -39.66
CA ARG D 352 -7.05 -42.64 -39.35
C ARG D 352 -6.37 -42.55 -38.00
N SER D 353 -6.97 -43.12 -36.95
CA SER D 353 -6.35 -43.10 -35.61
C SER D 353 -4.98 -43.77 -35.60
N ALA D 354 -4.87 -44.92 -36.26
CA ALA D 354 -3.62 -45.64 -36.35
C ALA D 354 -2.60 -44.88 -37.18
N GLN D 355 -3.05 -44.18 -38.24
CA GLN D 355 -2.19 -43.39 -39.11
C GLN D 355 -1.56 -42.21 -38.36
N LEU D 356 -2.35 -41.55 -37.49
CA LEU D 356 -1.87 -40.43 -36.69
C LEU D 356 -0.88 -40.88 -35.64
N LEU D 357 -1.04 -42.08 -35.07
CA LEU D 357 -0.06 -42.61 -34.11
C LEU D 357 1.26 -42.87 -34.85
N SER D 358 1.16 -43.45 -36.07
CA SER D 358 2.23 -43.81 -36.99
C SER D 358 3.08 -42.61 -37.39
N ARG D 359 2.46 -41.41 -37.52
CA ARG D 359 3.17 -40.17 -37.90
C ARG D 359 4.32 -39.88 -36.96
N TYR D 360 4.08 -40.07 -35.65
CA TYR D 360 5.03 -39.83 -34.55
C TYR D 360 6.09 -40.89 -34.39
N ARG D 361 6.14 -41.88 -35.31
CA ARG D 361 7.12 -42.96 -35.37
C ARG D 361 7.52 -43.55 -34.02
N PRO D 362 6.55 -44.13 -33.28
CA PRO D 362 6.90 -44.71 -31.97
C PRO D 362 7.73 -45.98 -32.12
N ARG D 363 8.49 -46.31 -31.08
CA ARG D 363 9.23 -47.57 -31.09
C ARG D 363 8.22 -48.75 -30.87
N ALA D 364 7.13 -48.51 -30.13
CA ALA D 364 6.11 -49.50 -29.83
C ALA D 364 5.23 -49.78 -31.07
N ALA D 365 4.77 -51.01 -31.22
CA ALA D 365 3.89 -51.45 -32.31
C ALA D 365 2.49 -50.83 -32.24
N VAL D 366 1.96 -50.38 -33.39
CA VAL D 366 0.59 -49.86 -33.40
C VAL D 366 -0.31 -50.98 -33.88
N ILE D 367 -0.94 -51.70 -32.94
CA ILE D 367 -1.84 -52.79 -33.24
C ILE D 367 -3.23 -52.16 -33.45
N ALA D 368 -3.71 -52.08 -34.70
CA ALA D 368 -5.01 -51.48 -34.99
C ALA D 368 -6.01 -52.56 -35.15
N VAL D 369 -7.10 -52.48 -34.39
CA VAL D 369 -8.22 -53.44 -34.40
C VAL D 369 -9.39 -52.82 -35.17
N THR D 370 -9.76 -53.45 -36.28
CA THR D 370 -10.80 -52.92 -37.14
C THR D 370 -11.76 -53.99 -37.62
N ARG D 371 -13.00 -53.60 -37.86
CA ARG D 371 -13.97 -54.51 -38.45
C ARG D 371 -13.97 -54.34 -40.00
N SER D 372 -13.39 -53.23 -40.53
CA SER D 372 -13.30 -52.95 -41.95
C SER D 372 -12.14 -53.72 -42.57
N ALA D 373 -12.44 -54.70 -43.43
CA ALA D 373 -11.40 -55.47 -44.13
C ALA D 373 -10.55 -54.62 -45.05
N GLN D 374 -11.14 -53.54 -45.63
CA GLN D 374 -10.39 -52.63 -46.48
C GLN D 374 -9.40 -51.79 -45.68
N ALA D 375 -9.85 -51.23 -44.55
CA ALA D 375 -9.00 -50.43 -43.67
C ALA D 375 -7.82 -51.27 -43.16
N ALA D 376 -8.06 -52.53 -42.82
CA ALA D 376 -7.06 -53.49 -42.35
C ALA D 376 -5.97 -53.69 -43.38
N ARG D 377 -6.35 -53.73 -44.67
CA ARG D 377 -5.37 -53.92 -45.73
C ARG D 377 -4.67 -52.62 -46.03
N GLN D 378 -5.40 -51.50 -46.09
CA GLN D 378 -4.85 -50.19 -46.41
C GLN D 378 -3.89 -49.62 -45.38
N VAL D 379 -4.04 -49.96 -44.06
CA VAL D 379 -3.12 -49.45 -43.02
C VAL D 379 -1.69 -50.02 -43.16
N HIS D 380 -1.45 -50.98 -44.06
CA HIS D 380 -0.11 -51.45 -44.35
C HIS D 380 0.75 -50.32 -44.97
N LEU D 381 0.10 -49.30 -45.58
CA LEU D 381 0.78 -48.14 -46.13
C LEU D 381 1.42 -47.29 -45.02
N CYS D 382 0.95 -47.35 -43.77
CA CYS D 382 1.59 -46.61 -42.68
C CYS D 382 2.48 -47.49 -41.80
N ARG D 383 3.73 -47.04 -41.66
CA ARG D 383 4.79 -47.70 -40.91
C ARG D 383 4.43 -47.93 -39.45
N GLY D 384 4.64 -49.16 -39.00
CA GLY D 384 4.38 -49.57 -37.63
C GLY D 384 2.96 -49.96 -37.32
N VAL D 385 2.06 -49.89 -38.31
CA VAL D 385 0.67 -50.29 -38.05
C VAL D 385 0.51 -51.78 -38.38
N PHE D 386 0.08 -52.56 -37.39
CA PHE D 386 -0.17 -53.99 -37.51
C PHE D 386 -1.67 -54.21 -37.47
N PRO D 387 -2.30 -54.39 -38.65
CA PRO D 387 -3.77 -54.53 -38.66
C PRO D 387 -4.33 -55.87 -38.22
N LEU D 388 -5.41 -55.82 -37.43
CA LEU D 388 -6.08 -57.01 -36.91
C LEU D 388 -7.54 -56.93 -37.35
N LEU D 389 -8.01 -57.89 -38.17
CA LEU D 389 -9.41 -57.86 -38.60
C LEU D 389 -10.30 -58.61 -37.61
N TYR D 390 -11.17 -57.85 -36.90
CA TYR D 390 -12.08 -58.38 -35.92
C TYR D 390 -13.31 -58.86 -36.66
N ARG D 391 -13.64 -60.14 -36.49
CA ARG D 391 -14.78 -60.75 -37.18
C ARG D 391 -15.98 -60.96 -36.26
N GLU D 392 -15.79 -61.06 -34.93
CA GLU D 392 -16.90 -61.28 -34.00
C GLU D 392 -18.10 -60.33 -34.15
N PRO D 393 -19.31 -60.85 -33.90
CA PRO D 393 -20.49 -60.00 -33.99
C PRO D 393 -20.62 -58.97 -32.87
N PRO D 394 -21.29 -57.85 -33.14
CA PRO D 394 -21.39 -56.80 -32.14
C PRO D 394 -22.12 -57.17 -30.87
N GLU D 395 -21.58 -56.70 -29.74
CA GLU D 395 -22.18 -56.88 -28.43
C GLU D 395 -23.31 -55.86 -28.26
N ALA D 396 -24.29 -56.15 -27.39
CA ALA D 396 -25.39 -55.22 -27.16
C ALA D 396 -24.85 -53.94 -26.50
N ILE D 397 -24.00 -54.10 -25.49
CA ILE D 397 -23.42 -52.96 -24.80
C ILE D 397 -22.15 -52.51 -25.48
N TRP D 398 -22.19 -51.27 -26.00
CA TRP D 398 -21.11 -50.59 -26.71
C TRP D 398 -19.78 -50.71 -25.99
N ALA D 399 -19.76 -50.40 -24.69
CA ALA D 399 -18.56 -50.44 -23.84
C ALA D 399 -17.95 -51.85 -23.79
N ASP D 400 -18.80 -52.87 -23.78
CA ASP D 400 -18.41 -54.28 -23.74
C ASP D 400 -17.83 -54.71 -25.07
N ASP D 401 -18.41 -54.22 -26.19
CA ASP D 401 -17.90 -54.50 -27.54
C ASP D 401 -16.52 -53.92 -27.71
N VAL D 402 -16.29 -52.71 -27.16
CA VAL D 402 -15.02 -52.01 -27.15
C VAL D 402 -13.99 -52.85 -26.42
N ASP D 403 -14.32 -53.27 -25.20
CA ASP D 403 -13.45 -54.09 -24.36
C ASP D 403 -13.12 -55.43 -24.97
N ARG D 404 -14.05 -56.02 -25.73
CA ARG D 404 -13.79 -57.29 -26.40
C ARG D 404 -12.81 -57.08 -27.53
N ARG D 405 -12.91 -55.94 -28.27
CA ARG D 405 -11.99 -55.61 -29.34
C ARG D 405 -10.62 -55.30 -28.81
N VAL D 406 -10.53 -54.65 -27.63
CA VAL D 406 -9.26 -54.34 -26.96
C VAL D 406 -8.59 -55.65 -26.50
N GLN D 407 -9.39 -56.54 -25.93
CA GLN D 407 -8.91 -57.85 -25.49
C GLN D 407 -8.50 -58.74 -26.65
N PHE D 408 -9.16 -58.59 -27.80
CA PHE D 408 -8.83 -59.25 -29.08
C PHE D 408 -7.41 -58.91 -29.48
N GLY D 409 -7.08 -57.59 -29.40
CA GLY D 409 -5.79 -57.03 -29.73
C GLY D 409 -4.69 -57.61 -28.87
N ILE D 410 -4.96 -57.76 -27.57
CA ILE D 410 -4.06 -58.32 -26.57
C ILE D 410 -3.91 -59.82 -26.78
N GLU D 411 -5.02 -60.55 -27.06
CA GLU D 411 -5.05 -61.99 -27.32
C GLU D 411 -4.16 -62.28 -28.53
N SER D 412 -4.33 -61.50 -29.63
CA SER D 412 -3.55 -61.54 -30.89
C SER D 412 -2.06 -61.18 -30.67
N GLY D 413 -1.80 -60.07 -29.96
CA GLY D 413 -0.46 -59.58 -29.66
C GLY D 413 0.34 -60.61 -28.90
N LYS D 414 -0.30 -61.22 -27.88
CA LYS D 414 0.30 -62.29 -27.07
C LYS D 414 0.67 -63.52 -27.93
N LEU D 415 -0.28 -63.99 -28.77
CA LEU D 415 -0.08 -65.11 -29.67
C LEU D 415 1.11 -64.87 -30.62
N ARG D 416 1.13 -63.70 -31.30
CA ARG D 416 2.19 -63.34 -32.24
C ARG D 416 3.50 -62.93 -31.59
N GLY D 417 3.53 -62.66 -30.28
CA GLY D 417 4.76 -62.32 -29.59
C GLY D 417 5.01 -60.84 -29.35
N PHE D 418 4.09 -59.98 -29.79
CA PHE D 418 4.21 -58.54 -29.58
C PHE D 418 4.17 -58.21 -28.07
N LEU D 419 3.49 -59.01 -27.27
CA LEU D 419 3.38 -58.78 -25.83
C LEU D 419 3.33 -60.09 -25.02
N ARG D 420 3.61 -59.94 -23.73
CA ARG D 420 3.72 -60.92 -22.67
C ARG D 420 2.97 -60.41 -21.42
N VAL D 421 2.63 -61.31 -20.50
CA VAL D 421 1.93 -60.93 -19.27
C VAL D 421 2.85 -60.05 -18.45
N GLY D 422 2.29 -58.94 -17.95
CA GLY D 422 3.08 -58.00 -17.20
C GLY D 422 3.54 -56.83 -18.04
N ASP D 423 3.54 -56.97 -19.37
CA ASP D 423 3.89 -55.88 -20.25
C ASP D 423 2.96 -54.70 -20.07
N LEU D 424 3.40 -53.53 -20.49
CA LEU D 424 2.60 -52.33 -20.37
C LEU D 424 2.21 -51.98 -21.78
N VAL D 425 0.93 -51.65 -22.01
CA VAL D 425 0.51 -51.24 -23.35
C VAL D 425 -0.28 -49.93 -23.23
N ILE D 426 -0.36 -49.17 -24.34
CA ILE D 426 -1.15 -47.94 -24.40
C ILE D 426 -2.38 -48.27 -25.23
N VAL D 427 -3.58 -47.98 -24.76
CA VAL D 427 -4.81 -48.34 -25.49
C VAL D 427 -5.54 -47.09 -25.93
N VAL D 428 -5.60 -46.86 -27.23
CA VAL D 428 -6.24 -45.67 -27.75
C VAL D 428 -7.65 -46.00 -28.25
N THR D 429 -8.65 -45.37 -27.68
CA THR D 429 -10.05 -45.55 -28.03
C THR D 429 -10.71 -44.12 -28.05
N GLY D 430 -12.03 -44.08 -28.28
CA GLY D 430 -12.85 -42.89 -28.29
C GLY D 430 -14.05 -43.03 -27.40
N TRP D 431 -14.82 -41.95 -27.25
CA TRP D 431 -15.96 -41.85 -26.33
C TRP D 431 -17.31 -42.29 -26.89
N ARG D 432 -17.39 -42.57 -28.19
CA ARG D 432 -18.65 -42.98 -28.80
C ARG D 432 -18.40 -43.72 -30.14
N PRO D 433 -19.40 -44.49 -30.64
CA PRO D 433 -19.23 -45.22 -31.90
C PRO D 433 -19.08 -44.32 -33.10
N GLY D 434 -18.55 -44.89 -34.17
CA GLY D 434 -18.29 -44.14 -35.38
C GLY D 434 -16.89 -43.59 -35.36
N SER D 435 -16.33 -43.37 -36.54
CA SER D 435 -15.01 -42.82 -36.66
C SER D 435 -14.97 -41.32 -36.33
N GLY D 436 -13.78 -40.86 -35.93
CA GLY D 436 -13.52 -39.47 -35.60
C GLY D 436 -13.73 -39.08 -34.16
N TYR D 437 -14.00 -40.05 -33.28
CA TYR D 437 -14.23 -39.72 -31.88
C TYR D 437 -13.19 -40.27 -30.94
N THR D 438 -12.02 -40.67 -31.42
CA THR D 438 -10.91 -41.05 -30.56
C THR D 438 -10.57 -39.84 -29.60
N ASN D 439 -10.38 -40.12 -28.30
CA ASN D 439 -10.02 -39.11 -27.32
C ASN D 439 -9.45 -39.73 -26.02
N ILE D 440 -9.38 -41.07 -25.91
CA ILE D 440 -8.96 -41.72 -24.66
C ILE D 440 -7.66 -42.48 -24.84
N MET D 441 -6.77 -42.38 -23.87
CA MET D 441 -5.50 -43.11 -23.86
C MET D 441 -5.40 -43.80 -22.48
N ARG D 442 -5.11 -45.10 -22.44
CA ARG D 442 -4.99 -45.82 -21.16
C ARG D 442 -3.68 -46.60 -21.08
N VAL D 443 -3.11 -46.67 -19.86
CA VAL D 443 -1.92 -47.48 -19.59
C VAL D 443 -2.41 -48.76 -18.94
N LEU D 444 -2.16 -49.92 -19.59
CA LEU D 444 -2.61 -51.22 -19.09
C LEU D 444 -1.50 -52.16 -18.87
N SER D 445 -1.60 -52.89 -17.81
CA SER D 445 -0.68 -53.94 -17.46
C SER D 445 -1.39 -55.18 -17.99
N ILE D 446 -0.75 -55.90 -18.89
CA ILE D 446 -1.32 -57.11 -19.49
C ILE D 446 -1.42 -58.18 -18.40
N SER D 447 -2.57 -58.84 -18.29
CA SER D 447 -2.75 -59.91 -17.30
C SER D 447 -3.07 -61.24 -17.99
N THR E 19 -41.92 35.33 21.53
CA THR E 19 -43.11 36.04 21.06
C THR E 19 -43.58 35.41 19.72
N GLN E 20 -42.87 35.69 18.58
CA GLN E 20 -43.19 35.21 17.22
C GLN E 20 -44.32 36.04 16.58
N GLU E 21 -45.26 36.53 17.43
CA GLU E 21 -46.46 37.30 17.06
C GLU E 21 -46.28 38.82 17.11
N LEU E 22 -45.03 39.24 16.93
CA LEU E 22 -44.52 40.58 16.70
C LEU E 22 -44.15 40.72 15.20
N GLY E 23 -44.10 39.60 14.45
CA GLY E 23 -43.80 39.58 13.03
C GLY E 23 -42.42 39.10 12.68
N THR E 24 -42.25 38.48 11.48
CA THR E 24 -40.95 38.02 11.02
C THR E 24 -40.05 39.22 10.78
N ALA E 25 -40.59 40.29 10.15
CA ALA E 25 -39.85 41.51 9.91
C ALA E 25 -39.24 42.10 11.16
N PHE E 26 -39.83 41.85 12.35
CA PHE E 26 -39.26 42.34 13.60
C PHE E 26 -37.99 41.54 13.96
N PHE E 27 -38.04 40.22 13.84
CA PHE E 27 -36.92 39.37 14.19
C PHE E 27 -35.85 39.21 13.11
N GLN E 28 -35.94 39.97 12.01
CA GLN E 28 -34.91 39.95 10.98
C GLN E 28 -34.40 41.39 10.73
N GLN E 29 -34.31 42.19 11.80
CA GLN E 29 -33.83 43.57 11.83
C GLN E 29 -33.09 43.81 13.18
N GLN E 30 -32.30 44.89 13.29
CA GLN E 30 -31.45 45.16 14.46
C GLN E 30 -30.55 43.97 14.81
N GLN E 31 -30.21 43.15 13.79
CA GLN E 31 -29.37 41.95 13.89
C GLN E 31 -29.89 40.98 14.94
N LEU E 32 -31.22 40.86 15.06
CA LEU E 32 -31.81 39.97 16.06
C LEU E 32 -31.44 38.50 15.85
N PRO E 33 -31.33 37.95 14.61
CA PRO E 33 -30.88 36.55 14.48
C PRO E 33 -29.47 36.34 15.02
N ALA E 34 -28.59 37.32 14.80
CA ALA E 34 -27.20 37.27 15.28
C ALA E 34 -27.13 37.46 16.80
N ALA E 35 -28.02 38.27 17.37
CA ALA E 35 -28.05 38.51 18.82
C ALA E 35 -28.57 37.27 19.61
N MET E 36 -29.37 36.41 18.98
CA MET E 36 -29.89 35.20 19.60
C MET E 36 -28.96 33.97 19.44
N ALA E 37 -27.78 34.13 18.82
CA ALA E 37 -26.86 33.01 18.64
C ALA E 37 -26.27 32.51 19.96
N ASP E 38 -25.90 31.24 20.00
CA ASP E 38 -25.38 30.63 21.22
C ASP E 38 -23.88 30.84 21.41
N THR E 39 -23.14 31.13 20.33
CA THR E 39 -21.72 31.43 20.43
C THR E 39 -21.38 32.73 19.70
N PHE E 40 -20.21 33.31 19.99
CA PHE E 40 -19.76 34.51 19.30
C PHE E 40 -19.42 34.19 17.83
N LEU E 41 -18.91 32.98 17.56
CA LEU E 41 -18.62 32.54 16.20
C LEU E 41 -19.94 32.42 15.43
N GLU E 42 -20.96 31.84 16.04
CA GLU E 42 -22.29 31.72 15.42
C GLU E 42 -22.92 33.09 15.22
N HIS E 43 -22.66 34.02 16.16
CA HIS E 43 -23.12 35.41 16.11
C HIS E 43 -22.51 36.11 14.89
N LEU E 44 -21.20 35.94 14.67
CA LEU E 44 -20.52 36.54 13.51
C LEU E 44 -21.11 36.02 12.21
N CYS E 45 -21.32 34.69 12.13
CA CYS E 45 -21.89 34.03 10.97
C CYS E 45 -23.33 34.47 10.66
N LEU E 46 -24.06 34.96 11.66
CA LEU E 46 -25.44 35.39 11.45
C LEU E 46 -25.61 36.91 11.21
N LEU E 47 -24.49 37.65 11.06
CA LEU E 47 -24.57 39.07 10.79
C LEU E 47 -25.07 39.25 9.35
N ASP E 48 -26.08 40.09 9.16
CA ASP E 48 -26.72 40.27 7.86
C ASP E 48 -26.71 41.73 7.44
N ILE E 49 -26.19 42.03 6.25
CA ILE E 49 -26.18 43.40 5.74
C ILE E 49 -27.60 43.94 5.44
N ASP E 50 -28.55 43.03 5.18
CA ASP E 50 -29.95 43.39 4.94
C ASP E 50 -30.79 43.50 6.22
N SER E 51 -30.18 43.27 7.39
CA SER E 51 -30.83 43.41 8.69
C SER E 51 -30.66 44.88 9.09
N GLU E 52 -31.63 45.73 8.75
CA GLU E 52 -31.56 47.16 9.02
C GLU E 52 -31.73 47.51 10.49
N PRO E 53 -30.84 48.38 11.00
CA PRO E 53 -30.99 48.83 12.39
C PRO E 53 -32.25 49.68 12.57
N VAL E 54 -33.04 49.39 13.60
CA VAL E 54 -34.28 50.13 13.84
C VAL E 54 -34.18 51.00 15.07
N ALA E 55 -33.42 50.57 16.08
CA ALA E 55 -33.26 51.35 17.31
C ALA E 55 -32.49 52.67 17.08
N ALA E 56 -32.68 53.64 17.99
CA ALA E 56 -32.00 54.93 17.89
C ALA E 56 -30.52 54.76 18.21
N ARG E 57 -29.68 55.61 17.61
CA ARG E 57 -28.24 55.55 17.81
C ARG E 57 -27.86 55.95 19.24
N SER E 58 -27.26 54.99 19.98
CA SER E 58 -26.90 55.12 21.38
C SER E 58 -25.50 55.73 21.70
N THR E 59 -24.46 55.48 20.85
CA THR E 59 -23.11 56.03 21.08
C THR E 59 -23.13 57.49 20.71
N SER E 60 -22.83 58.38 21.67
CA SER E 60 -22.87 59.81 21.40
C SER E 60 -21.73 60.30 20.53
N ILE E 61 -22.02 61.36 19.79
CA ILE E 61 -21.06 61.96 18.89
C ILE E 61 -20.59 63.28 19.48
N ILE E 62 -19.28 63.43 19.61
CA ILE E 62 -18.66 64.66 20.09
C ILE E 62 -18.06 65.33 18.84
N ALA E 63 -18.55 66.52 18.48
CA ALA E 63 -18.05 67.23 17.31
C ALA E 63 -17.25 68.44 17.74
N THR E 64 -16.02 68.59 17.23
CA THR E 64 -15.20 69.75 17.58
C THR E 64 -15.62 70.96 16.79
N ILE E 65 -15.91 72.05 17.49
CA ILE E 65 -16.35 73.30 16.89
C ILE E 65 -15.15 74.16 16.48
N GLY E 66 -15.09 74.47 15.20
CA GLY E 66 -14.05 75.31 14.63
C GLY E 66 -14.58 76.22 13.53
N PRO E 67 -13.68 76.76 12.69
CA PRO E 67 -14.13 77.65 11.61
C PRO E 67 -15.18 77.04 10.68
N ALA E 68 -15.05 75.75 10.37
CA ALA E 68 -15.98 75.04 9.49
C ALA E 68 -17.33 74.71 10.14
N SER E 69 -17.49 74.95 11.45
CA SER E 69 -18.70 74.55 12.13
C SER E 69 -19.29 75.54 13.14
N ARG E 70 -18.74 76.75 13.30
CA ARG E 70 -19.27 77.68 14.30
C ARG E 70 -20.45 78.55 13.80
N SER E 71 -20.88 78.40 12.55
CA SER E 71 -22.03 79.13 12.02
C SER E 71 -23.30 78.62 12.72
N VAL E 72 -24.22 79.51 13.13
CA VAL E 72 -25.47 79.09 13.79
C VAL E 72 -26.28 78.15 12.90
N GLU E 73 -26.41 78.46 11.62
CA GLU E 73 -27.17 77.60 10.70
C GLU E 73 -26.51 76.25 10.45
N ARG E 74 -25.17 76.22 10.50
CA ARG E 74 -24.39 75.00 10.34
C ARG E 74 -24.55 74.12 11.58
N LEU E 75 -24.52 74.74 12.77
CA LEU E 75 -24.71 74.04 14.03
C LEU E 75 -26.09 73.40 14.10
N LYS E 76 -27.13 74.06 13.54
CA LYS E 76 -28.48 73.51 13.50
C LYS E 76 -28.51 72.23 12.65
N GLU E 77 -27.79 72.25 11.52
CA GLU E 77 -27.64 71.12 10.59
C GLU E 77 -26.94 69.94 11.30
N MET E 78 -25.93 70.25 12.13
CA MET E 78 -25.20 69.23 12.85
C MET E 78 -25.99 68.62 13.97
N ILE E 79 -26.84 69.41 14.63
CA ILE E 79 -27.72 68.87 15.67
C ILE E 79 -28.71 67.89 15.03
N LYS E 80 -29.23 68.21 13.83
CA LYS E 80 -30.13 67.33 13.12
C LYS E 80 -29.39 66.05 12.69
N ALA E 81 -28.12 66.19 12.24
CA ALA E 81 -27.27 65.08 11.82
C ALA E 81 -26.93 64.12 12.98
N GLY E 82 -26.92 64.62 14.20
CA GLY E 82 -26.67 63.79 15.36
C GLY E 82 -25.59 64.22 16.34
N MET E 83 -25.20 65.51 16.33
CA MET E 83 -24.19 65.98 17.29
C MET E 83 -24.84 66.01 18.68
N ASN E 84 -24.17 65.45 19.68
CA ASN E 84 -24.68 65.41 21.04
C ASN E 84 -23.85 66.29 21.96
N ILE E 85 -22.53 66.37 21.71
CA ILE E 85 -21.62 67.17 22.53
C ILE E 85 -20.76 68.02 21.61
N ALA E 86 -20.66 69.32 21.89
CA ALA E 86 -19.84 70.26 21.13
C ALA E 86 -18.52 70.44 21.87
N ARG E 87 -17.39 70.13 21.23
CA ARG E 87 -16.08 70.25 21.84
C ARG E 87 -15.39 71.56 21.45
N LEU E 88 -14.80 72.24 22.45
CA LEU E 88 -14.09 73.50 22.22
C LEU E 88 -12.64 73.25 22.56
N ASN E 89 -11.77 73.19 21.52
CA ASN E 89 -10.35 72.92 21.73
C ASN E 89 -9.65 74.18 22.19
N PHE E 90 -9.25 74.22 23.47
CA PHE E 90 -8.58 75.38 24.03
C PHE E 90 -7.06 75.43 23.74
N SER E 91 -6.59 74.64 22.79
CA SER E 91 -5.21 74.70 22.30
C SER E 91 -5.11 75.90 21.34
N HIS E 92 -6.16 76.12 20.53
CA HIS E 92 -6.27 77.23 19.58
C HIS E 92 -7.45 78.13 20.00
N GLY E 93 -7.50 79.35 19.46
CA GLY E 93 -8.58 80.28 19.75
C GLY E 93 -8.47 81.02 21.07
N SER E 94 -8.98 82.25 21.08
CA SER E 94 -8.99 83.13 22.25
C SER E 94 -10.25 82.91 23.10
N HIS E 95 -10.30 83.48 24.31
CA HIS E 95 -11.47 83.37 25.17
C HIS E 95 -12.70 83.99 24.48
N GLU E 96 -12.49 85.08 23.73
CA GLU E 96 -13.55 85.78 22.99
C GLU E 96 -14.12 84.89 21.89
N TYR E 97 -13.24 84.13 21.22
CA TYR E 97 -13.58 83.21 20.14
C TYR E 97 -14.42 82.05 20.68
N HIS E 98 -14.02 81.50 21.83
CA HIS E 98 -14.70 80.38 22.43
C HIS E 98 -16.04 80.76 23.04
N ALA E 99 -16.14 81.97 23.60
CA ALA E 99 -17.41 82.46 24.15
C ALA E 99 -18.44 82.64 23.03
N GLU E 100 -17.98 83.11 21.85
CA GLU E 100 -18.82 83.31 20.67
C GLU E 100 -19.28 81.96 20.12
N SER E 101 -18.39 80.96 20.10
CA SER E 101 -18.71 79.60 19.67
C SER E 101 -19.82 79.03 20.58
N ILE E 102 -19.66 79.15 21.91
CA ILE E 102 -20.62 78.70 22.93
C ILE E 102 -22.01 79.32 22.69
N ALA E 103 -22.05 80.64 22.45
CA ALA E 103 -23.27 81.40 22.21
C ALA E 103 -23.98 80.92 20.95
N ASN E 104 -23.21 80.60 19.90
CA ASN E 104 -23.76 80.10 18.65
C ASN E 104 -24.33 78.70 18.84
N VAL E 105 -23.66 77.85 19.64
CA VAL E 105 -24.12 76.51 19.95
C VAL E 105 -25.45 76.60 20.69
N ARG E 106 -25.50 77.37 21.79
CA ARG E 106 -26.72 77.54 22.56
C ARG E 106 -27.89 78.12 21.75
N GLU E 107 -27.60 79.03 20.82
CA GLU E 107 -28.62 79.62 19.96
C GLU E 107 -29.22 78.55 19.03
N ALA E 108 -28.36 77.72 18.44
CA ALA E 108 -28.79 76.65 17.54
C ALA E 108 -29.53 75.54 18.29
N VAL E 109 -29.15 75.28 19.56
CA VAL E 109 -29.78 74.26 20.38
C VAL E 109 -31.17 74.71 20.81
N GLU E 110 -31.27 75.96 21.28
CA GLU E 110 -32.54 76.50 21.74
C GLU E 110 -33.53 76.81 20.64
N SER E 111 -33.10 76.83 19.36
CA SER E 111 -34.03 77.06 18.26
C SER E 111 -35.08 75.91 18.12
N PHE E 112 -34.78 74.73 18.67
CA PHE E 112 -35.66 73.56 18.66
C PHE E 112 -36.49 73.41 19.96
N ALA E 113 -36.30 74.30 20.95
CA ALA E 113 -37.01 74.25 22.24
C ALA E 113 -38.49 74.61 22.17
N GLY E 114 -38.99 74.94 20.98
CA GLY E 114 -40.40 75.26 20.78
C GLY E 114 -41.30 74.06 20.90
N SER E 115 -40.77 72.88 20.53
CA SER E 115 -41.48 71.61 20.60
C SER E 115 -40.70 70.75 21.60
N PRO E 116 -41.07 70.80 22.89
CA PRO E 116 -40.31 70.05 23.90
C PRO E 116 -40.30 68.53 23.78
N LEU E 117 -41.28 67.96 23.05
CA LEU E 117 -41.34 66.52 22.84
C LEU E 117 -40.29 66.04 21.83
N SER E 118 -39.68 66.96 21.04
CA SER E 118 -38.65 66.65 20.04
C SER E 118 -37.29 67.38 20.28
N TYR E 119 -37.20 68.26 21.29
CA TYR E 119 -35.99 69.02 21.64
C TYR E 119 -34.84 68.11 22.04
N ARG E 120 -33.67 68.34 21.45
CA ARG E 120 -32.48 67.54 21.76
C ARG E 120 -31.45 68.37 22.53
N PRO E 121 -31.20 68.06 23.82
CA PRO E 121 -30.15 68.79 24.55
C PRO E 121 -28.76 68.53 23.96
N VAL E 122 -27.85 69.52 24.01
CA VAL E 122 -26.49 69.34 23.48
C VAL E 122 -25.52 69.81 24.55
N ALA E 123 -24.59 68.94 24.98
CA ALA E 123 -23.62 69.31 25.99
C ALA E 123 -22.46 70.14 25.40
N ILE E 124 -21.82 70.95 26.24
CA ILE E 124 -20.68 71.76 25.82
C ILE E 124 -19.48 71.30 26.61
N ALA E 125 -18.44 70.83 25.92
CA ALA E 125 -17.24 70.32 26.55
C ALA E 125 -16.02 71.16 26.27
N LEU E 126 -15.23 71.46 27.30
CA LEU E 126 -14.02 72.25 27.15
C LEU E 126 -12.81 71.33 27.15
N ASP E 127 -12.04 71.30 26.05
CA ASP E 127 -10.84 70.47 26.00
C ASP E 127 -9.68 71.37 26.30
N THR E 128 -9.03 71.17 27.46
CA THR E 128 -7.89 72.00 27.88
C THR E 128 -6.69 71.87 26.93
N LYS E 129 -5.79 72.86 26.98
CA LYS E 129 -4.59 72.84 26.13
C LYS E 129 -3.60 71.79 26.62
N GLY E 130 -3.40 71.72 27.93
CA GLY E 130 -2.50 70.75 28.53
C GLY E 130 -1.31 71.34 29.24
N PRO E 131 -0.70 70.55 30.13
CA PRO E 131 0.48 71.03 30.87
C PRO E 131 1.73 71.20 30.01
N GLY E 132 1.78 70.50 28.88
CA GLY E 132 2.90 70.56 27.94
C GLY E 132 4.20 70.14 28.58
N SER E 133 5.23 70.99 28.47
CA SER E 133 6.54 70.71 29.05
C SER E 133 6.66 71.27 30.46
N GLY E 134 5.85 70.75 31.38
CA GLY E 134 5.89 71.19 32.77
C GLY E 134 4.96 70.42 33.68
N PRO E 135 5.39 70.15 34.92
CA PRO E 135 4.51 69.42 35.85
C PRO E 135 3.44 70.31 36.50
N GLY E 136 2.29 69.73 36.80
CA GLY E 136 1.18 70.46 37.38
C GLY E 136 0.36 71.22 36.35
N LEU E 137 -0.69 71.91 36.82
CA LEU E 137 -1.56 72.69 35.94
C LEU E 137 -0.85 73.93 35.40
N SER E 138 -0.92 74.16 34.09
CA SER E 138 -0.33 75.36 33.50
C SER E 138 -1.22 76.58 33.81
N GLU E 139 -0.63 77.79 33.82
CA GLU E 139 -1.35 79.03 34.12
C GLU E 139 -2.54 79.24 33.20
N GLN E 140 -2.35 78.94 31.91
CA GLN E 140 -3.44 79.11 30.94
C GLN E 140 -4.57 78.17 31.25
N ASP E 141 -4.27 76.92 31.61
CA ASP E 141 -5.29 75.94 31.97
C ASP E 141 -6.15 76.39 33.15
N VAL E 142 -5.55 77.06 34.15
CA VAL E 142 -6.32 77.56 35.29
C VAL E 142 -7.30 78.67 34.83
N ARG E 143 -6.86 79.52 33.90
CA ARG E 143 -7.67 80.60 33.35
C ARG E 143 -8.82 80.03 32.48
N ASP E 144 -8.50 79.00 31.68
CA ASP E 144 -9.43 78.33 30.79
C ASP E 144 -10.49 77.55 31.57
N LEU E 145 -10.08 76.93 32.69
CA LEU E 145 -11.01 76.20 33.55
C LEU E 145 -11.96 77.16 34.26
N ARG E 146 -11.46 78.35 34.65
CA ARG E 146 -12.31 79.38 35.25
C ARG E 146 -13.31 79.91 34.21
N PHE E 147 -12.87 80.02 32.93
CA PHE E 147 -13.70 80.43 31.80
C PHE E 147 -14.87 79.46 31.65
N GLY E 148 -14.58 78.16 31.75
CA GLY E 148 -15.58 77.12 31.63
C GLY E 148 -16.65 77.22 32.70
N VAL E 149 -16.24 77.47 33.94
CA VAL E 149 -17.16 77.63 35.06
C VAL E 149 -18.03 78.87 34.83
N GLU E 150 -17.41 79.98 34.43
CA GLU E 150 -18.12 81.24 34.16
C GLU E 150 -19.09 81.12 32.98
N HIS E 151 -18.77 80.29 31.99
CA HIS E 151 -19.62 80.11 30.82
C HIS E 151 -20.60 78.95 30.93
N GLY E 152 -20.47 78.12 31.96
CA GLY E 152 -21.40 77.02 32.20
C GLY E 152 -21.21 75.76 31.37
N VAL E 153 -19.93 75.38 31.14
CA VAL E 153 -19.67 74.15 30.40
C VAL E 153 -20.10 72.94 31.22
N ASP E 154 -20.51 71.88 30.54
CA ASP E 154 -20.98 70.68 31.20
C ASP E 154 -19.84 69.69 31.44
N ILE E 155 -18.92 69.58 30.48
CA ILE E 155 -17.82 68.62 30.59
C ILE E 155 -16.47 69.28 30.39
N VAL E 156 -15.43 68.69 30.99
CA VAL E 156 -14.06 69.15 30.79
C VAL E 156 -13.22 67.95 30.39
N PHE E 157 -12.51 68.04 29.25
CA PHE E 157 -11.60 66.98 28.81
C PHE E 157 -10.24 67.42 29.28
N ALA E 158 -9.82 66.94 30.46
CA ALA E 158 -8.54 67.31 31.02
C ALA E 158 -7.38 66.67 30.25
N SER E 159 -6.55 67.50 29.59
CA SER E 159 -5.43 67.02 28.81
C SER E 159 -4.26 66.53 29.64
N PHE E 160 -3.58 65.48 29.14
CA PHE E 160 -2.39 64.83 29.71
C PHE E 160 -2.50 64.52 31.21
N VAL E 161 -3.51 63.74 31.58
CA VAL E 161 -3.67 63.29 32.94
C VAL E 161 -2.71 62.11 33.12
N ARG E 162 -1.81 62.17 34.13
CA ARG E 162 -0.81 61.13 34.36
C ARG E 162 -0.99 60.40 35.70
N LYS E 163 -1.67 61.04 36.65
CA LYS E 163 -1.91 60.50 37.99
C LYS E 163 -3.21 61.05 38.58
N ALA E 164 -3.65 60.54 39.74
CA ALA E 164 -4.88 61.00 40.39
C ALA E 164 -4.78 62.44 40.89
N SER E 165 -3.55 62.91 41.21
CA SER E 165 -3.32 64.28 41.69
C SER E 165 -3.57 65.33 40.59
N ASP E 166 -3.48 64.93 39.30
CA ASP E 166 -3.73 65.79 38.16
C ASP E 166 -5.23 66.07 38.08
N VAL E 167 -6.06 65.05 38.30
CA VAL E 167 -7.52 65.20 38.27
C VAL E 167 -7.94 66.13 39.42
N ALA E 168 -7.31 65.98 40.60
CA ALA E 168 -7.58 66.80 41.77
C ALA E 168 -7.28 68.26 41.49
N ALA E 169 -6.19 68.54 40.76
CA ALA E 169 -5.80 69.90 40.36
C ALA E 169 -6.85 70.55 39.45
N VAL E 170 -7.38 69.80 38.49
CA VAL E 170 -8.44 70.28 37.58
C VAL E 170 -9.74 70.51 38.36
N ARG E 171 -10.06 69.61 39.30
CA ARG E 171 -11.24 69.73 40.14
C ARG E 171 -11.16 70.97 41.03
N ALA E 172 -9.97 71.27 41.57
CA ALA E 172 -9.71 72.44 42.41
C ALA E 172 -9.83 73.73 41.59
N ALA E 173 -9.29 73.74 40.37
CA ALA E 173 -9.36 74.90 39.49
C ALA E 173 -10.80 75.25 39.09
N LEU E 174 -11.69 74.25 39.05
CA LEU E 174 -13.12 74.51 38.77
C LEU E 174 -13.83 75.21 39.97
N GLY E 175 -13.23 75.14 41.15
CA GLY E 175 -13.75 75.79 42.35
C GLY E 175 -14.99 75.15 42.93
N PRO E 176 -15.74 75.93 43.70
CA PRO E 176 -16.95 75.39 44.34
C PRO E 176 -18.12 75.21 43.39
N GLU E 177 -18.29 76.17 42.46
CA GLU E 177 -19.37 76.19 41.47
C GLU E 177 -19.22 75.09 40.41
N GLY E 178 -17.99 74.81 40.04
CA GLY E 178 -17.69 73.78 39.05
C GLY E 178 -17.66 72.38 39.60
N HIS E 179 -18.38 72.14 40.69
CA HIS E 179 -18.44 70.81 41.30
C HIS E 179 -19.36 69.84 40.51
N GLY E 180 -20.28 70.39 39.70
CA GLY E 180 -21.18 69.60 38.88
C GLY E 180 -20.64 69.28 37.49
N ILE E 181 -19.56 69.96 37.08
CA ILE E 181 -18.92 69.73 35.78
C ILE E 181 -18.25 68.36 35.76
N LYS E 182 -18.55 67.55 34.74
CA LYS E 182 -17.96 66.21 34.61
C LYS E 182 -16.52 66.30 34.11
N ILE E 183 -15.62 65.57 34.75
CA ILE E 183 -14.23 65.56 34.35
C ILE E 183 -13.85 64.27 33.64
N ILE E 184 -13.52 64.36 32.36
CA ILE E 184 -13.10 63.23 31.55
C ILE E 184 -11.59 63.34 31.38
N SER E 185 -10.84 62.43 31.99
CA SER E 185 -9.38 62.47 31.91
C SER E 185 -8.89 61.92 30.59
N LYS E 186 -8.03 62.68 29.90
CA LYS E 186 -7.47 62.24 28.64
C LYS E 186 -6.18 61.48 28.89
N ILE E 187 -6.14 60.22 28.48
CA ILE E 187 -4.93 59.41 28.62
C ILE E 187 -4.18 59.51 27.30
N GLU E 188 -3.00 60.16 27.31
CA GLU E 188 -2.25 60.35 26.07
C GLU E 188 -0.75 60.10 26.17
N ASN E 189 -0.32 59.37 27.20
CA ASN E 189 1.10 59.03 27.40
C ASN E 189 1.25 57.70 28.15
N HIS E 190 2.48 57.14 28.18
CA HIS E 190 2.73 55.87 28.86
C HIS E 190 2.35 55.87 30.32
N GLU E 191 2.72 56.94 31.05
CA GLU E 191 2.43 57.04 32.48
C GLU E 191 0.94 57.03 32.79
N GLY E 192 0.15 57.69 31.95
CA GLY E 192 -1.30 57.72 32.11
C GLY E 192 -1.94 56.35 31.94
N VAL E 193 -1.35 55.53 31.08
CA VAL E 193 -1.79 54.17 30.83
C VAL E 193 -1.45 53.29 32.02
N LYS E 194 -0.22 53.42 32.55
CA LYS E 194 0.18 52.60 33.71
C LYS E 194 -0.54 52.98 34.99
N ARG E 195 -0.80 54.26 35.19
CA ARG E 195 -1.52 54.72 36.38
C ARG E 195 -3.02 54.89 36.11
N PHE E 196 -3.56 54.13 35.14
CA PHE E 196 -4.96 54.19 34.73
C PHE E 196 -5.97 53.96 35.85
N ASP E 197 -5.82 52.89 36.63
CA ASP E 197 -6.78 52.56 37.67
C ASP E 197 -6.96 53.65 38.72
N GLU E 198 -5.88 54.36 39.08
CA GLU E 198 -5.97 55.45 40.05
C GLU E 198 -6.62 56.70 39.45
N ILE E 199 -6.45 56.91 38.14
CA ILE E 199 -7.03 58.04 37.41
C ILE E 199 -8.54 57.82 37.26
N LEU E 200 -8.95 56.62 36.83
CA LEU E 200 -10.34 56.30 36.61
C LEU E 200 -11.16 56.40 37.90
N GLU E 201 -10.55 56.07 39.05
CA GLU E 201 -11.21 56.15 40.35
C GLU E 201 -11.66 57.56 40.70
N VAL E 202 -10.82 58.56 40.37
CA VAL E 202 -11.10 59.97 40.67
C VAL E 202 -11.73 60.75 39.51
N SER E 203 -11.77 60.17 38.30
CA SER E 203 -12.35 60.84 37.14
C SER E 203 -13.81 60.42 36.91
N ASP E 204 -14.58 61.25 36.21
CA ASP E 204 -15.95 60.90 35.84
C ASP E 204 -16.03 59.97 34.63
N GLY E 205 -14.99 60.01 33.80
CA GLY E 205 -14.81 59.19 32.60
C GLY E 205 -13.41 59.30 32.04
N ILE E 206 -13.14 58.61 30.93
CA ILE E 206 -11.83 58.61 30.28
C ILE E 206 -11.94 58.89 28.77
N MET E 207 -10.94 59.58 28.20
CA MET E 207 -10.88 59.76 26.76
C MET E 207 -9.58 59.12 26.28
N VAL E 208 -9.68 58.20 25.33
CA VAL E 208 -8.54 57.54 24.73
C VAL E 208 -8.07 58.52 23.67
N ALA E 209 -7.17 59.43 24.08
CA ALA E 209 -6.60 60.48 23.23
C ALA E 209 -5.51 59.85 22.37
N ARG E 210 -5.94 59.15 21.30
CA ARG E 210 -5.11 58.36 20.40
C ARG E 210 -3.97 59.08 19.69
N GLY E 211 -4.17 60.35 19.34
CA GLY E 211 -3.16 61.13 18.64
C GLY E 211 -1.84 61.23 19.39
N ASP E 212 -1.85 61.83 20.58
CA ASP E 212 -0.66 61.96 21.40
C ASP E 212 -0.21 60.60 21.91
N LEU E 213 -1.15 59.69 22.21
CA LEU E 213 -0.85 58.35 22.68
C LEU E 213 -0.01 57.60 21.63
N GLY E 214 -0.37 57.74 20.35
CA GLY E 214 0.35 57.13 19.24
C GLY E 214 1.74 57.68 18.97
N ILE E 215 2.09 58.78 19.66
CA ILE E 215 3.38 59.48 19.61
C ILE E 215 4.22 59.08 20.84
N GLU E 216 3.57 59.00 22.02
CA GLU E 216 4.25 58.63 23.27
C GLU E 216 4.60 57.12 23.30
N ILE E 217 3.61 56.27 23.00
CA ILE E 217 3.81 54.81 22.93
C ILE E 217 3.88 54.39 21.45
N PRO E 218 4.48 53.22 21.11
CA PRO E 218 4.52 52.80 19.69
C PRO E 218 3.14 52.76 19.05
N ALA E 219 3.03 53.17 17.78
CA ALA E 219 1.73 53.20 17.08
C ALA E 219 1.02 51.84 17.04
N GLU E 220 1.80 50.76 16.94
CA GLU E 220 1.26 49.40 16.90
C GLU E 220 0.77 48.89 18.25
N LYS E 221 0.95 49.67 19.33
CA LYS E 221 0.49 49.26 20.67
C LYS E 221 -0.75 50.03 21.11
N VAL E 222 -1.17 51.09 20.38
CA VAL E 222 -2.29 51.95 20.78
C VAL E 222 -3.61 51.18 20.89
N PHE E 223 -3.86 50.22 19.98
CA PHE E 223 -5.10 49.45 20.03
C PHE E 223 -5.22 48.63 21.35
N LEU E 224 -4.08 48.21 21.91
CA LEU E 224 -4.07 47.46 23.15
C LEU E 224 -4.52 48.39 24.28
N ALA E 225 -3.99 49.63 24.29
CA ALA E 225 -4.33 50.64 25.29
C ALA E 225 -5.80 51.01 25.17
N GLN E 226 -6.31 51.21 23.93
CA GLN E 226 -7.71 51.54 23.69
C GLN E 226 -8.62 50.45 24.22
N LYS E 227 -8.41 49.20 23.77
CA LYS E 227 -9.25 48.07 24.19
C LYS E 227 -9.17 47.81 25.71
N MET E 228 -7.98 47.96 26.33
CA MET E 228 -7.85 47.79 27.77
C MET E 228 -8.63 48.85 28.53
N MET E 229 -8.44 50.14 28.19
CA MET E 229 -9.11 51.24 28.85
C MET E 229 -10.63 51.21 28.69
N ILE E 230 -11.11 50.85 27.50
CA ILE E 230 -12.55 50.74 27.27
C ILE E 230 -13.16 49.66 28.15
N GLY E 231 -12.50 48.51 28.19
CA GLY E 231 -12.93 47.38 29.03
C GLY E 231 -12.99 47.72 30.51
N ARG E 232 -11.96 48.38 31.02
CA ARG E 232 -11.92 48.78 32.42
C ARG E 232 -13.00 49.83 32.74
N CYS E 233 -13.31 50.71 31.77
CA CYS E 233 -14.34 51.73 31.94
C CYS E 233 -15.71 51.09 31.96
N ASN E 234 -15.94 50.10 31.09
CA ASN E 234 -17.21 49.36 31.03
C ASN E 234 -17.49 48.67 32.38
N LEU E 235 -16.44 48.10 32.97
CA LEU E 235 -16.51 47.42 34.26
C LEU E 235 -16.85 48.44 35.36
N ALA E 236 -16.13 49.58 35.37
CA ALA E 236 -16.34 50.63 36.35
C ALA E 236 -17.68 51.36 36.20
N GLY E 237 -18.31 51.23 35.03
CA GLY E 237 -19.56 51.91 34.75
C GLY E 237 -19.35 53.38 34.44
N LYS E 238 -18.12 53.79 34.08
CA LYS E 238 -17.81 55.18 33.80
C LYS E 238 -17.64 55.39 32.31
N PRO E 239 -18.12 56.52 31.77
CA PRO E 239 -18.02 56.77 30.32
C PRO E 239 -16.61 56.73 29.74
N VAL E 240 -16.51 56.27 28.49
CA VAL E 240 -15.24 56.19 27.78
C VAL E 240 -15.42 56.73 26.36
N VAL E 241 -14.47 57.56 25.90
CA VAL E 241 -14.52 58.20 24.59
C VAL E 241 -13.37 57.75 23.67
N CYS E 242 -13.68 57.39 22.41
CA CYS E 242 -12.63 57.12 21.42
C CYS E 242 -12.46 58.46 20.67
N ALA E 243 -11.21 58.96 20.53
CA ALA E 243 -11.06 60.34 20.07
C ALA E 243 -10.41 60.71 18.68
N THR E 244 -9.20 60.20 18.32
CA THR E 244 -8.50 60.81 17.18
C THR E 244 -8.40 60.03 15.84
N GLN E 245 -8.53 60.80 14.72
CA GLN E 245 -8.39 60.40 13.32
C GLN E 245 -9.39 59.36 12.85
N MET E 246 -10.57 59.30 13.48
CA MET E 246 -11.61 58.33 13.16
C MET E 246 -12.11 58.38 11.70
N LEU E 247 -12.34 59.58 11.15
CA LEU E 247 -12.78 59.75 9.76
C LEU E 247 -11.90 60.84 9.12
N GLU E 248 -10.58 60.82 9.40
CA GLU E 248 -9.60 61.79 8.95
C GLU E 248 -9.70 62.22 7.47
N SER E 249 -9.85 61.26 6.55
CA SER E 249 -9.96 61.56 5.11
C SER E 249 -11.19 62.39 4.75
N MET E 250 -12.16 62.49 5.66
CA MET E 250 -13.35 63.30 5.41
C MET E 250 -13.12 64.81 5.60
N ILE E 251 -11.88 65.21 6.00
CA ILE E 251 -11.51 66.62 6.08
C ILE E 251 -11.49 67.18 4.64
N THR E 252 -10.95 66.40 3.68
CA THR E 252 -10.90 66.83 2.28
C THR E 252 -11.84 66.04 1.34
N LYS E 253 -12.21 64.80 1.70
CA LYS E 253 -13.03 63.96 0.82
C LYS E 253 -14.46 63.72 1.33
N PRO E 254 -15.45 63.61 0.41
CA PRO E 254 -16.84 63.40 0.84
C PRO E 254 -17.14 62.01 1.40
N ARG E 255 -16.22 61.05 1.21
CA ARG E 255 -16.37 59.68 1.69
C ARG E 255 -15.12 59.21 2.43
N PRO E 256 -15.30 58.47 3.56
CA PRO E 256 -14.12 57.99 4.30
C PRO E 256 -13.49 56.73 3.72
N THR E 257 -12.32 56.33 4.23
CA THR E 257 -11.68 55.10 3.75
C THR E 257 -12.29 53.87 4.45
N ARG E 258 -12.00 52.67 3.93
CA ARG E 258 -12.48 51.42 4.52
C ARG E 258 -11.92 51.22 5.93
N ALA E 259 -10.69 51.71 6.18
CA ALA E 259 -10.09 51.64 7.49
C ALA E 259 -10.81 52.56 8.50
N GLU E 260 -11.29 53.72 8.03
CA GLU E 260 -11.96 54.69 8.86
C GLU E 260 -13.33 54.23 9.32
N THR E 261 -14.16 53.72 8.40
CA THR E 261 -15.48 53.21 8.78
C THR E 261 -15.33 52.00 9.70
N SER E 262 -14.26 51.19 9.52
CA SER E 262 -13.95 50.03 10.33
C SER E 262 -13.56 50.50 11.73
N ASP E 263 -12.71 51.54 11.83
CA ASP E 263 -12.29 52.10 13.11
C ASP E 263 -13.47 52.60 13.98
N VAL E 264 -14.40 53.34 13.38
CA VAL E 264 -15.58 53.85 14.07
C VAL E 264 -16.43 52.68 14.56
N ALA E 265 -16.71 51.73 13.66
CA ALA E 265 -17.50 50.55 14.00
C ALA E 265 -16.84 49.74 15.13
N ASN E 266 -15.52 49.60 15.08
CA ASN E 266 -14.79 48.85 16.08
C ASN E 266 -14.69 49.56 17.40
N ALA E 267 -14.72 50.91 17.42
CA ALA E 267 -14.72 51.64 18.68
C ALA E 267 -16.05 51.35 19.44
N VAL E 268 -17.18 51.32 18.70
CA VAL E 268 -18.49 51.02 19.24
C VAL E 268 -18.51 49.58 19.74
N LEU E 269 -18.02 48.63 18.92
CA LEU E 269 -17.96 47.22 19.31
C LEU E 269 -17.05 46.99 20.51
N ASP E 270 -16.00 47.81 20.67
CA ASP E 270 -15.12 47.69 21.83
C ASP E 270 -15.88 48.02 23.12
N GLY E 271 -16.83 48.95 23.05
CA GLY E 271 -17.65 49.34 24.18
C GLY E 271 -17.57 50.81 24.52
N ALA E 272 -17.15 51.65 23.54
CA ALA E 272 -17.03 53.09 23.77
C ALA E 272 -18.40 53.77 23.88
N ASP E 273 -18.54 54.65 24.86
CA ASP E 273 -19.79 55.39 25.07
C ASP E 273 -19.91 56.56 24.07
N CYS E 274 -18.77 57.17 23.69
CA CYS E 274 -18.71 58.30 22.78
C CYS E 274 -17.65 58.14 21.72
N ILE E 275 -17.95 58.66 20.52
CA ILE E 275 -17.00 58.72 19.41
C ILE E 275 -16.79 60.21 19.05
N MET E 276 -15.57 60.58 18.67
CA MET E 276 -15.25 61.99 18.42
C MET E 276 -14.79 62.36 17.00
N LEU E 277 -15.11 63.59 16.58
CA LEU E 277 -14.69 64.20 15.34
C LEU E 277 -13.92 65.45 15.75
N SER E 278 -12.68 65.60 15.28
CA SER E 278 -11.84 66.72 15.65
C SER E 278 -11.01 67.15 14.48
N GLY E 279 -11.54 68.04 13.66
CA GLY E 279 -10.84 68.43 12.43
C GLY E 279 -11.71 68.07 11.24
N GLU E 280 -12.36 66.90 11.32
CA GLU E 280 -13.38 66.46 10.36
C GLU E 280 -14.57 67.44 10.44
N THR E 281 -14.89 67.94 11.66
CA THR E 281 -15.97 68.91 11.89
C THR E 281 -15.40 70.33 12.17
N ALA E 282 -14.21 70.40 12.78
CA ALA E 282 -13.60 71.68 13.10
C ALA E 282 -13.13 72.51 11.89
N LYS E 283 -12.41 71.89 10.94
CA LYS E 283 -11.88 72.63 9.79
C LYS E 283 -12.12 72.03 8.41
N GLY E 284 -12.65 70.82 8.35
CA GLY E 284 -12.85 70.12 7.10
C GLY E 284 -13.97 70.66 6.22
N ASN E 285 -13.97 70.23 4.96
CA ASN E 285 -14.95 70.62 3.95
C ASN E 285 -16.29 69.91 4.12
N PHE E 286 -16.34 68.81 4.87
CA PHE E 286 -17.58 68.03 5.02
C PHE E 286 -17.90 67.80 6.52
N PRO E 287 -18.20 68.84 7.32
CA PRO E 287 -18.45 68.61 8.75
C PRO E 287 -19.76 67.90 9.04
N VAL E 288 -20.84 68.28 8.36
CA VAL E 288 -22.15 67.66 8.55
C VAL E 288 -22.16 66.22 8.01
N GLU E 289 -21.44 65.97 6.93
CA GLU E 289 -21.31 64.65 6.30
C GLU E 289 -20.56 63.68 7.22
N ALA E 290 -19.56 64.18 7.98
CA ALA E 290 -18.79 63.38 8.93
C ALA E 290 -19.66 62.99 10.12
N VAL E 291 -20.56 63.89 10.56
CA VAL E 291 -21.48 63.61 11.66
C VAL E 291 -22.49 62.56 11.20
N LYS E 292 -23.07 62.76 10.00
CA LYS E 292 -24.02 61.82 9.42
C LYS E 292 -23.40 60.43 9.24
N MET E 293 -22.12 60.38 8.81
CA MET E 293 -21.38 59.14 8.61
C MET E 293 -21.15 58.42 9.94
N GLN E 294 -20.69 59.14 10.96
CA GLN E 294 -20.50 58.56 12.29
C GLN E 294 -21.80 58.04 12.87
N HIS E 295 -22.91 58.72 12.60
CA HIS E 295 -24.21 58.30 13.08
C HIS E 295 -24.60 56.98 12.40
N ALA E 296 -24.46 56.92 11.08
CA ALA E 296 -24.80 55.76 10.26
C ALA E 296 -24.03 54.51 10.67
N ILE E 297 -22.72 54.64 10.90
CA ILE E 297 -21.86 53.52 11.30
C ILE E 297 -22.21 53.07 12.71
N ALA E 298 -22.41 54.02 13.63
CA ALA E 298 -22.74 53.68 15.02
C ALA E 298 -24.01 52.88 15.13
N ARG E 299 -25.05 53.21 14.34
CA ARG E 299 -26.31 52.45 14.36
C ARG E 299 -26.09 51.00 13.95
N GLU E 300 -25.27 50.78 12.90
CA GLU E 300 -24.99 49.45 12.41
C GLU E 300 -24.16 48.66 13.43
N ALA E 301 -23.15 49.30 14.03
CA ALA E 301 -22.28 48.65 14.99
C ALA E 301 -23.01 48.30 16.29
N GLU E 302 -23.95 49.15 16.72
CA GLU E 302 -24.69 48.89 17.96
C GLU E 302 -25.60 47.70 17.85
N ALA E 303 -26.25 47.51 16.70
CA ALA E 303 -27.11 46.36 16.47
C ALA E 303 -26.26 45.06 16.47
N ALA E 304 -25.00 45.12 15.98
CA ALA E 304 -24.07 43.99 15.90
C ALA E 304 -23.32 43.65 17.22
N VAL E 305 -23.69 44.32 18.33
CA VAL E 305 -23.08 44.04 19.63
C VAL E 305 -23.64 42.70 20.13
N TYR E 306 -22.78 41.79 20.63
CA TYR E 306 -23.26 40.50 21.11
C TYR E 306 -23.70 40.63 22.54
N HIS E 307 -24.93 41.13 22.74
CA HIS E 307 -25.52 41.38 24.05
C HIS E 307 -25.54 40.20 25.02
N ARG E 308 -25.70 38.95 24.52
CA ARG E 308 -25.76 37.80 25.42
C ARG E 308 -24.50 37.64 26.25
N GLN E 309 -23.34 37.67 25.61
CA GLN E 309 -22.08 37.53 26.33
C GLN E 309 -21.72 38.80 27.10
N LEU E 310 -22.01 39.95 26.50
CA LEU E 310 -21.74 41.23 27.12
C LEU E 310 -22.47 41.37 28.46
N PHE E 311 -23.78 41.07 28.48
CA PHE E 311 -24.61 41.14 29.70
C PHE E 311 -24.21 40.10 30.75
N GLU E 312 -24.00 38.84 30.33
CA GLU E 312 -23.60 37.76 31.23
C GLU E 312 -22.28 38.09 31.92
N GLU E 313 -21.29 38.61 31.16
CA GLU E 313 -19.99 38.97 31.71
C GLU E 313 -20.07 40.18 32.61
N LEU E 314 -20.91 41.16 32.24
CA LEU E 314 -21.13 42.39 33.02
C LEU E 314 -21.65 42.02 34.39
N ARG E 315 -22.60 41.07 34.46
CA ARG E 315 -23.19 40.62 35.72
C ARG E 315 -22.18 39.85 36.58
N ARG E 316 -21.43 38.93 35.97
CA ARG E 316 -20.44 38.14 36.71
C ARG E 316 -19.31 38.98 37.28
N ALA E 317 -19.01 40.13 36.66
CA ALA E 317 -17.95 41.03 37.12
C ALA E 317 -18.47 42.06 38.10
N ALA E 318 -19.73 42.52 37.91
CA ALA E 318 -20.32 43.50 38.83
C ALA E 318 -20.56 42.89 40.20
N PRO E 319 -20.01 43.54 41.24
CA PRO E 319 -20.17 42.99 42.59
C PRO E 319 -21.60 43.15 43.12
N LEU E 320 -21.96 42.34 44.13
CA LEU E 320 -23.27 42.43 44.76
C LEU E 320 -23.47 43.81 45.35
N SER E 321 -24.70 44.33 45.26
CA SER E 321 -24.96 45.67 45.74
C SER E 321 -26.14 45.75 46.66
N ARG E 322 -26.02 46.53 47.73
CA ARG E 322 -27.11 46.79 48.66
C ARG E 322 -27.81 48.15 48.30
N ASP E 323 -27.39 48.82 47.18
CA ASP E 323 -27.95 50.08 46.72
C ASP E 323 -29.17 49.78 45.88
N PRO E 324 -30.35 50.24 46.31
CA PRO E 324 -31.58 49.96 45.56
C PRO E 324 -31.59 50.45 44.11
N THR E 325 -30.84 51.50 43.81
CA THR E 325 -30.76 52.04 42.45
C THR E 325 -30.05 51.02 41.55
N GLU E 326 -28.96 50.47 42.04
CA GLU E 326 -28.16 49.47 41.34
C GLU E 326 -28.92 48.14 41.20
N VAL E 327 -29.66 47.74 42.24
CA VAL E 327 -30.45 46.51 42.25
C VAL E 327 -31.61 46.62 41.27
N THR E 328 -32.27 47.79 41.23
CA THR E 328 -33.37 48.05 40.29
C THR E 328 -32.85 48.08 38.86
N ALA E 329 -31.63 48.63 38.65
CA ALA E 329 -31.02 48.68 37.32
C ALA E 329 -30.90 47.30 36.67
N ILE E 330 -30.28 46.27 37.32
CA ILE E 330 -30.23 44.93 36.69
C ILE E 330 -31.58 44.33 36.49
N GLY E 331 -32.47 44.46 37.47
CA GLY E 331 -33.83 43.94 37.38
C GLY E 331 -34.57 44.46 36.17
N ALA E 332 -34.43 45.78 35.91
CA ALA E 332 -35.05 46.45 34.76
C ALA E 332 -34.39 46.02 33.44
N VAL E 333 -33.05 45.96 33.38
CA VAL E 333 -32.32 45.54 32.18
C VAL E 333 -32.64 44.08 31.80
N GLU E 334 -32.71 43.18 32.80
CA GLU E 334 -33.06 41.78 32.61
C GLU E 334 -34.50 41.65 32.08
N ALA E 335 -35.42 42.42 32.67
CA ALA E 335 -36.83 42.45 32.28
C ALA E 335 -36.98 42.97 30.85
N ALA E 336 -36.18 43.98 30.47
CA ALA E 336 -36.22 44.55 29.13
C ALA E 336 -35.74 43.55 28.09
N PHE E 337 -34.72 42.73 28.43
CA PHE E 337 -34.23 41.73 27.50
C PHE E 337 -35.25 40.62 27.30
N LYS E 338 -35.94 40.22 28.37
CA LYS E 338 -36.95 39.16 28.37
C LYS E 338 -38.11 39.41 27.41
N CYS E 339 -38.55 40.65 27.31
CA CYS E 339 -39.69 40.98 26.45
C CYS E 339 -39.36 41.77 25.21
N CYS E 340 -38.06 42.10 25.00
CA CYS E 340 -37.62 42.96 23.90
C CYS E 340 -38.26 44.31 24.07
N ALA E 341 -38.17 44.88 25.28
CA ALA E 341 -38.72 46.18 25.60
C ALA E 341 -38.17 47.25 24.66
N ALA E 342 -39.05 48.08 24.13
CA ALA E 342 -38.67 49.11 23.19
C ALA E 342 -37.75 50.13 23.85
N ALA E 343 -38.04 50.49 25.10
CA ALA E 343 -37.24 51.48 25.82
C ALA E 343 -37.35 51.29 27.34
N ILE E 344 -36.44 51.91 28.12
CA ILE E 344 -36.50 51.88 29.57
C ILE E 344 -36.63 53.33 30.04
N ILE E 345 -37.85 53.74 30.42
CA ILE E 345 -38.11 55.11 30.86
C ILE E 345 -37.73 55.24 32.33
N VAL E 346 -36.85 56.18 32.64
CA VAL E 346 -36.38 56.37 34.00
C VAL E 346 -36.44 57.85 34.34
N LEU E 347 -36.94 58.16 35.55
CA LEU E 347 -37.00 59.53 36.01
C LEU E 347 -35.71 59.76 36.78
N THR E 348 -34.93 60.77 36.39
CA THR E 348 -33.66 61.01 37.06
C THR E 348 -33.47 62.50 37.37
N THR E 349 -32.72 62.79 38.45
CA THR E 349 -32.46 64.16 38.89
C THR E 349 -31.01 64.52 38.53
N THR E 350 -30.08 63.65 38.89
CA THR E 350 -28.66 63.79 38.63
C THR E 350 -28.18 62.97 37.43
N GLY E 351 -29.02 62.07 36.91
CA GLY E 351 -28.67 61.19 35.81
C GLY E 351 -28.12 59.84 36.27
N ARG E 352 -27.88 59.68 37.59
CA ARG E 352 -27.31 58.46 38.14
C ARG E 352 -28.13 57.21 37.86
N SER E 353 -29.46 57.29 37.97
CA SER E 353 -30.31 56.13 37.70
C SER E 353 -30.16 55.65 36.27
N ALA E 354 -30.12 56.60 35.32
CA ALA E 354 -29.96 56.28 33.91
C ALA E 354 -28.55 55.71 33.63
N GLN E 355 -27.53 56.22 34.34
CA GLN E 355 -26.15 55.78 34.23
C GLN E 355 -26.00 54.33 34.67
N LEU E 356 -26.69 53.95 35.75
CA LEU E 356 -26.64 52.58 36.27
C LEU E 356 -27.33 51.60 35.35
N LEU E 357 -28.40 52.04 34.67
CA LEU E 357 -29.08 51.18 33.70
C LEU E 357 -28.12 50.97 32.49
N SER E 358 -27.43 52.06 32.07
CA SER E 358 -26.47 52.14 30.95
C SER E 358 -25.32 51.20 31.13
N ARG E 359 -24.86 51.00 32.37
CA ARG E 359 -23.74 50.12 32.71
C ARG E 359 -24.02 48.68 32.24
N TYR E 360 -25.28 48.23 32.32
CA TYR E 360 -25.63 46.88 31.91
C TYR E 360 -25.84 46.72 30.40
N ARG E 361 -25.58 47.78 29.62
CA ARG E 361 -25.69 47.81 28.17
C ARG E 361 -26.94 47.11 27.62
N PRO E 362 -28.13 47.59 27.97
CA PRO E 362 -29.35 46.97 27.42
C PRO E 362 -29.53 47.32 25.95
N ARG E 363 -30.21 46.45 25.21
CA ARG E 363 -30.56 46.76 23.82
C ARG E 363 -31.71 47.81 23.83
N ALA E 364 -32.56 47.81 24.90
CA ALA E 364 -33.66 48.72 25.13
C ALA E 364 -33.11 50.12 25.40
N ALA E 365 -33.47 51.07 24.56
CA ALA E 365 -33.04 52.47 24.67
C ALA E 365 -33.43 53.09 26.00
N VAL E 366 -32.46 53.52 26.80
CA VAL E 366 -32.77 54.16 28.08
C VAL E 366 -33.22 55.60 27.81
N ILE E 367 -34.46 55.95 28.22
CA ILE E 367 -34.99 57.29 28.04
C ILE E 367 -35.03 57.95 29.39
N ALA E 368 -34.22 58.98 29.59
CA ALA E 368 -34.15 59.64 30.89
C ALA E 368 -34.90 60.94 30.92
N VAL E 369 -35.93 61.02 31.78
CA VAL E 369 -36.75 62.21 31.95
C VAL E 369 -36.21 62.99 33.16
N THR E 370 -35.74 64.24 32.93
CA THR E 370 -35.15 65.06 33.98
C THR E 370 -35.56 66.51 33.88
N ARG E 371 -35.60 67.20 35.00
CA ARG E 371 -35.88 68.63 35.03
C ARG E 371 -34.55 69.44 35.00
N SER E 372 -33.41 68.80 35.35
CA SER E 372 -32.11 69.40 35.35
C SER E 372 -31.57 69.49 33.93
N ALA E 373 -31.42 70.72 33.40
CA ALA E 373 -30.89 70.92 32.06
C ALA E 373 -29.43 70.48 31.95
N GLN E 374 -28.66 70.58 33.05
CA GLN E 374 -27.27 70.12 33.03
C GLN E 374 -27.18 68.60 32.99
N ALA E 375 -28.00 67.90 33.78
CA ALA E 375 -28.05 66.44 33.79
C ALA E 375 -28.45 65.91 32.40
N ALA E 376 -29.42 66.56 31.75
CA ALA E 376 -29.88 66.20 30.42
C ALA E 376 -28.74 66.27 29.39
N ARG E 377 -27.87 67.27 29.51
CA ARG E 377 -26.75 67.41 28.61
C ARG E 377 -25.65 66.42 28.94
N GLN E 378 -25.33 66.26 30.23
CA GLN E 378 -24.26 65.38 30.70
C GLN E 378 -24.51 63.87 30.52
N VAL E 379 -25.80 63.43 30.47
CA VAL E 379 -26.09 62.01 30.27
C VAL E 379 -25.74 61.53 28.83
N HIS E 380 -25.37 62.44 27.93
CA HIS E 380 -24.90 62.06 26.60
C HIS E 380 -23.59 61.24 26.72
N LEU E 381 -22.82 61.44 27.82
CA LEU E 381 -21.60 60.69 28.08
C LEU E 381 -21.87 59.19 28.33
N CYS E 382 -23.11 58.82 28.69
CA CYS E 382 -23.50 57.43 28.94
C CYS E 382 -24.21 56.85 27.74
N ARG E 383 -23.69 55.71 27.25
CA ARG E 383 -24.23 55.03 26.08
C ARG E 383 -25.64 54.50 26.30
N GLY E 384 -26.50 54.81 25.35
CA GLY E 384 -27.88 54.34 25.40
C GLY E 384 -28.84 55.25 26.12
N VAL E 385 -28.34 56.35 26.70
CA VAL E 385 -29.18 57.31 27.41
C VAL E 385 -29.60 58.45 26.47
N PHE E 386 -30.92 58.59 26.31
CA PHE E 386 -31.56 59.58 25.47
C PHE E 386 -32.26 60.56 26.36
N PRO E 387 -31.65 61.74 26.57
CA PRO E 387 -32.23 62.70 27.52
C PRO E 387 -33.44 63.50 27.02
N LEU E 388 -34.45 63.63 27.90
CA LEU E 388 -35.63 64.45 27.61
C LEU E 388 -35.73 65.48 28.73
N LEU E 389 -35.73 66.77 28.40
CA LEU E 389 -35.85 67.81 29.42
C LEU E 389 -37.30 68.16 29.66
N TYR E 390 -37.79 67.85 30.86
CA TYR E 390 -39.16 68.12 31.27
C TYR E 390 -39.21 69.55 31.77
N ARG E 391 -40.07 70.38 31.16
CA ARG E 391 -40.18 71.80 31.51
C ARG E 391 -41.35 72.12 32.41
N GLU E 392 -42.42 71.32 32.38
CA GLU E 392 -43.65 71.55 33.15
C GLU E 392 -43.42 71.77 34.66
N PRO E 393 -44.21 72.67 35.26
CA PRO E 393 -44.05 72.93 36.69
C PRO E 393 -44.57 71.78 37.56
N PRO E 394 -44.02 71.63 38.77
CA PRO E 394 -44.43 70.52 39.63
C PRO E 394 -45.90 70.49 40.01
N GLU E 395 -46.49 69.29 39.96
CA GLU E 395 -47.88 69.03 40.35
C GLU E 395 -47.96 69.03 41.88
N ALA E 396 -49.17 69.30 42.42
CA ALA E 396 -49.36 69.29 43.87
C ALA E 396 -49.22 67.87 44.41
N ILE E 397 -49.82 66.89 43.72
CA ILE E 397 -49.69 65.49 44.13
C ILE E 397 -48.46 64.85 43.50
N TRP E 398 -47.50 64.46 44.35
CA TRP E 398 -46.24 63.85 43.97
C TRP E 398 -46.40 62.69 42.98
N ALA E 399 -47.30 61.75 43.26
CA ALA E 399 -47.55 60.60 42.39
C ALA E 399 -48.07 61.02 41.02
N ASP E 400 -48.82 62.13 40.95
CA ASP E 400 -49.36 62.64 39.70
C ASP E 400 -48.24 63.29 38.87
N ASP E 401 -47.28 63.96 39.54
CA ASP E 401 -46.14 64.59 38.88
C ASP E 401 -45.26 63.52 38.23
N VAL E 402 -45.07 62.38 38.93
CA VAL E 402 -44.30 61.25 38.45
C VAL E 402 -44.99 60.67 37.22
N ASP E 403 -46.30 60.42 37.29
CA ASP E 403 -47.06 59.87 36.18
C ASP E 403 -47.08 60.78 34.95
N ARG E 404 -47.04 62.09 35.17
CA ARG E 404 -46.99 63.06 34.07
C ARG E 404 -45.62 63.00 33.39
N ARG E 405 -44.54 62.84 34.18
CA ARG E 405 -43.20 62.71 33.65
C ARG E 405 -43.03 61.40 32.89
N VAL E 406 -43.68 60.32 33.35
CA VAL E 406 -43.66 59.02 32.69
C VAL E 406 -44.39 59.12 31.36
N GLN E 407 -45.53 59.80 31.35
CA GLN E 407 -46.29 60.01 30.12
C GLN E 407 -45.55 60.93 29.14
N PHE E 408 -44.75 61.89 29.64
CA PHE E 408 -43.91 62.78 28.83
C PHE E 408 -42.87 61.95 28.07
N GLY E 409 -42.30 60.94 28.73
CA GLY E 409 -41.33 60.04 28.13
C GLY E 409 -41.97 59.20 27.05
N ILE E 410 -43.19 58.71 27.31
CA ILE E 410 -43.94 57.91 26.34
C ILE E 410 -44.28 58.74 25.10
N GLU E 411 -44.73 59.99 25.31
CA GLU E 411 -45.09 60.87 24.21
C GLU E 411 -43.89 61.28 23.36
N SER E 412 -42.75 61.60 24.00
CA SER E 412 -41.53 61.92 23.25
C SER E 412 -41.06 60.69 22.49
N GLY E 413 -41.15 59.52 23.13
CA GLY E 413 -40.76 58.23 22.59
C GLY E 413 -41.58 57.83 21.38
N LYS E 414 -42.86 58.16 21.38
CA LYS E 414 -43.76 57.87 20.27
C LYS E 414 -43.46 58.80 19.10
N LEU E 415 -43.29 60.11 19.41
CA LEU E 415 -43.00 61.17 18.45
C LEU E 415 -41.69 60.91 17.71
N ARG E 416 -40.66 60.47 18.46
CA ARG E 416 -39.34 60.19 17.89
C ARG E 416 -39.19 58.81 17.25
N GLY E 417 -40.25 58.02 17.21
CA GLY E 417 -40.23 56.71 16.58
C GLY E 417 -39.65 55.58 17.41
N PHE E 418 -39.26 55.86 18.67
CA PHE E 418 -38.71 54.83 19.57
C PHE E 418 -39.82 53.87 20.01
N LEU E 419 -41.03 54.40 20.24
CA LEU E 419 -42.14 53.62 20.75
C LEU E 419 -43.31 53.59 19.80
N ARG E 420 -44.00 52.45 19.78
CA ARG E 420 -45.24 52.23 19.03
C ARG E 420 -46.30 51.65 19.99
N VAL E 421 -47.58 51.83 19.64
CA VAL E 421 -48.66 51.29 20.46
C VAL E 421 -48.59 49.77 20.39
N GLY E 422 -48.62 49.12 21.55
CA GLY E 422 -48.49 47.67 21.63
C GLY E 422 -47.17 47.22 22.22
N ASP E 423 -46.14 48.10 22.15
CA ASP E 423 -44.83 47.83 22.70
C ASP E 423 -44.86 47.68 24.23
N LEU E 424 -43.82 47.05 24.79
CA LEU E 424 -43.68 46.92 26.23
C LEU E 424 -42.54 47.82 26.64
N VAL E 425 -42.75 48.63 27.68
CA VAL E 425 -41.71 49.52 28.18
C VAL E 425 -41.43 49.21 29.64
N ILE E 426 -40.25 49.59 30.14
CA ILE E 426 -39.91 49.35 31.54
C ILE E 426 -39.79 50.69 32.22
N VAL E 427 -40.57 50.94 33.29
CA VAL E 427 -40.50 52.22 33.98
C VAL E 427 -39.79 52.13 35.31
N VAL E 428 -38.65 52.79 35.39
CA VAL E 428 -37.85 52.83 36.60
C VAL E 428 -38.09 54.15 37.32
N THR E 429 -38.68 54.08 38.54
CA THR E 429 -39.05 55.22 39.37
C THR E 429 -38.60 55.04 40.85
N GLY E 430 -38.83 56.04 41.69
CA GLY E 430 -38.48 55.97 43.11
C GLY E 430 -39.67 56.10 44.04
N TRP E 431 -39.46 55.86 45.34
CA TRP E 431 -40.53 55.93 46.33
C TRP E 431 -40.75 57.32 46.95
N ARG E 432 -39.85 58.27 46.70
CA ARG E 432 -39.97 59.61 47.25
C ARG E 432 -39.17 60.64 46.42
N PRO E 433 -39.45 61.95 46.54
CA PRO E 433 -38.67 62.95 45.79
C PRO E 433 -37.22 63.04 46.26
N GLY E 434 -36.40 63.73 45.48
CA GLY E 434 -34.97 63.87 45.77
C GLY E 434 -34.20 62.71 45.17
N SER E 435 -32.96 62.95 44.75
CA SER E 435 -32.17 61.90 44.11
C SER E 435 -31.72 60.81 45.08
N GLY E 436 -31.47 59.63 44.54
CA GLY E 436 -30.98 58.49 45.31
C GLY E 436 -32.03 57.55 45.85
N TYR E 437 -33.30 57.73 45.45
CA TYR E 437 -34.35 56.86 45.98
C TYR E 437 -35.02 55.98 44.94
N THR E 438 -34.33 55.70 43.82
CA THR E 438 -34.88 54.81 42.80
C THR E 438 -34.99 53.39 43.37
N ASN E 439 -36.16 52.75 43.24
CA ASN E 439 -36.37 51.41 43.78
C ASN E 439 -37.50 50.64 43.11
N ILE E 440 -38.21 51.24 42.14
CA ILE E 440 -39.35 50.58 41.52
C ILE E 440 -39.13 50.33 40.06
N MET E 441 -39.59 49.17 39.58
CA MET E 441 -39.50 48.80 38.17
C MET E 441 -40.89 48.31 37.75
N ARG E 442 -41.44 48.82 36.64
CA ARG E 442 -42.77 48.41 36.18
C ARG E 442 -42.78 47.97 34.74
N VAL E 443 -43.65 47.01 34.40
CA VAL E 443 -43.82 46.57 33.02
C VAL E 443 -45.09 47.25 32.48
N LEU E 444 -44.96 48.11 31.46
CA LEU E 444 -46.12 48.80 30.89
C LEU E 444 -46.35 48.45 29.44
N SER E 445 -47.61 48.45 29.01
CA SER E 445 -47.96 48.23 27.63
C SER E 445 -48.32 49.59 27.04
N ILE E 446 -47.70 49.97 25.92
CA ILE E 446 -47.96 51.26 25.28
C ILE E 446 -49.34 51.32 24.66
N SER E 447 -50.14 52.29 25.14
CA SER E 447 -51.51 52.52 24.69
C SER E 447 -51.60 53.81 23.86
N VAL F 15 37.02 -37.16 -23.84
CA VAL F 15 36.52 -35.78 -23.83
C VAL F 15 37.34 -34.88 -22.87
N ALA F 16 37.81 -35.47 -21.76
CA ALA F 16 38.57 -34.75 -20.77
C ALA F 16 39.88 -35.45 -20.35
N GLN F 17 40.76 -35.74 -21.33
CA GLN F 17 42.10 -36.26 -21.03
C GLN F 17 43.02 -35.11 -20.52
N LEU F 18 42.64 -33.83 -20.81
CA LEU F 18 43.24 -32.61 -20.29
C LEU F 18 43.23 -32.68 -18.74
N THR F 19 42.23 -33.38 -18.12
CA THR F 19 42.14 -33.61 -16.67
C THR F 19 43.32 -34.45 -16.13
N GLN F 20 44.15 -35.03 -17.02
CA GLN F 20 45.33 -35.79 -16.68
C GLN F 20 46.56 -34.87 -16.76
N GLU F 21 46.59 -33.93 -17.72
CA GLU F 21 47.72 -33.01 -17.83
C GLU F 21 47.59 -31.91 -16.78
N LEU F 22 46.41 -31.34 -16.66
CA LEU F 22 46.14 -30.25 -15.75
C LEU F 22 45.80 -30.70 -14.32
N GLY F 23 45.31 -31.92 -14.17
CA GLY F 23 44.95 -32.46 -12.87
C GLY F 23 43.52 -32.21 -12.45
N THR F 24 43.08 -32.92 -11.38
CA THR F 24 41.72 -32.85 -10.82
C THR F 24 41.31 -31.43 -10.34
N ALA F 25 42.08 -30.81 -9.42
CA ALA F 25 41.77 -29.49 -8.86
C ALA F 25 41.48 -28.38 -9.88
N PHE F 26 42.10 -28.42 -11.08
CA PHE F 26 41.84 -27.40 -12.11
C PHE F 26 40.39 -27.51 -12.59
N PHE F 27 39.94 -28.73 -12.86
CA PHE F 27 38.59 -28.98 -13.38
C PHE F 27 37.51 -29.06 -12.31
N GLN F 28 37.84 -28.75 -11.06
CA GLN F 28 36.85 -28.72 -9.98
C GLN F 28 36.59 -27.28 -9.49
N GLN F 29 37.34 -26.27 -9.98
CA GLN F 29 37.12 -24.87 -9.63
C GLN F 29 36.58 -24.07 -10.84
N GLN F 30 36.25 -22.76 -10.67
CA GLN F 30 35.66 -21.87 -11.70
C GLN F 30 34.35 -22.41 -12.29
N GLN F 31 33.63 -23.27 -11.53
CA GLN F 31 32.41 -23.96 -11.94
C GLN F 31 32.61 -24.77 -13.22
N LEU F 32 33.83 -25.29 -13.44
CA LEU F 32 34.11 -26.07 -14.64
C LEU F 32 33.26 -27.34 -14.75
N PRO F 33 32.91 -28.09 -13.67
CA PRO F 33 32.03 -29.26 -13.85
C PRO F 33 30.64 -28.84 -14.35
N ALA F 34 30.14 -27.68 -13.88
CA ALA F 34 28.84 -27.16 -14.26
C ALA F 34 28.88 -26.61 -15.70
N ALA F 35 30.02 -26.04 -16.13
CA ALA F 35 30.18 -25.51 -17.49
C ALA F 35 30.24 -26.62 -18.56
N MET F 36 30.69 -27.81 -18.18
CA MET F 36 30.78 -28.94 -19.09
C MET F 36 29.52 -29.80 -19.19
N ALA F 37 28.45 -29.44 -18.45
CA ALA F 37 27.19 -30.21 -18.45
C ALA F 37 26.52 -30.19 -19.80
N ASP F 38 25.76 -31.24 -20.11
CA ASP F 38 25.10 -31.38 -21.39
C ASP F 38 23.76 -30.66 -21.46
N THR F 39 23.13 -30.39 -20.32
CA THR F 39 21.88 -29.63 -20.29
C THR F 39 21.97 -28.47 -19.29
N PHE F 40 21.07 -27.49 -19.41
CA PHE F 40 21.02 -26.40 -18.45
C PHE F 40 20.54 -26.92 -17.07
N LEU F 41 19.65 -27.91 -17.05
CA LEU F 41 19.19 -28.51 -15.81
C LEU F 41 20.35 -29.22 -15.13
N GLU F 42 21.15 -29.97 -15.89
CA GLU F 42 22.34 -30.66 -15.36
C GLU F 42 23.38 -29.62 -14.90
N HIS F 43 23.47 -28.48 -15.60
CA HIS F 43 24.37 -27.37 -15.28
C HIS F 43 23.99 -26.81 -13.93
N LEU F 44 22.69 -26.56 -13.68
CA LEU F 44 22.22 -26.06 -12.39
C LEU F 44 22.56 -27.04 -11.27
N CYS F 45 22.32 -28.33 -11.50
CA CYS F 45 22.60 -29.39 -10.53
C CYS F 45 24.07 -29.55 -10.21
N LEU F 46 24.96 -29.08 -11.08
CA LEU F 46 26.38 -29.21 -10.87
C LEU F 46 27.03 -27.97 -10.24
N LEU F 47 26.27 -26.89 -10.02
CA LEU F 47 26.79 -25.67 -9.40
C LEU F 47 27.26 -25.99 -7.98
N ASP F 48 28.48 -25.59 -7.64
CA ASP F 48 29.10 -25.96 -6.37
C ASP F 48 29.58 -24.72 -5.64
N ILE F 49 29.20 -24.56 -4.36
CA ILE F 49 29.64 -23.42 -3.56
C ILE F 49 31.16 -23.46 -3.26
N ASP F 50 31.75 -24.66 -3.28
CA ASP F 50 33.18 -24.85 -3.08
C ASP F 50 34.02 -24.72 -4.38
N SER F 51 33.39 -24.42 -5.53
CA SER F 51 34.11 -24.21 -6.78
C SER F 51 34.44 -22.73 -6.85
N GLU F 52 35.60 -22.34 -6.34
CA GLU F 52 36.04 -20.95 -6.30
C GLU F 52 36.37 -20.34 -7.65
N PRO F 53 35.85 -19.13 -7.91
CA PRO F 53 36.15 -18.46 -9.18
C PRO F 53 37.64 -18.08 -9.24
N VAL F 54 38.32 -18.41 -10.37
CA VAL F 54 39.75 -18.15 -10.57
C VAL F 54 40.00 -16.98 -11.56
N ALA F 55 39.08 -16.76 -12.51
CA ALA F 55 39.22 -15.69 -13.50
C ALA F 55 38.95 -14.29 -12.93
N ALA F 56 39.43 -13.23 -13.61
CA ALA F 56 39.20 -11.85 -13.20
C ALA F 56 37.75 -11.46 -13.49
N ARG F 57 37.22 -10.55 -12.68
CA ARG F 57 35.85 -10.10 -12.82
C ARG F 57 35.65 -9.31 -14.10
N SER F 58 34.79 -9.80 -14.99
CA SER F 58 34.51 -9.24 -16.31
C SER F 58 33.37 -8.15 -16.40
N THR F 59 32.31 -8.25 -15.59
CA THR F 59 31.22 -7.27 -15.62
C THR F 59 31.69 -6.00 -14.95
N SER F 60 31.68 -4.88 -15.66
CA SER F 60 32.18 -3.63 -15.11
C SER F 60 31.25 -3.02 -14.09
N ILE F 61 31.84 -2.30 -13.16
CA ILE F 61 31.09 -1.64 -12.11
C ILE F 61 31.08 -0.14 -12.36
N ILE F 62 29.88 0.44 -12.40
CA ILE F 62 29.70 1.88 -12.56
C ILE F 62 29.33 2.41 -11.17
N ALA F 63 30.17 3.27 -10.59
CA ALA F 63 29.90 3.82 -9.27
C ALA F 63 29.52 5.29 -9.39
N THR F 64 28.40 5.70 -8.79
CA THR F 64 27.99 7.09 -8.84
C THR F 64 28.75 7.91 -7.82
N ILE F 65 29.39 8.99 -8.27
CA ILE F 65 30.18 9.86 -7.43
C ILE F 65 29.31 10.92 -6.78
N GLY F 66 29.32 10.95 -5.45
CA GLY F 66 28.59 11.92 -4.66
C GLY F 66 29.35 12.34 -3.42
N PRO F 67 28.64 12.91 -2.43
CA PRO F 67 29.32 13.34 -1.19
C PRO F 67 30.12 12.25 -0.47
N ALA F 68 29.59 11.03 -0.47
CA ALA F 68 30.24 9.88 0.18
C ALA F 68 31.43 9.31 -0.58
N SER F 69 31.67 9.78 -1.82
CA SER F 69 32.73 9.19 -2.65
C SER F 69 33.61 10.16 -3.42
N ARG F 70 33.46 11.49 -3.27
CA ARG F 70 34.28 12.43 -4.06
C ARG F 70 35.65 12.75 -3.44
N SER F 71 35.98 12.16 -2.28
CA SER F 71 37.30 12.35 -1.66
C SER F 71 38.36 11.64 -2.53
N VAL F 72 39.52 12.28 -2.78
CA VAL F 72 40.58 11.66 -3.60
C VAL F 72 41.04 10.33 -3.00
N GLU F 73 41.23 10.28 -1.67
CA GLU F 73 41.66 9.04 -1.00
C GLU F 73 40.62 7.95 -1.04
N ARG F 74 39.33 8.33 -1.02
CA ARG F 74 38.20 7.41 -1.10
C ARG F 74 38.12 6.85 -2.53
N LEU F 75 38.31 7.70 -3.54
CA LEU F 75 38.30 7.28 -4.94
C LEU F 75 39.40 6.28 -5.22
N LYS F 76 40.58 6.44 -4.59
CA LYS F 76 41.69 5.51 -4.74
C LYS F 76 41.29 4.13 -4.20
N GLU F 77 40.60 4.11 -3.06
CA GLU F 77 40.08 2.89 -2.42
C GLU F 77 39.05 2.20 -3.30
N MET F 78 38.20 2.99 -3.97
CA MET F 78 37.16 2.51 -4.85
C MET F 78 37.73 1.91 -6.13
N ILE F 79 38.83 2.47 -6.65
CA ILE F 79 39.53 1.93 -7.82
C ILE F 79 40.14 0.57 -7.47
N LYS F 80 40.70 0.44 -6.26
CA LYS F 80 41.26 -0.81 -5.79
C LYS F 80 40.14 -1.85 -5.62
N ALA F 81 38.98 -1.42 -5.08
CA ALA F 81 37.81 -2.30 -4.88
C ALA F 81 37.23 -2.85 -6.20
N GLY F 82 37.39 -2.09 -7.28
CA GLY F 82 36.94 -2.51 -8.60
C GLY F 82 36.07 -1.55 -9.39
N MET F 83 36.10 -0.25 -9.06
CA MET F 83 35.32 0.72 -9.84
C MET F 83 35.97 0.89 -11.21
N ASN F 84 35.16 0.81 -12.28
CA ASN F 84 35.65 0.93 -13.65
C ASN F 84 35.16 2.20 -14.30
N ILE F 85 33.94 2.63 -13.97
CA ILE F 85 33.35 3.84 -14.53
C ILE F 85 32.78 4.68 -13.40
N ALA F 86 33.11 5.98 -13.38
CA ALA F 86 32.61 6.94 -12.40
C ALA F 86 31.43 7.70 -13.02
N ARG F 87 30.26 7.62 -12.40
CA ARG F 87 29.06 8.27 -12.90
C ARG F 87 28.83 9.62 -12.21
N LEU F 88 28.49 10.65 -12.99
CA LEU F 88 28.19 11.98 -12.46
C LEU F 88 26.74 12.28 -12.78
N ASN F 89 25.88 12.26 -11.75
CA ASN F 89 24.45 12.50 -11.95
C ASN F 89 24.18 13.98 -12.09
N PHE F 90 23.86 14.44 -13.30
CA PHE F 90 23.59 15.85 -13.57
C PHE F 90 22.17 16.29 -13.20
N SER F 91 21.45 15.48 -12.42
CA SER F 91 20.14 15.88 -11.89
C SER F 91 20.39 16.79 -10.68
N HIS F 92 21.43 16.49 -9.88
CA HIS F 92 21.86 17.26 -8.72
C HIS F 92 23.27 17.84 -8.98
N GLY F 93 23.69 18.79 -8.16
CA GLY F 93 25.01 19.40 -8.28
C GLY F 93 25.18 20.43 -9.39
N SER F 94 26.07 21.40 -9.13
CA SER F 94 26.38 22.48 -10.07
C SER F 94 27.53 22.07 -11.01
N HIS F 95 27.78 22.86 -12.07
CA HIS F 95 28.88 22.58 -12.99
C HIS F 95 30.23 22.60 -12.25
N GLU F 96 30.36 23.51 -11.27
CA GLU F 96 31.57 23.64 -10.45
C GLU F 96 31.80 22.39 -9.59
N TYR F 97 30.71 21.82 -9.06
CA TYR F 97 30.71 20.60 -8.24
C TYR F 97 31.15 19.40 -9.07
N HIS F 98 30.62 19.29 -10.29
CA HIS F 98 30.93 18.18 -11.17
C HIS F 98 32.34 18.26 -11.74
N ALA F 99 32.83 19.47 -12.02
CA ALA F 99 34.19 19.65 -12.51
C ALA F 99 35.20 19.25 -11.41
N GLU F 100 34.88 19.55 -10.14
CA GLU F 100 35.70 19.21 -9.00
C GLU F 100 35.72 17.70 -8.79
N SER F 101 34.56 17.04 -8.96
CA SER F 101 34.43 15.59 -8.85
C SER F 101 35.33 14.92 -9.93
N ILE F 102 35.24 15.39 -11.19
CA ILE F 102 36.03 14.92 -12.33
C ILE F 102 37.53 15.00 -12.02
N ALA F 103 37.98 16.16 -11.49
CA ALA F 103 39.37 16.42 -11.15
C ALA F 103 39.87 15.48 -10.08
N ASN F 104 39.01 15.17 -9.08
CA ASN F 104 39.35 14.27 -8.00
C ASN F 104 39.47 12.84 -8.51
N VAL F 105 38.58 12.45 -9.46
CA VAL F 105 38.61 11.13 -10.10
C VAL F 105 39.91 10.98 -10.86
N ARG F 106 40.22 11.92 -11.76
CA ARG F 106 41.45 11.90 -12.54
C ARG F 106 42.71 11.90 -11.67
N GLU F 107 42.70 12.61 -10.54
CA GLU F 107 43.84 12.63 -9.64
C GLU F 107 44.07 11.24 -9.00
N ALA F 108 42.97 10.60 -8.57
CA ALA F 108 43.04 9.26 -7.97
C ALA F 108 43.40 8.20 -9.00
N VAL F 109 42.99 8.38 -10.26
CA VAL F 109 43.28 7.44 -11.34
C VAL F 109 44.74 7.55 -11.75
N GLU F 110 45.23 8.79 -11.93
CA GLU F 110 46.61 9.02 -12.33
C GLU F 110 47.63 8.75 -11.23
N SER F 111 47.22 8.58 -9.97
CA SER F 111 48.15 8.26 -8.90
C SER F 111 48.79 6.86 -9.08
N PHE F 112 48.15 5.99 -9.87
CA PHE F 112 48.65 4.65 -10.18
C PHE F 112 49.40 4.58 -11.54
N ALA F 113 49.48 5.70 -12.29
CA ALA F 113 50.16 5.75 -13.60
C ALA F 113 51.70 5.64 -13.53
N GLY F 114 52.25 5.52 -12.33
CA GLY F 114 53.68 5.36 -12.12
C GLY F 114 54.19 4.01 -12.56
N SER F 115 53.34 2.99 -12.44
CA SER F 115 53.66 1.63 -12.88
C SER F 115 52.65 1.31 -13.99
N PRO F 116 53.03 1.55 -15.26
CA PRO F 116 52.07 1.32 -16.36
C PRO F 116 51.60 -0.12 -16.57
N LEU F 117 52.35 -1.11 -16.05
CA LEU F 117 51.97 -2.50 -16.14
C LEU F 117 50.80 -2.86 -15.19
N SER F 118 50.50 -2.01 -14.20
CA SER F 118 49.42 -2.22 -13.23
C SER F 118 48.33 -1.10 -13.22
N TYR F 119 48.54 -0.03 -14.01
CA TYR F 119 47.61 1.10 -14.13
C TYR F 119 46.24 0.68 -14.64
N ARG F 120 45.19 1.10 -13.93
CA ARG F 120 43.82 0.80 -14.30
C ARG F 120 43.09 2.02 -14.82
N PRO F 121 42.76 2.08 -16.12
CA PRO F 121 41.97 3.23 -16.62
C PRO F 121 40.56 3.25 -16.01
N VAL F 122 39.99 4.44 -15.79
CA VAL F 122 38.65 4.57 -15.24
C VAL F 122 37.89 5.54 -16.13
N ALA F 123 36.76 5.13 -16.69
CA ALA F 123 35.96 6.01 -17.54
C ALA F 123 35.13 7.00 -16.72
N ILE F 124 34.79 8.14 -17.32
CA ILE F 124 33.97 9.14 -16.68
C ILE F 124 32.69 9.27 -17.50
N ALA F 125 31.54 9.01 -16.86
CA ALA F 125 30.28 9.04 -17.55
C ALA F 125 29.38 10.13 -17.01
N LEU F 126 28.75 10.89 -17.93
CA LEU F 126 27.85 11.98 -17.55
C LEU F 126 26.41 11.49 -17.68
N ASP F 127 25.65 11.46 -16.59
CA ASP F 127 24.26 11.05 -16.66
C ASP F 127 23.43 12.31 -16.72
N THR F 128 22.79 12.60 -17.86
CA THR F 128 21.97 13.80 -18.03
C THR F 128 20.76 13.84 -17.08
N LYS F 129 20.19 15.04 -16.80
CA LYS F 129 19.04 15.09 -15.89
C LYS F 129 17.75 14.64 -16.60
N GLY F 130 17.63 14.95 -17.89
CA GLY F 130 16.48 14.51 -18.67
C GLY F 130 15.55 15.59 -19.17
N PRO F 131 14.75 15.24 -20.19
CA PRO F 131 13.80 16.23 -20.74
C PRO F 131 12.62 16.56 -19.83
N GLY F 132 12.30 15.64 -18.91
CA GLY F 132 11.20 15.80 -17.97
C GLY F 132 9.86 15.89 -18.66
N SER F 133 9.06 16.90 -18.32
CA SER F 133 7.74 17.07 -18.93
C SER F 133 7.80 18.04 -20.12
N GLY F 134 8.64 17.73 -21.10
CA GLY F 134 8.78 18.55 -22.29
C GLY F 134 9.47 17.81 -23.43
N PRO F 135 8.98 17.97 -24.67
CA PRO F 135 9.61 17.25 -25.79
C PRO F 135 10.94 17.85 -26.28
N GLY F 136 11.84 16.99 -26.74
CA GLY F 136 13.15 17.43 -27.21
C GLY F 136 14.12 17.63 -26.07
N LEU F 137 15.33 18.08 -26.40
CA LEU F 137 16.38 18.31 -25.40
C LEU F 137 16.07 19.55 -24.57
N SER F 138 16.19 19.44 -23.24
CA SER F 138 15.99 20.58 -22.36
C SER F 138 17.23 21.51 -22.42
N GLU F 139 17.04 22.80 -22.13
CA GLU F 139 18.11 23.79 -22.17
C GLU F 139 19.28 23.42 -21.28
N GLN F 140 19.00 22.88 -20.08
CA GLN F 140 20.06 22.49 -19.16
C GLN F 140 20.85 21.33 -19.73
N ASP F 141 20.18 20.36 -20.36
CA ASP F 141 20.85 19.23 -20.98
C ASP F 141 21.83 19.65 -22.06
N VAL F 142 21.50 20.68 -22.85
CA VAL F 142 22.41 21.18 -23.88
C VAL F 142 23.67 21.79 -23.25
N ARG F 143 23.50 22.50 -22.12
CA ARG F 143 24.61 23.11 -21.38
C ARG F 143 25.49 22.03 -20.73
N ASP F 144 24.85 20.99 -20.18
CA ASP F 144 25.50 19.87 -19.50
C ASP F 144 26.28 19.00 -20.50
N LEU F 145 25.73 18.82 -21.71
CA LEU F 145 26.39 18.06 -22.76
C LEU F 145 27.61 18.82 -23.28
N ARG F 146 27.52 20.16 -23.36
CA ARG F 146 28.67 20.97 -23.76
C ARG F 146 29.75 20.91 -22.68
N PHE F 147 29.35 20.87 -21.39
CA PHE F 147 30.25 20.74 -20.24
C PHE F 147 31.04 19.42 -20.37
N GLY F 148 30.35 18.34 -20.74
CA GLY F 148 30.97 17.03 -20.91
C GLY F 148 32.04 17.03 -21.98
N VAL F 149 31.76 17.69 -23.11
CA VAL F 149 32.71 17.80 -24.21
C VAL F 149 33.93 18.60 -23.76
N GLU F 150 33.69 19.73 -23.08
CA GLU F 150 34.76 20.60 -22.57
C GLU F 150 35.61 19.93 -21.49
N HIS F 151 35.00 19.03 -20.71
CA HIS F 151 35.73 18.33 -19.65
C HIS F 151 36.30 16.96 -20.08
N GLY F 152 35.92 16.48 -21.26
CA GLY F 152 36.44 15.24 -21.80
C GLY F 152 35.84 13.95 -21.25
N VAL F 153 34.51 13.94 -21.06
CA VAL F 153 33.86 12.73 -20.58
C VAL F 153 33.90 11.67 -21.65
N ASP F 154 33.94 10.41 -21.24
CA ASP F 154 34.02 9.29 -22.18
C ASP F 154 32.65 8.80 -22.58
N ILE F 155 31.72 8.75 -21.63
CA ILE F 155 30.38 8.22 -21.88
C ILE F 155 29.29 9.22 -21.49
N VAL F 156 28.14 9.14 -22.14
CA VAL F 156 26.98 9.95 -21.79
C VAL F 156 25.79 9.00 -21.62
N PHE F 157 25.14 9.02 -20.46
CA PHE F 157 23.95 8.23 -20.21
C PHE F 157 22.79 9.17 -20.52
N ALA F 158 22.27 9.13 -21.75
CA ALA F 158 21.18 10.00 -22.17
C ALA F 158 19.89 9.60 -21.50
N SER F 159 19.35 10.47 -20.65
CA SER F 159 18.11 10.21 -19.93
C SER F 159 16.86 10.31 -20.81
N PHE F 160 15.88 9.43 -20.53
CA PHE F 160 14.57 9.35 -21.16
C PHE F 160 14.59 9.35 -22.68
N VAL F 161 15.31 8.41 -23.26
CA VAL F 161 15.36 8.25 -24.71
C VAL F 161 14.07 7.50 -25.10
N ARG F 162 13.26 8.08 -25.99
CA ARG F 162 11.98 7.47 -26.41
C ARG F 162 11.94 7.05 -27.88
N LYS F 163 12.81 7.63 -28.70
CA LYS F 163 12.88 7.38 -30.13
C LYS F 163 14.32 7.60 -30.65
N ALA F 164 14.59 7.27 -31.91
CA ALA F 164 15.91 7.45 -32.51
C ALA F 164 16.29 8.93 -32.67
N SER F 165 15.29 9.82 -32.82
CA SER F 165 15.51 11.26 -32.95
C SER F 165 16.05 11.91 -31.66
N ASP F 166 15.81 11.27 -30.50
CA ASP F 166 16.31 11.73 -29.21
C ASP F 166 17.81 11.49 -29.14
N VAL F 167 18.28 10.34 -29.63
CA VAL F 167 19.71 10.02 -29.67
C VAL F 167 20.43 11.02 -30.59
N ALA F 168 19.80 11.35 -31.72
CA ALA F 168 20.33 12.30 -32.69
C ALA F 168 20.50 13.67 -32.07
N ALA F 169 19.54 14.10 -31.23
CA ALA F 169 19.58 15.38 -30.52
C ALA F 169 20.76 15.46 -29.55
N VAL F 170 21.02 14.38 -28.82
CA VAL F 170 22.15 14.29 -27.88
C VAL F 170 23.48 14.28 -28.65
N ARG F 171 23.52 13.58 -29.79
CA ARG F 171 24.70 13.51 -30.64
C ARG F 171 25.03 14.89 -31.23
N ALA F 172 23.98 15.66 -31.61
CA ALA F 172 24.13 17.01 -32.15
C ALA F 172 24.62 17.98 -31.08
N ALA F 173 24.10 17.87 -29.85
CA ALA F 173 24.51 18.73 -28.75
C ALA F 173 25.98 18.51 -28.36
N LEU F 174 26.52 17.30 -28.59
CA LEU F 174 27.94 17.04 -28.33
C LEU F 174 28.86 17.74 -29.36
N GLY F 175 28.29 18.14 -30.51
CA GLY F 175 29.01 18.86 -31.55
C GLY F 175 29.99 18.02 -32.33
N PRO F 176 30.98 18.68 -32.94
CA PRO F 176 31.96 17.93 -33.74
C PRO F 176 33.01 17.20 -32.92
N GLU F 177 33.45 17.82 -31.82
CA GLU F 177 34.47 17.28 -30.91
C GLU F 177 33.97 16.09 -30.09
N GLY F 178 32.68 16.12 -29.73
CA GLY F 178 32.06 15.04 -28.97
C GLY F 178 31.60 13.87 -29.81
N HIS F 179 32.24 13.66 -30.97
CA HIS F 179 31.89 12.54 -31.84
C HIS F 179 32.45 11.19 -31.33
N GLY F 180 33.48 11.24 -30.47
CA GLY F 180 34.08 10.05 -29.90
C GLY F 180 33.43 9.58 -28.60
N ILE F 181 32.59 10.44 -27.99
CA ILE F 181 31.88 10.12 -26.74
C ILE F 181 30.81 9.05 -27.01
N LYS F 182 30.81 7.96 -26.22
CA LYS F 182 29.84 6.89 -26.37
C LYS F 182 28.49 7.30 -25.79
N ILE F 183 27.42 7.05 -26.54
CA ILE F 183 26.08 7.39 -26.08
C ILE F 183 25.31 6.15 -25.68
N ILE F 184 24.99 6.04 -24.38
CA ILE F 184 24.22 4.93 -23.82
C ILE F 184 22.83 5.47 -23.56
N SER F 185 21.85 5.01 -24.32
CA SER F 185 20.48 5.47 -24.17
C SER F 185 19.80 4.82 -22.97
N LYS F 186 19.22 5.64 -22.08
CA LYS F 186 18.52 5.12 -20.93
C LYS F 186 17.08 4.89 -21.28
N ILE F 187 16.62 3.64 -21.15
CA ILE F 187 15.22 3.29 -21.41
C ILE F 187 14.52 3.33 -20.05
N GLU F 188 13.61 4.30 -19.86
CA GLU F 188 12.93 4.45 -18.58
C GLU F 188 11.44 4.71 -18.68
N ASN F 189 10.82 4.40 -19.81
CA ASN F 189 9.37 4.59 -20.00
C ASN F 189 8.80 3.60 -21.02
N HIS F 190 7.47 3.47 -21.10
CA HIS F 190 6.83 2.53 -22.02
C HIS F 190 7.23 2.73 -23.47
N GLU F 191 7.24 3.98 -23.93
CA GLU F 191 7.57 4.30 -25.32
C GLU F 191 8.99 3.89 -25.69
N GLY F 192 9.94 4.07 -24.78
CA GLY F 192 11.32 3.67 -25.00
C GLY F 192 11.48 2.17 -25.16
N VAL F 193 10.63 1.40 -24.47
CA VAL F 193 10.62 -0.04 -24.54
C VAL F 193 10.03 -0.49 -25.89
N LYS F 194 8.93 0.14 -26.32
CA LYS F 194 8.30 -0.23 -27.59
C LYS F 194 9.14 0.18 -28.80
N ARG F 195 9.80 1.33 -28.71
CA ARG F 195 10.64 1.80 -29.82
C ARG F 195 12.12 1.41 -29.60
N PHE F 196 12.37 0.31 -28.85
CA PHE F 196 13.71 -0.16 -28.50
C PHE F 196 14.61 -0.42 -29.71
N ASP F 197 14.15 -1.19 -30.69
CA ASP F 197 14.99 -1.55 -31.83
C ASP F 197 15.51 -0.35 -32.63
N GLU F 198 14.71 0.72 -32.75
CA GLU F 198 15.17 1.91 -33.46
C GLU F 198 16.18 2.73 -32.64
N ILE F 199 16.06 2.68 -31.30
CA ILE F 199 16.96 3.36 -30.38
C ILE F 199 18.32 2.65 -30.35
N LEU F 200 18.31 1.32 -30.23
CA LEU F 200 19.53 0.53 -30.17
C LEU F 200 20.37 0.67 -31.44
N GLU F 201 19.71 0.82 -32.59
CA GLU F 201 20.37 0.96 -33.87
C GLU F 201 21.26 2.20 -33.91
N VAL F 202 20.78 3.32 -33.35
CA VAL F 202 21.50 4.60 -33.35
C VAL F 202 22.32 4.87 -32.09
N SER F 203 22.15 4.04 -31.03
CA SER F 203 22.89 4.22 -29.78
C SER F 203 24.13 3.33 -29.72
N ASP F 204 25.10 3.70 -28.90
CA ASP F 204 26.29 2.88 -28.70
C ASP F 204 26.04 1.72 -27.71
N GLY F 205 25.04 1.89 -26.84
CA GLY F 205 24.61 0.94 -25.83
C GLY F 205 23.30 1.33 -25.18
N ILE F 206 22.81 0.52 -24.22
CA ILE F 206 21.55 0.78 -23.54
C ILE F 206 21.72 0.66 -22.02
N MET F 207 20.96 1.47 -21.25
CA MET F 207 20.94 1.34 -19.80
C MET F 207 19.49 1.05 -19.42
N VAL F 208 19.29 -0.07 -18.70
CA VAL F 208 17.96 -0.45 -18.20
C VAL F 208 17.81 0.38 -16.92
N ALA F 209 17.25 1.60 -17.08
CA ALA F 209 17.04 2.55 -15.99
C ALA F 209 15.79 2.11 -15.24
N ARG F 210 15.96 1.10 -14.38
CA ARG F 210 14.90 0.43 -13.64
C ARG F 210 14.03 1.30 -12.74
N GLY F 211 14.62 2.33 -12.13
CA GLY F 211 13.90 3.24 -11.24
C GLY F 211 12.70 3.89 -11.89
N ASP F 212 12.93 4.71 -12.92
CA ASP F 212 11.84 5.38 -13.62
C ASP F 212 10.99 4.39 -14.37
N LEU F 213 11.61 3.33 -14.91
CA LEU F 213 10.90 2.28 -15.66
C LEU F 213 9.84 1.63 -14.76
N GLY F 214 10.21 1.36 -13.51
CA GLY F 214 9.31 0.78 -12.52
C GLY F 214 8.16 1.67 -12.07
N ILE F 215 8.19 2.94 -12.49
CA ILE F 215 7.20 3.96 -12.21
C ILE F 215 6.31 4.14 -13.45
N GLU F 216 6.91 4.15 -14.66
CA GLU F 216 6.16 4.31 -15.91
C GLU F 216 5.37 3.05 -16.27
N ILE F 217 6.03 1.89 -16.21
CA ILE F 217 5.37 0.59 -16.47
C ILE F 217 5.13 -0.11 -15.11
N PRO F 218 4.17 -1.06 -15.01
CA PRO F 218 3.97 -1.75 -13.72
C PRO F 218 5.25 -2.39 -13.17
N ALA F 219 5.46 -2.32 -11.86
CA ALA F 219 6.67 -2.86 -11.23
C ALA F 219 6.88 -4.35 -11.52
N GLU F 220 5.79 -5.12 -11.62
CA GLU F 220 5.86 -6.54 -11.91
C GLU F 220 6.20 -6.86 -13.37
N LYS F 221 6.29 -5.86 -14.24
CA LYS F 221 6.64 -6.08 -15.65
C LYS F 221 8.09 -5.67 -15.99
N VAL F 222 8.81 -5.00 -15.06
CA VAL F 222 10.16 -4.49 -15.30
C VAL F 222 11.15 -5.60 -15.66
N PHE F 223 11.06 -6.77 -15.01
CA PHE F 223 11.98 -7.87 -15.30
C PHE F 223 11.86 -8.36 -16.74
N LEU F 224 10.67 -8.24 -17.33
CA LEU F 224 10.45 -8.65 -18.71
C LEU F 224 11.22 -7.69 -19.62
N ALA F 225 11.10 -6.37 -19.34
CA ALA F 225 11.79 -5.33 -20.07
C ALA F 225 13.32 -5.50 -19.95
N GLN F 226 13.82 -5.76 -18.74
CA GLN F 226 15.23 -5.94 -18.48
C GLN F 226 15.77 -7.13 -19.27
N LYS F 227 15.15 -8.32 -19.10
CA LYS F 227 15.59 -9.52 -19.79
C LYS F 227 15.49 -9.41 -21.34
N MET F 228 14.43 -8.75 -21.85
CA MET F 228 14.28 -8.57 -23.28
C MET F 228 15.39 -7.65 -23.83
N MET F 229 15.60 -6.48 -23.20
CA MET F 229 16.61 -5.51 -23.63
C MET F 229 18.02 -6.05 -23.54
N ILE F 230 18.33 -6.80 -22.48
CA ILE F 230 19.67 -7.39 -22.34
C ILE F 230 19.92 -8.39 -23.48
N GLY F 231 18.94 -9.26 -23.74
CA GLY F 231 19.01 -10.24 -24.82
C GLY F 231 19.22 -9.62 -26.18
N ARG F 232 18.43 -8.57 -26.50
CA ARG F 232 18.57 -7.85 -27.77
C ARG F 232 19.93 -7.14 -27.91
N CYS F 233 20.47 -6.65 -26.78
CA CYS F 233 21.78 -6.00 -26.77
C CYS F 233 22.88 -7.00 -26.99
N ASN F 234 22.76 -8.19 -26.38
CA ASN F 234 23.74 -9.26 -26.54
C ASN F 234 23.83 -9.70 -28.02
N LEU F 235 22.66 -9.77 -28.69
CA LEU F 235 22.52 -10.13 -30.09
C LEU F 235 23.18 -9.05 -30.94
N ALA F 236 22.87 -7.76 -30.66
CA ALA F 236 23.42 -6.64 -31.40
C ALA F 236 24.92 -6.40 -31.15
N GLY F 237 25.45 -6.97 -30.07
CA GLY F 237 26.84 -6.79 -29.70
C GLY F 237 27.09 -5.45 -29.06
N LYS F 238 26.04 -4.75 -28.60
CA LYS F 238 26.18 -3.43 -27.99
C LYS F 238 26.06 -3.52 -26.48
N PRO F 239 26.87 -2.75 -25.73
CA PRO F 239 26.82 -2.82 -24.26
C PRO F 239 25.47 -2.57 -23.63
N VAL F 240 25.20 -3.27 -22.51
CA VAL F 240 23.96 -3.10 -21.77
C VAL F 240 24.27 -2.98 -20.28
N VAL F 241 23.63 -2.01 -19.62
CA VAL F 241 23.85 -1.73 -18.20
C VAL F 241 22.58 -1.98 -17.35
N CYS F 242 22.73 -2.69 -16.22
CA CYS F 242 21.63 -2.86 -15.25
C CYS F 242 21.88 -1.74 -14.22
N ALA F 243 20.86 -0.90 -13.93
CA ALA F 243 21.14 0.31 -13.17
C ALA F 243 20.61 0.54 -11.72
N THR F 244 19.30 0.36 -11.41
CA THR F 244 18.80 0.88 -10.14
C THR F 244 18.44 -0.12 -8.99
N GLN F 245 18.80 0.30 -7.74
CA GLN F 245 18.51 -0.33 -6.45
C GLN F 245 19.08 -1.70 -6.28
N MET F 246 20.20 -2.00 -6.96
CA MET F 246 20.86 -3.32 -6.92
C MET F 246 21.33 -3.75 -5.51
N LEU F 247 21.93 -2.83 -4.74
CA LEU F 247 22.36 -3.13 -3.36
C LEU F 247 21.86 -1.99 -2.45
N GLU F 248 20.62 -1.51 -2.67
CA GLU F 248 19.99 -0.40 -1.96
C GLU F 248 20.18 -0.39 -0.44
N SER F 249 19.99 -1.53 0.24
CA SER F 249 20.16 -1.61 1.70
C SER F 249 21.57 -1.32 2.17
N MET F 250 22.56 -1.34 1.27
CA MET F 250 23.93 -1.03 1.64
C MET F 250 24.19 0.49 1.81
N ILE F 251 23.17 1.34 1.57
CA ILE F 251 23.27 2.77 1.82
C ILE F 251 23.41 2.96 3.35
N THR F 252 22.62 2.21 4.14
CA THR F 252 22.67 2.29 5.61
C THR F 252 23.26 1.05 6.30
N LYS F 253 23.23 -0.12 5.65
CA LYS F 253 23.70 -1.35 6.28
C LYS F 253 25.00 -1.91 5.66
N PRO F 254 25.86 -2.54 6.49
CA PRO F 254 27.12 -3.09 5.96
C PRO F 254 27.00 -4.32 5.07
N ARG F 255 25.82 -4.96 5.08
CA ARG F 255 25.55 -6.16 4.31
C ARG F 255 24.22 -6.01 3.54
N PRO F 256 24.17 -6.52 2.29
CA PRO F 256 22.92 -6.43 1.52
C PRO F 256 21.90 -7.53 1.84
N THR F 257 20.68 -7.38 1.34
CA THR F 257 19.64 -8.40 1.54
C THR F 257 19.85 -9.58 0.56
N ARG F 258 19.16 -10.70 0.82
CA ARG F 258 19.23 -11.88 -0.05
C ARG F 258 18.69 -11.56 -1.43
N ALA F 259 17.69 -10.66 -1.52
CA ALA F 259 17.12 -10.24 -2.80
C ALA F 259 18.13 -9.43 -3.61
N GLU F 260 18.95 -8.61 -2.91
CA GLU F 260 19.93 -7.74 -3.54
C GLU F 260 21.09 -8.49 -4.15
N THR F 261 21.68 -9.43 -3.41
CA THR F 261 22.77 -10.25 -3.95
C THR F 261 22.27 -11.11 -5.10
N SER F 262 20.99 -11.53 -5.04
CA SER F 262 20.35 -12.33 -6.07
C SER F 262 20.17 -11.48 -7.31
N ASP F 263 19.70 -10.23 -7.15
CA ASP F 263 19.50 -9.30 -8.27
C ASP F 263 20.80 -9.03 -9.05
N VAL F 264 21.92 -8.76 -8.34
CA VAL F 264 23.22 -8.52 -8.96
C VAL F 264 23.66 -9.76 -9.73
N ALA F 265 23.61 -10.92 -9.08
CA ALA F 265 23.99 -12.18 -9.71
C ALA F 265 23.13 -12.46 -10.96
N ASN F 266 21.82 -12.19 -10.88
CA ASN F 266 20.92 -12.42 -11.98
C ASN F 266 21.10 -11.43 -13.11
N ALA F 267 21.55 -10.20 -12.82
CA ALA F 267 21.79 -9.21 -13.88
C ALA F 267 22.96 -9.71 -14.75
N VAL F 268 24.02 -10.26 -14.09
CA VAL F 268 25.18 -10.83 -14.76
C VAL F 268 24.76 -12.05 -15.57
N LEU F 269 23.96 -12.96 -14.97
CA LEU F 269 23.48 -14.15 -15.66
C LEU F 269 22.58 -13.80 -16.83
N ASP F 270 21.84 -12.68 -16.76
CA ASP F 270 20.98 -12.24 -17.85
C ASP F 270 21.82 -11.88 -19.07
N GLY F 271 23.03 -11.34 -18.85
CA GLY F 271 23.98 -10.97 -19.89
C GLY F 271 24.38 -9.52 -19.88
N ALA F 272 24.20 -8.83 -18.74
CA ALA F 272 24.55 -7.42 -18.63
C ALA F 272 26.06 -7.19 -18.63
N ASP F 273 26.51 -6.20 -19.40
CA ASP F 273 27.93 -5.86 -19.50
C ASP F 273 28.40 -5.08 -18.28
N CYS F 274 27.50 -4.23 -17.73
CA CYS F 274 27.79 -3.38 -16.59
C CYS F 274 26.71 -3.43 -15.53
N ILE F 275 27.13 -3.35 -14.26
CA ILE F 275 26.23 -3.24 -13.12
C ILE F 275 26.50 -1.88 -12.44
N MET F 276 25.44 -1.22 -11.93
CA MET F 276 25.60 0.11 -11.36
C MET F 276 25.25 0.27 -9.89
N LEU F 277 25.94 1.21 -9.23
CA LEU F 277 25.71 1.64 -7.86
C LEU F 277 25.38 3.12 -7.95
N SER F 278 24.22 3.53 -7.41
CA SER F 278 23.81 4.93 -7.47
C SER F 278 23.13 5.31 -6.19
N GLY F 279 23.90 5.78 -5.22
CA GLY F 279 23.35 6.08 -3.90
C GLY F 279 24.03 5.21 -2.89
N GLU F 280 24.27 3.94 -3.25
CA GLU F 280 25.07 2.99 -2.47
C GLU F 280 26.52 3.55 -2.38
N THR F 281 27.02 4.19 -3.47
CA THR F 281 28.33 4.81 -3.54
C THR F 281 28.25 6.34 -3.46
N ALA F 282 27.16 6.93 -3.98
CA ALA F 282 26.99 8.37 -3.97
C ALA F 282 26.77 9.00 -2.59
N LYS F 283 25.88 8.44 -1.76
CA LYS F 283 25.60 9.04 -0.46
C LYS F 283 25.60 8.08 0.74
N GLY F 284 25.75 6.79 0.49
CA GLY F 284 25.71 5.79 1.54
C GLY F 284 26.90 5.74 2.46
N ASN F 285 26.74 5.07 3.60
CA ASN F 285 27.77 4.88 4.62
C ASN F 285 28.79 3.83 4.25
N PHE F 286 28.50 2.97 3.26
CA PHE F 286 29.42 1.91 2.87
C PHE F 286 29.68 1.92 1.35
N PRO F 287 30.34 2.98 0.78
CA PRO F 287 30.51 3.00 -0.67
C PRO F 287 31.53 2.00 -1.19
N VAL F 288 32.66 1.85 -0.49
CA VAL F 288 33.71 0.90 -0.87
C VAL F 288 33.24 -0.53 -0.67
N GLU F 289 32.46 -0.78 0.38
CA GLU F 289 31.90 -2.10 0.69
C GLU F 289 30.89 -2.55 -0.37
N ALA F 290 30.12 -1.61 -0.95
CA ALA F 290 29.17 -1.88 -2.01
C ALA F 290 29.89 -2.26 -3.31
N VAL F 291 31.04 -1.62 -3.59
CA VAL F 291 31.87 -1.91 -4.76
C VAL F 291 32.47 -3.31 -4.58
N LYS F 292 33.05 -3.57 -3.40
CA LYS F 292 33.64 -4.86 -3.08
C LYS F 292 32.60 -6.00 -3.17
N MET F 293 31.35 -5.72 -2.72
CA MET F 293 30.26 -6.69 -2.77
C MET F 293 29.85 -7.00 -4.20
N GLN F 294 29.64 -5.96 -5.01
CA GLN F 294 29.30 -6.14 -6.42
C GLN F 294 30.41 -6.90 -7.18
N HIS F 295 31.67 -6.66 -6.82
CA HIS F 295 32.79 -7.36 -7.43
C HIS F 295 32.71 -8.85 -7.08
N ALA F 296 32.54 -9.16 -5.79
CA ALA F 296 32.47 -10.53 -5.26
C ALA F 296 31.36 -11.35 -5.89
N ILE F 297 30.15 -10.76 -6.04
CA ILE F 297 28.99 -11.43 -6.63
C ILE F 297 29.21 -11.65 -8.11
N ALA F 298 29.72 -10.62 -8.81
CA ALA F 298 29.95 -10.72 -10.25
C ALA F 298 30.92 -11.84 -10.60
N ARG F 299 31.99 -12.05 -9.80
CA ARG F 299 32.92 -13.15 -10.05
C ARG F 299 32.24 -14.51 -9.94
N GLU F 300 31.38 -14.67 -8.94
CA GLU F 300 30.66 -15.91 -8.75
C GLU F 300 29.64 -16.15 -9.87
N ALA F 301 28.91 -15.09 -10.26
CA ALA F 301 27.91 -15.20 -11.31
C ALA F 301 28.52 -15.46 -12.68
N GLU F 302 29.69 -14.89 -12.96
CA GLU F 302 30.37 -15.09 -14.24
C GLU F 302 30.84 -16.50 -14.43
N ALA F 303 31.33 -17.14 -13.37
CA ALA F 303 31.77 -18.52 -13.44
C ALA F 303 30.57 -19.47 -13.64
N ALA F 304 29.37 -19.10 -13.13
CA ALA F 304 28.14 -19.88 -13.25
C ALA F 304 27.36 -19.63 -14.58
N VAL F 305 27.96 -18.89 -15.53
CA VAL F 305 27.33 -18.67 -16.83
C VAL F 305 27.45 -19.99 -17.63
N TYR F 306 26.36 -20.44 -18.26
CA TYR F 306 26.39 -21.67 -19.05
C TYR F 306 26.90 -21.35 -20.44
N HIS F 307 28.22 -21.24 -20.57
CA HIS F 307 28.90 -20.88 -21.82
C HIS F 307 28.56 -21.75 -23.03
N ARG F 308 28.30 -23.06 -22.83
CA ARG F 308 28.00 -23.94 -23.96
C ARG F 308 26.78 -23.52 -24.74
N GLN F 309 25.66 -23.26 -24.05
CA GLN F 309 24.45 -22.83 -24.73
C GLN F 309 24.53 -21.38 -25.16
N LEU F 310 25.16 -20.54 -24.34
CA LEU F 310 25.31 -19.13 -24.63
C LEU F 310 26.09 -18.93 -25.94
N PHE F 311 27.24 -19.61 -26.11
CA PHE F 311 28.07 -19.51 -27.31
C PHE F 311 27.38 -20.09 -28.53
N GLU F 312 26.79 -21.29 -28.41
CA GLU F 312 26.09 -21.96 -29.50
C GLU F 312 24.95 -21.10 -30.04
N GLU F 313 24.17 -20.50 -29.13
CA GLU F 313 23.05 -19.65 -29.52
C GLU F 313 23.53 -18.34 -30.12
N LEU F 314 24.62 -17.77 -29.58
CA LEU F 314 25.22 -16.51 -30.07
C LEU F 314 25.64 -16.69 -31.51
N ARG F 315 26.25 -17.84 -31.85
CA ARG F 315 26.68 -18.16 -33.21
C ARG F 315 25.49 -18.37 -34.16
N ARG F 316 24.48 -19.13 -33.73
CA ARG F 316 23.32 -19.40 -34.56
C ARG F 316 22.50 -18.13 -34.86
N ALA F 317 22.54 -17.14 -33.98
CA ALA F 317 21.81 -15.89 -34.16
C ALA F 317 22.63 -14.86 -34.93
N ALA F 318 23.97 -14.83 -34.69
CA ALA F 318 24.86 -13.89 -35.37
C ALA F 318 24.90 -14.20 -36.86
N PRO F 319 24.60 -13.19 -37.69
CA PRO F 319 24.61 -13.42 -39.15
C PRO F 319 26.01 -13.64 -39.69
N LEU F 320 26.11 -14.27 -40.86
CA LEU F 320 27.41 -14.49 -41.51
C LEU F 320 28.01 -13.14 -41.85
N SER F 321 29.33 -13.03 -41.71
CA SER F 321 29.99 -11.76 -41.91
C SER F 321 31.16 -11.85 -42.86
N ARG F 322 31.28 -10.84 -43.73
CA ARG F 322 32.42 -10.72 -44.64
C ARG F 322 33.51 -9.77 -44.04
N ASP F 323 33.31 -9.27 -42.79
CA ASP F 323 34.23 -8.38 -42.10
C ASP F 323 35.30 -9.20 -41.42
N PRO F 324 36.56 -9.02 -41.80
CA PRO F 324 37.64 -9.82 -41.20
C PRO F 324 37.78 -9.69 -39.69
N THR F 325 37.39 -8.54 -39.13
CA THR F 325 37.47 -8.33 -37.68
C THR F 325 36.46 -9.25 -36.99
N GLU F 326 35.25 -9.33 -37.51
CA GLU F 326 34.18 -10.17 -37.00
C GLU F 326 34.50 -11.69 -37.17
N VAL F 327 35.10 -12.04 -38.32
CA VAL F 327 35.49 -13.41 -38.65
C VAL F 327 36.62 -13.87 -37.74
N THR F 328 37.59 -12.99 -37.48
CA THR F 328 38.71 -13.28 -36.57
C THR F 328 38.21 -13.42 -35.13
N ALA F 329 37.22 -12.60 -34.74
CA ALA F 329 36.64 -12.66 -33.41
C ALA F 329 36.11 -14.07 -33.06
N ILE F 330 35.20 -14.69 -33.88
CA ILE F 330 34.74 -16.05 -33.55
C ILE F 330 35.85 -17.06 -33.55
N GLY F 331 36.74 -16.97 -34.51
CA GLY F 331 37.87 -17.89 -34.61
C GLY F 331 38.72 -17.90 -33.37
N ALA F 332 38.97 -16.71 -32.82
CA ALA F 332 39.75 -16.53 -31.59
C ALA F 332 38.98 -17.04 -30.35
N VAL F 333 37.68 -16.70 -30.25
CA VAL F 333 36.84 -17.14 -29.14
C VAL F 333 36.70 -18.68 -29.10
N GLU F 334 36.51 -19.30 -30.27
CA GLU F 334 36.42 -20.75 -30.42
C GLU F 334 37.72 -21.42 -30.00
N ALA F 335 38.86 -20.83 -30.45
CA ALA F 335 40.21 -21.31 -30.12
C ALA F 335 40.48 -21.21 -28.61
N ALA F 336 40.01 -20.13 -27.99
CA ALA F 336 40.18 -19.94 -26.55
C ALA F 336 39.39 -20.97 -25.74
N PHE F 337 38.19 -21.33 -26.21
CA PHE F 337 37.39 -22.34 -25.51
C PHE F 337 38.02 -23.73 -25.63
N LYS F 338 38.58 -24.03 -26.80
CA LYS F 338 39.20 -25.32 -27.09
C LYS F 338 40.34 -25.66 -26.15
N CYS F 339 41.15 -24.67 -25.78
CA CYS F 339 42.34 -24.92 -24.95
C CYS F 339 42.22 -24.38 -23.53
N CYS F 340 41.10 -23.72 -23.18
CA CYS F 340 40.94 -23.08 -21.88
C CYS F 340 41.99 -21.97 -21.77
N ALA F 341 42.07 -21.13 -22.81
CA ALA F 341 43.03 -20.03 -22.89
C ALA F 341 42.85 -19.10 -21.71
N ALA F 342 43.97 -18.73 -21.11
CA ALA F 342 43.97 -17.82 -19.98
C ALA F 342 43.48 -16.43 -20.44
N ALA F 343 43.84 -16.02 -21.65
CA ALA F 343 43.45 -14.72 -22.14
C ALA F 343 43.36 -14.65 -23.70
N ILE F 344 42.84 -13.53 -24.24
CA ILE F 344 42.76 -13.19 -25.62
C ILE F 344 43.31 -11.76 -25.67
N ILE F 345 44.60 -11.61 -26.09
CA ILE F 345 45.27 -10.32 -26.19
C ILE F 345 44.98 -9.76 -27.55
N VAL F 346 44.46 -8.54 -27.60
CA VAL F 346 44.09 -7.92 -28.84
C VAL F 346 44.59 -6.50 -28.91
N LEU F 347 45.20 -6.11 -30.03
CA LEU F 347 45.67 -4.74 -30.18
C LEU F 347 44.52 -3.99 -30.82
N THR F 348 44.10 -2.90 -30.18
CA THR F 348 42.95 -2.14 -30.69
C THR F 348 43.22 -0.64 -30.65
N THR F 349 42.61 0.10 -31.60
CA THR F 349 42.79 1.54 -31.69
C THR F 349 41.53 2.23 -31.17
N THR F 350 40.39 1.81 -31.68
CA THR F 350 39.08 2.33 -31.29
C THR F 350 38.35 1.43 -30.27
N GLY F 351 38.87 0.23 -30.02
CA GLY F 351 38.24 -0.72 -29.12
C GLY F 351 37.32 -1.71 -29.82
N ARG F 352 37.05 -1.48 -31.12
CA ARG F 352 36.14 -2.32 -31.91
C ARG F 352 36.53 -3.78 -31.96
N SER F 353 37.82 -4.09 -32.13
CA SER F 353 38.27 -5.49 -32.16
C SER F 353 37.96 -6.19 -30.87
N ALA F 354 38.22 -5.53 -29.74
CA ALA F 354 37.96 -6.09 -28.41
C ALA F 354 36.44 -6.25 -28.18
N GLN F 355 35.64 -5.31 -28.69
CA GLN F 355 34.18 -5.32 -28.57
C GLN F 355 33.59 -6.53 -29.30
N LEU F 356 34.13 -6.84 -30.50
CA LEU F 356 33.66 -7.97 -31.29
C LEU F 356 34.01 -9.31 -30.65
N LEU F 357 35.17 -9.38 -29.97
CA LEU F 357 35.53 -10.60 -29.24
C LEU F 357 34.57 -10.79 -28.05
N SER F 358 34.25 -9.68 -27.37
CA SER F 358 33.37 -9.58 -26.22
C SER F 358 31.97 -10.06 -26.51
N ARG F 359 31.47 -9.80 -27.72
CA ARG F 359 30.13 -10.22 -28.12
C ARG F 359 29.94 -11.73 -28.01
N TYR F 360 30.99 -12.51 -28.30
CA TYR F 360 30.90 -13.97 -28.20
C TYR F 360 31.04 -14.52 -26.78
N ARG F 361 31.14 -13.64 -25.78
CA ARG F 361 31.22 -13.98 -24.37
C ARG F 361 32.18 -15.13 -24.03
N PRO F 362 33.47 -14.97 -24.34
CA PRO F 362 34.42 -16.06 -24.01
C PRO F 362 34.66 -16.18 -22.52
N ARG F 363 35.05 -17.37 -22.06
CA ARG F 363 35.42 -17.56 -20.66
C ARG F 363 36.81 -16.92 -20.42
N ALA F 364 37.72 -16.96 -21.43
CA ALA F 364 39.05 -16.34 -21.37
C ALA F 364 38.91 -14.80 -21.28
N ALA F 365 39.84 -14.16 -20.59
CA ALA F 365 39.82 -12.70 -20.44
C ALA F 365 40.28 -11.99 -21.69
N VAL F 366 39.57 -10.96 -22.14
CA VAL F 366 40.00 -10.18 -23.30
C VAL F 366 40.88 -8.99 -22.85
N ILE F 367 42.22 -9.16 -22.93
CA ILE F 367 43.22 -8.10 -22.60
C ILE F 367 43.39 -7.23 -23.84
N ALA F 368 42.98 -5.95 -23.79
CA ALA F 368 43.09 -5.09 -24.98
C ALA F 368 44.20 -4.04 -24.83
N VAL F 369 45.17 -4.03 -25.76
CA VAL F 369 46.31 -3.11 -25.73
C VAL F 369 46.06 -1.94 -26.69
N THR F 370 46.00 -0.74 -26.14
CA THR F 370 45.70 0.43 -26.95
C THR F 370 46.57 1.63 -26.58
N ARG F 371 46.81 2.49 -27.55
CA ARG F 371 47.52 3.75 -27.28
C ARG F 371 46.52 4.88 -26.99
N SER F 372 45.23 4.70 -27.37
CA SER F 372 44.18 5.66 -27.14
C SER F 372 43.69 5.59 -25.69
N ALA F 373 43.91 6.65 -24.91
CA ALA F 373 43.47 6.71 -23.52
C ALA F 373 41.95 6.71 -23.40
N GLN F 374 41.26 7.29 -24.40
CA GLN F 374 39.81 7.30 -24.41
C GLN F 374 39.23 5.90 -24.68
N ALA F 375 39.81 5.18 -25.65
CA ALA F 375 39.39 3.82 -25.98
C ALA F 375 39.61 2.88 -24.79
N ALA F 376 40.73 3.05 -24.07
CA ALA F 376 41.03 2.25 -22.88
C ALA F 376 39.95 2.42 -21.81
N ARG F 377 39.44 3.64 -21.66
CA ARG F 377 38.38 3.91 -20.69
C ARG F 377 37.02 3.40 -21.17
N GLN F 378 36.64 3.64 -22.46
CA GLN F 378 35.34 3.18 -22.96
C GLN F 378 35.25 1.67 -23.20
N VAL F 379 36.38 0.95 -23.20
CA VAL F 379 36.37 -0.50 -23.35
C VAL F 379 35.89 -1.23 -22.03
N HIS F 380 35.50 -0.44 -21.01
CA HIS F 380 34.92 -0.93 -19.78
C HIS F 380 33.41 -1.24 -20.00
N LEU F 381 32.75 -0.56 -20.97
CA LEU F 381 31.36 -0.84 -21.32
C LEU F 381 31.18 -2.25 -21.91
N CYS F 382 32.28 -2.91 -22.33
CA CYS F 382 32.28 -4.26 -22.89
C CYS F 382 32.67 -5.26 -21.85
N ARG F 383 31.81 -6.29 -21.69
CA ARG F 383 32.06 -7.34 -20.73
C ARG F 383 33.23 -8.21 -21.12
N GLY F 384 34.14 -8.39 -20.18
CA GLY F 384 35.30 -9.24 -20.39
C GLY F 384 36.53 -8.53 -20.91
N VAL F 385 36.43 -7.22 -21.17
CA VAL F 385 37.57 -6.48 -21.70
C VAL F 385 38.32 -5.71 -20.60
N PHE F 386 39.58 -6.09 -20.39
CA PHE F 386 40.50 -5.50 -19.42
C PHE F 386 41.49 -4.61 -20.19
N PRO F 387 41.25 -3.28 -20.19
CA PRO F 387 42.11 -2.37 -20.96
C PRO F 387 43.49 -2.07 -20.39
N LEU F 388 44.50 -2.03 -21.27
CA LEU F 388 45.88 -1.68 -20.94
C LEU F 388 46.23 -0.48 -21.79
N LEU F 389 46.78 0.58 -21.19
CA LEU F 389 47.19 1.76 -21.96
C LEU F 389 48.69 1.71 -22.21
N TYR F 390 49.07 1.56 -23.48
CA TYR F 390 50.46 1.50 -23.90
C TYR F 390 50.94 2.93 -24.08
N ARG F 391 52.01 3.30 -23.35
CA ARG F 391 52.53 4.67 -23.41
C ARG F 391 53.79 4.81 -24.26
N GLU F 392 54.56 3.72 -24.44
CA GLU F 392 55.82 3.71 -25.20
C GLU F 392 55.73 4.30 -26.61
N PRO F 393 56.78 5.01 -27.03
CA PRO F 393 56.75 5.61 -28.38
C PRO F 393 56.88 4.58 -29.50
N PRO F 394 56.32 4.89 -30.67
CA PRO F 394 56.37 3.93 -31.78
C PRO F 394 57.76 3.50 -32.23
N GLU F 395 57.93 2.20 -32.47
CA GLU F 395 59.16 1.61 -32.98
C GLU F 395 59.28 1.93 -34.47
N ALA F 396 60.51 1.93 -34.99
CA ALA F 396 60.72 2.21 -36.42
C ALA F 396 60.11 1.08 -37.26
N ILE F 397 60.34 -0.18 -36.86
CA ILE F 397 59.77 -1.31 -37.57
C ILE F 397 58.38 -1.66 -37.02
N TRP F 398 57.35 -1.49 -37.86
CA TRP F 398 55.94 -1.74 -37.56
C TRP F 398 55.72 -3.11 -36.90
N ALA F 399 56.33 -4.17 -37.46
CA ALA F 399 56.27 -5.55 -36.98
C ALA F 399 56.95 -5.79 -35.62
N ASP F 400 57.79 -4.85 -35.19
CA ASP F 400 58.45 -4.88 -33.89
C ASP F 400 57.61 -4.11 -32.86
N ASP F 401 56.94 -3.03 -33.30
CA ASP F 401 56.06 -2.25 -32.45
C ASP F 401 54.86 -3.10 -32.00
N VAL F 402 54.33 -3.92 -32.92
CA VAL F 402 53.23 -4.83 -32.65
C VAL F 402 53.66 -5.86 -31.62
N ASP F 403 54.83 -6.49 -31.82
CA ASP F 403 55.36 -7.48 -30.90
C ASP F 403 55.66 -6.93 -29.50
N ARG F 404 56.04 -5.65 -29.43
CA ARG F 404 56.28 -5.01 -28.15
C ARG F 404 54.97 -4.77 -27.41
N ARG F 405 53.91 -4.41 -28.15
CA ARG F 405 52.59 -4.21 -27.58
C ARG F 405 52.00 -5.54 -27.10
N VAL F 406 52.27 -6.65 -27.83
CA VAL F 406 51.84 -7.99 -27.45
C VAL F 406 52.55 -8.42 -26.17
N GLN F 407 53.85 -8.14 -26.09
CA GLN F 407 54.62 -8.46 -24.90
C GLN F 407 54.21 -7.59 -23.71
N PHE F 408 53.75 -6.36 -23.96
CA PHE F 408 53.23 -5.45 -22.94
C PHE F 408 51.97 -6.05 -22.29
N GLY F 409 51.12 -6.66 -23.10
CA GLY F 409 49.91 -7.33 -22.63
C GLY F 409 50.26 -8.55 -21.80
N ILE F 410 51.26 -9.32 -22.23
CA ILE F 410 51.70 -10.50 -21.49
C ILE F 410 52.30 -10.09 -20.14
N GLU F 411 53.11 -9.03 -20.12
CA GLU F 411 53.75 -8.58 -18.88
C GLU F 411 52.73 -8.00 -17.89
N SER F 412 51.77 -7.22 -18.37
CA SER F 412 50.70 -6.70 -17.50
C SER F 412 49.86 -7.88 -16.97
N GLY F 413 49.56 -8.84 -17.85
CA GLY F 413 48.80 -10.02 -17.49
C GLY F 413 49.48 -10.83 -16.40
N LYS F 414 50.78 -11.02 -16.53
CA LYS F 414 51.56 -11.79 -15.55
C LYS F 414 51.57 -11.09 -14.20
N LEU F 415 51.80 -9.76 -14.23
CA LEU F 415 51.85 -8.90 -13.06
C LEU F 415 50.50 -8.87 -12.32
N ARG F 416 49.40 -8.83 -13.08
CA ARG F 416 48.07 -8.80 -12.50
C ARG F 416 47.49 -10.17 -12.13
N GLY F 417 48.27 -11.24 -12.30
CA GLY F 417 47.86 -12.59 -11.94
C GLY F 417 46.96 -13.28 -12.94
N PHE F 418 46.65 -12.60 -14.08
CA PHE F 418 45.80 -13.12 -15.15
C PHE F 418 46.52 -14.29 -15.84
N LEU F 419 47.83 -14.14 -16.08
CA LEU F 419 48.64 -15.11 -16.79
C LEU F 419 49.75 -15.70 -15.96
N ARG F 420 50.04 -16.98 -16.23
CA ARG F 420 51.14 -17.72 -15.63
C ARG F 420 51.96 -18.39 -16.75
N VAL F 421 53.22 -18.69 -16.48
CA VAL F 421 54.07 -19.36 -17.46
C VAL F 421 53.51 -20.78 -17.69
N GLY F 422 53.35 -21.13 -18.96
CA GLY F 422 52.75 -22.42 -19.31
C GLY F 422 51.36 -22.28 -19.90
N ASP F 423 50.67 -21.17 -19.58
CA ASP F 423 49.33 -20.88 -20.09
C ASP F 423 49.31 -20.71 -21.61
N LEU F 424 48.13 -20.84 -22.21
CA LEU F 424 47.98 -20.60 -23.65
C LEU F 424 47.18 -19.33 -23.82
N VAL F 425 47.59 -18.46 -24.74
CA VAL F 425 46.85 -17.22 -25.00
C VAL F 425 46.56 -17.10 -26.50
N ILE F 426 45.46 -16.45 -26.83
CA ILE F 426 45.08 -16.22 -28.21
C ILE F 426 45.40 -14.77 -28.48
N VAL F 427 46.18 -14.50 -29.55
CA VAL F 427 46.58 -13.14 -29.87
C VAL F 427 45.89 -12.70 -31.13
N VAL F 428 45.18 -11.60 -31.06
CA VAL F 428 44.44 -11.06 -32.19
C VAL F 428 45.09 -9.74 -32.63
N THR F 429 45.62 -9.70 -33.87
CA THR F 429 46.34 -8.56 -34.46
C THR F 429 45.85 -8.26 -35.90
N GLY F 430 46.37 -7.19 -36.51
CA GLY F 430 46.03 -6.80 -37.88
C GLY F 430 47.21 -6.83 -38.83
N TRP F 431 46.95 -6.69 -40.14
CA TRP F 431 47.98 -6.74 -41.16
C TRP F 431 48.64 -5.39 -41.49
N ARG F 432 48.08 -4.29 -40.98
CA ARG F 432 48.62 -2.95 -41.27
C ARG F 432 48.19 -1.95 -40.20
N PRO F 433 48.88 -0.79 -40.08
CA PRO F 433 48.47 0.21 -39.08
C PRO F 433 47.10 0.84 -39.39
N GLY F 434 46.54 1.54 -38.41
CA GLY F 434 45.23 2.14 -38.55
C GLY F 434 44.14 1.17 -38.13
N SER F 435 43.03 1.70 -37.64
CA SER F 435 41.93 0.85 -37.17
C SER F 435 41.17 0.20 -38.30
N GLY F 436 40.55 -0.95 -38.00
CA GLY F 436 39.72 -1.70 -38.93
C GLY F 436 40.41 -2.78 -39.73
N TYR F 437 41.68 -3.10 -39.40
CA TYR F 437 42.41 -4.10 -40.18
C TYR F 437 42.77 -5.36 -39.43
N THR F 438 42.01 -5.69 -38.37
CA THR F 438 42.24 -6.93 -37.62
C THR F 438 41.91 -8.14 -38.51
N ASN F 439 42.82 -9.12 -38.57
CA ASN F 439 42.62 -10.29 -39.42
C ASN F 439 43.47 -11.49 -38.99
N ILE F 440 44.32 -11.36 -37.96
CA ILE F 440 45.21 -12.45 -37.57
C ILE F 440 44.91 -12.97 -36.17
N MET F 441 45.02 -14.30 -35.96
CA MET F 441 44.76 -14.98 -34.69
C MET F 441 45.89 -15.96 -34.45
N ARG F 442 46.57 -15.88 -33.29
CA ARG F 442 47.68 -16.77 -33.00
C ARG F 442 47.54 -17.49 -31.68
N VAL F 443 48.05 -18.73 -31.59
CA VAL F 443 48.07 -19.48 -30.35
C VAL F 443 49.48 -19.38 -29.76
N LEU F 444 49.63 -18.76 -28.58
CA LEU F 444 50.93 -18.61 -27.96
C LEU F 444 51.02 -19.34 -26.63
N SER F 445 52.22 -19.84 -26.31
CA SER F 445 52.47 -20.47 -25.01
C SER F 445 53.24 -19.45 -24.19
N ILE F 446 52.75 -19.13 -22.98
CA ILE F 446 53.39 -18.15 -22.11
C ILE F 446 54.73 -18.64 -21.59
N SER F 447 55.80 -17.90 -21.92
CA SER F 447 57.17 -18.23 -21.52
C SER F 447 57.66 -17.24 -20.45
N ALA G 25 -18.70 36.59 57.84
CA ALA G 25 -19.57 35.78 58.69
C ALA G 25 -20.83 35.31 57.93
N PHE G 26 -21.46 36.22 57.18
CA PHE G 26 -22.65 35.94 56.37
C PHE G 26 -22.23 35.09 55.17
N PHE G 27 -21.11 35.49 54.53
CA PHE G 27 -20.49 34.88 53.34
C PHE G 27 -20.01 33.45 53.58
N GLN G 28 -19.84 33.03 54.84
CA GLN G 28 -19.37 31.69 55.17
C GLN G 28 -20.51 30.69 55.26
N GLN G 29 -21.68 31.13 55.74
CA GLN G 29 -22.83 30.26 55.92
C GLN G 29 -23.75 30.18 54.69
N GLN G 30 -24.60 29.12 54.63
CA GLN G 30 -25.57 28.79 53.55
C GLN G 30 -24.87 28.43 52.23
N GLN G 31 -23.64 27.86 52.32
CA GLN G 31 -22.76 27.46 51.21
C GLN G 31 -22.46 28.59 50.25
N LEU G 32 -22.41 29.83 50.76
CA LEU G 32 -22.15 30.98 49.90
C LEU G 32 -20.77 30.95 49.23
N PRO G 33 -19.67 30.45 49.84
CA PRO G 33 -18.41 30.34 49.09
C PRO G 33 -18.52 29.38 47.90
N ALA G 34 -19.27 28.28 48.05
CA ALA G 34 -19.48 27.31 46.99
C ALA G 34 -20.42 27.85 45.90
N ALA G 35 -21.39 28.69 46.28
CA ALA G 35 -22.33 29.29 45.32
C ALA G 35 -21.67 30.37 44.44
N MET G 36 -20.59 31.00 44.95
CA MET G 36 -19.86 32.02 44.21
C MET G 36 -18.74 31.47 43.31
N ALA G 37 -18.57 30.14 43.25
CA ALA G 37 -17.53 29.55 42.42
C ALA G 37 -17.78 29.76 40.93
N ASP G 38 -16.70 29.80 40.15
CA ASP G 38 -16.81 30.04 38.72
C ASP G 38 -17.09 28.78 37.91
N THR G 39 -16.81 27.59 38.46
CA THR G 39 -17.12 26.33 37.80
C THR G 39 -17.86 25.38 38.73
N PHE G 40 -18.53 24.36 38.18
CA PHE G 40 -19.21 23.36 39.00
C PHE G 40 -18.19 22.51 39.76
N LEU G 41 -17.02 22.25 39.17
CA LEU G 41 -15.97 21.50 39.84
C LEU G 41 -15.44 22.33 41.02
N GLU G 42 -15.25 23.63 40.83
CA GLU G 42 -14.80 24.52 41.90
C GLU G 42 -15.89 24.63 42.99
N HIS G 43 -17.17 24.58 42.58
CA HIS G 43 -18.33 24.61 43.45
C HIS G 43 -18.33 23.38 44.35
N LEU G 44 -18.09 22.19 43.78
CA LEU G 44 -18.02 20.94 44.55
C LEU G 44 -16.88 21.01 45.59
N CYS G 45 -15.72 21.50 45.17
CA CYS G 45 -14.55 21.66 46.01
C CYS G 45 -14.76 22.64 47.16
N LEU G 46 -15.70 23.59 47.01
CA LEU G 46 -15.97 24.59 48.04
C LEU G 46 -17.14 24.24 48.98
N LEU G 47 -17.71 23.03 48.86
CA LEU G 47 -18.79 22.62 49.74
C LEU G 47 -18.22 22.39 51.15
N ASP G 48 -18.85 22.97 52.17
CA ASP G 48 -18.34 22.91 53.54
C ASP G 48 -19.36 22.34 54.50
N ILE G 49 -19.00 21.29 55.26
CA ILE G 49 -19.92 20.69 56.23
C ILE G 49 -20.23 21.65 57.40
N ASP G 50 -19.30 22.58 57.70
CA ASP G 50 -19.49 23.59 58.73
C ASP G 50 -20.26 24.84 58.27
N SER G 51 -20.65 24.90 56.99
CA SER G 51 -21.44 25.99 56.45
C SER G 51 -22.89 25.63 56.71
N GLU G 52 -23.46 26.12 57.80
CA GLU G 52 -24.82 25.79 58.19
C GLU G 52 -25.89 26.48 57.37
N PRO G 53 -26.90 25.73 56.90
CA PRO G 53 -27.99 26.35 56.13
C PRO G 53 -28.81 27.30 57.00
N VAL G 54 -29.06 28.52 56.51
CA VAL G 54 -29.81 29.52 57.28
C VAL G 54 -31.23 29.70 56.73
N ALA G 55 -31.39 29.61 55.41
CA ALA G 55 -32.67 29.74 54.72
C ALA G 55 -33.74 28.68 55.16
N ALA G 56 -35.02 29.00 54.92
CA ALA G 56 -36.11 28.07 55.22
C ALA G 56 -36.13 26.94 54.21
N ARG G 57 -36.54 25.74 54.60
CA ARG G 57 -36.57 24.59 53.69
C ARG G 57 -37.62 24.78 52.60
N SER G 58 -37.18 24.84 51.33
CA SER G 58 -38.01 25.12 50.17
C SER G 58 -38.69 23.89 49.48
N THR G 59 -38.04 22.71 49.46
CA THR G 59 -38.63 21.50 48.84
C THR G 59 -39.72 20.96 49.77
N SER G 60 -40.96 20.92 49.30
CA SER G 60 -42.06 20.46 50.13
C SER G 60 -42.04 18.97 50.41
N ILE G 61 -42.59 18.61 51.56
CA ILE G 61 -42.66 17.23 51.99
C ILE G 61 -44.09 16.73 51.89
N ILE G 62 -44.29 15.64 51.17
CA ILE G 62 -45.59 15.00 51.02
C ILE G 62 -45.56 13.76 51.91
N ALA G 63 -46.41 13.70 52.94
CA ALA G 63 -46.44 12.57 53.86
C ALA G 63 -47.71 11.77 53.63
N THR G 64 -47.58 10.43 53.45
CA THR G 64 -48.75 9.60 53.26
C THR G 64 -49.40 9.27 54.59
N ILE G 65 -50.70 9.54 54.68
CA ILE G 65 -51.46 9.31 55.89
C ILE G 65 -52.00 7.89 55.93
N GLY G 66 -51.60 7.15 56.96
CA GLY G 66 -52.06 5.78 57.17
C GLY G 66 -52.29 5.50 58.63
N PRO G 67 -52.32 4.21 59.01
CA PRO G 67 -52.54 3.86 60.43
C PRO G 67 -51.55 4.50 61.40
N ALA G 68 -50.27 4.58 61.00
CA ALA G 68 -49.22 5.17 61.83
C ALA G 68 -49.28 6.69 61.94
N SER G 69 -50.14 7.36 61.17
CA SER G 69 -50.14 8.82 61.15
C SER G 69 -51.51 9.51 61.14
N ARG G 70 -52.63 8.80 61.26
CA ARG G 70 -53.94 9.46 61.22
C ARG G 70 -54.43 10.01 62.57
N SER G 71 -53.65 9.86 63.63
CA SER G 71 -54.00 10.42 64.95
C SER G 71 -53.91 11.96 64.87
N VAL G 72 -54.89 12.71 65.43
CA VAL G 72 -54.84 14.17 65.40
C VAL G 72 -53.58 14.71 66.06
N GLU G 73 -53.18 14.14 67.21
CA GLU G 73 -51.98 14.60 67.92
C GLU G 73 -50.70 14.29 67.14
N ARG G 74 -50.69 13.17 66.40
CA ARG G 74 -49.57 12.76 65.58
C ARG G 74 -49.45 13.70 64.37
N LEU G 75 -50.58 14.05 63.75
CA LEU G 75 -50.63 14.96 62.62
C LEU G 75 -50.11 16.34 63.02
N LYS G 76 -50.39 16.79 64.25
CA LYS G 76 -49.90 18.07 64.75
C LYS G 76 -48.37 18.05 64.83
N GLU G 77 -47.80 16.95 65.35
CA GLU G 77 -46.33 16.84 65.45
C GLU G 77 -45.65 16.56 64.09
N MET G 78 -46.45 16.22 63.06
CA MET G 78 -46.00 16.04 61.69
C MET G 78 -46.03 17.37 60.94
N ILE G 79 -46.94 18.29 61.30
CA ILE G 79 -47.01 19.63 60.75
C ILE G 79 -45.84 20.46 61.31
N LYS G 80 -45.52 20.29 62.60
CA LYS G 80 -44.40 20.98 63.22
C LYS G 80 -43.07 20.50 62.60
N ALA G 81 -42.94 19.19 62.35
CA ALA G 81 -41.72 18.60 61.76
C ALA G 81 -41.48 19.14 60.31
N GLY G 82 -42.57 19.44 59.59
CA GLY G 82 -42.47 19.99 58.25
C GLY G 82 -43.33 19.38 57.16
N MET G 83 -44.44 18.70 57.52
CA MET G 83 -45.33 18.15 56.50
C MET G 83 -46.07 19.30 55.82
N ASN G 84 -46.09 19.30 54.49
CA ASN G 84 -46.74 20.37 53.73
C ASN G 84 -47.96 19.85 52.98
N ILE G 85 -47.91 18.59 52.52
CA ILE G 85 -49.00 17.96 51.80
C ILE G 85 -49.28 16.58 52.41
N ALA G 86 -50.56 16.28 52.71
CA ALA G 86 -50.99 15.01 53.25
C ALA G 86 -51.53 14.16 52.12
N ARG G 87 -50.95 13.00 51.90
CA ARG G 87 -51.37 12.11 50.81
C ARG G 87 -52.32 11.02 51.31
N LEU G 88 -53.41 10.80 50.57
CA LEU G 88 -54.38 9.76 50.90
C LEU G 88 -54.34 8.73 49.79
N ASN G 89 -53.78 7.55 50.08
CA ASN G 89 -53.66 6.49 49.09
C ASN G 89 -54.99 5.77 48.92
N PHE G 90 -55.66 6.00 47.80
CA PHE G 90 -56.95 5.37 47.54
C PHE G 90 -56.85 3.93 46.98
N SER G 91 -55.68 3.31 47.10
CA SER G 91 -55.51 1.89 46.77
C SER G 91 -56.06 1.05 47.94
N HIS G 92 -55.86 1.52 49.17
CA HIS G 92 -56.35 0.90 50.40
C HIS G 92 -57.36 1.85 51.08
N GLY G 93 -58.13 1.33 52.02
CA GLY G 93 -59.07 2.15 52.78
C GLY G 93 -60.37 2.46 52.07
N SER G 94 -61.42 2.60 52.87
CA SER G 94 -62.77 2.91 52.40
C SER G 94 -62.98 4.44 52.33
N HIS G 95 -64.08 4.89 51.69
CA HIS G 95 -64.39 6.31 51.63
C HIS G 95 -64.59 6.89 53.04
N GLU G 96 -65.15 6.11 53.95
CA GLU G 96 -65.38 6.51 55.33
C GLU G 96 -64.04 6.70 56.06
N TYR G 97 -63.06 5.84 55.77
CA TYR G 97 -61.71 5.88 56.35
C TYR G 97 -60.99 7.14 55.89
N HIS G 98 -61.10 7.45 54.59
CA HIS G 98 -60.44 8.61 54.03
C HIS G 98 -61.06 9.93 54.43
N ALA G 99 -62.40 9.96 54.60
CA ALA G 99 -63.08 11.16 55.06
C ALA G 99 -62.67 11.47 56.52
N GLU G 100 -62.48 10.43 57.34
CA GLU G 100 -62.06 10.54 58.74
C GLU G 100 -60.61 11.03 58.80
N SER G 101 -59.74 10.53 57.91
CA SER G 101 -58.34 10.97 57.80
C SER G 101 -58.31 12.47 57.47
N ILE G 102 -59.11 12.91 56.46
CA ILE G 102 -59.25 14.30 56.03
C ILE G 102 -59.63 15.22 57.18
N ALA G 103 -60.64 14.80 57.96
CA ALA G 103 -61.15 15.53 59.11
C ALA G 103 -60.08 15.69 60.20
N ASN G 104 -59.29 14.63 60.42
CA ASN G 104 -58.21 14.66 61.41
C ASN G 104 -57.09 15.59 60.95
N VAL G 105 -56.79 15.60 59.64
CA VAL G 105 -55.78 16.48 59.07
C VAL G 105 -56.23 17.93 59.26
N ARG G 106 -57.45 18.26 58.80
CA ARG G 106 -57.97 19.61 58.95
C ARG G 106 -58.05 20.09 60.40
N GLU G 107 -58.37 19.18 61.34
CA GLU G 107 -58.43 19.52 62.76
C GLU G 107 -57.03 19.89 63.29
N ALA G 108 -56.02 19.11 62.91
CA ALA G 108 -54.63 19.35 63.31
C ALA G 108 -54.06 20.60 62.65
N VAL G 109 -54.50 20.92 61.41
CA VAL G 109 -54.04 22.10 60.68
C VAL G 109 -54.65 23.36 61.28
N GLU G 110 -55.97 23.33 61.53
CA GLU G 110 -56.67 24.47 62.08
C GLU G 110 -56.38 24.74 63.55
N SER G 111 -55.74 23.81 64.26
CA SER G 111 -55.37 24.04 65.67
C SER G 111 -54.32 25.17 65.81
N PHE G 112 -53.58 25.48 64.73
CA PHE G 112 -52.57 26.54 64.69
C PHE G 112 -53.11 27.87 64.09
N ALA G 113 -54.37 27.90 63.63
CA ALA G 113 -54.99 29.10 63.05
C ALA G 113 -55.28 30.22 64.04
N GLY G 114 -54.96 30.03 65.31
CA GLY G 114 -55.16 31.05 66.34
C GLY G 114 -54.18 32.21 66.20
N SER G 115 -52.98 31.92 65.69
CA SER G 115 -51.95 32.92 65.44
C SER G 115 -51.73 32.92 63.93
N PRO G 116 -52.44 33.80 63.19
CA PRO G 116 -52.33 33.78 61.72
C PRO G 116 -50.94 34.13 61.14
N LEU G 117 -50.07 34.79 61.94
CA LEU G 117 -48.71 35.12 61.52
C LEU G 117 -47.78 33.89 61.51
N SER G 118 -48.18 32.78 62.16
CA SER G 118 -47.40 31.55 62.22
C SER G 118 -48.13 30.30 61.64
N TYR G 119 -49.40 30.46 61.24
CA TYR G 119 -50.22 29.37 60.67
C TYR G 119 -49.62 28.82 59.38
N ARG G 120 -49.51 27.49 59.31
CA ARG G 120 -48.97 26.82 58.14
C ARG G 120 -50.07 26.06 57.39
N PRO G 121 -50.45 26.50 56.17
CA PRO G 121 -51.45 25.74 55.39
C PRO G 121 -50.93 24.36 54.99
N VAL G 122 -51.79 23.34 54.93
CA VAL G 122 -51.36 21.98 54.55
C VAL G 122 -52.29 21.50 53.45
N ALA G 123 -51.75 21.11 52.29
CA ALA G 123 -52.60 20.63 51.20
C ALA G 123 -53.01 19.19 51.40
N ILE G 124 -54.15 18.80 50.81
CA ILE G 124 -54.65 17.43 50.88
C ILE G 124 -54.65 16.88 49.47
N ALA G 125 -53.91 15.79 49.26
CA ALA G 125 -53.80 15.20 47.94
C ALA G 125 -54.38 13.82 47.90
N LEU G 126 -55.16 13.54 46.85
CA LEU G 126 -55.79 12.23 46.68
C LEU G 126 -55.00 11.43 45.66
N ASP G 127 -54.43 10.29 46.08
CA ASP G 127 -53.68 9.44 45.14
C ASP G 127 -54.64 8.36 44.68
N THR G 128 -55.05 8.38 43.41
CA THR G 128 -55.97 7.39 42.86
C THR G 128 -55.39 5.96 42.89
N LYS G 129 -56.26 4.94 42.82
CA LYS G 129 -55.82 3.55 42.83
C LYS G 129 -55.14 3.20 41.51
N GLY G 130 -55.76 3.61 40.40
CA GLY G 130 -55.21 3.35 39.08
C GLY G 130 -56.11 2.50 38.18
N PRO G 131 -55.85 2.57 36.87
CA PRO G 131 -56.67 1.81 35.93
C PRO G 131 -56.39 0.30 35.93
N GLY G 132 -55.19 -0.11 36.35
CA GLY G 132 -54.79 -1.51 36.37
C GLY G 132 -54.84 -2.12 34.98
N SER G 133 -55.73 -3.13 34.79
CA SER G 133 -55.92 -3.77 33.49
C SER G 133 -56.79 -2.93 32.52
N GLY G 134 -57.59 -2.00 33.07
CA GLY G 134 -58.48 -1.12 32.32
C GLY G 134 -57.80 -0.11 31.43
N PRO G 135 -58.31 0.07 30.20
CA PRO G 135 -57.70 1.02 29.26
C PRO G 135 -57.94 2.49 29.59
N GLY G 136 -59.12 2.80 30.12
CA GLY G 136 -59.50 4.14 30.52
C GLY G 136 -59.64 4.26 32.02
N LEU G 137 -60.51 5.18 32.52
CA LEU G 137 -60.71 5.34 33.96
C LEU G 137 -61.50 4.19 34.54
N SER G 138 -61.02 3.59 35.64
CA SER G 138 -61.75 2.51 36.31
C SER G 138 -62.94 3.09 37.07
N GLU G 139 -64.00 2.27 37.29
CA GLU G 139 -65.21 2.69 37.98
C GLU G 139 -64.92 3.25 39.37
N GLN G 140 -63.98 2.62 40.11
CA GLN G 140 -63.64 3.08 41.44
C GLN G 140 -62.99 4.45 41.38
N ASP G 141 -62.11 4.67 40.39
CA ASP G 141 -61.44 5.95 40.23
C ASP G 141 -62.44 7.08 40.00
N VAL G 142 -63.53 6.84 39.26
CA VAL G 142 -64.53 7.87 39.03
C VAL G 142 -65.25 8.24 40.33
N ARG G 143 -65.51 7.23 41.19
CA ARG G 143 -66.16 7.41 42.48
C ARG G 143 -65.24 8.15 43.44
N ASP G 144 -63.94 7.80 43.41
CA ASP G 144 -62.89 8.37 44.27
C ASP G 144 -62.61 9.82 43.89
N LEU G 145 -62.65 10.14 42.59
CA LEU G 145 -62.45 11.51 42.10
C LEU G 145 -63.63 12.38 42.48
N ARG G 146 -64.85 11.82 42.46
CA ARG G 146 -66.04 12.56 42.90
C ARG G 146 -65.96 12.83 44.41
N PHE G 147 -65.43 11.86 45.18
CA PHE G 147 -65.22 11.96 46.62
C PHE G 147 -64.28 13.14 46.91
N GLY G 148 -63.21 13.25 46.12
CA GLY G 148 -62.24 14.33 46.27
C GLY G 148 -62.85 15.70 46.06
N VAL G 149 -63.70 15.84 45.04
CA VAL G 149 -64.37 17.10 44.75
C VAL G 149 -65.32 17.46 45.91
N GLU G 150 -66.09 16.46 46.39
CA GLU G 150 -67.03 16.63 47.50
C GLU G 150 -66.33 16.96 48.80
N HIS G 151 -65.13 16.44 49.01
CA HIS G 151 -64.38 16.69 50.24
C HIS G 151 -63.43 17.88 50.17
N GLY G 152 -63.22 18.43 48.98
CA GLY G 152 -62.39 19.61 48.80
C GLY G 152 -60.90 19.36 48.78
N VAL G 153 -60.46 18.28 48.11
CA VAL G 153 -59.02 18.02 48.00
C VAL G 153 -58.39 19.05 47.09
N ASP G 154 -57.12 19.36 47.35
CA ASP G 154 -56.41 20.37 46.58
C ASP G 154 -55.70 19.76 45.39
N ILE G 155 -55.12 18.57 45.57
CA ILE G 155 -54.34 17.93 44.52
C ILE G 155 -54.83 16.51 44.24
N VAL G 156 -54.61 16.04 43.02
CA VAL G 156 -54.93 14.67 42.66
C VAL G 156 -53.69 14.07 42.00
N PHE G 157 -53.20 12.94 42.53
CA PHE G 157 -52.07 12.25 41.94
C PHE G 157 -52.69 11.17 41.07
N ALA G 158 -52.85 11.46 39.78
CA ALA G 158 -53.46 10.51 38.86
C ALA G 158 -52.52 9.34 38.57
N SER G 159 -52.89 8.14 39.01
CA SER G 159 -52.10 6.94 38.81
C SER G 159 -52.09 6.43 37.38
N PHE G 160 -50.93 5.89 36.96
CA PHE G 160 -50.68 5.29 35.66
C PHE G 160 -51.17 6.09 34.45
N VAL G 161 -50.73 7.36 34.32
CA VAL G 161 -51.11 8.14 33.14
C VAL G 161 -50.11 7.77 32.04
N ARG G 162 -50.63 7.34 30.91
CA ARG G 162 -49.81 6.88 29.80
C ARG G 162 -49.87 7.80 28.57
N LYS G 163 -50.90 8.64 28.49
CA LYS G 163 -51.11 9.57 27.38
C LYS G 163 -51.90 10.82 27.84
N ALA G 164 -52.03 11.83 26.97
CA ALA G 164 -52.75 13.06 27.31
C ALA G 164 -54.25 12.82 27.52
N SER G 165 -54.82 11.80 26.87
CA SER G 165 -56.25 11.47 27.00
C SER G 165 -56.60 10.93 28.40
N ASP G 166 -55.61 10.39 29.13
CA ASP G 166 -55.78 9.90 30.49
C ASP G 166 -55.98 11.07 31.43
N VAL G 167 -55.20 12.16 31.24
CA VAL G 167 -55.31 13.37 32.05
C VAL G 167 -56.69 14.00 31.82
N ALA G 168 -57.16 14.01 30.56
CA ALA G 168 -58.45 14.54 30.18
C ALA G 168 -59.58 13.79 30.87
N ALA G 169 -59.46 12.46 30.99
CA ALA G 169 -60.45 11.61 31.66
C ALA G 169 -60.56 11.96 33.16
N VAL G 170 -59.43 12.17 33.83
CA VAL G 170 -59.39 12.56 35.24
C VAL G 170 -59.97 13.96 35.42
N ARG G 171 -59.67 14.87 34.49
CA ARG G 171 -60.18 16.23 34.53
C ARG G 171 -61.70 16.25 34.35
N ALA G 172 -62.23 15.38 33.48
CA ALA G 172 -63.67 15.24 33.23
C ALA G 172 -64.39 14.66 34.47
N ALA G 173 -63.79 13.65 35.11
CA ALA G 173 -64.35 13.03 36.30
C ALA G 173 -64.43 14.01 37.48
N LEU G 174 -63.55 15.02 37.52
CA LEU G 174 -63.62 16.05 38.56
C LEU G 174 -64.81 17.03 38.35
N GLY G 175 -65.37 17.05 37.14
CA GLY G 175 -66.52 17.87 36.80
C GLY G 175 -66.25 19.34 36.71
N PRO G 176 -67.32 20.14 36.88
CA PRO G 176 -67.16 21.61 36.78
C PRO G 176 -66.52 22.24 38.02
N GLU G 177 -66.88 21.73 39.21
CA GLU G 177 -66.40 22.21 40.50
C GLU G 177 -64.92 21.87 40.74
N GLY G 178 -64.49 20.71 40.25
CA GLY G 178 -63.12 20.25 40.40
C GLY G 178 -62.17 20.84 39.37
N HIS G 179 -62.51 22.01 38.81
CA HIS G 179 -61.66 22.68 37.83
C HIS G 179 -60.42 23.35 38.47
N GLY G 180 -60.49 23.62 39.78
CA GLY G 180 -59.41 24.23 40.54
C GLY G 180 -58.43 23.24 41.14
N ILE G 181 -58.80 21.95 41.16
CA ILE G 181 -57.94 20.89 41.70
C ILE G 181 -56.74 20.65 40.77
N LYS G 182 -55.52 20.67 41.33
CA LYS G 182 -54.31 20.45 40.55
C LYS G 182 -54.12 18.99 40.22
N ILE G 183 -53.82 18.68 38.96
CA ILE G 183 -53.62 17.30 38.54
C ILE G 183 -52.15 17.01 38.31
N ILE G 184 -51.58 16.14 39.14
CA ILE G 184 -50.20 15.70 39.03
C ILE G 184 -50.21 14.31 38.44
N SER G 185 -49.73 14.16 37.20
CA SER G 185 -49.72 12.87 36.53
C SER G 185 -48.58 12.00 37.03
N LYS G 186 -48.90 10.76 37.45
CA LYS G 186 -47.87 9.84 37.91
C LYS G 186 -47.36 9.03 36.75
N ILE G 187 -46.06 9.14 36.48
CA ILE G 187 -45.44 8.36 35.41
C ILE G 187 -44.86 7.11 36.05
N GLU G 188 -45.43 5.93 35.74
CA GLU G 188 -44.97 4.70 36.37
C GLU G 188 -44.81 3.51 35.42
N ASN G 189 -44.69 3.78 34.13
CA ASN G 189 -44.49 2.72 33.13
C ASN G 189 -43.72 3.26 31.91
N HIS G 190 -43.25 2.35 31.03
CA HIS G 190 -42.49 2.74 29.85
C HIS G 190 -43.23 3.73 28.93
N GLU G 191 -44.52 3.45 28.66
CA GLU G 191 -45.33 4.30 27.79
C GLU G 191 -45.46 5.72 28.31
N GLY G 192 -45.63 5.88 29.62
CA GLY G 192 -45.73 7.19 30.25
C GLY G 192 -44.46 8.01 30.10
N VAL G 193 -43.31 7.33 30.08
CA VAL G 193 -42.02 7.95 29.92
C VAL G 193 -41.85 8.40 28.47
N LYS G 194 -42.23 7.54 27.51
CA LYS G 194 -42.11 7.89 26.09
C LYS G 194 -43.07 8.99 25.67
N ARG G 195 -44.28 8.97 26.21
CA ARG G 195 -45.28 9.99 25.89
C ARG G 195 -45.28 11.13 26.93
N PHE G 196 -44.14 11.37 27.60
CA PHE G 196 -43.98 12.38 28.64
C PHE G 196 -44.35 13.80 28.21
N ASP G 197 -43.81 14.28 27.09
CA ASP G 197 -44.06 15.66 26.66
C ASP G 197 -45.53 15.97 26.42
N GLU G 198 -46.31 15.00 25.92
CA GLU G 198 -47.74 15.23 25.71
C GLU G 198 -48.53 15.22 27.03
N ILE G 199 -48.06 14.46 28.03
CA ILE G 199 -48.66 14.36 29.34
C ILE G 199 -48.39 15.66 30.14
N LEU G 200 -47.13 16.12 30.12
CA LEU G 200 -46.74 17.32 30.85
C LEU G 200 -47.48 18.57 30.34
N GLU G 201 -47.77 18.61 29.04
CA GLU G 201 -48.48 19.71 28.40
C GLU G 201 -49.88 19.91 28.98
N VAL G 202 -50.60 18.79 29.25
CA VAL G 202 -51.95 18.81 29.78
C VAL G 202 -52.04 18.65 31.31
N SER G 203 -50.94 18.31 31.99
CA SER G 203 -50.94 18.15 33.44
C SER G 203 -50.46 19.40 34.16
N ASP G 204 -50.83 19.55 35.43
CA ASP G 204 -50.36 20.65 36.25
C ASP G 204 -48.93 20.41 36.79
N GLY G 205 -48.55 19.13 36.89
CA GLY G 205 -47.26 18.68 37.36
C GLY G 205 -47.06 17.19 37.13
N ILE G 206 -45.90 16.66 37.54
CA ILE G 206 -45.56 15.24 37.36
C ILE G 206 -45.05 14.61 38.66
N MET G 207 -45.34 13.33 38.86
CA MET G 207 -44.78 12.58 39.99
C MET G 207 -43.99 11.43 39.39
N VAL G 208 -42.70 11.33 39.77
CA VAL G 208 -41.84 10.25 39.34
C VAL G 208 -42.16 9.13 40.30
N ALA G 209 -43.16 8.30 39.96
CA ALA G 209 -43.64 7.17 40.75
C ALA G 209 -42.66 6.01 40.55
N ARG G 210 -41.53 6.09 41.26
CA ARG G 210 -40.38 5.18 41.16
C ARG G 210 -40.66 3.71 41.45
N GLY G 211 -41.61 3.41 42.34
CA GLY G 211 -41.96 2.05 42.71
C GLY G 211 -42.41 1.21 41.52
N ASP G 212 -43.53 1.60 40.91
CA ASP G 212 -44.05 0.88 39.74
C ASP G 212 -43.11 1.05 38.55
N LEU G 213 -42.49 2.23 38.41
CA LEU G 213 -41.55 2.50 37.32
C LEU G 213 -40.38 1.52 37.37
N GLY G 214 -39.87 1.23 38.56
CA GLY G 214 -38.79 0.29 38.79
C GLY G 214 -39.14 -1.17 38.53
N ILE G 215 -40.44 -1.45 38.30
CA ILE G 215 -41.03 -2.75 38.00
C ILE G 215 -41.29 -2.86 36.49
N GLU G 216 -41.80 -1.77 35.87
CA GLU G 216 -42.10 -1.73 34.43
C GLU G 216 -40.80 -1.65 33.60
N ILE G 217 -39.92 -0.71 33.96
CA ILE G 217 -38.63 -0.55 33.28
C ILE G 217 -37.51 -1.13 34.19
N PRO G 218 -36.34 -1.53 33.64
CA PRO G 218 -35.26 -2.07 34.51
C PRO G 218 -34.90 -1.11 35.65
N ALA G 219 -34.62 -1.65 36.84
CA ALA G 219 -34.29 -0.82 38.00
C ALA G 219 -33.08 0.11 37.77
N GLU G 220 -32.12 -0.35 36.99
CA GLU G 220 -30.92 0.45 36.70
C GLU G 220 -31.17 1.58 35.68
N LYS G 221 -32.39 1.69 35.14
CA LYS G 221 -32.72 2.76 34.19
C LYS G 221 -33.63 3.84 34.81
N VAL G 222 -34.16 3.63 36.02
CA VAL G 222 -35.08 4.55 36.68
C VAL G 222 -34.47 5.95 36.93
N PHE G 223 -33.17 6.01 37.29
CA PHE G 223 -32.52 7.31 37.53
C PHE G 223 -32.50 8.17 36.26
N LEU G 224 -32.45 7.54 35.07
CA LEU G 224 -32.44 8.26 33.81
C LEU G 224 -33.81 8.91 33.64
N ALA G 225 -34.88 8.15 33.90
CA ALA G 225 -36.25 8.62 33.81
C ALA G 225 -36.47 9.76 34.80
N GLN G 226 -36.02 9.60 36.06
CA GLN G 226 -36.16 10.61 37.09
C GLN G 226 -35.48 11.90 36.68
N LYS G 227 -34.18 11.85 36.36
CA LYS G 227 -33.42 13.03 35.98
C LYS G 227 -33.96 13.71 34.72
N MET G 228 -34.42 12.92 33.72
CA MET G 228 -34.99 13.48 32.50
C MET G 228 -36.28 14.24 32.81
N MET G 229 -37.21 13.60 33.54
CA MET G 229 -38.50 14.19 33.88
C MET G 229 -38.39 15.40 34.75
N ILE G 230 -37.48 15.38 35.73
CA ILE G 230 -37.28 16.55 36.59
C ILE G 230 -36.78 17.74 35.76
N GLY G 231 -35.78 17.50 34.89
CA GLY G 231 -35.22 18.51 34.02
C GLY G 231 -36.25 19.15 33.10
N ARG G 232 -37.07 18.31 32.45
CA ARG G 232 -38.13 18.81 31.57
C ARG G 232 -39.19 19.60 32.34
N CYS G 233 -39.48 19.20 33.60
CA CYS G 233 -40.45 19.89 34.45
C CYS G 233 -39.92 21.25 34.86
N ASN G 234 -38.63 21.32 35.21
CA ASN G 234 -37.98 22.57 35.60
C ASN G 234 -38.06 23.59 34.45
N LEU G 235 -37.85 23.11 33.21
CA LEU G 235 -37.89 23.90 31.99
C LEU G 235 -39.31 24.40 31.78
N ALA G 236 -40.30 23.48 31.88
CA ALA G 236 -41.70 23.82 31.71
C ALA G 236 -42.28 24.71 32.82
N GLY G 237 -41.60 24.79 33.96
CA GLY G 237 -42.05 25.55 35.10
C GLY G 237 -43.16 24.87 35.87
N LYS G 238 -43.36 23.55 35.66
CA LYS G 238 -44.41 22.78 36.31
C LYS G 238 -43.83 21.92 37.43
N PRO G 239 -44.53 21.83 38.57
CA PRO G 239 -44.00 21.04 39.70
C PRO G 239 -43.67 19.58 39.39
N VAL G 240 -42.63 19.07 40.07
CA VAL G 240 -42.21 17.69 39.91
C VAL G 240 -41.95 17.07 41.29
N VAL G 241 -42.43 15.84 41.51
CA VAL G 241 -42.32 15.15 42.79
C VAL G 241 -41.48 13.87 42.68
N CYS G 242 -40.53 13.67 43.61
CA CYS G 242 -39.77 12.42 43.69
C CYS G 242 -40.55 11.59 44.74
N ALA G 243 -40.93 10.32 44.41
CA ALA G 243 -41.89 9.64 45.27
C ALA G 243 -41.52 8.38 46.10
N THR G 244 -40.88 7.33 45.55
CA THR G 244 -40.83 6.06 46.30
C THR G 244 -39.47 5.60 46.91
N GLN G 245 -39.56 4.98 48.11
CA GLN G 245 -38.50 4.33 48.88
C GLN G 245 -37.35 5.25 49.26
N MET G 246 -37.61 6.56 49.39
CA MET G 246 -36.60 7.56 49.73
C MET G 246 -35.90 7.32 51.09
N LEU G 247 -36.66 6.96 52.13
CA LEU G 247 -36.11 6.67 53.45
C LEU G 247 -36.72 5.33 53.92
N GLU G 248 -36.82 4.34 53.03
CA GLU G 248 -37.44 3.03 53.27
C GLU G 248 -37.05 2.35 54.58
N SER G 249 -35.76 2.32 54.93
CA SER G 249 -35.30 1.69 56.18
C SER G 249 -35.87 2.36 57.43
N MET G 250 -36.42 3.59 57.32
CA MET G 250 -37.00 4.27 58.47
C MET G 250 -38.40 3.75 58.84
N ILE G 251 -38.95 2.77 58.09
CA ILE G 251 -40.20 2.12 58.44
C ILE G 251 -39.94 1.29 59.72
N THR G 252 -38.78 0.61 59.81
CA THR G 252 -38.43 -0.18 60.98
C THR G 252 -37.29 0.42 61.83
N LYS G 253 -36.40 1.23 61.24
CA LYS G 253 -35.24 1.76 61.97
C LYS G 253 -35.31 3.28 62.24
N PRO G 254 -34.77 3.75 63.39
CA PRO G 254 -34.85 5.20 63.70
C PRO G 254 -33.95 6.10 62.86
N ARG G 255 -32.99 5.50 62.12
CA ARG G 255 -32.06 6.23 61.26
C ARG G 255 -31.99 5.59 59.87
N PRO G 256 -31.90 6.43 58.83
CA PRO G 256 -31.83 5.87 57.47
C PRO G 256 -30.43 5.41 57.04
N THR G 257 -30.34 4.72 55.89
CA THR G 257 -29.05 4.29 55.37
C THR G 257 -28.33 5.45 54.66
N ARG G 258 -27.03 5.28 54.37
CA ARG G 258 -26.25 6.29 53.66
C ARG G 258 -26.78 6.48 52.24
N ALA G 259 -27.31 5.42 51.62
CA ALA G 259 -27.92 5.51 50.29
C ALA G 259 -29.20 6.35 50.32
N GLU G 260 -29.98 6.23 51.42
CA GLU G 260 -31.24 6.93 51.57
C GLU G 260 -31.08 8.43 51.74
N THR G 261 -30.18 8.85 52.63
CA THR G 261 -29.93 10.29 52.81
C THR G 261 -29.34 10.90 51.53
N SER G 262 -28.56 10.10 50.77
CA SER G 262 -27.97 10.50 49.51
C SER G 262 -29.09 10.67 48.47
N ASP G 263 -30.05 9.73 48.42
CA ASP G 263 -31.16 9.77 47.48
C ASP G 263 -32.02 11.03 47.65
N VAL G 264 -32.36 11.37 48.91
CA VAL G 264 -33.15 12.55 49.22
C VAL G 264 -32.39 13.81 48.78
N ALA G 265 -31.12 13.91 49.16
CA ALA G 265 -30.28 15.04 48.80
C ALA G 265 -30.15 15.20 47.30
N ASN G 266 -30.00 14.07 46.58
CA ASN G 266 -29.87 14.07 45.13
C ASN G 266 -31.16 14.37 44.42
N ALA G 267 -32.33 14.06 45.02
CA ALA G 267 -33.60 14.41 44.40
C ALA G 267 -33.75 15.94 44.39
N VAL G 268 -33.33 16.60 45.47
CA VAL G 268 -33.35 18.06 45.62
C VAL G 268 -32.38 18.66 44.64
N LEU G 269 -31.14 18.13 44.57
CA LEU G 269 -30.13 18.61 43.64
C LEU G 269 -30.53 18.41 42.18
N ASP G 270 -31.32 17.37 41.89
CA ASP G 270 -31.83 17.14 40.53
C ASP G 270 -32.78 18.27 40.10
N GLY G 271 -33.53 18.82 41.05
CA GLY G 271 -34.46 19.92 40.83
C GLY G 271 -35.90 19.60 41.19
N ALA G 272 -36.12 18.60 42.05
CA ALA G 272 -37.48 18.22 42.45
C ALA G 272 -38.11 19.25 43.37
N ASP G 273 -39.39 19.58 43.11
CA ASP G 273 -40.14 20.55 43.92
C ASP G 273 -40.62 19.93 45.22
N CYS G 274 -40.94 18.62 45.18
CA CYS G 274 -41.48 17.90 46.32
C CYS G 274 -40.80 16.55 46.49
N ILE G 275 -40.62 16.15 47.75
CA ILE G 275 -40.12 14.82 48.12
C ILE G 275 -41.23 14.11 48.93
N MET G 276 -41.37 12.79 48.73
CA MET G 276 -42.46 12.05 49.35
C MET G 276 -42.06 10.91 50.29
N LEU G 277 -42.93 10.68 51.29
CA LEU G 277 -42.83 9.60 52.25
C LEU G 277 -44.12 8.80 52.09
N SER G 278 -44.00 7.50 51.82
CA SER G 278 -45.17 6.65 51.61
C SER G 278 -44.90 5.29 52.21
N GLY G 279 -45.26 5.14 53.47
CA GLY G 279 -44.95 3.89 54.17
C GLY G 279 -44.06 4.22 55.34
N GLU G 280 -43.09 5.12 55.12
CA GLU G 280 -42.23 5.67 56.17
C GLU G 280 -43.12 6.46 57.16
N THR G 281 -44.18 7.15 56.65
CA THR G 281 -45.14 7.89 57.45
C THR G 281 -46.50 7.15 57.56
N ALA G 282 -46.87 6.40 56.52
CA ALA G 282 -48.13 5.68 56.52
C ALA G 282 -48.23 4.51 57.50
N LYS G 283 -47.20 3.64 57.56
CA LYS G 283 -47.27 2.47 58.43
C LYS G 283 -46.04 2.20 59.31
N GLY G 284 -44.97 2.95 59.09
CA GLY G 284 -43.71 2.77 59.81
C GLY G 284 -43.70 3.27 61.24
N ASN G 285 -42.79 2.72 62.05
CA ASN G 285 -42.62 3.01 63.48
C ASN G 285 -42.10 4.41 63.76
N PHE G 286 -41.51 5.09 62.75
CA PHE G 286 -40.93 6.41 62.94
C PHE G 286 -41.46 7.41 61.91
N PRO G 287 -42.76 7.77 61.93
CA PRO G 287 -43.28 8.69 60.91
C PRO G 287 -42.82 10.13 61.07
N VAL G 288 -42.79 10.64 62.30
CA VAL G 288 -42.35 12.01 62.57
C VAL G 288 -40.84 12.16 62.33
N GLU G 289 -40.08 11.10 62.65
CA GLU G 289 -38.63 11.07 62.48
C GLU G 289 -38.25 11.11 60.99
N ALA G 290 -39.06 10.47 60.13
CA ALA G 290 -38.85 10.45 58.69
C ALA G 290 -39.10 11.85 58.09
N VAL G 291 -40.09 12.58 58.63
CA VAL G 291 -40.42 13.95 58.20
C VAL G 291 -39.26 14.87 58.62
N LYS G 292 -38.85 14.77 59.88
CA LYS G 292 -37.74 15.57 60.40
C LYS G 292 -36.44 15.34 59.61
N MET G 293 -36.18 14.07 59.23
CA MET G 293 -35.01 13.67 58.46
C MET G 293 -35.03 14.27 57.06
N GLN G 294 -36.16 14.14 56.37
CA GLN G 294 -36.32 14.72 55.02
C GLN G 294 -36.16 16.25 55.07
N HIS G 295 -36.64 16.88 56.13
CA HIS G 295 -36.52 18.33 56.29
C HIS G 295 -35.03 18.70 56.42
N ALA G 296 -34.31 18.01 57.32
CA ALA G 296 -32.90 18.25 57.60
C ALA G 296 -32.01 18.11 56.35
N ILE G 297 -32.23 17.05 55.54
CA ILE G 297 -31.49 16.78 54.32
C ILE G 297 -31.80 17.84 53.27
N ALA G 298 -33.10 18.16 53.10
CA ALA G 298 -33.50 19.14 52.10
C ALA G 298 -32.88 20.51 52.33
N ARG G 299 -32.77 20.96 53.58
CA ARG G 299 -32.12 22.24 53.87
C ARG G 299 -30.66 22.25 53.43
N GLU G 300 -29.95 21.13 53.69
CA GLU G 300 -28.55 21.01 53.32
C GLU G 300 -28.38 20.97 51.81
N ALA G 301 -29.24 20.22 51.12
CA ALA G 301 -29.17 20.07 49.68
C ALA G 301 -29.53 21.34 48.94
N GLU G 302 -30.49 22.11 49.47
CA GLU G 302 -30.89 23.36 48.82
C GLU G 302 -29.80 24.42 48.87
N ALA G 303 -29.06 24.47 49.96
CA ALA G 303 -27.96 25.43 50.08
C ALA G 303 -26.81 25.06 49.13
N ALA G 304 -26.64 23.75 48.81
CA ALA G 304 -25.61 23.23 47.92
C ALA G 304 -25.99 23.26 46.42
N VAL G 305 -27.13 23.89 46.08
CA VAL G 305 -27.54 24.00 44.67
C VAL G 305 -26.63 25.05 44.00
N TYR G 306 -26.10 24.73 42.81
CA TYR G 306 -25.24 25.67 42.10
C TYR G 306 -26.08 26.67 41.31
N HIS G 307 -26.59 27.70 42.01
CA HIS G 307 -27.48 28.71 41.46
C HIS G 307 -26.94 29.46 40.22
N ARG G 308 -25.61 29.69 40.13
CA ARG G 308 -25.09 30.43 38.98
C ARG G 308 -25.37 29.77 37.66
N GLN G 309 -25.09 28.46 37.56
CA GLN G 309 -25.36 27.74 36.33
C GLN G 309 -26.84 27.44 36.15
N LEU G 310 -27.51 27.11 37.24
CA LEU G 310 -28.94 26.82 37.21
C LEU G 310 -29.75 28.01 36.66
N PHE G 311 -29.50 29.23 37.18
CA PHE G 311 -30.18 30.45 36.73
C PHE G 311 -29.83 30.83 35.31
N GLU G 312 -28.54 30.80 34.94
CA GLU G 312 -28.07 31.12 33.61
C GLU G 312 -28.72 30.20 32.57
N GLU G 313 -28.77 28.89 32.86
CA GLU G 313 -29.37 27.92 31.95
C GLU G 313 -30.87 28.08 31.85
N LEU G 314 -31.52 28.38 33.00
CA LEU G 314 -32.98 28.59 33.08
C LEU G 314 -33.37 29.75 32.18
N ARG G 315 -32.60 30.85 32.21
CA ARG G 315 -32.84 32.04 31.38
C ARG G 315 -32.63 31.75 29.90
N ARG G 316 -31.51 31.09 29.54
CA ARG G 316 -31.20 30.79 28.15
C ARG G 316 -32.23 29.85 27.51
N ALA G 317 -32.87 28.99 28.31
CA ALA G 317 -33.86 28.05 27.81
C ALA G 317 -35.26 28.64 27.81
N ALA G 318 -35.59 29.48 28.81
CA ALA G 318 -36.91 30.11 28.88
C ALA G 318 -37.09 31.10 27.75
N PRO G 319 -38.17 30.93 26.96
CA PRO G 319 -38.39 31.82 25.82
C PRO G 319 -38.76 33.24 26.22
N LEU G 320 -38.59 34.18 25.29
CA LEU G 320 -38.97 35.58 25.51
C LEU G 320 -40.47 35.65 25.72
N SER G 321 -40.92 36.54 26.59
CA SER G 321 -42.32 36.63 26.92
C SER G 321 -42.83 38.04 26.91
N ARG G 322 -44.04 38.24 26.39
CA ARG G 322 -44.70 39.54 26.45
C ARG G 322 -45.70 39.64 27.62
N ASP G 323 -45.72 38.61 28.53
CA ASP G 323 -46.58 38.56 29.71
C ASP G 323 -45.89 39.32 30.83
N PRO G 324 -46.52 40.40 31.32
CA PRO G 324 -45.89 41.19 32.38
C PRO G 324 -45.59 40.43 33.66
N THR G 325 -46.35 39.36 33.96
CA THR G 325 -46.12 38.56 35.16
C THR G 325 -44.79 37.80 35.01
N GLU G 326 -44.58 37.22 33.84
CA GLU G 326 -43.35 36.48 33.52
C GLU G 326 -42.12 37.41 33.45
N VAL G 327 -42.31 38.62 32.88
CA VAL G 327 -41.27 39.63 32.75
C VAL G 327 -40.87 40.16 34.12
N THR G 328 -41.86 40.39 35.00
CA THR G 328 -41.61 40.85 36.37
C THR G 328 -40.91 39.75 37.18
N ALA G 329 -41.28 38.47 36.95
CA ALA G 329 -40.66 37.34 37.63
C ALA G 329 -39.13 37.31 37.47
N ILE G 330 -38.57 37.34 36.22
CA ILE G 330 -37.10 37.35 36.09
C ILE G 330 -36.48 38.58 36.67
N GLY G 331 -37.08 39.74 36.44
CA GLY G 331 -36.59 41.00 36.97
C GLY G 331 -36.43 40.97 38.48
N ALA G 332 -37.42 40.39 39.19
CA ALA G 332 -37.43 40.25 40.64
C ALA G 332 -36.39 39.22 41.10
N VAL G 333 -36.30 38.05 40.43
CA VAL G 333 -35.33 37.01 40.77
C VAL G 333 -33.87 37.51 40.58
N GLU G 334 -33.61 38.23 39.49
CA GLU G 334 -32.31 38.83 39.18
C GLU G 334 -31.94 39.86 40.25
N ALA G 335 -32.92 40.71 40.63
CA ALA G 335 -32.74 41.73 41.66
C ALA G 335 -32.47 41.10 43.02
N ALA G 336 -33.10 39.96 43.31
CA ALA G 336 -32.90 39.27 44.57
C ALA G 336 -31.50 38.70 44.67
N PHE G 337 -30.96 38.19 43.55
CA PHE G 337 -29.61 37.63 43.52
C PHE G 337 -28.57 38.73 43.69
N LYS G 338 -28.81 39.91 43.06
CA LYS G 338 -27.91 41.06 43.10
C LYS G 338 -27.65 41.59 44.50
N CYS G 339 -28.66 41.59 45.37
CA CYS G 339 -28.50 42.12 46.72
C CYS G 339 -28.53 41.08 47.82
N CYS G 340 -28.68 39.78 47.48
CA CYS G 340 -28.83 38.70 48.46
C CYS G 340 -30.09 38.97 49.29
N ALA G 341 -31.20 39.21 48.58
CA ALA G 341 -32.48 39.49 49.21
C ALA G 341 -32.90 38.32 50.11
N ALA G 342 -33.34 38.63 51.33
CA ALA G 342 -33.78 37.60 52.28
C ALA G 342 -34.97 36.84 51.73
N ALA G 343 -35.91 37.57 51.11
CA ALA G 343 -37.11 36.98 50.55
C ALA G 343 -37.77 37.92 49.50
N ILE G 344 -38.62 37.36 48.67
CA ILE G 344 -39.41 38.05 47.67
C ILE G 344 -40.88 37.90 48.09
N ILE G 345 -41.54 39.02 48.47
CA ILE G 345 -42.94 38.97 48.88
C ILE G 345 -43.84 39.25 47.70
N VAL G 346 -44.65 38.28 47.32
CA VAL G 346 -45.55 38.41 46.19
C VAL G 346 -47.03 38.25 46.59
N LEU G 347 -47.90 39.15 46.11
CA LEU G 347 -49.32 39.05 46.37
C LEU G 347 -49.91 38.24 45.23
N THR G 348 -50.58 37.15 45.55
CA THR G 348 -51.14 36.27 44.52
C THR G 348 -52.57 35.84 44.86
N THR G 349 -53.39 35.63 43.83
CA THR G 349 -54.77 35.24 43.99
C THR G 349 -54.90 33.75 43.64
N THR G 350 -54.33 33.36 42.50
CA THR G 350 -54.32 31.99 42.00
C THR G 350 -53.00 31.23 42.29
N GLY G 351 -51.97 31.96 42.71
CA GLY G 351 -50.65 31.41 42.96
C GLY G 351 -49.72 31.49 41.76
N ARG G 352 -50.24 31.89 40.59
CA ARG G 352 -49.47 31.97 39.35
C ARG G 352 -48.25 32.88 39.44
N SER G 353 -48.38 34.06 40.06
CA SER G 353 -47.24 34.96 40.20
C SER G 353 -46.10 34.32 40.98
N ALA G 354 -46.43 33.64 42.09
CA ALA G 354 -45.46 32.95 42.92
C ALA G 354 -44.84 31.77 42.18
N GLN G 355 -45.63 31.06 41.36
CA GLN G 355 -45.18 29.93 40.57
C GLN G 355 -44.15 30.36 39.52
N LEU G 356 -44.38 31.52 38.87
CA LEU G 356 -43.45 32.06 37.87
C LEU G 356 -42.14 32.50 38.48
N LEU G 357 -42.16 33.03 39.73
CA LEU G 357 -40.94 33.41 40.42
C LEU G 357 -40.15 32.12 40.76
N SER G 358 -40.87 31.07 41.20
CA SER G 358 -40.37 29.75 41.58
C SER G 358 -39.63 29.06 40.44
N ARG G 359 -40.10 29.27 39.20
CA ARG G 359 -39.50 28.68 38.00
C ARG G 359 -38.02 29.07 37.85
N TYR G 360 -37.68 30.31 38.22
CA TYR G 360 -36.30 30.80 38.13
C TYR G 360 -35.40 30.35 39.30
N ARG G 361 -35.92 29.52 40.23
CA ARG G 361 -35.21 28.97 41.36
C ARG G 361 -34.33 29.97 42.12
N PRO G 362 -34.91 31.06 42.65
CA PRO G 362 -34.08 32.03 43.39
C PRO G 362 -33.62 31.46 44.73
N ARG G 363 -32.50 31.97 45.23
CA ARG G 363 -32.04 31.58 46.56
C ARG G 363 -32.95 32.23 47.64
N ALA G 364 -33.57 33.39 47.32
CA ALA G 364 -34.48 34.13 48.19
C ALA G 364 -35.84 33.41 48.30
N ALA G 365 -36.45 33.46 49.48
CA ALA G 365 -37.75 32.85 49.74
C ALA G 365 -38.86 33.48 48.88
N VAL G 366 -39.93 32.75 48.58
CA VAL G 366 -41.04 33.32 47.81
C VAL G 366 -42.28 33.35 48.68
N ILE G 367 -42.39 34.42 49.48
CA ILE G 367 -43.51 34.61 50.38
C ILE G 367 -44.78 34.98 49.59
N ALA G 368 -45.69 34.01 49.37
CA ALA G 368 -46.92 34.28 48.62
C ALA G 368 -48.13 34.60 49.56
N VAL G 369 -48.49 35.92 49.65
CA VAL G 369 -49.60 36.45 50.48
C VAL G 369 -50.93 36.36 49.70
N THR G 370 -51.77 35.40 50.08
CA THR G 370 -53.03 35.17 49.36
C THR G 370 -54.23 35.11 50.29
N ARG G 371 -55.39 35.49 49.76
CA ARG G 371 -56.65 35.36 50.49
C ARG G 371 -57.32 34.01 50.19
N SER G 372 -56.92 33.33 49.08
CA SER G 372 -57.46 32.03 48.68
C SER G 372 -56.80 30.92 49.50
N ALA G 373 -57.59 30.24 50.34
CA ALA G 373 -57.09 29.13 51.16
C ALA G 373 -56.65 27.95 50.30
N GLN G 374 -57.29 27.74 49.13
CA GLN G 374 -56.89 26.66 48.24
C GLN G 374 -55.55 26.96 47.57
N ALA G 375 -55.35 28.21 47.11
CA ALA G 375 -54.09 28.65 46.48
C ALA G 375 -52.95 28.51 47.47
N ALA G 376 -53.17 28.89 48.73
CA ALA G 376 -52.18 28.79 49.80
C ALA G 376 -51.72 27.34 50.00
N ARG G 377 -52.63 26.38 49.89
CA ARG G 377 -52.29 24.98 50.05
C ARG G 377 -51.62 24.45 48.81
N GLN G 378 -52.15 24.78 47.63
CA GLN G 378 -51.63 24.31 46.36
C GLN G 378 -50.22 24.83 45.98
N VAL G 379 -49.82 26.04 46.46
CA VAL G 379 -48.49 26.55 46.14
C VAL G 379 -47.36 25.76 46.81
N HIS G 380 -47.68 24.79 47.70
CA HIS G 380 -46.67 23.89 48.29
C HIS G 380 -46.03 23.01 47.17
N LEU G 381 -46.75 22.80 46.05
CA LEU G 381 -46.23 22.06 44.91
C LEU G 381 -45.06 22.79 44.23
N CYS G 382 -44.92 24.11 44.44
CA CYS G 382 -43.86 24.93 43.85
C CYS G 382 -42.74 25.13 44.84
N ARG G 383 -41.51 24.77 44.46
CA ARG G 383 -40.34 24.89 45.30
C ARG G 383 -39.99 26.34 45.64
N GLY G 384 -39.80 26.58 46.92
CA GLY G 384 -39.41 27.89 47.41
C GLY G 384 -40.54 28.84 47.71
N VAL G 385 -41.80 28.40 47.47
CA VAL G 385 -42.97 29.23 47.74
C VAL G 385 -43.56 28.91 49.12
N PHE G 386 -43.49 29.89 50.03
CA PHE G 386 -43.96 29.80 51.42
C PHE G 386 -45.28 30.54 51.58
N PRO G 387 -46.40 29.79 51.59
CA PRO G 387 -47.71 30.44 51.66
C PRO G 387 -48.14 31.02 53.00
N LEU G 388 -48.71 32.22 52.95
CA LEU G 388 -49.30 32.88 54.10
C LEU G 388 -50.75 33.15 53.73
N LEU G 389 -51.70 32.74 54.58
CA LEU G 389 -53.12 33.00 54.31
C LEU G 389 -53.58 34.26 55.01
N TYR G 390 -53.92 35.28 54.23
CA TYR G 390 -54.42 36.56 54.71
C TYR G 390 -55.91 36.38 54.90
N ARG G 391 -56.44 36.75 56.08
CA ARG G 391 -57.87 36.60 56.32
C ARG G 391 -58.61 37.93 56.40
N GLU G 392 -58.04 38.97 57.09
CA GLU G 392 -58.63 40.31 57.26
C GLU G 392 -59.48 40.79 56.03
N PRO G 393 -60.55 41.55 56.28
CA PRO G 393 -61.40 41.99 55.17
C PRO G 393 -60.78 43.12 54.35
N PRO G 394 -61.20 43.26 53.08
CA PRO G 394 -60.62 44.31 52.23
C PRO G 394 -60.77 45.74 52.73
N GLU G 395 -59.69 46.53 52.66
CA GLU G 395 -59.66 47.95 53.00
C GLU G 395 -60.40 48.76 51.93
N ALA G 396 -60.88 49.96 52.30
CA ALA G 396 -61.60 50.80 51.35
C ALA G 396 -60.65 51.27 50.24
N ILE G 397 -59.44 51.70 50.64
CA ILE G 397 -58.44 52.17 49.68
C ILE G 397 -57.57 50.99 49.21
N TRP G 398 -57.68 50.66 47.91
CA TRP G 398 -56.96 49.58 47.25
C TRP G 398 -55.46 49.56 47.56
N ALA G 399 -54.78 50.71 47.42
CA ALA G 399 -53.35 50.82 47.71
C ALA G 399 -53.02 50.51 49.18
N ASP G 400 -53.94 50.82 50.09
CA ASP G 400 -53.77 50.55 51.52
C ASP G 400 -53.94 49.06 51.82
N ASP G 401 -54.86 48.39 51.11
CA ASP G 401 -55.09 46.96 51.25
C ASP G 401 -53.85 46.19 50.80
N VAL G 402 -53.21 46.64 49.71
CA VAL G 402 -51.99 46.04 49.17
C VAL G 402 -50.88 46.20 50.17
N ASP G 403 -50.68 47.42 50.71
CA ASP G 403 -49.64 47.68 51.70
C ASP G 403 -49.83 46.91 53.00
N ARG G 404 -51.08 46.63 53.38
CA ARG G 404 -51.36 45.84 54.56
C ARG G 404 -51.00 44.38 54.33
N ARG G 405 -51.26 43.87 53.11
CA ARG G 405 -50.89 42.50 52.75
C ARG G 405 -49.37 42.34 52.66
N VAL G 406 -48.67 43.38 52.19
CA VAL G 406 -47.21 43.40 52.11
C VAL G 406 -46.63 43.40 53.53
N GLN G 407 -47.21 44.21 54.42
CA GLN G 407 -46.79 44.25 55.81
C GLN G 407 -47.10 42.93 56.55
N PHE G 408 -48.17 42.23 56.15
CA PHE G 408 -48.52 40.92 56.70
C PHE G 408 -47.44 39.90 56.39
N GLY G 409 -46.88 39.97 55.17
CA GLY G 409 -45.80 39.11 54.75
C GLY G 409 -44.54 39.40 55.53
N ILE G 410 -44.25 40.69 55.74
CA ILE G 410 -43.08 41.12 56.50
C ILE G 410 -43.18 40.65 57.95
N GLU G 411 -44.37 40.79 58.56
CA GLU G 411 -44.57 40.39 59.95
C GLU G 411 -44.48 38.89 60.14
N SER G 412 -45.08 38.10 59.22
CA SER G 412 -44.97 36.65 59.30
C SER G 412 -43.52 36.22 59.09
N GLY G 413 -42.82 36.87 58.16
CA GLY G 413 -41.43 36.59 57.86
C GLY G 413 -40.51 36.89 59.02
N LYS G 414 -40.78 37.97 59.74
CA LYS G 414 -39.99 38.35 60.90
C LYS G 414 -40.20 37.32 62.02
N LEU G 415 -41.47 36.96 62.26
CA LEU G 415 -41.87 36.00 63.29
C LEU G 415 -41.27 34.62 63.04
N ARG G 416 -41.27 34.18 61.78
CA ARG G 416 -40.72 32.88 61.40
C ARG G 416 -39.20 32.85 61.21
N GLY G 417 -38.52 33.97 61.42
CA GLY G 417 -37.08 34.03 61.31
C GLY G 417 -36.52 34.21 59.91
N PHE G 418 -37.39 34.33 58.89
CA PHE G 418 -36.97 34.53 57.51
C PHE G 418 -36.38 35.94 57.31
N LEU G 419 -36.95 36.93 58.00
CA LEU G 419 -36.54 38.31 57.85
C LEU G 419 -36.06 38.92 59.13
N ARG G 420 -35.11 39.82 59.02
CA ARG G 420 -34.56 40.63 60.11
C ARG G 420 -34.55 42.10 59.68
N VAL G 421 -34.56 43.02 60.65
CA VAL G 421 -34.51 44.45 60.35
C VAL G 421 -33.14 44.75 59.73
N GLY G 422 -33.15 45.45 58.60
CA GLY G 422 -31.94 45.75 57.87
C GLY G 422 -31.83 44.98 56.57
N ASP G 423 -32.53 43.83 56.47
CA ASP G 423 -32.56 43.00 55.27
C ASP G 423 -33.19 43.72 54.08
N LEU G 424 -32.91 43.24 52.86
CA LEU G 424 -33.52 43.78 51.66
C LEU G 424 -34.49 42.74 51.13
N VAL G 425 -35.68 43.18 50.72
CA VAL G 425 -36.67 42.27 50.13
C VAL G 425 -37.16 42.82 48.80
N ILE G 426 -37.58 41.93 47.91
CA ILE G 426 -38.13 42.32 46.62
C ILE G 426 -39.65 42.15 46.76
N VAL G 427 -40.46 43.18 46.47
CA VAL G 427 -41.93 43.09 46.60
C VAL G 427 -42.67 43.10 45.22
N VAL G 428 -43.14 41.92 44.80
CA VAL G 428 -43.83 41.77 43.52
C VAL G 428 -45.33 41.95 43.68
N THR G 429 -45.87 43.02 43.05
CA THR G 429 -47.29 43.42 43.12
C THR G 429 -47.88 43.75 41.71
N GLY G 430 -49.17 44.09 41.65
CA GLY G 430 -49.82 44.45 40.40
C GLY G 430 -50.38 45.86 40.41
N TRP G 431 -50.83 46.34 39.24
CA TRP G 431 -51.37 47.69 39.09
C TRP G 431 -52.87 47.83 39.36
N ARG G 432 -53.58 46.71 39.50
CA ARG G 432 -55.03 46.73 39.74
C ARG G 432 -55.50 45.40 40.40
N PRO G 433 -56.69 45.38 41.02
CA PRO G 433 -57.18 44.13 41.63
C PRO G 433 -57.49 43.04 40.60
N GLY G 434 -57.65 41.82 41.08
CA GLY G 434 -57.90 40.68 40.21
C GLY G 434 -56.61 40.02 39.77
N SER G 435 -56.64 38.72 39.51
CA SER G 435 -55.43 38.01 39.09
C SER G 435 -55.01 38.35 37.66
N GLY G 436 -53.73 38.17 37.37
CA GLY G 436 -53.15 38.37 36.05
C GLY G 436 -52.63 39.76 35.76
N TYR G 437 -52.54 40.63 36.77
CA TYR G 437 -52.06 42.00 36.56
C TYR G 437 -50.77 42.33 37.28
N THR G 438 -49.96 41.30 37.60
CA THR G 438 -48.66 41.54 38.24
C THR G 438 -47.75 42.25 37.24
N ASN G 439 -47.12 43.36 37.66
CA ASN G 439 -46.24 44.12 36.79
C ASN G 439 -45.23 45.00 37.55
N ILE G 440 -45.26 45.00 38.89
CA ILE G 440 -44.39 45.87 39.68
C ILE G 440 -43.42 45.07 40.53
N MET G 441 -42.19 45.56 40.66
CA MET G 441 -41.15 44.98 41.49
C MET G 441 -40.52 46.13 42.28
N ARG G 442 -40.39 45.98 43.61
CA ARG G 442 -39.79 47.03 44.43
C ARG G 442 -38.68 46.51 45.33
N VAL G 443 -37.70 47.33 45.63
CA VAL G 443 -36.62 46.97 46.55
C VAL G 443 -36.94 47.64 47.88
N LEU G 444 -37.16 46.85 48.94
CA LEU G 444 -37.48 47.42 50.25
C LEU G 444 -36.45 47.08 51.29
N SER G 445 -36.24 47.99 52.23
CA SER G 445 -35.35 47.75 53.36
C SER G 445 -36.26 47.45 54.56
N ILE G 446 -36.05 46.32 55.24
CA ILE G 446 -36.86 45.92 56.38
C ILE G 446 -36.63 46.85 57.56
N SER G 447 -37.72 47.50 58.02
CA SER G 447 -37.70 48.43 59.13
C SER G 447 -38.40 47.82 60.36
N ALA H 25 22.66 -15.62 -55.80
CA ALA H 25 22.83 -17.05 -55.99
C ALA H 25 23.13 -17.82 -54.70
N PHE H 26 22.77 -17.24 -53.53
CA PHE H 26 22.94 -17.85 -52.19
C PHE H 26 21.96 -19.02 -51.93
N PHE H 27 21.33 -19.55 -53.00
CA PHE H 27 20.28 -20.57 -52.93
C PHE H 27 20.61 -21.61 -53.97
N GLN H 28 20.81 -21.21 -55.24
CA GLN H 28 21.22 -22.16 -56.28
C GLN H 28 22.71 -22.54 -56.17
N GLN H 29 23.31 -22.36 -54.97
CA GLN H 29 24.69 -22.70 -54.64
C GLN H 29 24.74 -24.22 -54.27
N GLN H 30 25.74 -24.68 -53.52
CA GLN H 30 25.85 -26.11 -53.17
C GLN H 30 24.90 -26.47 -52.02
N GLN H 31 23.58 -26.47 -52.29
CA GLN H 31 22.51 -26.75 -51.34
C GLN H 31 22.52 -25.78 -50.14
N LEU H 32 22.71 -24.47 -50.41
CA LEU H 32 22.81 -23.51 -49.33
C LEU H 32 21.59 -23.44 -48.40
N PRO H 33 20.33 -23.35 -48.87
CA PRO H 33 19.20 -23.33 -47.92
C PRO H 33 19.02 -24.66 -47.16
N ALA H 34 19.51 -25.78 -47.69
CA ALA H 34 19.43 -27.06 -46.98
C ALA H 34 20.41 -27.06 -45.79
N ALA H 35 21.59 -26.45 -45.95
CA ALA H 35 22.56 -26.36 -44.85
C ALA H 35 22.17 -25.28 -43.84
N MET H 36 21.43 -24.23 -44.27
CA MET H 36 20.96 -23.17 -43.38
C MET H 36 19.69 -23.54 -42.57
N ALA H 37 19.12 -24.75 -42.78
CA ALA H 37 17.92 -25.16 -42.06
C ALA H 37 18.17 -25.35 -40.57
N ASP H 38 17.13 -25.15 -39.76
CA ASP H 38 17.25 -25.26 -38.31
C ASP H 38 17.12 -26.68 -37.79
N THR H 39 16.51 -27.58 -38.57
CA THR H 39 16.41 -29.00 -38.18
C THR H 39 16.86 -29.90 -39.31
N PHE H 40 17.17 -31.17 -39.00
CA PHE H 40 17.53 -32.15 -40.02
C PHE H 40 16.32 -32.47 -40.92
N LEU H 41 15.10 -32.48 -40.34
CA LEU H 41 13.88 -32.71 -41.11
C LEU H 41 13.67 -31.55 -42.08
N GLU H 42 13.87 -30.30 -41.63
CA GLU H 42 13.77 -29.11 -42.48
C GLU H 42 14.87 -29.12 -43.57
N HIS H 43 16.06 -29.64 -43.22
CA HIS H 43 17.19 -29.80 -44.11
C HIS H 43 16.81 -30.75 -45.24
N LEU H 44 16.20 -31.91 -44.91
CA LEU H 44 15.76 -32.87 -45.93
C LEU H 44 14.72 -32.25 -46.88
N CYS H 45 13.78 -31.51 -46.31
CA CYS H 45 12.73 -30.84 -47.06
C CYS H 45 13.24 -29.76 -48.00
N LEU H 46 14.41 -29.17 -47.70
CA LEU H 46 14.96 -28.10 -48.52
C LEU H 46 15.99 -28.57 -49.56
N LEU H 47 16.19 -29.90 -49.71
CA LEU H 47 17.12 -30.43 -50.70
C LEU H 47 16.55 -30.19 -52.10
N ASP H 48 17.32 -29.58 -52.99
CA ASP H 48 16.89 -29.24 -54.35
C ASP H 48 17.79 -29.86 -55.41
N ILE H 49 17.21 -30.63 -56.34
CA ILE H 49 17.98 -31.25 -57.44
C ILE H 49 18.50 -30.18 -58.43
N ASP H 50 17.83 -29.03 -58.51
CA ASP H 50 18.26 -27.92 -59.36
C ASP H 50 19.29 -26.98 -58.70
N SER H 51 19.65 -27.23 -57.43
CA SER H 51 20.69 -26.49 -56.74
C SER H 51 21.95 -27.27 -57.13
N GLU H 52 22.73 -26.73 -58.09
CA GLU H 52 23.91 -27.42 -58.58
C GLU H 52 25.12 -27.27 -57.67
N PRO H 53 25.85 -28.37 -57.43
CA PRO H 53 27.05 -28.27 -56.58
C PRO H 53 28.14 -27.43 -57.26
N VAL H 54 28.74 -26.49 -56.52
CA VAL H 54 29.75 -25.60 -57.07
C VAL H 54 31.15 -25.95 -56.56
N ALA H 55 31.25 -26.36 -55.30
CA ALA H 55 32.54 -26.72 -54.70
C ALA H 55 33.20 -27.97 -55.33
N ALA H 56 34.54 -28.09 -55.19
CA ALA H 56 35.27 -29.23 -55.72
C ALA H 56 34.96 -30.48 -54.89
N ARG H 57 35.00 -31.64 -55.54
CA ARG H 57 34.69 -32.91 -54.90
C ARG H 57 35.75 -33.26 -53.86
N SER H 58 35.32 -33.36 -52.57
CA SER H 58 36.16 -33.60 -51.40
C SER H 58 36.45 -35.09 -51.05
N THR H 59 35.48 -36.01 -51.24
CA THR H 59 35.67 -37.44 -50.93
C THR H 59 36.56 -38.06 -51.99
N SER H 60 37.73 -38.56 -51.60
CA SER H 60 38.67 -39.13 -52.57
C SER H 60 38.20 -40.44 -53.15
N ILE H 61 38.63 -40.69 -54.39
CA ILE H 61 38.28 -41.89 -55.10
C ILE H 61 39.50 -42.78 -55.18
N ILE H 62 39.35 -44.02 -54.72
CA ILE H 62 40.40 -45.03 -54.78
C ILE H 62 40.00 -45.97 -55.90
N ALA H 63 40.81 -46.04 -56.97
CA ALA H 63 40.51 -46.91 -58.10
C ALA H 63 41.47 -48.08 -58.12
N THR H 64 40.96 -49.32 -58.20
CA THR H 64 41.82 -50.49 -58.26
C THR H 64 42.36 -50.66 -59.67
N ILE H 65 43.68 -50.75 -59.78
CA ILE H 65 44.35 -50.92 -61.06
C ILE H 65 44.46 -52.39 -61.43
N GLY H 66 43.89 -52.72 -62.58
CA GLY H 66 43.92 -54.08 -63.12
C GLY H 66 44.08 -54.09 -64.62
N PRO H 67 43.73 -55.21 -65.27
CA PRO H 67 43.87 -55.28 -66.74
C PRO H 67 43.11 -54.19 -67.50
N ALA H 68 41.92 -53.83 -67.03
CA ALA H 68 41.09 -52.80 -67.66
C ALA H 68 41.58 -51.36 -67.44
N SER H 69 42.59 -51.16 -66.57
CA SER H 69 43.04 -49.81 -66.23
C SER H 69 44.54 -49.57 -66.14
N ARG H 70 45.41 -50.54 -66.47
CA ARG H 70 46.86 -50.32 -66.34
C ARG H 70 47.53 -49.67 -67.56
N SER H 71 46.76 -49.33 -68.61
CA SER H 71 47.28 -48.64 -69.78
C SER H 71 47.67 -47.20 -69.38
N VAL H 72 48.83 -46.69 -69.80
CA VAL H 72 49.25 -45.32 -69.46
C VAL H 72 48.21 -44.28 -69.93
N GLU H 73 47.69 -44.43 -71.16
CA GLU H 73 46.70 -43.50 -71.69
C GLU H 73 45.36 -43.59 -70.97
N ARG H 74 45.00 -44.78 -70.48
CA ARG H 74 43.78 -45.02 -69.71
C ARG H 74 43.93 -44.37 -68.32
N LEU H 75 45.10 -44.53 -67.68
CA LEU H 75 45.39 -43.94 -66.39
C LEU H 75 45.33 -42.42 -66.45
N LYS H 76 45.76 -41.81 -67.57
CA LYS H 76 45.68 -40.36 -67.76
C LYS H 76 44.23 -39.92 -67.76
N GLU H 77 43.36 -40.69 -68.42
CA GLU H 77 41.90 -40.47 -68.50
C GLU H 77 41.27 -40.58 -67.10
N MET H 78 41.75 -41.55 -66.30
CA MET H 78 41.29 -41.80 -64.94
C MET H 78 41.68 -40.69 -63.98
N ILE H 79 42.86 -40.08 -64.18
CA ILE H 79 43.30 -38.96 -63.36
C ILE H 79 42.43 -37.74 -63.69
N LYS H 80 42.10 -37.53 -64.96
CA LYS H 80 41.24 -36.42 -65.36
C LYS H 80 39.82 -36.61 -64.80
N ALA H 81 39.32 -37.87 -64.82
CA ALA H 81 38.00 -38.23 -64.29
C ALA H 81 37.88 -38.02 -62.77
N GLY H 82 39.01 -38.09 -62.06
CA GLY H 82 39.03 -37.87 -60.62
C GLY H 82 39.67 -38.93 -59.74
N MET H 83 40.51 -39.81 -60.29
CA MET H 83 41.18 -40.82 -59.46
C MET H 83 42.20 -40.11 -58.59
N ASN H 84 42.20 -40.40 -57.29
CA ASN H 84 43.14 -39.78 -56.35
C ASN H 84 44.14 -40.78 -55.81
N ILE H 85 43.71 -42.03 -55.63
CA ILE H 85 44.55 -43.10 -55.11
C ILE H 85 44.40 -44.33 -56.00
N ALA H 86 45.53 -44.91 -56.42
CA ALA H 86 45.57 -46.11 -57.25
C ALA H 86 45.82 -47.30 -56.33
N ARG H 87 44.90 -48.27 -56.33
CA ARG H 87 45.02 -49.45 -55.47
C ARG H 87 45.61 -50.63 -56.24
N LEU H 88 46.56 -51.34 -55.61
CA LEU H 88 47.18 -52.51 -56.21
C LEU H 88 46.83 -53.71 -55.34
N ASN H 89 45.92 -54.56 -55.83
CA ASN H 89 45.49 -55.73 -55.08
C ASN H 89 46.54 -56.82 -55.14
N PHE H 90 47.23 -57.06 -54.02
CA PHE H 90 48.27 -58.08 -53.96
C PHE H 90 47.74 -59.52 -53.73
N SER H 91 46.43 -59.72 -53.91
CA SER H 91 45.83 -61.06 -53.89
C SER H 91 46.12 -61.74 -55.25
N HIS H 92 46.10 -60.96 -56.34
CA HIS H 92 46.40 -61.40 -57.70
C HIS H 92 47.66 -60.65 -58.21
N GLY H 93 48.24 -61.15 -59.29
CA GLY H 93 49.40 -60.51 -59.90
C GLY H 93 50.73 -60.76 -59.22
N SER H 94 51.79 -60.77 -60.03
CA SER H 94 53.17 -60.98 -59.57
C SER H 94 53.83 -59.65 -59.19
N HIS H 95 55.01 -59.70 -58.52
CA HIS H 95 55.72 -58.48 -58.16
C HIS H 95 56.11 -57.68 -59.42
N GLU H 96 56.43 -58.38 -60.51
CA GLU H 96 56.79 -57.76 -61.79
C GLU H 96 55.59 -57.03 -62.39
N TYR H 97 54.38 -57.60 -62.25
CA TYR H 97 53.12 -57.04 -62.73
C TYR H 97 52.79 -55.76 -61.97
N HIS H 98 52.98 -55.79 -60.64
CA HIS H 98 52.68 -54.64 -59.81
C HIS H 98 53.67 -53.51 -59.96
N ALA H 99 54.96 -53.84 -60.18
CA ALA H 99 55.98 -52.83 -60.40
C ALA H 99 55.71 -52.09 -61.73
N GLU H 100 55.22 -52.83 -62.75
CA GLU H 100 54.87 -52.28 -64.05
C GLU H 100 53.64 -51.38 -63.95
N SER H 101 52.65 -51.80 -63.14
CA SER H 101 51.45 -51.00 -62.89
C SER H 101 51.86 -49.66 -62.23
N ILE H 102 52.73 -49.72 -61.19
CA ILE H 102 53.26 -48.54 -60.46
C ILE H 102 53.93 -47.55 -61.42
N ALA H 103 54.78 -48.08 -62.32
CA ALA H 103 55.51 -47.30 -63.31
C ALA H 103 54.57 -46.60 -64.29
N ASN H 104 53.51 -47.29 -64.68
CA ASN H 104 52.50 -46.74 -65.60
C ASN H 104 51.72 -45.63 -64.91
N VAL H 105 51.40 -45.81 -63.61
CA VAL H 105 50.69 -44.81 -62.81
C VAL H 105 51.56 -43.56 -62.73
N ARG H 106 52.82 -43.70 -62.28
CA ARG H 106 53.73 -42.58 -62.16
C ARG H 106 53.97 -41.86 -63.48
N GLU H 107 54.02 -42.59 -64.60
CA GLU H 107 54.20 -41.99 -65.91
C GLU H 107 53.01 -41.11 -66.29
N ALA H 108 51.80 -41.62 -66.04
CA ALA H 108 50.57 -40.89 -66.33
C ALA H 108 50.39 -39.70 -65.39
N VAL H 109 50.87 -39.80 -64.14
CA VAL H 109 50.76 -38.72 -63.16
C VAL H 109 51.74 -37.60 -63.51
N GLU H 110 52.98 -37.98 -63.82
CA GLU H 110 54.01 -37.00 -64.14
C GLU H 110 53.84 -36.33 -65.51
N SER H 111 52.96 -36.86 -66.37
CA SER H 111 52.72 -36.22 -67.67
C SER H 111 52.05 -34.83 -67.53
N PHE H 112 51.42 -34.57 -66.37
CA PHE H 112 50.78 -33.29 -66.05
C PHE H 112 51.68 -32.34 -65.21
N ALA H 113 52.90 -32.79 -64.82
CA ALA H 113 53.83 -31.99 -64.01
C ALA H 113 54.47 -30.80 -64.75
N GLY H 114 54.12 -30.61 -66.02
CA GLY H 114 54.61 -29.50 -66.84
C GLY H 114 54.01 -28.17 -66.43
N SER H 115 52.77 -28.21 -65.94
CA SER H 115 52.06 -27.03 -65.44
C SER H 115 51.84 -27.28 -63.95
N PRO H 116 52.76 -26.82 -63.08
CA PRO H 116 52.63 -27.11 -61.64
C PRO H 116 51.40 -26.50 -60.94
N LEU H 117 50.79 -25.46 -61.53
CA LEU H 117 49.59 -24.85 -60.97
C LEU H 117 48.34 -25.73 -61.16
N SER H 118 48.39 -26.75 -62.05
CA SER H 118 47.27 -27.66 -62.32
C SER H 118 47.61 -29.16 -62.07
N TYR H 119 48.86 -29.48 -61.70
CA TYR H 119 49.32 -30.84 -61.42
C TYR H 119 48.54 -31.48 -60.26
N ARG H 120 48.03 -32.70 -60.47
CA ARG H 120 47.30 -33.43 -59.44
C ARG H 120 48.10 -34.62 -58.92
N PRO H 121 48.56 -34.59 -57.67
CA PRO H 121 49.27 -35.78 -57.12
C PRO H 121 48.34 -36.99 -57.00
N VAL H 122 48.85 -38.21 -57.19
CA VAL H 122 48.03 -39.43 -57.08
C VAL H 122 48.76 -40.39 -56.16
N ALA H 123 48.12 -40.85 -55.07
CA ALA H 123 48.76 -41.78 -54.15
C ALA H 123 48.75 -43.22 -54.68
N ILE H 124 49.69 -44.04 -54.23
CA ILE H 124 49.75 -45.44 -54.61
C ILE H 124 49.55 -46.27 -53.35
N ALA H 125 48.53 -47.11 -53.32
CA ALA H 125 48.21 -47.91 -52.16
C ALA H 125 48.36 -49.40 -52.44
N LEU H 126 48.99 -50.12 -51.52
CA LEU H 126 49.19 -51.55 -51.64
C LEU H 126 48.19 -52.28 -50.78
N ASP H 127 47.31 -53.09 -51.38
CA ASP H 127 46.33 -53.85 -50.60
C ASP H 127 46.90 -55.24 -50.44
N THR H 128 47.27 -55.62 -49.21
CA THR H 128 47.85 -56.93 -48.93
C THR H 128 46.86 -58.08 -49.23
N LYS H 129 47.40 -59.30 -49.40
CA LYS H 129 46.56 -60.45 -49.68
C LYS H 129 45.78 -60.90 -48.43
N GLY H 130 46.46 -60.92 -47.29
CA GLY H 130 45.81 -61.29 -46.04
C GLY H 130 46.37 -62.54 -45.38
N PRO H 131 46.17 -62.66 -44.07
CA PRO H 131 46.68 -63.84 -43.33
C PRO H 131 45.92 -65.14 -43.57
N GLY H 132 44.58 -65.05 -43.61
CA GLY H 132 43.66 -66.18 -43.74
C GLY H 132 44.11 -67.32 -44.64
N SER H 133 43.96 -68.58 -44.19
CA SER H 133 43.35 -68.93 -42.90
C SER H 133 44.38 -69.39 -41.86
N GLY H 134 45.12 -68.44 -41.30
CA GLY H 134 46.15 -68.72 -40.30
C GLY H 134 46.48 -67.51 -39.46
N PRO H 135 46.84 -67.73 -38.17
CA PRO H 135 47.14 -66.58 -37.30
C PRO H 135 48.52 -65.95 -37.54
N GLY H 136 48.61 -64.64 -37.33
CA GLY H 136 49.85 -63.91 -37.55
C GLY H 136 50.02 -63.49 -38.99
N LEU H 137 51.02 -62.65 -39.26
CA LEU H 137 51.28 -62.18 -40.61
C LEU H 137 51.84 -63.31 -41.51
N SER H 138 51.40 -63.37 -42.78
CA SER H 138 51.82 -64.43 -43.70
C SER H 138 53.15 -64.11 -44.41
N GLU H 139 53.91 -65.15 -44.84
CA GLU H 139 55.20 -64.97 -45.50
C GLU H 139 55.11 -64.09 -46.73
N GLN H 140 54.06 -64.27 -47.53
CA GLN H 140 53.89 -63.46 -48.75
C GLN H 140 53.67 -62.01 -48.40
N ASP H 141 52.87 -61.74 -47.35
CA ASP H 141 52.62 -60.39 -46.91
C ASP H 141 53.90 -59.66 -46.49
N VAL H 142 54.85 -60.36 -45.86
CA VAL H 142 56.13 -59.74 -45.48
C VAL H 142 56.94 -59.35 -46.72
N ARG H 143 56.90 -60.20 -47.76
CA ARG H 143 57.59 -59.95 -49.03
C ARG H 143 56.95 -58.78 -49.78
N ASP H 144 55.61 -58.74 -49.76
CA ASP H 144 54.80 -57.71 -50.43
C ASP H 144 54.97 -56.36 -49.75
N LEU H 145 55.07 -56.35 -48.41
CA LEU H 145 55.28 -55.12 -47.65
C LEU H 145 56.67 -54.57 -47.89
N ARG H 146 57.68 -55.45 -48.05
CA ARG H 146 59.03 -55.02 -48.37
C ARG H 146 59.06 -54.43 -49.79
N PHE H 147 58.29 -55.02 -50.72
CA PHE H 147 58.15 -54.55 -52.10
C PHE H 147 57.61 -53.12 -52.09
N GLY H 148 56.61 -52.86 -51.25
CA GLY H 148 56.00 -51.54 -51.11
C GLY H 148 56.99 -50.49 -50.66
N VAL H 149 57.82 -50.82 -49.68
CA VAL H 149 58.85 -49.92 -49.16
C VAL H 149 59.86 -49.62 -50.26
N GLU H 150 60.31 -50.66 -50.97
CA GLU H 150 61.28 -50.54 -52.06
C GLU H 150 60.74 -49.75 -53.25
N HIS H 151 59.43 -49.84 -53.50
CA HIS H 151 58.82 -49.13 -54.61
C HIS H 151 58.24 -47.75 -54.24
N GLY H 152 58.20 -47.43 -52.95
CA GLY H 152 57.74 -46.14 -52.49
C GLY H 152 56.24 -45.94 -52.46
N VAL H 153 55.49 -46.96 -52.00
CA VAL H 153 54.04 -46.81 -51.87
C VAL H 153 53.73 -45.87 -50.73
N ASP H 154 52.62 -45.15 -50.85
CA ASP H 154 52.24 -44.17 -49.85
C ASP H 154 51.34 -44.78 -48.80
N ILE H 155 50.44 -45.69 -49.19
CA ILE H 155 49.49 -46.28 -48.27
C ILE H 155 49.51 -47.80 -48.32
N VAL H 156 49.15 -48.46 -47.22
CA VAL H 156 49.03 -49.90 -47.16
C VAL H 156 47.67 -50.24 -46.58
N PHE H 157 46.87 -51.03 -47.30
CA PHE H 157 45.57 -51.48 -46.81
C PHE H 157 45.82 -52.85 -46.21
N ALA H 158 46.04 -52.91 -44.90
CA ALA H 158 46.33 -54.18 -44.24
C ALA H 158 45.09 -55.05 -44.15
N SER H 159 45.09 -56.20 -44.84
CA SER H 159 43.95 -57.12 -44.86
C SER H 159 43.77 -57.90 -43.56
N PHE H 160 42.50 -58.15 -43.20
CA PHE H 160 42.04 -58.91 -42.05
C PHE H 160 42.70 -58.54 -40.71
N VAL H 161 42.62 -57.27 -40.34
CA VAL H 161 43.15 -56.81 -39.07
C VAL H 161 42.11 -57.20 -38.02
N ARG H 162 42.52 -57.95 -36.98
CA ARG H 162 41.59 -58.41 -35.93
C ARG H 162 41.90 -57.84 -34.54
N LYS H 163 43.13 -57.36 -34.33
CA LYS H 163 43.60 -56.82 -33.07
C LYS H 163 44.73 -55.78 -33.30
N ALA H 164 45.15 -55.06 -32.25
CA ALA H 164 46.21 -54.07 -32.36
C ALA H 164 47.57 -54.68 -32.68
N SER H 165 47.80 -55.95 -32.28
CA SER H 165 49.06 -56.65 -32.54
C SER H 165 49.27 -56.95 -34.04
N ASP H 166 48.18 -57.01 -34.82
CA ASP H 166 48.21 -57.23 -36.25
C ASP H 166 48.78 -55.99 -36.95
N VAL H 167 48.35 -54.79 -36.48
CA VAL H 167 48.83 -53.51 -37.03
C VAL H 167 50.33 -53.38 -36.74
N ALA H 168 50.76 -53.79 -35.53
CA ALA H 168 52.15 -53.74 -35.11
C ALA H 168 53.02 -54.61 -36.02
N ALA H 169 52.51 -55.79 -36.41
CA ALA H 169 53.21 -56.72 -37.30
C ALA H 169 53.43 -56.11 -38.68
N VAL H 170 52.42 -55.42 -39.23
CA VAL H 170 52.52 -54.75 -40.53
C VAL H 170 53.50 -53.57 -40.45
N ARG H 171 53.47 -52.84 -39.33
CA ARG H 171 54.35 -51.71 -39.10
C ARG H 171 55.82 -52.17 -39.01
N ALA H 172 56.05 -53.32 -38.38
CA ALA H 172 57.39 -53.93 -38.24
C ALA H 172 57.91 -54.41 -39.60
N ALA H 173 57.04 -55.03 -40.41
CA ALA H 173 57.42 -55.51 -41.73
C ALA H 173 57.81 -54.37 -42.68
N LEU H 174 57.26 -53.16 -42.47
CA LEU H 174 57.65 -51.99 -43.27
C LEU H 174 59.07 -51.47 -42.93
N GLY H 175 59.59 -51.87 -41.77
CA GLY H 175 60.93 -51.52 -41.32
C GLY H 175 61.09 -50.09 -40.89
N PRO H 176 62.34 -49.61 -40.92
CA PRO H 176 62.59 -48.22 -40.49
C PRO H 176 62.20 -47.16 -41.52
N GLU H 177 62.43 -47.47 -42.81
CA GLU H 177 62.12 -46.59 -43.94
C GLU H 177 60.63 -46.43 -44.19
N GLY H 178 59.88 -47.51 -43.96
CA GLY H 178 58.44 -47.51 -44.14
C GLY H 178 57.68 -46.93 -42.96
N HIS H 179 58.32 -46.06 -42.16
CA HIS H 179 57.65 -45.43 -41.02
C HIS H 179 56.70 -44.28 -41.45
N GLY H 180 56.89 -43.76 -42.66
CA GLY H 180 56.06 -42.71 -43.26
C GLY H 180 54.87 -43.23 -44.04
N ILE H 181 54.83 -44.54 -44.34
CA ILE H 181 53.72 -45.18 -45.06
C ILE H 181 52.49 -45.25 -44.15
N LYS H 182 51.36 -44.77 -44.63
CA LYS H 182 50.13 -44.79 -43.86
C LYS H 182 49.51 -46.18 -43.83
N ILE H 183 49.11 -46.65 -42.66
CA ILE H 183 48.50 -47.97 -42.51
C ILE H 183 47.01 -47.86 -42.27
N ILE H 184 46.22 -48.34 -43.24
CA ILE H 184 44.76 -48.35 -43.15
C ILE H 184 44.35 -49.78 -42.85
N SER H 185 43.84 -50.05 -41.66
CA SER H 185 43.44 -51.39 -41.27
C SER H 185 42.10 -51.76 -41.88
N LYS H 186 42.03 -52.91 -42.56
CA LYS H 186 40.78 -53.37 -43.16
C LYS H 186 40.02 -54.21 -42.16
N ILE H 187 38.81 -53.79 -41.81
CA ILE H 187 37.96 -54.55 -40.91
C ILE H 187 37.05 -55.41 -41.78
N GLU H 188 37.24 -56.74 -41.74
CA GLU H 188 36.44 -57.63 -42.59
C GLU H 188 35.91 -58.87 -41.89
N ASN H 189 35.84 -58.86 -40.56
CA ASN H 189 35.33 -59.99 -39.79
C ASN H 189 34.72 -59.53 -38.46
N HIS H 190 34.00 -60.42 -37.75
CA HIS H 190 33.37 -60.08 -36.48
C HIS H 190 34.35 -59.59 -35.43
N GLU H 191 35.50 -60.28 -35.28
CA GLU H 191 36.50 -59.93 -34.28
C GLU H 191 37.06 -58.53 -34.50
N GLY H 192 37.28 -58.16 -35.75
CA GLY H 192 37.79 -56.83 -36.11
C GLY H 192 36.82 -55.72 -35.74
N VAL H 193 35.53 -56.02 -35.81
CA VAL H 193 34.46 -55.10 -35.45
C VAL H 193 34.42 -54.94 -33.93
N LYS H 194 34.51 -56.06 -33.19
CA LYS H 194 34.47 -55.99 -31.73
C LYS H 194 35.71 -55.35 -31.12
N ARG H 195 36.87 -55.60 -31.72
CA ARG H 195 38.12 -55.01 -31.23
C ARG H 195 38.49 -53.74 -32.01
N PHE H 196 37.48 -53.05 -32.55
CA PHE H 196 37.64 -51.83 -33.36
C PHE H 196 38.42 -50.71 -32.67
N ASP H 197 38.02 -50.34 -31.45
CA ASP H 197 38.66 -49.23 -30.76
C ASP H 197 40.16 -49.41 -30.55
N GLU H 198 40.62 -50.65 -30.29
CA GLU H 198 42.05 -50.90 -30.11
C GLU H 198 42.82 -50.87 -31.45
N ILE H 199 42.15 -51.23 -32.54
CA ILE H 199 42.72 -51.21 -33.88
C ILE H 199 42.86 -49.77 -34.37
N LEU H 200 41.81 -48.97 -34.22
CA LEU H 200 41.81 -47.57 -34.66
C LEU H 200 42.88 -46.75 -33.94
N GLU H 201 43.15 -47.07 -32.68
CA GLU H 201 44.14 -46.36 -31.87
C GLU H 201 45.55 -46.48 -32.46
N VAL H 202 45.89 -47.67 -32.98
CA VAL H 202 47.21 -47.94 -33.56
C VAL H 202 47.28 -47.79 -35.09
N SER H 203 46.13 -47.64 -35.77
CA SER H 203 46.11 -47.49 -37.22
C SER H 203 46.04 -46.03 -37.65
N ASP H 204 46.47 -45.74 -38.87
CA ASP H 204 46.34 -44.38 -39.42
C ASP H 204 44.92 -44.08 -39.94
N GLY H 205 44.19 -45.12 -40.28
CA GLY H 205 42.82 -45.07 -40.76
C GLY H 205 42.19 -46.45 -40.82
N ILE H 206 40.92 -46.52 -41.26
CA ILE H 206 40.17 -47.79 -41.35
C ILE H 206 39.51 -47.95 -42.71
N MET H 207 39.43 -49.19 -43.21
CA MET H 207 38.68 -49.47 -44.43
C MET H 207 37.57 -50.43 -44.07
N VAL H 208 36.32 -50.05 -44.38
CA VAL H 208 35.16 -50.89 -44.15
C VAL H 208 35.15 -51.81 -45.33
N ALA H 209 35.82 -52.93 -45.15
CA ALA H 209 35.96 -53.93 -46.19
C ALA H 209 34.73 -54.84 -46.22
N ARG H 210 33.65 -54.34 -46.84
CA ARG H 210 32.42 -55.11 -47.06
C ARG H 210 32.78 -56.22 -48.09
N GLY H 211 31.93 -57.21 -48.25
CA GLY H 211 32.28 -58.33 -49.12
C GLY H 211 32.79 -59.40 -48.18
N ASP H 212 34.04 -59.27 -47.62
CA ASP H 212 34.42 -60.26 -46.60
C ASP H 212 33.57 -60.04 -45.35
N LEU H 213 33.31 -58.77 -45.01
CA LEU H 213 32.49 -58.39 -43.88
C LEU H 213 31.09 -58.98 -43.99
N GLY H 214 30.51 -58.92 -45.19
CA GLY H 214 29.19 -59.46 -45.49
C GLY H 214 29.10 -60.97 -45.52
N ILE H 215 30.25 -61.66 -45.43
CA ILE H 215 30.41 -63.11 -45.41
C ILE H 215 30.61 -63.56 -43.96
N GLU H 216 31.43 -62.83 -43.19
CA GLU H 216 31.72 -63.15 -41.80
C GLU H 216 30.51 -62.87 -40.88
N ILE H 217 29.92 -61.67 -41.01
CA ILE H 217 28.72 -61.28 -40.24
C ILE H 217 27.49 -61.32 -41.18
N PRO H 218 26.24 -61.43 -40.66
CA PRO H 218 25.07 -61.45 -41.57
C PRO H 218 25.03 -60.25 -42.50
N ALA H 219 24.61 -60.44 -43.76
CA ALA H 219 24.58 -59.37 -44.74
C ALA H 219 23.72 -58.17 -44.33
N GLU H 220 22.63 -58.44 -43.61
CA GLU H 220 21.72 -57.40 -43.14
C GLU H 220 22.27 -56.59 -41.96
N LYS H 221 23.45 -56.96 -41.42
CA LYS H 221 24.06 -56.26 -40.31
C LYS H 221 25.26 -55.40 -40.71
N VAL H 222 25.74 -55.51 -41.96
CA VAL H 222 26.91 -54.80 -42.45
C VAL H 222 26.75 -53.25 -42.38
N PHE H 223 25.56 -52.73 -42.69
CA PHE H 223 25.35 -51.27 -42.61
C PHE H 223 25.54 -50.73 -41.18
N LEU H 224 25.26 -51.57 -40.16
CA LEU H 224 25.43 -51.17 -38.78
C LEU H 224 26.94 -51.01 -38.52
N ALA H 225 27.74 -51.98 -38.98
CA ALA H 225 29.18 -51.97 -38.83
C ALA H 225 29.78 -50.77 -39.58
N GLN H 226 29.32 -50.51 -40.82
CA GLN H 226 29.79 -49.39 -41.62
C GLN H 226 29.52 -48.07 -40.91
N LYS H 227 28.24 -47.81 -40.56
CA LYS H 227 27.87 -46.57 -39.89
C LYS H 227 28.55 -46.36 -38.54
N MET H 228 28.72 -47.45 -37.75
CA MET H 228 29.42 -47.35 -36.47
C MET H 228 30.89 -46.97 -36.68
N MET H 229 31.60 -47.69 -37.56
CA MET H 229 33.01 -47.46 -37.82
C MET H 229 33.28 -46.09 -38.41
N ILE H 230 32.44 -45.63 -39.32
CA ILE H 230 32.60 -44.30 -39.91
C ILE H 230 32.48 -43.22 -38.84
N GLY H 231 31.45 -43.33 -37.99
CA GLY H 231 31.20 -42.41 -36.89
C GLY H 231 32.37 -42.34 -35.90
N ARG H 232 32.90 -43.50 -35.50
CA ARG H 232 34.05 -43.57 -34.61
C ARG H 232 35.32 -42.99 -35.24
N CYS H 233 35.47 -43.16 -36.56
CA CYS H 233 36.62 -42.60 -37.29
C CYS H 233 36.53 -41.10 -37.36
N ASN H 234 35.33 -40.57 -37.62
CA ASN H 234 35.10 -39.14 -37.70
C ASN H 234 35.45 -38.46 -36.37
N LEU H 235 35.10 -39.14 -35.24
CA LEU H 235 35.35 -38.70 -33.87
C LEU H 235 36.85 -38.69 -33.65
N ALA H 236 37.53 -39.80 -34.00
CA ALA H 236 38.97 -39.93 -33.83
C ALA H 236 39.81 -39.01 -34.75
N GLY H 237 39.19 -38.50 -35.82
CA GLY H 237 39.86 -37.65 -36.79
C GLY H 237 40.74 -38.46 -37.75
N LYS H 238 40.51 -39.79 -37.84
CA LYS H 238 41.28 -40.65 -38.70
C LYS H 238 40.50 -41.03 -39.95
N PRO H 239 41.16 -41.09 -41.12
CA PRO H 239 40.46 -41.43 -42.36
C PRO H 239 39.68 -42.76 -42.35
N VAL H 240 38.56 -42.78 -43.06
CA VAL H 240 37.74 -43.98 -43.17
C VAL H 240 37.36 -44.18 -44.63
N VAL H 241 37.46 -45.42 -45.12
CA VAL H 241 37.20 -45.75 -46.52
C VAL H 241 36.02 -46.71 -46.66
N CYS H 242 35.07 -46.42 -47.56
CA CYS H 242 33.97 -47.34 -47.85
C CYS H 242 34.49 -48.11 -49.08
N ALA H 243 34.45 -49.46 -49.06
CA ALA H 243 35.18 -50.19 -50.07
C ALA H 243 34.45 -51.06 -51.13
N THR H 244 33.50 -51.94 -50.76
CA THR H 244 33.07 -52.93 -51.78
C THR H 244 31.68 -52.76 -52.41
N GLN H 245 31.57 -53.22 -53.68
CA GLN H 245 30.39 -53.34 -54.54
C GLN H 245 29.56 -52.08 -54.68
N MET H 246 30.21 -50.91 -54.54
CA MET H 246 29.56 -49.60 -54.62
C MET H 246 28.84 -49.34 -55.95
N LEU H 247 29.49 -49.67 -57.09
CA LEU H 247 28.90 -49.49 -58.41
C LEU H 247 29.09 -50.81 -59.20
N GLU H 248 28.88 -51.96 -58.54
CA GLU H 248 29.08 -53.30 -59.08
C GLU H 248 28.53 -53.54 -60.50
N SER H 249 27.30 -53.10 -60.78
CA SER H 249 26.69 -53.28 -62.11
C SER H 249 27.43 -52.53 -63.22
N MET H 250 28.32 -51.58 -62.88
CA MET H 250 29.10 -50.87 -63.87
C MET H 250 30.29 -51.67 -64.43
N ILE H 251 30.51 -52.91 -63.93
CA ILE H 251 31.52 -53.81 -64.48
C ILE H 251 31.06 -54.19 -65.89
N THR H 252 29.75 -54.48 -66.08
CA THR H 252 29.21 -54.84 -67.39
C THR H 252 28.28 -53.77 -68.02
N LYS H 253 27.66 -52.90 -67.22
CA LYS H 253 26.73 -51.91 -67.75
C LYS H 253 27.24 -50.46 -67.68
N PRO H 254 26.86 -49.61 -68.67
CA PRO H 254 27.36 -48.22 -68.67
C PRO H 254 26.77 -47.30 -67.59
N ARG H 255 25.67 -47.75 -66.96
CA ARG H 255 24.99 -46.99 -65.92
C ARG H 255 24.73 -47.88 -64.69
N PRO H 256 24.88 -47.30 -63.48
CA PRO H 256 24.64 -48.10 -62.27
C PRO H 256 23.16 -48.19 -61.87
N THR H 257 22.85 -49.06 -60.91
CA THR H 257 21.47 -49.21 -60.44
C THR H 257 21.12 -48.07 -59.46
N ARG H 258 19.82 -47.91 -59.15
CA ARG H 258 19.35 -46.92 -58.20
C ARG H 258 19.89 -47.19 -56.81
N ALA H 259 20.09 -48.46 -56.45
CA ALA H 259 20.66 -48.85 -55.17
C ALA H 259 22.14 -48.45 -55.08
N GLU H 260 22.87 -48.56 -56.20
CA GLU H 260 24.28 -48.24 -56.27
C GLU H 260 24.58 -46.77 -56.12
N THR H 261 23.87 -45.91 -56.85
CA THR H 261 24.06 -44.46 -56.71
C THR H 261 23.66 -44.01 -55.30
N SER H 262 22.65 -44.66 -54.70
CA SER H 262 22.20 -44.40 -53.35
C SER H 262 23.30 -44.82 -52.35
N ASP H 263 23.91 -45.99 -52.54
CA ASP H 263 24.97 -46.48 -51.67
C ASP H 263 26.17 -45.52 -51.63
N VAL H 264 26.63 -45.03 -52.80
CA VAL H 264 27.75 -44.10 -52.89
C VAL H 264 27.38 -42.81 -52.16
N ALA H 265 26.21 -42.26 -52.45
CA ALA H 265 25.75 -41.04 -51.81
C ALA H 265 25.64 -41.19 -50.31
N ASN H 266 25.16 -42.34 -49.85
CA ASN H 266 25.01 -42.61 -48.43
C ASN H 266 26.33 -42.86 -47.73
N ALA H 267 27.36 -43.36 -48.44
CA ALA H 267 28.67 -43.54 -47.83
C ALA H 267 29.26 -42.17 -47.50
N VAL H 268 29.09 -41.19 -48.42
CA VAL H 268 29.55 -39.82 -48.26
C VAL H 268 28.78 -39.16 -47.12
N LEU H 269 27.43 -39.32 -47.10
CA LEU H 269 26.60 -38.76 -46.04
C LEU H 269 26.90 -39.37 -44.69
N ASP H 270 27.33 -40.63 -44.64
CA ASP H 270 27.71 -41.28 -43.39
C ASP H 270 28.95 -40.59 -42.79
N GLY H 271 29.86 -40.12 -43.64
CA GLY H 271 31.07 -39.41 -43.23
C GLY H 271 32.35 -40.04 -43.71
N ALA H 272 32.28 -40.87 -44.78
CA ALA H 272 33.47 -41.54 -45.32
C ALA H 272 34.41 -40.56 -46.04
N ASP H 273 35.71 -40.69 -45.77
CA ASP H 273 36.73 -39.84 -46.38
C ASP H 273 37.04 -40.28 -47.82
N CYS H 274 36.98 -41.60 -48.07
CA CYS H 274 37.27 -42.18 -49.36
C CYS H 274 36.24 -43.17 -49.78
N ILE H 275 35.96 -43.23 -51.08
CA ILE H 275 35.08 -44.23 -51.69
C ILE H 275 35.93 -45.04 -52.68
N MET H 276 35.67 -46.35 -52.77
CA MET H 276 36.50 -47.23 -53.59
C MET H 276 35.80 -47.95 -54.75
N LEU H 277 36.56 -48.20 -55.81
CA LEU H 277 36.15 -48.98 -56.97
C LEU H 277 37.14 -50.13 -57.05
N SER H 278 36.64 -51.37 -57.06
CA SER H 278 37.51 -52.54 -57.10
C SER H 278 36.87 -53.59 -57.97
N GLY H 279 37.19 -53.56 -59.26
CA GLY H 279 36.56 -54.46 -60.21
C GLY H 279 35.81 -53.65 -61.23
N GLU H 280 35.13 -52.59 -60.78
CA GLU H 280 34.48 -51.60 -61.63
C GLU H 280 35.60 -50.89 -62.48
N THR H 281 36.79 -50.68 -61.88
CA THR H 281 37.93 -50.09 -62.56
C THR H 281 39.02 -51.13 -62.90
N ALA H 282 39.14 -52.17 -62.06
CA ALA H 282 40.15 -53.20 -62.28
C ALA H 282 39.90 -54.10 -63.50
N LYS H 283 38.68 -54.60 -63.70
CA LYS H 283 38.42 -55.52 -64.81
C LYS H 283 37.15 -55.20 -65.65
N GLY H 284 36.37 -54.23 -65.25
CA GLY H 284 35.13 -53.88 -65.94
C GLY H 284 35.29 -53.18 -67.27
N ASN H 285 34.20 -53.15 -68.05
CA ASN H 285 34.15 -52.52 -69.37
C ASN H 285 34.06 -51.00 -69.32
N PHE H 286 33.70 -50.42 -68.16
CA PHE H 286 33.55 -48.97 -68.05
C PHE H 286 34.35 -48.42 -66.84
N PRO H 287 35.70 -48.49 -66.86
CA PRO H 287 36.47 -48.02 -65.68
C PRO H 287 36.46 -46.52 -65.50
N VAL H 288 36.62 -45.75 -66.59
CA VAL H 288 36.62 -44.29 -66.54
C VAL H 288 35.21 -43.76 -66.20
N GLU H 289 34.18 -44.45 -66.69
CA GLU H 289 32.78 -44.10 -66.44
C GLU H 289 32.40 -44.29 -64.98
N ALA H 290 32.98 -45.32 -64.33
CA ALA H 290 32.75 -45.60 -62.90
C ALA H 290 33.41 -44.51 -62.02
N VAL H 291 34.58 -44.01 -62.46
CA VAL H 291 35.28 -42.93 -61.76
C VAL H 291 34.47 -41.64 -61.90
N LYS H 292 34.05 -41.33 -63.13
CA LYS H 292 33.24 -40.15 -63.41
C LYS H 292 31.92 -40.19 -62.64
N MET H 293 31.30 -41.37 -62.52
CA MET H 293 30.05 -41.56 -61.81
C MET H 293 30.22 -41.33 -60.31
N GLN H 294 31.25 -41.94 -59.70
CA GLN H 294 31.55 -41.73 -58.30
C GLN H 294 31.86 -40.26 -58.00
N HIS H 295 32.54 -39.58 -58.92
CA HIS H 295 32.85 -38.17 -58.76
C HIS H 295 31.53 -37.35 -58.74
N ALA H 296 30.65 -37.59 -59.72
CA ALA H 296 29.37 -36.90 -59.88
C ALA H 296 28.49 -37.06 -58.66
N ILE H 297 28.38 -38.29 -58.10
CA ILE H 297 27.56 -38.58 -56.92
C ILE H 297 28.15 -37.91 -55.69
N ALA H 298 29.49 -38.02 -55.52
CA ALA H 298 30.14 -37.44 -54.36
C ALA H 298 29.95 -35.94 -54.26
N ARG H 299 30.00 -35.21 -55.38
CA ARG H 299 29.77 -33.77 -55.37
C ARG H 299 28.36 -33.43 -54.88
N GLU H 300 27.36 -34.21 -55.34
CA GLU H 300 25.98 -33.99 -54.93
C GLU H 300 25.78 -34.30 -53.45
N ALA H 301 26.35 -35.43 -52.99
CA ALA H 301 26.22 -35.85 -51.60
C ALA H 301 26.94 -34.93 -50.64
N GLU H 302 28.08 -34.37 -51.04
CA GLU H 302 28.84 -33.46 -50.18
C GLU H 302 28.10 -32.14 -49.94
N ALA H 303 27.41 -31.63 -50.97
CA ALA H 303 26.63 -30.40 -50.83
C ALA H 303 25.37 -30.62 -49.94
N ALA H 304 24.88 -31.86 -49.87
CA ALA H 304 23.73 -32.24 -49.05
C ALA H 304 24.11 -32.66 -47.60
N VAL H 305 25.38 -32.46 -47.20
CA VAL H 305 25.80 -32.77 -45.83
C VAL H 305 25.24 -31.68 -44.91
N TYR H 306 24.63 -32.08 -43.78
CA TYR H 306 24.05 -31.12 -42.85
C TYR H 306 25.15 -30.61 -41.93
N HIS H 307 25.95 -29.66 -42.42
CA HIS H 307 27.10 -29.11 -41.69
C HIS H 307 26.78 -28.55 -40.31
N ARG H 308 25.60 -27.94 -40.10
CA ARG H 308 25.29 -27.34 -38.80
C ARG H 308 25.35 -28.35 -37.66
N GLN H 309 24.67 -29.50 -37.83
CA GLN H 309 24.68 -30.52 -36.80
C GLN H 309 26.01 -31.27 -36.77
N LEU H 310 26.57 -31.53 -37.94
CA LEU H 310 27.84 -32.24 -38.06
C LEU H 310 28.97 -31.49 -37.31
N PHE H 311 29.11 -30.17 -37.53
CA PHE H 311 30.13 -29.35 -36.87
C PHE H 311 29.89 -29.23 -35.36
N GLU H 312 28.64 -28.95 -34.96
CA GLU H 312 28.28 -28.82 -33.54
C GLU H 312 28.59 -30.09 -32.78
N GLU H 313 28.24 -31.25 -33.35
CA GLU H 313 28.51 -32.53 -32.71
C GLU H 313 29.99 -32.86 -32.67
N LEU H 314 30.71 -32.52 -33.75
CA LEU H 314 32.16 -32.74 -33.85
C LEU H 314 32.89 -31.98 -32.75
N ARG H 315 32.48 -30.74 -32.50
CA ARG H 315 33.07 -29.92 -31.45
C ARG H 315 32.77 -30.44 -30.06
N ARG H 316 31.50 -30.79 -29.79
CA ARG H 316 31.09 -31.29 -28.48
C ARG H 316 31.78 -32.60 -28.12
N ALA H 317 32.13 -33.41 -29.13
CA ALA H 317 32.78 -34.69 -28.89
C ALA H 317 34.30 -34.57 -28.83
N ALA H 318 34.88 -33.67 -29.65
CA ALA H 318 36.32 -33.48 -29.66
C ALA H 318 36.82 -32.91 -28.35
N PRO H 319 37.81 -33.60 -27.75
CA PRO H 319 38.31 -33.16 -26.44
C PRO H 319 39.09 -31.87 -26.48
N LEU H 320 39.20 -31.19 -25.33
CA LEU H 320 39.98 -29.97 -25.22
C LEU H 320 41.44 -30.28 -25.50
N SER H 321 42.14 -29.36 -26.16
CA SER H 321 43.52 -29.60 -26.55
C SER H 321 44.44 -28.46 -26.24
N ARG H 322 45.65 -28.77 -25.76
CA ARG H 322 46.69 -27.77 -25.53
C ARG H 322 47.67 -27.66 -26.74
N ASP H 323 47.40 -28.38 -27.86
CA ASP H 323 48.20 -28.38 -29.06
C ASP H 323 47.78 -27.22 -29.94
N PRO H 324 48.70 -26.29 -30.22
CA PRO H 324 48.36 -25.11 -31.04
C PRO H 324 47.85 -25.42 -32.44
N THR H 325 48.27 -26.55 -33.02
CA THR H 325 47.82 -26.96 -34.35
C THR H 325 46.32 -27.31 -34.28
N GLU H 326 45.92 -28.06 -33.27
CA GLU H 326 44.53 -28.45 -33.05
C GLU H 326 43.64 -27.25 -32.69
N VAL H 327 44.17 -26.32 -31.88
CA VAL H 327 43.48 -25.10 -31.46
C VAL H 327 43.27 -24.16 -32.66
N THR H 328 44.30 -24.05 -33.52
CA THR H 328 44.20 -23.23 -34.73
C THR H 328 43.22 -23.86 -35.72
N ALA H 329 43.20 -25.20 -35.81
CA ALA H 329 42.27 -25.91 -36.69
C ALA H 329 40.79 -25.52 -36.46
N ILE H 330 40.26 -25.60 -35.20
CA ILE H 330 38.86 -25.18 -34.99
C ILE H 330 38.64 -23.72 -35.26
N GLY H 331 39.58 -22.88 -34.82
CA GLY H 331 39.49 -21.45 -35.04
C GLY H 331 39.36 -21.09 -36.50
N ALA H 332 40.15 -21.78 -37.36
CA ALA H 332 40.12 -21.58 -38.82
C ALA H 332 38.82 -22.11 -39.44
N VAL H 333 38.38 -23.31 -39.04
CA VAL H 333 37.13 -23.91 -39.54
C VAL H 333 35.90 -23.05 -39.16
N GLU H 334 35.86 -22.53 -37.93
CA GLU H 334 34.80 -21.66 -37.44
C GLU H 334 34.79 -20.37 -38.23
N ALA H 335 35.97 -19.78 -38.46
CA ALA H 335 36.14 -18.54 -39.23
C ALA H 335 35.69 -18.74 -40.69
N ALA H 336 35.98 -19.92 -41.27
CA ALA H 336 35.60 -20.22 -42.63
C ALA H 336 34.08 -20.32 -42.76
N PHE H 337 33.39 -20.89 -41.74
CA PHE H 337 31.94 -21.00 -41.76
C PHE H 337 31.29 -19.63 -41.63
N LYS H 338 31.85 -18.77 -40.79
CA LYS H 338 31.35 -17.42 -40.53
C LYS H 338 31.26 -16.54 -41.78
N CYS H 339 32.25 -16.63 -42.68
CA CYS H 339 32.27 -15.80 -43.88
C CYS H 339 31.99 -16.55 -45.18
N CYS H 340 31.73 -17.88 -45.11
CA CYS H 340 31.58 -18.71 -46.32
C CYS H 340 32.87 -18.66 -47.13
N ALA H 341 33.99 -18.91 -46.45
CA ALA H 341 35.31 -18.90 -47.05
C ALA H 341 35.37 -19.93 -48.17
N ALA H 342 35.92 -19.52 -49.34
CA ALA H 342 36.06 -20.39 -50.50
C ALA H 342 37.02 -21.52 -50.16
N ALA H 343 38.12 -21.21 -49.45
CA ALA H 343 39.11 -22.20 -49.11
C ALA H 343 39.92 -21.83 -47.87
N ILE H 344 40.38 -22.84 -47.20
CA ILE H 344 41.28 -22.71 -46.09
C ILE H 344 42.59 -23.15 -46.74
N ILE H 345 43.57 -22.23 -46.87
CA ILE H 345 44.87 -22.60 -47.42
C ILE H 345 45.84 -22.84 -46.25
N VAL H 346 46.36 -24.05 -46.14
CA VAL H 346 47.29 -24.40 -45.07
C VAL H 346 48.65 -24.81 -45.66
N LEU H 347 49.77 -24.44 -45.00
CA LEU H 347 51.12 -24.86 -45.39
C LEU H 347 51.44 -26.02 -44.44
N THR H 348 51.76 -27.18 -45.01
CA THR H 348 52.02 -28.37 -44.22
C THR H 348 53.28 -29.10 -44.71
N THR H 349 53.98 -29.76 -43.80
CA THR H 349 55.18 -30.51 -44.11
C THR H 349 54.86 -32.01 -44.11
N THR H 350 54.18 -32.46 -43.04
CA THR H 350 53.74 -33.84 -42.84
C THR H 350 52.27 -34.07 -43.22
N GLY H 351 51.51 -33.01 -43.43
CA GLY H 351 50.09 -33.11 -43.74
C GLY H 351 49.18 -33.07 -42.51
N ARG H 352 49.78 -33.13 -41.30
CA ARG H 352 49.02 -33.14 -40.06
C ARG H 352 48.15 -31.92 -39.87
N SER H 353 48.64 -30.72 -40.22
CA SER H 353 47.85 -29.49 -40.09
C SER H 353 46.58 -29.57 -40.92
N ALA H 354 46.71 -30.06 -42.17
CA ALA H 354 45.57 -30.21 -43.06
C ALA H 354 44.60 -31.29 -42.56
N GLN H 355 45.12 -32.36 -41.95
CA GLN H 355 44.34 -33.46 -41.40
C GLN H 355 43.48 -32.97 -40.24
N LEU H 356 44.05 -32.11 -39.37
CA LEU H 356 43.33 -31.57 -38.22
C LEU H 356 42.22 -30.63 -38.65
N LEU H 357 42.43 -29.87 -39.74
CA LEU H 357 41.37 -29.00 -40.27
C LEU H 357 40.23 -29.87 -40.82
N SER H 358 40.59 -30.97 -41.51
CA SER H 358 39.72 -31.95 -42.14
C SER H 358 38.77 -32.64 -41.15
N ARG H 359 39.23 -32.91 -39.90
CA ARG H 359 38.40 -33.54 -38.87
C ARG H 359 37.13 -32.74 -38.61
N TYR H 360 37.25 -31.40 -38.63
CA TYR H 360 36.10 -30.54 -38.38
C TYR H 360 35.14 -30.41 -39.57
N ARG H 361 35.39 -31.13 -40.66
CA ARG H 361 34.55 -31.16 -41.87
C ARG H 361 34.04 -29.80 -42.32
N PRO H 362 34.94 -28.86 -42.64
CA PRO H 362 34.47 -27.55 -43.12
C PRO H 362 33.87 -27.63 -44.52
N ARG H 363 32.98 -26.69 -44.85
CA ARG H 363 32.44 -26.63 -46.21
C ARG H 363 33.54 -26.07 -47.15
N ALA H 364 34.48 -25.24 -46.62
CA ALA H 364 35.60 -24.65 -47.34
C ALA H 364 36.65 -25.74 -47.69
N ALA H 365 37.27 -25.60 -48.88
CA ALA H 365 38.28 -26.53 -49.37
C ALA H 365 39.58 -26.37 -48.58
N VAL H 366 40.16 -27.46 -48.09
CA VAL H 366 41.43 -27.37 -47.39
C VAL H 366 42.61 -27.59 -48.34
N ILE H 367 43.13 -26.49 -48.89
CA ILE H 367 44.25 -26.51 -49.82
C ILE H 367 45.54 -26.71 -49.07
N ALA H 368 46.15 -27.89 -49.19
CA ALA H 368 47.43 -28.15 -48.55
C ALA H 368 48.62 -27.80 -49.49
N VAL H 369 49.43 -26.78 -49.15
CA VAL H 369 50.62 -26.44 -49.92
C VAL H 369 51.79 -27.12 -49.21
N THR H 370 52.42 -28.08 -49.89
CA THR H 370 53.53 -28.82 -49.30
C THR H 370 54.69 -29.01 -50.28
N ARG H 371 55.90 -29.14 -49.75
CA ARG H 371 57.07 -29.44 -50.58
C ARG H 371 57.30 -30.98 -50.61
N SER H 372 56.70 -31.74 -49.65
CA SER H 372 56.81 -33.18 -49.57
C SER H 372 55.85 -33.84 -50.55
N ALA H 373 56.39 -34.53 -51.56
CA ALA H 373 55.59 -35.22 -52.56
C ALA H 373 54.81 -36.38 -51.95
N GLN H 374 55.34 -37.03 -50.88
CA GLN H 374 54.63 -38.11 -50.22
C GLN H 374 53.43 -37.58 -49.43
N ALA H 375 53.60 -36.46 -48.70
CA ALA H 375 52.54 -35.83 -47.93
C ALA H 375 51.41 -35.38 -48.85
N ALA H 376 51.76 -34.82 -50.02
CA ALA H 376 50.80 -34.38 -51.02
C ALA H 376 49.91 -35.55 -51.50
N ARG H 377 50.50 -36.73 -51.65
CA ARG H 377 49.76 -37.90 -52.09
C ARG H 377 48.94 -38.46 -50.95
N GLN H 378 49.53 -38.57 -49.76
CA GLN H 378 48.86 -39.15 -48.59
C GLN H 378 47.67 -38.35 -48.04
N VAL H 379 47.65 -37.00 -48.22
CA VAL H 379 46.52 -36.21 -47.73
C VAL H 379 45.21 -36.47 -48.50
N HIS H 380 45.25 -37.27 -49.58
CA HIS H 380 44.05 -37.68 -50.28
C HIS H 380 43.16 -38.56 -49.36
N LEU H 381 43.76 -39.21 -48.35
CA LEU H 381 43.02 -40.00 -47.36
C LEU H 381 42.10 -39.14 -46.48
N CYS H 382 42.37 -37.84 -46.39
CA CYS H 382 41.59 -36.92 -45.58
C CYS H 382 40.60 -36.16 -46.45
N ARG H 383 39.32 -36.22 -46.09
CA ARG H 383 38.25 -35.56 -46.82
C ARG H 383 38.35 -34.07 -46.83
N GLY H 384 38.25 -33.49 -48.01
CA GLY H 384 38.29 -32.05 -48.17
C GLY H 384 39.66 -31.45 -48.35
N VAL H 385 40.72 -32.28 -48.30
CA VAL H 385 42.08 -31.81 -48.45
C VAL H 385 42.61 -32.03 -49.85
N PHE H 386 42.74 -30.94 -50.64
CA PHE H 386 43.34 -31.06 -51.97
C PHE H 386 44.76 -30.52 -52.00
N PRO H 387 45.74 -31.43 -52.25
CA PRO H 387 47.16 -31.02 -52.28
C PRO H 387 47.68 -30.32 -53.53
N LEU H 388 48.61 -29.36 -53.30
CA LEU H 388 49.34 -28.60 -54.30
C LEU H 388 50.82 -28.77 -53.97
N LEU H 389 51.57 -29.50 -54.80
CA LEU H 389 53.00 -29.72 -54.57
C LEU H 389 53.81 -28.51 -55.04
N TYR H 390 54.45 -27.82 -54.08
CA TYR H 390 55.26 -26.65 -54.34
C TYR H 390 56.65 -27.14 -54.71
N ARG H 391 57.14 -26.74 -55.90
CA ARG H 391 58.44 -27.19 -56.38
C ARG H 391 59.56 -26.16 -56.23
N GLU H 392 59.20 -24.86 -56.19
CA GLU H 392 60.15 -23.75 -56.10
C GLU H 392 61.17 -23.87 -54.96
N PRO H 393 62.42 -23.45 -55.22
CA PRO H 393 63.45 -23.53 -54.18
C PRO H 393 63.24 -22.49 -53.07
N PRO H 394 63.73 -22.80 -51.86
CA PRO H 394 63.54 -21.87 -50.73
C PRO H 394 64.11 -20.46 -50.92
N GLU H 395 63.31 -19.44 -50.53
CA GLU H 395 63.69 -18.03 -50.55
C GLU H 395 64.65 -17.76 -49.38
N ALA H 396 65.46 -16.69 -49.50
CA ALA H 396 66.38 -16.33 -48.44
C ALA H 396 65.61 -15.87 -47.20
N ILE H 397 64.58 -15.02 -47.41
CA ILE H 397 63.75 -14.55 -46.30
C ILE H 397 62.58 -15.51 -46.03
N TRP H 398 62.59 -16.15 -44.85
CA TRP H 398 61.58 -17.11 -44.39
C TRP H 398 60.15 -16.62 -44.60
N ALA H 399 59.83 -15.40 -44.16
CA ALA H 399 58.50 -14.84 -44.32
C ALA H 399 58.08 -14.67 -45.78
N ASP H 400 59.05 -14.42 -46.67
CA ASP H 400 58.81 -14.27 -48.10
C ASP H 400 58.53 -15.64 -48.73
N ASP H 401 59.22 -16.69 -48.26
CA ASP H 401 59.02 -18.06 -48.74
C ASP H 401 57.60 -18.53 -48.39
N VAL H 402 57.12 -18.18 -47.18
CA VAL H 402 55.79 -18.50 -46.72
C VAL H 402 54.77 -17.80 -47.60
N ASP H 403 54.93 -16.49 -47.82
CA ASP H 403 54.03 -15.69 -48.66
C ASP H 403 54.00 -16.17 -50.12
N ARG H 404 55.12 -16.70 -50.62
CA ARG H 404 55.16 -17.24 -51.98
C ARG H 404 54.37 -18.54 -52.03
N ARG H 405 54.45 -19.38 -50.98
CA ARG H 405 53.68 -20.62 -50.91
C ARG H 405 52.19 -20.35 -50.75
N VAL H 406 51.83 -19.29 -50.04
CA VAL H 406 50.44 -18.87 -49.88
C VAL H 406 49.90 -18.35 -51.23
N GLN H 407 50.71 -17.57 -51.95
CA GLN H 407 50.35 -17.08 -53.27
C GLN H 407 50.26 -18.20 -54.30
N PHE H 408 51.07 -19.26 -54.14
CA PHE H 408 51.04 -20.47 -54.98
C PHE H 408 49.68 -21.16 -54.85
N GLY H 409 49.15 -21.23 -53.62
CA GLY H 409 47.86 -21.80 -53.35
C GLY H 409 46.76 -20.99 -53.99
N ILE H 410 46.87 -19.66 -53.87
CA ILE H 410 45.89 -18.74 -54.46
C ILE H 410 45.87 -18.86 -55.98
N GLU H 411 47.07 -18.93 -56.62
CA GLU H 411 47.16 -19.05 -58.07
C GLU H 411 46.63 -20.39 -58.59
N SER H 412 46.96 -21.50 -57.89
CA SER H 412 46.44 -22.81 -58.29
C SER H 412 44.93 -22.85 -58.10
N GLY H 413 44.44 -22.28 -56.99
CA GLY H 413 43.01 -22.25 -56.73
C GLY H 413 42.25 -21.44 -57.77
N LYS H 414 42.81 -20.30 -58.18
CA LYS H 414 42.17 -19.47 -59.20
C LYS H 414 42.09 -20.23 -60.52
N LEU H 415 43.19 -20.88 -60.91
CA LEU H 415 43.31 -21.67 -62.13
C LEU H 415 42.33 -22.83 -62.14
N ARG H 416 42.21 -23.53 -60.99
CA ARG H 416 41.32 -24.68 -60.85
C ARG H 416 39.84 -24.33 -60.59
N GLY H 417 39.52 -23.05 -60.51
CA GLY H 417 38.15 -22.61 -60.29
C GLY H 417 37.66 -22.62 -58.85
N PHE H 418 38.54 -22.98 -57.89
CA PHE H 418 38.21 -22.99 -56.45
C PHE H 418 38.07 -21.56 -55.92
N LEU H 419 38.90 -20.64 -56.44
CA LEU H 419 38.90 -19.27 -55.97
C LEU H 419 38.59 -18.28 -57.05
N ARG H 420 37.92 -17.20 -56.67
CA ARG H 420 37.60 -16.06 -57.52
C ARG H 420 38.00 -14.78 -56.80
N VAL H 421 38.26 -13.70 -57.56
CA VAL H 421 38.61 -12.41 -56.97
C VAL H 421 37.40 -11.90 -56.17
N GLY H 422 37.63 -11.49 -54.94
CA GLY H 422 36.57 -11.04 -54.07
C GLY H 422 36.27 -12.02 -52.94
N ASP H 423 36.62 -13.31 -53.15
CA ASP H 423 36.43 -14.36 -52.16
C ASP H 423 37.25 -14.11 -50.90
N LEU H 424 36.86 -14.76 -49.80
CA LEU H 424 37.61 -14.69 -48.55
C LEU H 424 38.24 -16.06 -48.32
N VAL H 425 39.50 -16.08 -47.91
CA VAL H 425 40.18 -17.35 -47.62
C VAL H 425 40.80 -17.30 -46.22
N ILE H 426 40.89 -18.44 -45.58
CA ILE H 426 41.47 -18.54 -44.26
C ILE H 426 42.82 -19.15 -44.48
N VAL H 427 43.88 -18.48 -44.01
CA VAL H 427 45.24 -18.96 -44.21
C VAL H 427 45.87 -19.45 -42.90
N VAL H 428 46.10 -20.75 -42.84
CA VAL H 428 46.69 -21.39 -41.67
C VAL H 428 48.18 -21.61 -41.88
N THR H 429 49.01 -20.94 -41.07
CA THR H 429 50.48 -20.98 -41.12
C THR H 429 51.12 -21.18 -39.72
N GLY H 430 52.44 -21.29 -39.67
CA GLY H 430 53.18 -21.43 -38.42
C GLY H 430 54.13 -20.28 -38.15
N TRP H 431 54.68 -20.21 -36.93
CA TRP H 431 55.59 -19.12 -36.53
C TRP H 431 57.07 -19.36 -36.86
N ARG H 432 57.43 -20.57 -37.26
CA ARG H 432 58.80 -20.91 -37.59
C ARG H 432 58.87 -22.13 -38.54
N PRO H 433 60.00 -22.35 -39.24
CA PRO H 433 60.09 -23.52 -40.13
C PRO H 433 60.07 -24.86 -39.37
N GLY H 434 59.85 -25.94 -40.11
CA GLY H 434 59.77 -27.27 -39.51
C GLY H 434 58.34 -27.59 -39.13
N SER H 435 58.01 -28.88 -39.12
CA SER H 435 56.66 -29.31 -38.80
C SER H 435 56.33 -29.19 -37.31
N GLY H 436 55.04 -29.06 -37.01
CA GLY H 436 54.55 -29.00 -35.64
C GLY H 436 54.44 -27.61 -35.03
N TYR H 437 54.62 -26.55 -35.84
CA TYR H 437 54.56 -25.19 -35.30
C TYR H 437 53.41 -24.35 -35.85
N THR H 438 52.34 -25.00 -36.34
CA THR H 438 51.18 -24.26 -36.84
C THR H 438 50.50 -23.56 -35.66
N ASN H 439 50.23 -22.25 -35.80
CA ASN H 439 49.62 -21.48 -34.73
C ASN H 439 48.95 -20.20 -35.22
N ILE H 440 48.97 -19.90 -36.53
CA ILE H 440 48.40 -18.66 -37.05
C ILE H 440 47.24 -18.91 -38.00
N MET H 441 46.23 -18.05 -37.93
CA MET H 441 45.08 -18.10 -38.80
C MET H 441 44.84 -16.67 -39.30
N ARG H 442 44.67 -16.49 -40.62
CA ARG H 442 44.45 -15.16 -41.19
C ARG H 442 43.26 -15.11 -42.12
N VAL H 443 42.56 -13.98 -42.16
CA VAL H 443 41.45 -13.78 -43.09
C VAL H 443 41.98 -12.94 -44.26
N LEU H 444 41.98 -13.49 -45.48
CA LEU H 444 42.46 -12.75 -46.66
C LEU H 444 41.38 -12.54 -47.69
N SER H 445 41.45 -11.42 -48.40
CA SER H 445 40.52 -11.14 -49.49
C SER H 445 41.26 -11.38 -50.79
N ILE H 446 40.71 -12.21 -51.68
CA ILE H 446 41.35 -12.55 -52.94
C ILE H 446 41.36 -11.36 -53.90
N SER H 447 42.57 -10.93 -54.29
CA SER H 447 42.75 -9.81 -55.20
C SER H 447 43.29 -10.31 -56.57
C1 OXL I . -11.08 45.67 -3.99
C2 OXL I . -10.81 45.21 -5.46
O1 OXL I . -10.31 45.34 -3.08
O2 OXL I . -11.65 45.61 -6.37
O3 OXL I . -12.15 46.38 -3.80
O4 OXL I . -9.84 44.48 -5.70
N4 A1JB0 J . -13.32 37.04 18.01
C9 A1JB0 J . -14.07 34.26 20.43
C1 A1JB0 J . -17.60 42.57 23.36
C2 A1JB0 J . -17.22 43.55 24.26
C3 A1JB0 J . -17.05 43.26 25.61
N3 A1JB0 J . -13.83 35.52 16.50
C8 A1JB0 J . -13.69 35.54 20.05
N2 A1JB0 J . -14.54 32.60 17.15
N1 A1JB0 J . -14.75 37.53 21.56
C7 A1JB0 J . -15.53 37.18 22.77
O1 A1JB0 J . -16.70 44.27 26.46
C4 A1JB0 J . -17.29 41.96 26.07
C5 A1JB0 J . -17.68 40.97 25.18
C6 A1JB0 J . -16.95 37.68 22.60
O6 A1JB0 J . -18.67 40.62 21.47
S A1JB0 J . -18.27 40.00 22.70
O A1JB0 J . -19.16 39.12 23.37
C A1JB0 J . -17.82 41.28 23.83
O2 A1JB0 J . -17.16 41.64 27.38
N A1JB0 J . -16.91 39.15 22.39
C18 A1JB0 J . -16.14 39.52 21.18
C17 A1JB0 J . -14.71 38.98 21.30
S1 A1JB0 J . -13.35 36.70 21.34
O4 A1JB0 J . -13.08 35.97 22.54
O5 A1JB0 J . -12.38 37.64 20.85
C16 A1JB0 J . -13.61 35.90 18.69
O3 A1JB0 J . -13.47 36.78 16.71
C15 A1JB0 J . -13.94 34.90 17.72
C11 A1JB0 J . -14.32 33.60 18.13
C10 A1JB0 J . -14.39 33.31 19.48
C14 A1JB0 J . -14.36 31.15 17.29
C13 A1JB0 J . -13.79 31.15 15.86
C12 A1JB0 J . -14.23 32.62 15.72
H9 A1JB0 J . -14.14 33.99 21.48
H A1JB0 J . -17.71 42.82 22.32
H1 A1JB0 J . -17.04 44.57 23.92
H8 A1JB0 J . -15.58 36.10 22.90
H7 A1JB0 J . -15.08 37.58 23.67
H2 A1JB0 J . -16.65 43.92 27.39
H4 A1JB0 J . -17.87 39.97 25.55
H5 A1JB0 J . -17.41 37.19 21.75
H6 A1JB0 J . -17.53 37.40 23.47
H3 A1JB0 J . -16.64 40.80 27.43
H20 A1JB0 J . -16.62 39.09 20.30
H19 A1JB0 J . -16.11 40.59 21.00
H17 A1JB0 J . -14.19 39.19 20.37
H18 A1JB0 J . -14.17 39.51 22.08
H10 A1JB0 J . -14.72 32.34 19.84
H16 A1JB0 J . -13.67 30.86 18.07
H15 A1JB0 J . -15.26 30.56 17.45
H13 A1JB0 J . -12.72 30.97 15.78
H14 A1JB0 J . -14.28 30.45 15.16
H11 A1JB0 J . -13.47 33.32 15.39
H12 A1JB0 J . -15.11 32.80 15.09
P1 FBP K . -0.56 15.94 3.50
O1P FBP K . -1.78 15.09 3.37
O2P FBP K . -0.72 16.97 4.60
O3P FBP K . -0.31 16.73 2.27
O1 FBP K . 0.83 15.15 3.79
C1 FBP K . 1.36 14.68 5.05
C2 FBP K . 2.33 13.40 4.90
O2 FBP K . 2.13 12.98 3.59
C3 FBP K . 2.07 12.27 5.94
O3 FBP K . 1.57 11.07 5.35
C4 FBP K . 3.50 12.07 6.60
O4 FBP K . 3.72 12.95 7.71
C5 FBP K . 4.41 12.51 5.47
O5 FBP K . 3.73 13.68 5.02
C6 FBP K . 4.58 11.51 4.37
O6 FBP K . 5.95 11.57 3.99
P2 FBP K . 6.44 11.80 2.56
O4P FBP K . 5.70 11.13 1.43
O5P FBP K . 7.88 11.36 2.67
O6P FBP K . 6.41 13.36 2.43
H11 FBP K . 0.51 14.42 5.67
H12 FBP K . 1.88 15.52 5.54
HO2 FBP K . 1.20 12.61 3.50
H3 FBP K . 1.37 12.60 6.69
HO3 FBP K . 2.00 10.97 4.45
H4 FBP K . 3.66 11.03 6.88
HO4 FBP K . 3.14 12.61 8.45
H5 FBP K . 5.40 12.84 5.79
H61 FBP K . 3.94 11.71 3.51
H62 FBP K . 4.37 10.49 4.69
MG MG L . -12.38 44.56 -7.82
MG MG M . -54.08 14.88 -22.12
C1 OXL N . 15.67 -18.76 8.44
C2 OXL N . 14.85 -18.65 7.12
O1 OXL N . 16.86 -18.47 8.41
O2 OXL N . 13.57 -18.97 7.12
O3 OXL N . 15.06 -19.16 9.53
O4 OXL N . 15.44 -18.23 6.13
P1 FBP O . -11.75 -42.59 -5.74
O1P FBP O . -13.10 -42.97 -6.03
O2P FBP O . -11.14 -43.42 -4.60
O3P FBP O . -11.65 -41.09 -5.31
O1 FBP O . -10.76 -42.74 -7.03
C1 FBP O . -10.56 -41.74 -8.05
C2 FBP O . -9.16 -41.93 -8.63
O2 FBP O . -9.12 -41.28 -9.87
C3 FBP O . -8.69 -43.40 -8.70
O3 FBP O . -9.27 -44.05 -9.82
C4 FBP O . -7.17 -43.18 -8.73
O4 FBP O . -6.41 -44.33 -8.40
C5 FBP O . -7.04 -42.16 -7.61
O5 FBP O . -8.21 -41.34 -7.76
C6 FBP O . -5.79 -41.32 -7.64
O6 FBP O . -5.32 -41.19 -6.29
P2 FBP O . -3.78 -40.83 -6.00
O4P FBP O . -2.73 -41.80 -6.50
O5P FBP O . -3.71 -40.60 -4.53
O6P FBP O . -3.57 -39.48 -6.70
H11 FBP O . -10.61 -40.74 -7.61
H12 FBP O . -11.33 -41.84 -8.81
HO2 FBP O . -9.69 -41.77 -10.51
H3 FBP O . -8.93 -43.96 -7.81
HO3 FBP O . -8.92 -43.59 -10.63
H4 FBP O . -6.86 -42.77 -9.70
HO4 FBP O . -5.48 -44.19 -8.71
H5 FBP O . -7.15 -42.61 -6.63
H61 FBP O . -6.01 -40.33 -8.04
H62 FBP O . -5.01 -41.76 -8.26
MG MG P . 16.69 -20.17 9.82
C1 OXL Q . -16.82 2.85 57.12
C2 OXL Q . -16.08 1.80 56.25
O1 OXL Q . -16.39 3.13 58.22
O2 OXL Q . -16.58 1.54 55.06
O3 OXL Q . -17.87 3.39 56.58
O4 OXL Q . -15.10 1.21 56.70
P1 FBP R . 4.53 4.26 32.52
O1P FBP R . 4.75 3.37 33.68
O2P FBP R . 5.18 5.65 32.71
O3P FBP R . 3.04 4.49 32.29
O1 FBP R . 5.19 3.62 31.19
C1 FBP R . 4.93 3.91 29.80
C2 FBP R . 6.04 3.25 28.83
O2 FBP R . 6.70 2.27 29.59
C3 FBP R . 7.00 4.24 28.13
O3 FBP R . 7.87 4.90 29.02
C4 FBP R . 7.73 3.28 27.21
O4 FBP R . 8.46 3.92 26.18
C5 FBP R . 6.56 2.45 26.68
O5 FBP R . 5.51 2.66 27.65
C6 FBP R . 6.85 0.98 26.56
O6 FBP R . 7.71 0.60 27.65
P2 FBP R . 8.28 -0.87 27.77
O4P FBP R . 8.79 -1.32 26.43
O5P FBP R . 9.44 -0.89 28.78
O6P FBP R . 7.11 -1.64 28.39
H11 FBP R . 4.96 4.99 29.68
H12 FBP R . 3.92 3.56 29.55
HO2 FBP R . 7.14 2.71 30.37
H3 FBP R . 6.43 4.98 27.56
HO3 FBP R . 8.24 4.21 29.62
H4 FBP R . 8.44 2.70 27.79
HO4 FBP R . 8.90 3.19 25.67
H5 FBP R . 6.16 2.83 25.73
H61 FBP R . 7.36 0.76 25.63
H62 FBP R . 5.95 0.36 26.62
MG MG S . -14.87 2.38 59.19
MG MG T . 32.83 -2.39 35.49
K K U . 28.33 -5.96 34.95
K K V . -11.77 -1.97 58.70
C1 OXL W . 8.63 -47.14 -62.24
C2 OXL W . 8.14 -47.93 -63.51
O1 OXL W . 9.56 -46.35 -62.34
O2 OXL W . 7.13 -48.77 -63.39
O3 OXL W . 8.04 -47.39 -61.09
O4 OXL W . 8.72 -47.75 -64.58
P1 FBP X . -16.64 -48.14 -33.37
O1P FBP X . -17.80 -48.62 -32.83
O2P FBP X . -16.79 -47.99 -34.87
O3P FBP X . -15.45 -49.05 -33.25
O1 FBP X . -16.17 -46.68 -32.86
C1 FBP X . -15.37 -46.26 -31.72
C2 FBP X . -13.85 -46.20 -31.98
O2 FBP X . -13.25 -47.33 -31.41
C3 FBP X . -13.13 -44.91 -31.50
O3 FBP X . -11.71 -45.13 -31.30
C4 FBP X . -13.43 -43.94 -32.71
O4 FBP X . -14.63 -43.19 -32.62
C5 FBP X . -13.39 -44.89 -33.91
O5 FBP X . -13.67 -46.20 -33.39
C6 FBP X . -12.06 -44.96 -34.64
O6 FBP X . -12.18 -44.03 -35.73
P2 FBP X . -11.17 -43.78 -36.82
O4P FBP X . -11.65 -44.42 -38.00
O5P FBP X . -9.77 -44.24 -36.42
O6P FBP X . -11.20 -42.28 -36.89
H11 FBP X . -15.52 -46.99 -30.94
H12 FBP X . -15.77 -45.31 -31.35
HO2 FBP X . -12.50 -47.62 -32.00
H3 FBP X . -13.59 -44.54 -30.58
HO3 FBP X . -11.43 -45.90 -31.86
H4 FBP X . -12.62 -43.21 -32.77
HO4 FBP X . -15.41 -43.78 -32.81
H5 FBP X . -14.17 -44.70 -34.64
H61 FBP X . -11.89 -45.95 -35.05
H62 FBP X . -11.21 -44.69 -34.03
C1 OXL Y . -6.78 64.85 20.98
C2 OXL Y . -5.47 63.98 20.98
O1 OXL Y . -6.73 66.02 21.35
O2 OXL Y . -5.58 62.73 20.61
O3 OXL Y . -7.88 64.29 20.53
O4 OXL Y . -4.40 64.48 21.30
P1 FBP Z . -37.72 63.90 41.67
O1P FBP Z . -39.07 64.44 41.36
O2P FBP Z . -37.13 64.57 42.89
O3P FBP Z . -36.70 64.10 40.53
O1 FBP Z . -37.85 62.28 41.92
C1 FBP Z . -37.97 61.26 40.90
C2 FBP Z . -37.38 59.84 41.38
O2 FBP Z . -38.43 58.91 41.26
C3 FBP Z . -36.74 59.83 42.78
O3 FBP Z . -36.78 58.56 43.41
C4 FBP Z . -35.29 60.30 42.48
O4 FBP Z . -35.10 61.67 42.82
C5 FBP Z . -35.10 60.09 40.97
O5 FBP Z . -36.29 59.39 40.57
C6 FBP Z . -33.83 59.37 40.58
O6 FBP Z . -32.74 60.12 41.14
P2 FBP Z . -31.18 60.13 40.69
O4P FBP Z . -30.70 61.50 40.47
O5P FBP Z . -31.06 59.31 39.41
O6P FBP Z . -30.38 59.43 41.79
H11 FBP Z . -37.44 61.60 40.02
H12 FBP Z . -39.03 61.20 40.63
HO2 FBP Z . -39.14 59.15 41.91
H3 FBP Z . -37.29 60.50 43.45
HO3 FBP Z . -36.48 57.90 42.72
H4 FBP Z . -34.56 59.75 43.06
HO4 FBP Z . -35.79 62.20 42.33
H5 FBP Z . -35.13 61.00 40.37
H61 FBP Z . -33.81 58.35 40.98
H62 FBP Z . -33.70 59.30 39.49
MG MG AA . -3.93 65.32 22.96
C1 OXL BA . 17.14 6.78 -13.80
C2 OXL BA . 17.79 5.45 -13.23
O1 OXL BA . 17.81 7.78 -14.05
O2 OXL BA . 16.95 4.47 -12.99
O3 OXL BA . 15.85 6.71 -14.03
O4 OXL BA . 19.00 5.38 -13.04
N4 A1JB0 CA . 21.54 -19.52 -23.46
C9 A1JB0 CA . 21.20 -17.43 -20.38
C1 A1JB0 CA . 15.69 -24.95 -18.93
C2 A1JB0 CA . 15.70 -25.97 -18.00
C3 A1JB0 CA . 15.71 -25.69 -16.64
N3 A1JB0 CA . 21.54 -17.57 -24.47
C8 A1JB0 CA . 21.33 -18.61 -21.11
N2 A1JB0 CA . 21.45 -14.93 -23.12
N1 A1JB0 CA . 19.75 -20.60 -20.16
C7 A1JB0 CA . 19.00 -20.30 -18.93
O1 A1JB0 CA . 15.72 -26.72 -15.74
C4 A1JB0 CA . 15.66 -24.35 -16.20
C5 A1JB0 CA . 15.63 -23.32 -17.13
C6 A1JB0 CA . 17.50 -20.43 -19.19
O6 A1JB0 CA . 14.90 -21.25 -19.11
S A1JB0 CA . 15.67 -22.30 -19.65
O A1JB0 CA . 15.35 -22.84 -20.94
C A1JB0 CA . 15.66 -23.62 -18.49
O2 A1JB0 CA . 15.65 -24.03 -14.89
N A1JB0 CA . 17.21 -21.77 -19.73
C18 A1JB0 CA . 17.96 -22.03 -20.98
C17 A1JB0 CA . 19.44 -21.94 -20.71
S1 A1JB0 CA . 21.32 -20.13 -20.20
O4 A1JB0 CA . 22.03 -21.11 -20.95
O5 A1JB0 CA . 21.71 -19.85 -18.86
C16 A1JB0 CA . 21.45 -18.58 -22.51
O3 A1JB0 CA . 21.59 -18.86 -24.64
C15 A1JB0 CA . 21.44 -17.34 -23.15
C11 A1JB0 CA . 21.34 -16.14 -22.42
C10 A1JB0 CA . 21.20 -16.20 -21.03
C14 A1JB0 CA . 21.41 -13.53 -22.69
C13 A1JB0 CA . 21.00 -13.16 -24.12
C12 A1JB0 CA . 21.17 -14.64 -24.52
H9 A1JB0 CA . 21.08 -17.45 -19.30
H A1JB0 CA . 15.70 -25.18 -19.99
H1 A1JB0 CA . 15.72 -27.01 -18.33
H8 A1JB0 CA . 19.20 -19.28 -18.58
H7 A1JB0 CA . 19.29 -20.95 -18.11
H2 A1JB0 CA . 15.72 -26.37 -14.82
H4 A1JB0 CA . 15.61 -22.29 -16.79
H5 A1JB0 CA . 16.99 -20.26 -18.25
H6 A1JB0 CA . 17.16 -19.64 -19.86
H3 A1JB0 CA . 14.78 -23.56 -14.73
H20 A1JB0 CA . 17.74 -23.04 -21.35
H19 A1JB0 CA . 17.66 -21.35 -21.78
H17 A1JB0 CA . 19.73 -22.71 -20.01
H18 A1JB0 CA . 19.98 -22.16 -21.63
H10 A1JB0 CA . 21.09 -15.30 -20.44
H16 A1JB0 CA . 22.37 -13.16 -22.35
H15 A1JB0 CA . 20.69 -13.30 -21.91
H13 A1JB0 CA . 20.00 -12.77 -24.23
H14 A1JB0 CA . 21.67 -12.46 -24.63
H11 A1JB0 CA . 20.29 -15.12 -24.94
H12 A1JB0 CA . 22.00 -14.87 -25.20
P1 FBP DA . 40.64 -1.69 -34.36
O1P FBP DA . 40.08 -0.32 -34.27
O2P FBP DA . 40.05 -2.48 -35.55
O3P FBP DA . 40.34 -2.48 -33.10
O1 FBP DA . 42.27 -1.79 -34.52
C1 FBP DA . 43.03 -2.99 -34.81
C2 FBP DA . 44.24 -2.60 -35.74
O2 FBP DA . 43.70 -1.79 -36.76
C3 FBP DA . 45.10 -3.75 -36.32
O3 FBP DA . 45.17 -3.71 -37.76
C4 FBP DA . 46.52 -3.56 -35.67
O4 FBP DA . 46.76 -4.44 -34.58
C5 FBP DA . 46.49 -2.09 -35.24
O5 FBP DA . 45.12 -1.83 -34.92
C6 FBP DA . 46.97 -1.10 -36.27
O6 FBP DA . 47.01 0.25 -35.73
P2 FBP DA . 48.23 0.86 -34.87
O4P FBP DA . 47.68 1.90 -33.92
O5P FBP DA . 49.21 1.46 -35.88
O6P FBP DA . 48.95 -0.30 -34.17
H11 FBP DA . 42.39 -3.70 -35.34
H12 FBP DA . 43.36 -3.45 -33.89
HO2 FBP DA . 43.98 -0.85 -36.60
H3 FBP DA . 44.66 -4.70 -36.04
HO3 FBP DA . 45.30 -2.76 -38.01
H4 FBP DA . 47.33 -3.71 -36.39
HO4 FBP DA . 47.68 -4.24 -34.27
H5 FBP DA . 47.03 -1.90 -34.31
H61 FBP DA . 46.31 -1.07 -37.13
H62 FBP DA . 47.96 -1.32 -36.64
MG MG EA . 16.08 8.52 -13.36
K K FA . 19.68 12.11 -13.94
N4 A1JB0 GA . -21.22 16.29 37.87
C9 A1JB0 GA . -19.53 18.81 35.63
C1 A1JB0 GA . -27.31 23.05 36.14
C2 A1JB0 GA . -28.55 23.10 35.54
C3 A1JB0 GA . -29.57 22.24 35.95
N3 A1JB0 GA . -19.30 16.37 38.93
C8 A1JB0 GA . -20.58 17.99 36.04
N2 A1JB0 GA . -16.85 17.91 38.04
N1 A1JB0 GA . -23.07 19.16 35.85
C7 A1JB0 GA . -22.72 20.59 35.76
O1 A1JB0 GA . -30.80 22.37 35.40
C4 A1JB0 GA . -29.31 21.29 36.95
C5 A1JB0 GA . -28.06 21.25 37.57
C6 A1JB0 GA . -23.99 21.42 36.01
O6 A1JB0 GA . -25.82 21.71 39.37
S A1JB0 GA . -25.55 22.18 38.04
O A1JB0 GA . -24.97 23.47 37.85
C A1JB0 GA . -27.08 22.14 37.16
O2 A1JB0 GA . -30.24 20.35 37.27
N A1JB0 GA . -24.53 21.08 37.34
C18 A1JB0 GA . -24.86 19.65 37.47
C17 A1JB0 GA . -23.61 18.81 37.18
S1 A1JB0 GA . -22.09 18.09 35.10
O4 A1JB0 GA . -21.76 18.63 33.82
O5 A1JB0 GA . -22.73 16.81 35.18
C16 A1JB0 GA . -20.42 17.15 37.17
O3 A1JB0 GA . -20.50 15.85 38.93
C15 A1JB0 GA . -19.18 17.19 37.87
C11 A1JB0 GA . -18.12 18.01 37.43
C10 A1JB0 GA . -18.33 18.83 36.32
C14 A1JB0 GA . -16.37 16.96 39.05
C13 A1JB0 GA . -15.12 16.76 38.19
C12 A1JB0 GA . -15.57 17.95 37.34
H9 A1JB0 GA . -19.64 19.46 34.76
H A1JB0 GA . -26.51 23.72 35.80
H1 A1JB0 GA . -28.75 23.82 34.75
H8 A1JB0 GA . -22.34 20.85 34.78
H7 A1JB0 GA . -21.94 20.87 36.46
H2 A1JB0 GA . -31.43 21.73 35.82
H4 A1JB0 GA . -27.89 20.52 38.36
H5 A1JB0 GA . -23.72 22.48 35.95
H6 A1JB0 GA . -24.72 21.26 35.22
H3 A1JB0 GA . -30.13 19.61 36.62
H20 A1JB0 GA . -25.22 19.42 38.47
H19 A1JB0 GA . -25.67 19.36 36.80
H17 A1JB0 GA . -22.85 19.01 37.95
H18 A1JB0 GA . -23.84 17.75 37.28
H10 A1JB0 GA . -17.55 19.52 35.99
H16 A1JB0 GA . -17.01 16.07 39.18
H15 A1JB0 GA . -16.21 17.35 40.04
H13 A1JB0 GA . -15.05 15.80 37.66
H14 A1JB0 GA . -14.17 16.88 38.70
H11 A1JB0 GA . -14.99 18.88 37.46
H12 A1JB0 GA . -15.63 17.78 36.26
C1 OXL HA . -46.59 5.26 43.12
C2 OXL HA . -45.43 4.24 42.85
O1 OXL HA . -46.38 6.35 43.64
O2 OXL HA . -45.79 3.12 42.27
O3 OXL HA . -47.78 4.83 42.78
O4 OXL HA . -44.28 4.48 43.17
P1 FBP IA . -56.17 41.41 44.47
O1P FBP IA . -57.11 42.55 44.48
O2P FBP IA . -55.92 40.85 45.89
O3P FBP IA . -56.65 40.23 43.57
O1 FBP IA . -54.73 41.86 43.93
C1 FBP IA . -53.55 41.07 44.17
C2 FBP IA . -52.44 41.32 43.11
O2 FBP IA . -51.39 42.03 43.74
C3 FBP IA . -52.94 41.96 41.78
O3 FBP IA . -52.49 43.28 41.57
C4 FBP IA . -52.42 40.97 40.72
O4 FBP IA . -53.23 40.95 39.54
C5 FBP IA . -52.51 39.67 41.49
O5 FBP IA . -51.99 40.01 42.77
C6 FBP IA . -51.74 38.49 40.94
O6 FBP IA . -52.61 37.33 41.02
P2 FBP IA . -52.19 35.97 40.25
O4P FBP IA . -53.19 34.92 40.40
O5P FBP IA . -51.92 36.33 38.79
O6P FBP IA . -50.86 35.57 40.87
H11 FBP IA . -53.84 40.02 44.12
H12 FBP IA . -53.22 41.26 45.19
HO2 FBP IA . -51.74 42.90 44.05
H3 FBP IA . -54.03 41.97 41.77
HO3 FBP IA . -51.52 43.28 41.80
H4 FBP IA . -51.38 41.21 40.46
HO4 FBP IA . -52.69 40.51 38.83
H5 FBP IA . -53.54 39.38 41.65
H61 FBP IA . -50.85 38.30 41.52
H62 FBP IA . -51.44 38.63 39.90
MG MG JA . -48.01 3.14 41.87
K K KA . -51.70 4.14 44.33
N4 A1JB0 LA . 24.42 -37.66 -40.93
C9 A1JB0 LA . 25.07 -35.28 -38.08
C1 A1JB0 LA . 16.95 -38.88 -39.74
C2 A1JB0 LA . 15.81 -38.52 -40.45
C3 A1JB0 LA . 14.97 -37.51 -39.97
N3 A1JB0 LA . 26.22 -38.67 -40.14
C8 A1JB0 LA . 24.42 -35.78 -39.21
N2 A1JB0 LA . 27.96 -37.58 -37.90
N1 A1JB0 LA . 21.73 -36.01 -39.17
C7 A1JB0 LA . 21.32 -35.90 -37.76
O1 A1JB0 LA . 13.82 -37.22 -40.60
C4 A1JB0 LA . 15.31 -36.84 -38.78
C5 A1JB0 LA . 16.43 -37.22 -38.06
C6 A1JB0 LA . 19.93 -36.47 -37.60
O6 A1JB0 LA . 18.92 -40.12 -37.94
S A1JB0 LA . 18.63 -38.77 -37.58
O A1JB0 LA . 18.36 -38.43 -36.22
C A1JB0 LA . 17.25 -38.24 -38.54
O2 A1JB0 LA . 14.58 -35.78 -38.34
N A1JB0 LA . 19.93 -37.87 -38.05
C18 A1JB0 LA . 20.37 -38.03 -39.45
C17 A1JB0 LA . 21.76 -37.41 -39.61
S1 A1JB0 LA . 22.91 -35.00 -39.70
O4 A1JB0 LA . 22.77 -33.78 -38.98
O5 A1JB0 LA . 22.84 -34.99 -41.13
C16 A1JB0 LA . 24.90 -36.91 -39.88
O3 A1JB0 LA . 25.23 -38.71 -41.05
C15 A1JB0 LA . 26.04 -37.54 -39.38
C11 A1JB0 LA . 26.74 -37.01 -38.26
C10 A1JB0 LA . 26.22 -35.89 -37.61
C14 A1JB0 LA . 29.06 -37.95 -38.80
C13 A1JB0 LA . 29.12 -39.30 -38.08
C12 A1JB0 LA . 28.12 -38.76 -37.05
H9 A1JB0 LA . 24.69 -34.41 -37.55
H A1JB0 LA . 17.60 -39.66 -40.14
H1 A1JB0 LA . 15.57 -39.02 -41.39
H8 A1JB0 LA . 22.00 -36.46 -37.12
H7 A1JB0 LA . 21.34 -34.87 -37.38
H2 A1JB0 LA . 13.70 -37.77 -41.43
H4 A1JB0 LA . 16.68 -36.70 -37.13
H5 A1JB0 LA . 19.64 -36.37 -36.56
H6 A1JB0 LA . 19.21 -35.86 -38.16
H3 A1JB0 LA . 13.90 -35.59 -39.02
H20 A1JB0 LA . 20.41 -39.08 -39.72
H19 A1JB0 LA . 19.67 -37.58 -40.15
H17 A1JB0 LA . 22.06 -37.47 -40.66
H18 A1JB0 LA . 22.50 -38.00 -39.07
H10 A1JB0 LA . 26.72 -35.49 -36.72
H16 A1JB0 LA . 29.93 -37.31 -38.70
H15 A1JB0 LA . 28.83 -37.98 -39.86
H13 A1JB0 LA . 28.77 -40.16 -38.67
H14 A1JB0 LA . 30.09 -39.59 -37.69
H11 A1JB0 LA . 27.23 -39.35 -36.88
H12 A1JB0 LA . 28.51 -38.52 -36.06
C1 OXL MA . 37.67 -54.98 -51.07
C2 OXL MA . 37.15 -56.23 -50.27
O1 OXL MA . 37.28 -54.76 -52.20
O2 OXL MA . 37.63 -56.40 -49.06
O3 OXL MA . 38.51 -54.20 -50.43
O4 OXL MA . 36.32 -56.97 -50.77
P1 FBP NA . 58.54 -25.13 -43.76
O1P FBP NA . 57.95 -23.94 -44.35
O2P FBP NA . 59.98 -24.96 -43.32
O3P FBP NA . 58.44 -26.34 -44.72
O1 FBP NA . 57.74 -25.52 -42.44
C1 FBP NA . 56.90 -24.61 -41.70
C2 FBP NA . 55.39 -24.86 -42.01
O2 FBP NA . 55.19 -24.65 -43.39
C3 FBP NA . 54.46 -23.98 -41.15
O3 FBP NA . 53.26 -23.61 -41.85
C4 FBP NA . 54.23 -24.89 -39.89
O4 FBP NA . 55.02 -24.49 -38.77
C5 FBP NA . 54.53 -26.33 -40.37
O5 FBP NA . 55.03 -26.21 -41.70
C6 FBP NA . 53.36 -27.29 -40.37
O6 FBP NA . 53.86 -28.65 -40.44
P2 FBP NA . 52.90 -29.89 -40.05
O4P FBP NA . 53.49 -31.25 -40.13
O5P FBP NA . 51.75 -29.75 -41.01
O6P FBP NA . 52.37 -29.61 -38.65
H11 FBP NA . 57.14 -23.59 -41.97
H12 FBP NA . 57.15 -24.74 -40.65
HO2 FBP NA . 55.38 -23.70 -43.59
H3 FBP NA . 54.99 -23.05 -40.90
HO3 FBP NA . 52.92 -24.43 -42.26
H4 FBP NA . 53.19 -24.81 -39.58
HO4 FBP NA . 55.96 -24.73 -38.94
H5 FBP NA . 55.35 -26.81 -39.82
H61 FBP NA . 52.77 -27.17 -39.47
H62 FBP NA . 52.70 -27.14 -41.22
#